data_1JSP
#
_entry.id   1JSP
#
_cell.length_a   ?
_cell.length_b   ?
_cell.length_c   ?
_cell.angle_alpha   ?
_cell.angle_beta   ?
_cell.angle_gamma   ?
#
loop_
_entity.id
_entity.type
_entity.pdbx_description
1 polymer 'tumor protein p53'
2 polymer 'CREB-BINDING PROTEIN'
#
loop_
_entity_poly.entity_id
_entity_poly.type
_entity_poly.pdbx_seq_one_letter_code
_entity_poly.pdbx_strand_id
1 'polypeptide(L)' SHLKSKKGQSTSRHK(ALY)LMFK A
2 'polypeptide(L)'
;GSHMRKKIFKPEELRQALMPTLEALYRQDPESLPFRQPVDPQLLGIPDYFDIVKNPMDLSTIKRKLDTGQYQEPWQYVDD
VWLMFNNAWLYNRKTSRVYKFCSKLAEVFEQEIDPVMQSLG
;
B
#
# COMPACT_ATOMS: atom_id res chain seq x y z
N SER A 1 4.21 -44.38 1.19
CA SER A 1 3.93 -45.68 0.53
C SER A 1 4.22 -45.57 -0.97
N HIS A 2 3.99 -46.63 -1.71
CA HIS A 2 4.25 -46.59 -3.17
C HIS A 2 3.37 -45.54 -3.84
N LEU A 3 2.07 -45.71 -3.79
CA LEU A 3 1.17 -44.71 -4.43
C LEU A 3 0.53 -43.82 -3.36
N LYS A 4 0.04 -42.66 -3.74
CA LYS A 4 -0.60 -41.76 -2.74
C LYS A 4 -1.68 -42.51 -1.95
N SER A 5 -1.96 -42.08 -0.76
CA SER A 5 -3.00 -42.77 0.06
C SER A 5 -3.79 -41.75 0.89
N LYS A 6 -4.87 -41.27 0.36
CA LYS A 6 -5.70 -40.28 1.11
C LYS A 6 -4.82 -39.11 1.59
N LYS A 7 -4.33 -38.32 0.69
CA LYS A 7 -3.48 -37.16 1.10
C LYS A 7 -4.25 -35.86 0.94
N GLY A 8 -4.65 -35.52 -0.27
CA GLY A 8 -5.40 -34.26 -0.49
C GLY A 8 -4.49 -33.07 -0.21
N GLN A 9 -5.03 -31.88 -0.18
CA GLN A 9 -4.19 -30.68 0.08
C GLN A 9 -3.83 -30.59 1.57
N SER A 10 -2.91 -29.73 1.91
CA SER A 10 -2.52 -29.60 3.34
C SER A 10 -2.01 -28.18 3.62
N THR A 11 -2.71 -27.44 4.44
CA THR A 11 -2.26 -26.05 4.74
C THR A 11 -0.82 -26.06 5.29
N SER A 12 -0.48 -27.05 6.06
CA SER A 12 0.91 -27.12 6.61
C SER A 12 1.27 -25.81 7.31
N ARG A 13 0.31 -25.14 7.89
CA ARG A 13 0.60 -23.86 8.59
C ARG A 13 1.36 -22.91 7.65
N HIS A 14 0.64 -22.12 6.90
CA HIS A 14 1.31 -21.17 5.97
C HIS A 14 0.77 -19.75 6.19
N LYS A 15 1.57 -18.88 6.75
CA LYS A 15 1.11 -17.49 6.99
C LYS A 15 1.77 -16.52 6.00
N LEU A 17 3.67 -14.03 3.48
CA LEU A 17 5.14 -13.77 3.47
C LEU A 17 5.68 -13.49 4.87
N MET A 18 4.94 -13.76 5.90
CA MET A 18 5.45 -13.50 7.27
C MET A 18 6.12 -14.75 7.83
N PHE A 19 6.86 -15.45 7.01
CA PHE A 19 7.54 -16.69 7.47
C PHE A 19 8.49 -17.22 6.40
N LYS A 20 8.02 -17.32 5.18
CA LYS A 20 8.89 -17.83 4.09
C LYS A 20 10.01 -16.83 3.80
N GLY B 1 -19.35 7.91 -1.14
CA GLY B 1 -20.80 8.23 -1.16
C GLY B 1 -21.00 9.72 -1.46
N SER B 2 -20.69 10.56 -0.51
CA SER B 2 -20.86 12.03 -0.73
C SER B 2 -20.15 12.81 0.37
N HIS B 3 -20.21 14.12 0.31
CA HIS B 3 -19.55 14.94 1.36
C HIS B 3 -18.08 14.53 1.52
N MET B 4 -17.28 14.77 0.52
CA MET B 4 -15.84 14.39 0.61
C MET B 4 -14.96 15.52 0.08
N ARG B 5 -13.66 15.35 0.14
CA ARG B 5 -12.73 16.41 -0.36
C ARG B 5 -11.40 15.80 -0.79
N LYS B 6 -11.44 14.96 -1.79
CA LYS B 6 -10.17 14.34 -2.27
C LYS B 6 -9.83 14.84 -3.68
N LYS B 7 -10.45 15.91 -4.12
CA LYS B 7 -10.14 16.45 -5.47
C LYS B 7 -9.09 17.55 -5.40
N ILE B 8 -8.95 18.13 -4.25
CA ILE B 8 -7.92 19.19 -4.03
C ILE B 8 -8.18 20.40 -4.95
N PHE B 9 -7.90 20.30 -6.22
CA PHE B 9 -8.14 21.46 -7.13
C PHE B 9 -7.83 21.11 -8.59
N LYS B 10 -6.58 20.94 -8.93
CA LYS B 10 -6.24 20.62 -10.36
C LYS B 10 -5.30 19.41 -10.45
N PRO B 11 -5.34 18.74 -11.57
CA PRO B 11 -4.48 17.53 -11.77
C PRO B 11 -3.00 17.90 -11.70
N GLU B 12 -2.62 19.06 -12.17
CA GLU B 12 -1.19 19.44 -12.11
C GLU B 12 -0.83 19.87 -10.68
N GLU B 13 -1.66 20.68 -10.07
CA GLU B 13 -1.39 21.07 -8.65
C GLU B 13 -1.24 19.81 -7.82
N LEU B 14 -1.86 18.75 -8.25
CA LEU B 14 -1.72 17.47 -7.54
C LEU B 14 -0.34 16.90 -7.80
N ARG B 15 0.12 16.91 -9.03
CA ARG B 15 1.50 16.40 -9.30
C ARG B 15 2.48 17.06 -8.33
N GLN B 16 2.24 18.30 -8.00
CA GLN B 16 3.10 18.99 -7.00
C GLN B 16 2.95 18.33 -5.63
N ALA B 17 1.79 18.44 -5.02
CA ALA B 17 1.57 17.81 -3.68
C ALA B 17 2.02 16.35 -3.71
N LEU B 18 1.85 15.71 -4.83
CA LEU B 18 2.30 14.30 -4.96
C LEU B 18 3.83 14.24 -4.80
N MET B 19 4.53 15.26 -5.21
CA MET B 19 6.01 15.24 -5.07
C MET B 19 6.43 15.12 -3.60
N PRO B 20 6.07 16.09 -2.77
CA PRO B 20 6.45 15.99 -1.34
C PRO B 20 6.04 14.62 -0.76
N THR B 21 4.82 14.19 -0.99
CA THR B 21 4.43 12.86 -0.45
C THR B 21 5.24 11.76 -1.16
N LEU B 22 5.81 12.07 -2.29
CA LEU B 22 6.68 11.08 -2.99
C LEU B 22 7.97 10.96 -2.19
N GLU B 23 8.45 12.07 -1.72
CA GLU B 23 9.68 12.07 -0.88
C GLU B 23 9.43 11.25 0.38
N ALA B 24 8.24 11.34 0.93
CA ALA B 24 7.91 10.55 2.15
C ALA B 24 7.68 9.08 1.78
N LEU B 25 6.60 8.78 1.11
CA LEU B 25 6.32 7.37 0.71
C LEU B 25 7.51 6.81 -0.07
N TYR B 26 8.05 7.58 -0.98
CA TYR B 26 9.20 7.09 -1.79
C TYR B 26 10.48 7.85 -1.40
N ARG B 27 11.03 7.56 -0.25
CA ARG B 27 12.27 8.27 0.18
C ARG B 27 13.51 7.49 -0.27
N GLN B 28 13.37 6.57 -1.18
CA GLN B 28 14.55 5.80 -1.65
C GLN B 28 15.30 5.19 -0.46
N ASP B 29 14.60 4.90 0.61
CA ASP B 29 15.27 4.31 1.79
C ASP B 29 14.91 2.82 1.91
N PRO B 30 15.61 2.13 2.78
CA PRO B 30 15.34 0.69 2.97
C PRO B 30 13.87 0.45 3.29
N GLU B 31 13.24 1.38 3.94
CA GLU B 31 11.79 1.22 4.26
C GLU B 31 10.99 1.12 2.96
N SER B 32 11.51 1.66 1.89
CA SER B 32 10.78 1.62 0.60
C SER B 32 11.47 0.68 -0.38
N LEU B 33 12.25 -0.25 0.11
CA LEU B 33 12.96 -1.19 -0.80
C LEU B 33 12.11 -2.44 -1.06
N PRO B 34 11.55 -3.00 -0.02
CA PRO B 34 10.75 -4.24 -0.17
C PRO B 34 9.32 -3.91 -0.61
N PHE B 35 8.90 -2.68 -0.52
CA PHE B 35 7.52 -2.32 -0.92
C PHE B 35 7.29 -2.60 -2.40
N ARG B 36 8.28 -2.36 -3.21
CA ARG B 36 8.14 -2.61 -4.68
C ARG B 36 8.29 -4.11 -4.98
N GLN B 37 8.50 -4.92 -3.97
CA GLN B 37 8.63 -6.39 -4.22
C GLN B 37 7.65 -7.15 -3.32
N PRO B 38 6.39 -6.82 -3.44
CA PRO B 38 5.35 -7.47 -2.61
C PRO B 38 5.09 -8.90 -3.07
N VAL B 39 3.99 -9.47 -2.66
CA VAL B 39 3.67 -10.87 -3.08
C VAL B 39 2.40 -10.90 -3.93
N ASP B 40 2.26 -11.89 -4.77
CA ASP B 40 1.05 -11.98 -5.62
C ASP B 40 0.80 -13.44 -6.04
N PRO B 41 -0.45 -13.81 -6.17
CA PRO B 41 -0.80 -15.19 -6.57
C PRO B 41 -0.02 -15.61 -7.82
N GLN B 42 0.42 -14.66 -8.60
CA GLN B 42 1.19 -15.02 -9.83
C GLN B 42 2.59 -15.51 -9.46
N LEU B 43 3.07 -15.15 -8.30
CA LEU B 43 4.42 -15.61 -7.88
C LEU B 43 4.48 -15.79 -6.37
N LEU B 44 4.40 -17.00 -5.89
CA LEU B 44 4.47 -17.25 -4.43
C LEU B 44 3.44 -16.38 -3.69
N GLY B 45 2.25 -16.29 -4.20
CA GLY B 45 1.20 -15.47 -3.52
C GLY B 45 0.90 -16.08 -2.15
N ILE B 46 0.08 -15.44 -1.37
CA ILE B 46 -0.26 -16.01 -0.03
C ILE B 46 -1.72 -16.43 0.03
N PRO B 47 -2.02 -17.31 0.95
CA PRO B 47 -3.40 -17.85 1.08
C PRO B 47 -4.44 -16.73 1.12
N ASP B 48 -5.52 -16.91 0.39
CA ASP B 48 -6.61 -15.88 0.39
C ASP B 48 -6.05 -14.47 0.19
N TYR B 49 -5.92 -14.04 -1.04
CA TYR B 49 -5.44 -12.67 -1.30
C TYR B 49 -6.54 -11.83 -1.95
N PHE B 50 -7.77 -12.27 -1.85
CA PHE B 50 -8.89 -11.49 -2.44
C PHE B 50 -9.66 -10.76 -1.33
N ASP B 51 -9.38 -11.06 -0.09
CA ASP B 51 -10.08 -10.37 1.03
C ASP B 51 -9.11 -9.47 1.79
N ILE B 52 -7.83 -9.70 1.66
CA ILE B 52 -6.84 -8.85 2.36
C ILE B 52 -6.09 -7.94 1.36
N VAL B 53 -6.30 -8.14 0.10
CA VAL B 53 -5.58 -7.28 -0.90
C VAL B 53 -6.41 -7.10 -2.17
N LYS B 54 -6.88 -8.20 -2.73
CA LYS B 54 -7.70 -8.11 -4.00
C LYS B 54 -6.83 -7.62 -5.17
N ASN B 55 -6.39 -6.40 -5.13
CA ASN B 55 -5.56 -5.86 -6.25
C ASN B 55 -4.32 -5.14 -5.70
N PRO B 56 -3.29 -5.90 -5.38
CA PRO B 56 -2.05 -5.30 -4.84
C PRO B 56 -1.25 -4.58 -5.91
N MET B 57 -0.30 -3.79 -5.50
CA MET B 57 0.56 -3.07 -6.48
C MET B 57 2.02 -3.12 -6.03
N ASP B 58 2.88 -2.49 -6.75
CA ASP B 58 4.30 -2.39 -6.32
C ASP B 58 4.68 -0.91 -6.29
N LEU B 59 5.39 -0.49 -5.29
CA LEU B 59 5.72 0.97 -5.19
C LEU B 59 6.34 1.47 -6.49
N SER B 60 6.85 0.60 -7.31
CA SER B 60 7.44 1.06 -8.59
C SER B 60 6.34 1.28 -9.63
N THR B 61 5.26 0.54 -9.54
CA THR B 61 4.14 0.72 -10.52
C THR B 61 3.43 2.06 -10.26
N ILE B 62 2.85 2.21 -9.11
CA ILE B 62 2.15 3.49 -8.80
C ILE B 62 3.11 4.67 -9.02
N LYS B 63 4.39 4.43 -8.97
CA LYS B 63 5.36 5.53 -9.24
C LYS B 63 5.47 5.76 -10.73
N ARG B 64 5.41 4.71 -11.51
CA ARG B 64 5.48 4.87 -12.98
C ARG B 64 4.27 5.67 -13.46
N LYS B 65 3.18 5.64 -12.72
CA LYS B 65 1.98 6.42 -13.11
C LYS B 65 1.83 7.66 -12.24
N LEU B 66 2.67 7.82 -11.25
CA LEU B 66 2.58 9.01 -10.36
C LEU B 66 3.29 10.21 -11.01
N ASP B 67 4.53 10.03 -11.39
CA ASP B 67 5.27 11.15 -12.02
C ASP B 67 4.51 11.66 -13.25
N THR B 68 3.70 10.83 -13.84
CA THR B 68 2.91 11.25 -15.03
C THR B 68 1.59 11.87 -14.58
N GLY B 69 0.69 12.08 -15.51
CA GLY B 69 -0.64 12.65 -15.14
C GLY B 69 -1.67 11.53 -15.05
N GLN B 70 -1.23 10.33 -14.79
CA GLN B 70 -2.18 9.19 -14.71
C GLN B 70 -2.86 9.16 -13.35
N TYR B 71 -2.11 9.06 -12.28
CA TYR B 71 -2.74 9.03 -10.93
C TYR B 71 -2.45 10.32 -10.17
N GLN B 72 -2.73 11.45 -10.75
CA GLN B 72 -2.48 12.73 -10.04
C GLN B 72 -3.60 12.98 -9.02
N GLU B 73 -4.78 12.52 -9.31
CA GLU B 73 -5.91 12.72 -8.35
C GLU B 73 -5.69 11.85 -7.11
N PRO B 74 -5.74 12.47 -5.95
CA PRO B 74 -5.54 11.70 -4.70
C PRO B 74 -6.47 10.49 -4.68
N TRP B 75 -7.64 10.61 -5.23
CA TRP B 75 -8.56 9.43 -5.26
C TRP B 75 -7.86 8.23 -5.89
N GLN B 76 -7.34 8.40 -7.07
CA GLN B 76 -6.63 7.27 -7.74
C GLN B 76 -5.30 7.00 -7.03
N TYR B 77 -4.52 8.03 -6.80
CA TYR B 77 -3.22 7.84 -6.10
C TYR B 77 -3.45 7.24 -4.72
N VAL B 78 -4.19 7.91 -3.86
CA VAL B 78 -4.46 7.35 -2.52
C VAL B 78 -5.08 5.96 -2.64
N ASP B 79 -5.81 5.71 -3.69
CA ASP B 79 -6.42 4.36 -3.86
C ASP B 79 -5.33 3.30 -4.00
N ASP B 80 -4.41 3.50 -4.90
CA ASP B 80 -3.32 2.50 -5.07
C ASP B 80 -2.37 2.55 -3.86
N VAL B 81 -2.07 3.73 -3.38
CA VAL B 81 -1.18 3.84 -2.19
C VAL B 81 -1.81 3.10 -1.02
N TRP B 82 -3.03 3.42 -0.70
CA TRP B 82 -3.72 2.77 0.43
C TRP B 82 -3.81 1.26 0.17
N LEU B 83 -4.23 0.88 -1.00
CA LEU B 83 -4.31 -0.56 -1.31
C LEU B 83 -2.91 -1.15 -1.25
N MET B 84 -1.98 -0.51 -1.91
CA MET B 84 -0.56 -0.96 -1.86
C MET B 84 -0.14 -1.09 -0.41
N PHE B 85 -0.72 -0.31 0.46
CA PHE B 85 -0.41 -0.42 1.91
C PHE B 85 -1.16 -1.61 2.48
N ASN B 86 -2.46 -1.62 2.33
CA ASN B 86 -3.26 -2.77 2.81
C ASN B 86 -2.71 -4.06 2.23
N ASN B 87 -2.15 -3.99 1.05
CA ASN B 87 -1.52 -5.20 0.44
C ASN B 87 -0.46 -5.75 1.39
N ALA B 88 0.09 -4.90 2.22
CA ALA B 88 1.12 -5.36 3.19
C ALA B 88 0.76 -4.88 4.60
N TRP B 89 -0.48 -4.99 4.98
CA TRP B 89 -0.88 -4.51 6.33
C TRP B 89 -1.97 -5.42 6.94
N LEU B 90 -2.95 -5.78 6.16
CA LEU B 90 -4.05 -6.62 6.69
C LEU B 90 -3.53 -7.96 7.23
N TYR B 91 -2.40 -8.41 6.78
CA TYR B 91 -1.88 -9.72 7.28
C TYR B 91 -0.38 -9.62 7.60
N ASN B 92 0.10 -8.46 7.93
CA ASN B 92 1.55 -8.33 8.25
C ASN B 92 1.78 -8.33 9.77
N ARG B 93 0.82 -8.79 10.53
CA ARG B 93 1.00 -8.82 12.02
C ARG B 93 1.21 -7.41 12.57
N LYS B 94 1.75 -7.30 13.74
CA LYS B 94 1.99 -5.95 14.34
C LYS B 94 3.46 -5.78 14.72
N THR B 95 4.26 -6.80 14.59
CA THR B 95 5.69 -6.67 14.95
C THR B 95 6.50 -7.85 14.39
N SER B 96 6.15 -8.33 13.23
CA SER B 96 6.90 -9.47 12.64
C SER B 96 7.86 -8.97 11.56
N ARG B 97 8.15 -9.79 10.58
CA ARG B 97 9.09 -9.36 9.51
C ARG B 97 8.30 -8.92 8.27
N VAL B 98 7.19 -8.27 8.46
CA VAL B 98 6.39 -7.81 7.29
C VAL B 98 5.76 -6.45 7.59
N TYR B 99 5.26 -6.26 8.79
CA TYR B 99 4.65 -4.95 9.14
C TYR B 99 5.69 -4.03 9.77
N LYS B 100 6.64 -3.58 8.99
CA LYS B 100 7.69 -2.67 9.54
C LYS B 100 8.27 -1.80 8.42
N PHE B 101 8.92 -2.41 7.47
CA PHE B 101 9.49 -1.62 6.34
C PHE B 101 8.40 -0.84 5.62
N CYS B 102 7.16 -1.21 5.79
CA CYS B 102 6.05 -0.47 5.13
C CYS B 102 5.32 0.42 6.14
N SER B 103 5.42 0.12 7.39
CA SER B 103 4.73 0.94 8.42
C SER B 103 5.36 2.34 8.50
N LYS B 104 6.58 2.47 8.05
CA LYS B 104 7.23 3.81 8.07
C LYS B 104 6.75 4.60 6.86
N LEU B 105 6.32 3.91 5.84
CA LEU B 105 5.81 4.58 4.63
C LEU B 105 4.37 5.00 4.88
N ALA B 106 3.65 4.22 5.62
CA ALA B 106 2.24 4.56 5.94
C ALA B 106 2.21 5.75 6.90
N GLU B 107 3.13 5.79 7.82
CA GLU B 107 3.16 6.92 8.79
C GLU B 107 3.77 8.18 8.17
N VAL B 108 4.70 8.02 7.26
CA VAL B 108 5.34 9.23 6.65
C VAL B 108 4.49 9.79 5.49
N PHE B 109 3.75 8.95 4.81
CA PHE B 109 2.92 9.47 3.69
C PHE B 109 1.55 9.94 4.23
N GLU B 110 1.01 9.25 5.19
CA GLU B 110 -0.30 9.69 5.76
C GLU B 110 -0.20 11.14 6.23
N GLN B 111 1.00 11.58 6.52
CA GLN B 111 1.20 12.99 6.93
C GLN B 111 1.38 13.86 5.68
N GLU B 112 1.76 13.26 4.58
CA GLU B 112 1.98 14.07 3.36
C GLU B 112 0.73 14.09 2.49
N ILE B 113 -0.22 13.24 2.78
CA ILE B 113 -1.48 13.28 1.99
C ILE B 113 -2.39 14.37 2.53
N ASP B 114 -2.39 14.57 3.83
CA ASP B 114 -3.22 15.68 4.38
C ASP B 114 -2.82 16.97 3.64
N PRO B 115 -1.54 17.24 3.63
CA PRO B 115 -1.02 18.36 2.79
C PRO B 115 -1.54 18.23 1.37
N VAL B 116 -1.57 17.02 0.85
CA VAL B 116 -2.09 16.83 -0.53
C VAL B 116 -3.61 17.07 -0.57
N MET B 117 -4.21 17.26 0.57
CA MET B 117 -5.67 17.54 0.68
C MET B 117 -6.52 16.34 0.25
N GLN B 118 -5.95 15.17 0.16
CA GLN B 118 -6.80 13.97 -0.04
C GLN B 118 -7.54 13.73 1.28
N SER B 119 -6.89 14.07 2.36
CA SER B 119 -7.54 13.97 3.70
C SER B 119 -8.11 15.34 4.11
N LEU B 120 -8.14 16.29 3.19
CA LEU B 120 -8.68 17.64 3.50
C LEU B 120 -9.98 17.56 4.31
N GLY B 121 -10.86 16.69 3.90
CA GLY B 121 -12.16 16.58 4.62
C GLY B 121 -12.89 15.31 4.15
N SER A 1 -26.42 -2.47 19.68
CA SER A 1 -25.61 -3.54 19.03
C SER A 1 -24.51 -2.92 18.16
N HIS A 2 -23.49 -3.68 17.84
CA HIS A 2 -22.40 -3.12 17.00
C HIS A 2 -21.53 -4.26 16.44
N LEU A 3 -20.94 -5.04 17.30
CA LEU A 3 -20.08 -6.16 16.82
C LEU A 3 -20.31 -7.41 17.68
N LYS A 4 -19.49 -8.41 17.51
CA LYS A 4 -19.66 -9.66 18.31
C LYS A 4 -18.30 -10.19 18.78
N SER A 5 -18.30 -11.21 19.58
CA SER A 5 -17.01 -11.78 20.07
C SER A 5 -17.04 -13.30 20.01
N LYS A 6 -16.87 -13.85 18.84
CA LYS A 6 -16.88 -15.34 18.71
C LYS A 6 -15.56 -15.83 18.11
N LYS A 7 -15.55 -17.03 17.60
CA LYS A 7 -14.29 -17.57 16.99
C LYS A 7 -14.57 -18.12 15.59
N GLY A 8 -15.34 -19.16 15.48
CA GLY A 8 -15.63 -19.73 14.14
C GLY A 8 -14.44 -20.53 13.65
N GLN A 9 -14.58 -21.19 12.52
CA GLN A 9 -13.44 -22.00 11.99
C GLN A 9 -12.97 -21.44 10.64
N SER A 10 -12.01 -20.57 10.65
CA SER A 10 -11.52 -19.98 9.37
C SER A 10 -10.16 -19.31 9.57
N THR A 11 -9.16 -20.07 9.93
CA THR A 11 -7.81 -19.47 10.13
C THR A 11 -7.21 -19.03 8.80
N SER A 12 -7.43 -17.80 8.41
CA SER A 12 -6.88 -17.32 7.11
C SER A 12 -5.54 -16.62 7.32
N ARG A 13 -4.80 -17.03 8.31
CA ARG A 13 -3.48 -16.40 8.57
C ARG A 13 -2.45 -17.45 8.99
N HIS A 14 -1.54 -17.78 8.13
CA HIS A 14 -0.51 -18.80 8.49
C HIS A 14 0.53 -18.94 7.38
N LYS A 15 1.68 -19.48 7.71
CA LYS A 15 2.76 -19.66 6.68
C LYS A 15 3.05 -18.34 5.96
N LEU A 17 4.14 -14.97 3.90
CA LEU A 17 5.51 -14.39 3.90
C LEU A 17 6.05 -14.28 5.32
N MET A 18 5.19 -14.29 6.30
CA MET A 18 5.65 -14.18 7.70
C MET A 18 6.34 -15.48 8.15
N PHE A 19 6.19 -16.54 7.40
CA PHE A 19 6.82 -17.83 7.80
C PHE A 19 7.48 -18.52 6.60
N LYS A 20 6.79 -18.60 5.49
CA LYS A 20 7.40 -19.28 4.31
C LYS A 20 8.65 -18.53 3.85
N GLY B 1 -22.22 12.70 -4.96
CA GLY B 1 -21.15 11.70 -4.69
C GLY B 1 -21.25 11.24 -3.23
N SER B 2 -20.14 11.20 -2.54
CA SER B 2 -20.16 10.76 -1.12
C SER B 2 -19.36 11.73 -0.25
N HIS B 3 -18.09 11.89 -0.55
CA HIS B 3 -17.25 12.82 0.26
C HIS B 3 -16.36 13.66 -0.65
N MET B 4 -16.86 14.77 -1.12
CA MET B 4 -16.03 15.65 -2.00
C MET B 4 -14.94 16.34 -1.20
N ARG B 5 -13.94 15.62 -0.79
CA ARG B 5 -12.83 16.25 -0.01
C ARG B 5 -11.47 15.96 -0.66
N LYS B 6 -11.30 14.78 -1.19
CA LYS B 6 -9.99 14.45 -1.84
C LYS B 6 -9.72 15.41 -3.00
N LYS B 7 -10.72 16.09 -3.48
CA LYS B 7 -10.49 17.06 -4.59
C LYS B 7 -9.64 18.21 -4.08
N ILE B 8 -8.45 18.35 -4.58
CA ILE B 8 -7.55 19.44 -4.07
C ILE B 8 -7.74 20.72 -4.90
N PHE B 9 -7.44 20.67 -6.17
CA PHE B 9 -7.62 21.89 -7.01
C PHE B 9 -7.31 21.60 -8.48
N LYS B 10 -6.07 21.32 -8.81
CA LYS B 10 -5.72 21.05 -10.23
C LYS B 10 -4.82 19.82 -10.34
N PRO B 11 -4.99 19.08 -11.42
CA PRO B 11 -4.18 17.85 -11.63
C PRO B 11 -2.68 18.16 -11.57
N GLU B 12 -2.27 19.28 -12.09
CA GLU B 12 -0.83 19.62 -12.04
C GLU B 12 -0.43 19.96 -10.61
N GLU B 13 -1.13 20.88 -9.99
CA GLU B 13 -0.83 21.24 -8.58
C GLU B 13 -0.71 19.97 -7.74
N LEU B 14 -1.39 18.95 -8.16
CA LEU B 14 -1.30 17.66 -7.44
C LEU B 14 0.02 17.00 -7.74
N ARG B 15 0.45 16.99 -8.98
CA ARG B 15 1.79 16.39 -9.29
C ARG B 15 2.84 17.01 -8.37
N GLN B 16 2.67 18.28 -8.06
CA GLN B 16 3.60 18.95 -7.14
C GLN B 16 3.50 18.34 -5.74
N ALA B 17 2.35 18.46 -5.10
CA ALA B 17 2.18 17.87 -3.73
C ALA B 17 2.51 16.38 -3.73
N LEU B 18 2.24 15.72 -4.83
CA LEU B 18 2.57 14.28 -4.92
C LEU B 18 4.10 14.10 -4.95
N MET B 19 4.81 15.11 -5.37
CA MET B 19 6.31 14.99 -5.44
C MET B 19 6.93 14.80 -4.05
N PRO B 20 6.67 15.73 -3.14
CA PRO B 20 7.25 15.60 -1.79
C PRO B 20 6.66 14.41 -1.05
N THR B 21 5.35 14.24 -1.06
CA THR B 21 4.78 13.06 -0.34
C THR B 21 5.39 11.78 -0.91
N LEU B 22 5.78 11.80 -2.16
CA LEU B 22 6.45 10.60 -2.73
C LEU B 22 7.86 10.51 -2.15
N GLU B 23 8.49 11.62 -1.93
CA GLU B 23 9.85 11.61 -1.31
C GLU B 23 9.76 10.99 0.08
N ALA B 24 8.62 11.12 0.72
CA ALA B 24 8.45 10.50 2.06
C ALA B 24 8.13 9.01 1.89
N LEU B 25 7.20 8.71 1.03
CA LEU B 25 6.83 7.29 0.79
C LEU B 25 7.96 6.57 0.05
N TYR B 26 8.07 6.78 -1.24
CA TYR B 26 9.16 6.10 -2.00
C TYR B 26 10.48 6.83 -1.77
N ARG B 27 11.41 6.21 -1.09
CA ARG B 27 12.72 6.86 -0.83
C ARG B 27 13.87 6.02 -1.41
N GLN B 28 14.47 5.17 -0.61
CA GLN B 28 15.60 4.33 -1.11
C GLN B 28 16.07 3.38 -0.01
N ASP B 29 15.16 2.91 0.80
CA ASP B 29 15.56 2.00 1.90
C ASP B 29 14.77 0.68 1.81
N PRO B 30 15.12 -0.25 2.67
CA PRO B 30 14.41 -1.56 2.68
C PRO B 30 12.92 -1.36 2.89
N GLU B 31 12.51 -0.23 3.41
CA GLU B 31 11.06 0.02 3.62
C GLU B 31 10.33 0.08 2.28
N SER B 32 11.05 0.33 1.21
CA SER B 32 10.39 0.42 -0.12
C SER B 32 10.76 -0.79 -0.99
N LEU B 33 11.59 -1.68 -0.49
CA LEU B 33 11.97 -2.86 -1.30
C LEU B 33 10.78 -3.82 -1.42
N PRO B 34 10.21 -4.18 -0.29
CA PRO B 34 9.05 -5.10 -0.29
C PRO B 34 7.75 -4.33 -0.52
N PHE B 35 7.71 -3.45 -1.48
CA PHE B 35 6.46 -2.68 -1.73
C PHE B 35 6.09 -2.76 -3.21
N ARG B 36 7.05 -2.60 -4.08
CA ARG B 36 6.74 -2.71 -5.54
C ARG B 36 6.72 -4.19 -5.96
N GLN B 37 7.09 -5.09 -5.09
CA GLN B 37 7.06 -6.53 -5.43
C GLN B 37 7.10 -7.39 -4.16
N PRO B 38 6.19 -7.12 -3.24
CA PRO B 38 6.15 -7.89 -1.98
C PRO B 38 5.51 -9.25 -2.20
N VAL B 39 4.21 -9.32 -2.20
CA VAL B 39 3.53 -10.63 -2.42
C VAL B 39 2.24 -10.43 -3.21
N ASP B 40 1.87 -11.41 -4.00
CA ASP B 40 0.62 -11.31 -4.78
C ASP B 40 0.32 -12.67 -5.43
N PRO B 41 -0.90 -12.85 -5.86
CA PRO B 41 -1.27 -14.12 -6.52
C PRO B 41 -0.44 -14.33 -7.78
N GLN B 42 0.19 -13.30 -8.28
CA GLN B 42 1.03 -13.47 -9.50
C GLN B 42 2.12 -14.50 -9.23
N LEU B 43 3.10 -14.14 -8.46
CA LEU B 43 4.16 -15.13 -8.10
C LEU B 43 3.58 -16.12 -7.09
N LEU B 44 4.36 -16.59 -6.17
CA LEU B 44 3.82 -17.54 -5.17
C LEU B 44 3.11 -16.77 -4.04
N GLY B 45 1.94 -16.23 -4.32
CA GLY B 45 1.21 -15.49 -3.27
C GLY B 45 0.96 -16.42 -2.09
N ILE B 46 0.65 -15.89 -0.94
CA ILE B 46 0.43 -16.79 0.22
C ILE B 46 -0.96 -17.43 0.16
N PRO B 47 -1.10 -18.55 0.82
CA PRO B 47 -2.38 -19.30 0.78
C PRO B 47 -3.59 -18.39 1.04
N ASP B 48 -3.72 -17.85 2.21
CA ASP B 48 -4.91 -16.99 2.51
C ASP B 48 -4.73 -15.57 1.98
N TYR B 49 -4.87 -15.38 0.70
CA TYR B 49 -4.77 -14.01 0.15
C TYR B 49 -6.13 -13.60 -0.42
N PHE B 50 -6.20 -12.50 -1.13
CA PHE B 50 -7.51 -12.03 -1.71
C PHE B 50 -8.47 -11.60 -0.60
N ASP B 51 -8.77 -12.45 0.34
CA ASP B 51 -9.70 -12.07 1.44
C ASP B 51 -9.08 -10.99 2.32
N ILE B 52 -7.82 -10.72 2.16
CA ILE B 52 -7.15 -9.68 3.01
C ILE B 52 -6.68 -8.52 2.13
N VAL B 53 -6.29 -8.82 0.92
CA VAL B 53 -5.84 -7.75 -0.01
C VAL B 53 -6.75 -7.75 -1.25
N LYS B 54 -7.60 -6.76 -1.37
CA LYS B 54 -8.54 -6.72 -2.53
C LYS B 54 -7.77 -6.56 -3.85
N ASN B 55 -7.27 -5.40 -4.13
CA ASN B 55 -6.54 -5.19 -5.42
C ASN B 55 -5.15 -4.60 -5.18
N PRO B 56 -4.16 -5.45 -5.12
CA PRO B 56 -2.78 -4.98 -4.90
C PRO B 56 -2.16 -4.46 -6.19
N MET B 57 -1.45 -3.37 -6.12
CA MET B 57 -0.82 -2.80 -7.35
C MET B 57 0.69 -2.65 -7.18
N ASP B 58 1.16 -2.65 -5.95
CA ASP B 58 2.64 -2.51 -5.67
C ASP B 58 3.09 -1.07 -5.94
N LEU B 59 4.13 -0.64 -5.28
CA LEU B 59 4.63 0.76 -5.46
C LEU B 59 5.28 0.94 -6.83
N SER B 60 5.38 -0.09 -7.61
CA SER B 60 6.02 0.06 -8.95
C SER B 60 5.02 0.57 -9.98
N THR B 61 3.85 0.00 -10.03
CA THR B 61 2.84 0.45 -11.04
C THR B 61 2.26 1.82 -10.65
N ILE B 62 1.90 2.01 -9.41
CA ILE B 62 1.36 3.33 -9.00
C ILE B 62 2.41 4.41 -9.25
N LYS B 63 3.66 4.04 -9.22
CA LYS B 63 4.74 5.03 -9.48
C LYS B 63 4.74 5.39 -10.96
N ARG B 64 4.73 4.40 -11.81
CA ARG B 64 4.72 4.66 -13.27
C ARG B 64 3.59 5.65 -13.61
N LYS B 65 2.45 5.52 -12.97
CA LYS B 65 1.34 6.46 -13.24
C LYS B 65 1.54 7.75 -12.46
N LEU B 66 2.33 7.72 -11.43
CA LEU B 66 2.58 8.94 -10.62
C LEU B 66 3.36 9.98 -11.41
N ASP B 67 4.57 9.67 -11.79
CA ASP B 67 5.39 10.65 -12.57
C ASP B 67 4.61 11.17 -13.77
N THR B 68 3.65 10.42 -14.24
CA THR B 68 2.84 10.88 -15.42
C THR B 68 1.66 11.71 -14.94
N GLY B 69 0.71 11.96 -15.81
CA GLY B 69 -0.48 12.76 -15.42
C GLY B 69 -1.70 11.83 -15.35
N GLN B 70 -1.50 10.62 -14.93
CA GLN B 70 -2.64 9.67 -14.86
C GLN B 70 -3.06 9.46 -13.40
N TYR B 71 -2.12 9.43 -12.50
CA TYR B 71 -2.47 9.23 -11.06
C TYR B 71 -2.13 10.47 -10.25
N GLN B 72 -2.38 11.63 -10.77
CA GLN B 72 -2.06 12.87 -10.00
C GLN B 72 -3.18 13.17 -9.00
N GLU B 73 -4.40 12.79 -9.32
CA GLU B 73 -5.52 13.02 -8.37
C GLU B 73 -5.33 12.16 -7.13
N PRO B 74 -5.41 12.76 -5.96
CA PRO B 74 -5.22 12.00 -4.72
C PRO B 74 -6.27 10.89 -4.64
N TRP B 75 -7.44 11.09 -5.18
CA TRP B 75 -8.46 10.01 -5.15
C TRP B 75 -7.87 8.73 -5.74
N GLN B 76 -7.36 8.79 -6.94
CA GLN B 76 -6.75 7.58 -7.55
C GLN B 76 -5.40 7.28 -6.87
N TYR B 77 -4.54 8.25 -6.78
CA TYR B 77 -3.23 8.02 -6.11
C TYR B 77 -3.45 7.46 -4.71
N VAL B 78 -4.13 8.18 -3.85
CA VAL B 78 -4.37 7.68 -2.48
C VAL B 78 -5.09 6.33 -2.53
N ASP B 79 -5.92 6.12 -3.53
CA ASP B 79 -6.66 4.83 -3.62
C ASP B 79 -5.66 3.68 -3.74
N ASP B 80 -4.57 3.88 -4.43
CA ASP B 80 -3.56 2.79 -4.57
C ASP B 80 -2.54 2.88 -3.43
N VAL B 81 -2.10 4.05 -3.08
CA VAL B 81 -1.14 4.19 -1.95
C VAL B 81 -1.77 3.60 -0.69
N TRP B 82 -3.00 3.94 -0.44
CA TRP B 82 -3.70 3.43 0.77
C TRP B 82 -3.93 1.93 0.65
N LEU B 83 -4.29 1.46 -0.51
CA LEU B 83 -4.51 0.00 -0.69
C LEU B 83 -3.21 -0.72 -0.35
N MET B 84 -2.12 -0.09 -0.65
CA MET B 84 -0.80 -0.67 -0.33
C MET B 84 -0.56 -0.55 1.18
N PHE B 85 -1.10 0.46 1.78
CA PHE B 85 -0.94 0.62 3.25
C PHE B 85 -2.06 -0.12 4.01
N ASN B 86 -2.98 -0.73 3.29
CA ASN B 86 -4.04 -1.51 3.96
C ASN B 86 -3.89 -2.99 3.59
N ASN B 87 -3.92 -3.29 2.31
CA ASN B 87 -3.73 -4.70 1.87
C ASN B 87 -2.48 -5.30 2.53
N ALA B 88 -1.48 -4.49 2.75
CA ALA B 88 -0.24 -4.99 3.41
C ALA B 88 -0.45 -5.09 4.93
N TRP B 89 -1.26 -4.22 5.48
CA TRP B 89 -1.52 -4.27 6.95
C TRP B 89 -2.59 -5.32 7.24
N LEU B 90 -3.45 -5.53 6.28
CA LEU B 90 -4.55 -6.51 6.47
C LEU B 90 -4.00 -7.88 6.83
N TYR B 91 -3.03 -8.36 6.10
CA TYR B 91 -2.53 -9.74 6.37
C TYR B 91 -1.21 -9.75 7.17
N ASN B 92 -0.78 -8.62 7.67
CA ASN B 92 0.49 -8.62 8.48
C ASN B 92 0.15 -8.87 9.96
N ARG B 93 1.11 -8.72 10.83
CA ARG B 93 0.85 -8.97 12.27
C ARG B 93 1.28 -7.77 13.13
N LYS B 94 2.53 -7.73 13.53
CA LYS B 94 3.00 -6.59 14.37
C LYS B 94 4.51 -6.66 14.58
N THR B 95 4.97 -7.64 15.32
CA THR B 95 6.44 -7.76 15.56
C THR B 95 7.01 -8.96 14.80
N SER B 96 7.52 -8.74 13.62
CA SER B 96 8.09 -9.87 12.84
C SER B 96 8.71 -9.35 11.53
N ARG B 97 8.86 -10.21 10.55
CA ARG B 97 9.46 -9.76 9.26
C ARG B 97 8.34 -9.43 8.26
N VAL B 98 7.29 -8.83 8.72
CA VAL B 98 6.16 -8.50 7.79
C VAL B 98 5.56 -7.14 8.15
N TYR B 99 5.30 -6.91 9.41
CA TYR B 99 4.73 -5.60 9.81
C TYR B 99 5.85 -4.61 10.14
N LYS B 100 6.50 -4.09 9.14
CA LYS B 100 7.62 -3.13 9.41
C LYS B 100 7.96 -2.33 8.15
N PHE B 101 8.51 -2.98 7.15
CA PHE B 101 8.88 -2.26 5.91
C PHE B 101 7.72 -1.41 5.38
N CYS B 102 6.51 -1.76 5.74
CA CYS B 102 5.34 -0.96 5.28
C CYS B 102 4.94 0.05 6.36
N SER B 103 5.12 -0.30 7.60
CA SER B 103 4.77 0.64 8.70
C SER B 103 5.54 1.95 8.52
N LYS B 104 6.71 1.89 7.96
CA LYS B 104 7.52 3.12 7.75
C LYS B 104 6.95 3.94 6.60
N LEU B 105 6.61 3.30 5.50
CA LEU B 105 6.04 4.05 4.36
C LEU B 105 4.62 4.52 4.67
N ALA B 106 3.94 3.83 5.55
CA ALA B 106 2.55 4.23 5.89
C ALA B 106 2.55 5.46 6.80
N GLU B 107 3.38 5.46 7.81
CA GLU B 107 3.42 6.61 8.75
C GLU B 107 4.07 7.83 8.10
N VAL B 108 5.01 7.62 7.22
CA VAL B 108 5.69 8.78 6.57
C VAL B 108 4.82 9.40 5.48
N PHE B 109 4.16 8.60 4.69
CA PHE B 109 3.33 9.18 3.59
C PHE B 109 2.02 9.78 4.16
N GLU B 110 1.39 9.09 5.07
CA GLU B 110 0.11 9.61 5.63
C GLU B 110 0.30 11.03 6.15
N GLN B 111 1.48 11.36 6.59
CA GLN B 111 1.74 12.73 7.09
C GLN B 111 1.92 13.67 5.89
N GLU B 112 2.45 13.17 4.81
CA GLU B 112 2.69 14.05 3.63
C GLU B 112 1.48 14.06 2.70
N ILE B 113 0.36 13.51 3.10
CA ILE B 113 -0.84 13.59 2.23
C ILE B 113 -1.84 14.58 2.82
N ASP B 114 -1.96 14.65 4.12
CA ASP B 114 -2.88 15.67 4.69
C ASP B 114 -2.51 17.05 4.12
N PRO B 115 -1.23 17.32 4.03
CA PRO B 115 -0.81 18.58 3.37
C PRO B 115 -1.26 18.55 1.90
N VAL B 116 -1.25 17.39 1.29
CA VAL B 116 -1.76 17.29 -0.11
C VAL B 116 -3.28 17.53 -0.11
N MET B 117 -3.88 17.60 1.06
CA MET B 117 -5.35 17.83 1.15
C MET B 117 -6.12 16.63 0.60
N GLN B 118 -5.44 15.54 0.30
CA GLN B 118 -6.17 14.30 -0.04
C GLN B 118 -6.93 13.91 1.23
N SER B 119 -6.31 14.15 2.35
CA SER B 119 -6.96 13.91 3.66
C SER B 119 -7.37 15.26 4.26
N LEU B 120 -7.59 16.24 3.41
CA LEU B 120 -7.97 17.60 3.87
C LEU B 120 -8.99 17.53 5.00
N GLY B 121 -10.03 16.76 4.82
CA GLY B 121 -11.08 16.68 5.87
C GLY B 121 -10.57 15.83 7.03
N SER A 1 18.77 -25.51 -14.60
CA SER A 1 17.69 -24.87 -13.78
C SER A 1 17.06 -25.90 -12.83
N HIS A 2 17.67 -26.10 -11.69
CA HIS A 2 17.10 -27.09 -10.72
C HIS A 2 17.00 -26.47 -9.33
N LEU A 3 15.93 -25.77 -9.06
CA LEU A 3 15.77 -25.14 -7.72
C LEU A 3 14.40 -25.48 -7.13
N LYS A 4 13.94 -26.69 -7.34
CA LYS A 4 12.61 -27.07 -6.79
C LYS A 4 12.45 -28.60 -6.83
N SER A 5 11.37 -29.11 -6.30
CA SER A 5 11.17 -30.59 -6.31
C SER A 5 9.69 -30.92 -6.09
N LYS A 6 9.22 -30.83 -4.88
CA LYS A 6 7.78 -31.15 -4.62
C LYS A 6 6.88 -30.33 -5.54
N LYS A 7 5.64 -30.72 -5.67
CA LYS A 7 4.70 -29.97 -6.55
C LYS A 7 4.45 -28.57 -6.00
N GLY A 8 3.85 -28.49 -4.84
CA GLY A 8 3.57 -27.15 -4.24
C GLY A 8 2.07 -26.98 -4.05
N GLN A 9 1.43 -27.94 -3.43
CA GLN A 9 -0.04 -27.83 -3.21
C GLN A 9 -0.32 -27.31 -1.79
N SER A 10 0.34 -27.84 -0.80
CA SER A 10 0.11 -27.38 0.59
C SER A 10 -1.37 -27.44 0.94
N THR A 11 -1.77 -26.85 2.03
CA THR A 11 -3.20 -26.87 2.42
C THR A 11 -3.78 -25.46 2.48
N SER A 12 -3.04 -24.48 2.01
CA SER A 12 -3.56 -23.08 2.03
C SER A 12 -4.06 -22.72 3.44
N ARG A 13 -3.15 -22.54 4.36
CA ARG A 13 -3.58 -22.18 5.75
C ARG A 13 -2.54 -21.27 6.40
N HIS A 14 -2.76 -19.98 6.33
CA HIS A 14 -1.79 -19.02 6.96
C HIS A 14 -0.36 -19.35 6.52
N LYS A 15 -0.07 -19.27 5.26
CA LYS A 15 1.32 -19.54 4.78
C LYS A 15 1.88 -18.31 4.06
N LEU A 17 3.70 -14.42 3.55
CA LEU A 17 5.15 -14.09 3.49
C LEU A 17 5.77 -13.85 4.88
N MET A 18 5.14 -14.29 5.93
CA MET A 18 5.75 -14.10 7.27
C MET A 18 6.47 -15.38 7.70
N PHE A 19 7.51 -15.75 7.00
CA PHE A 19 8.25 -16.99 7.35
C PHE A 19 7.29 -18.16 7.52
N LYS A 20 6.83 -18.74 6.44
CA LYS A 20 5.89 -19.89 6.54
C LYS A 20 6.20 -20.92 5.46
N GLY B 1 -19.38 7.43 1.12
CA GLY B 1 -19.18 8.03 2.47
C GLY B 1 -18.96 9.54 2.33
N SER B 2 -17.75 9.95 2.08
CA SER B 2 -17.48 11.41 1.94
C SER B 2 -17.55 11.82 0.47
N HIS B 3 -17.18 13.03 0.16
CA HIS B 3 -17.22 13.50 -1.25
C HIS B 3 -16.36 14.75 -1.43
N MET B 4 -16.58 15.75 -0.62
CA MET B 4 -15.77 17.00 -0.74
C MET B 4 -14.60 16.97 0.24
N ARG B 5 -14.04 15.82 0.48
CA ARG B 5 -12.90 15.72 1.43
C ARG B 5 -11.62 15.31 0.70
N LYS B 6 -11.75 14.58 -0.38
CA LYS B 6 -10.55 14.14 -1.13
C LYS B 6 -10.32 15.03 -2.36
N LYS B 7 -11.10 16.06 -2.53
CA LYS B 7 -10.91 16.96 -3.71
C LYS B 7 -9.89 18.05 -3.35
N ILE B 8 -8.82 18.13 -4.07
CA ILE B 8 -7.78 19.16 -3.75
C ILE B 8 -7.99 20.41 -4.60
N PHE B 9 -7.85 20.30 -5.90
CA PHE B 9 -8.06 21.50 -6.77
C PHE B 9 -7.82 21.15 -8.24
N LYS B 10 -6.59 21.12 -8.67
CA LYS B 10 -6.30 20.82 -10.11
C LYS B 10 -5.38 19.59 -10.23
N PRO B 11 -5.54 18.88 -11.32
CA PRO B 11 -4.72 17.66 -11.55
C PRO B 11 -3.22 17.99 -11.52
N GLU B 12 -2.85 19.15 -12.00
CA GLU B 12 -1.40 19.51 -11.99
C GLU B 12 -0.98 19.88 -10.57
N GLU B 13 -1.71 20.76 -9.92
CA GLU B 13 -1.36 21.12 -8.52
C GLU B 13 -1.24 19.84 -7.70
N LEU B 14 -1.91 18.81 -8.12
CA LEU B 14 -1.81 17.52 -7.42
C LEU B 14 -0.47 16.87 -7.74
N ARG B 15 -0.06 16.89 -8.99
CA ARG B 15 1.27 16.31 -9.32
C ARG B 15 2.32 16.91 -8.39
N GLN B 16 2.16 18.16 -8.07
CA GLN B 16 3.10 18.81 -7.11
C GLN B 16 2.98 18.15 -5.74
N ALA B 17 1.87 18.32 -5.06
CA ALA B 17 1.71 17.70 -3.71
C ALA B 17 2.08 16.21 -3.77
N LEU B 18 1.81 15.59 -4.88
CA LEU B 18 2.16 14.16 -5.04
C LEU B 18 3.68 13.99 -5.02
N MET B 19 4.40 15.01 -5.45
CA MET B 19 5.88 14.91 -5.47
C MET B 19 6.44 14.77 -4.04
N PRO B 20 6.19 15.74 -3.17
CA PRO B 20 6.71 15.61 -1.79
C PRO B 20 6.27 14.27 -1.17
N THR B 21 5.01 13.94 -1.25
CA THR B 21 4.58 12.63 -0.68
C THR B 21 5.28 11.49 -1.42
N LEU B 22 5.74 11.73 -2.62
CA LEU B 22 6.49 10.68 -3.36
C LEU B 22 7.81 10.41 -2.63
N GLU B 23 8.50 11.45 -2.26
CA GLU B 23 9.78 11.27 -1.52
C GLU B 23 9.51 10.53 -0.21
N ALA B 24 8.43 10.85 0.45
CA ALA B 24 8.10 10.15 1.73
C ALA B 24 7.91 8.66 1.46
N LEU B 25 7.19 8.31 0.44
CA LEU B 25 6.99 6.87 0.11
C LEU B 25 8.15 6.35 -0.74
N TYR B 26 8.25 6.80 -1.95
CA TYR B 26 9.37 6.36 -2.83
C TYR B 26 10.66 7.09 -2.45
N ARG B 27 11.56 6.42 -1.78
CA ARG B 27 12.83 7.10 -1.37
C ARG B 27 14.03 6.18 -1.64
N GLN B 28 14.52 5.49 -0.64
CA GLN B 28 15.69 4.58 -0.85
C GLN B 28 16.07 3.88 0.46
N ASP B 29 15.13 3.26 1.11
CA ASP B 29 15.44 2.58 2.39
C ASP B 29 14.90 1.14 2.39
N PRO B 30 15.13 0.44 3.47
CA PRO B 30 14.66 -0.96 3.57
C PRO B 30 13.13 -1.01 3.58
N GLU B 31 12.50 0.08 3.93
CA GLU B 31 11.01 0.10 3.97
C GLU B 31 10.43 0.15 2.55
N SER B 32 11.24 0.50 1.58
CA SER B 32 10.72 0.58 0.18
C SER B 32 11.10 -0.67 -0.62
N LEU B 33 11.93 -1.52 -0.07
CA LEU B 33 12.32 -2.75 -0.82
C LEU B 33 11.17 -3.76 -0.83
N PRO B 34 10.71 -4.13 0.34
CA PRO B 34 9.59 -5.09 0.45
C PRO B 34 8.26 -4.42 0.11
N PHE B 35 8.12 -3.94 -1.09
CA PHE B 35 6.86 -3.26 -1.48
C PHE B 35 6.53 -3.51 -2.95
N ARG B 36 7.49 -3.29 -3.82
CA ARG B 36 7.25 -3.51 -5.27
C ARG B 36 7.26 -5.02 -5.60
N GLN B 37 7.65 -5.84 -4.66
CA GLN B 37 7.63 -7.31 -4.93
C GLN B 37 7.39 -8.09 -3.62
N PRO B 38 6.26 -7.85 -3.00
CA PRO B 38 5.94 -8.55 -1.74
C PRO B 38 5.15 -9.82 -2.03
N VAL B 39 3.89 -9.69 -2.34
CA VAL B 39 3.05 -10.89 -2.65
C VAL B 39 1.85 -10.48 -3.51
N ASP B 40 1.35 -11.37 -4.31
CA ASP B 40 0.19 -11.01 -5.18
C ASP B 40 -0.50 -12.28 -5.70
N PRO B 41 -1.66 -12.10 -6.30
CA PRO B 41 -2.41 -13.25 -6.84
C PRO B 41 -1.57 -14.00 -7.87
N GLN B 42 -0.55 -13.38 -8.40
CA GLN B 42 0.30 -14.07 -9.41
C GLN B 42 1.06 -15.23 -8.76
N LEU B 43 2.00 -14.92 -7.91
CA LEU B 43 2.78 -16.00 -7.23
C LEU B 43 1.98 -16.58 -6.06
N LEU B 44 0.77 -17.01 -6.30
CA LEU B 44 -0.05 -17.57 -5.19
C LEU B 44 -0.06 -16.63 -3.99
N GLY B 45 -1.07 -15.79 -3.90
CA GLY B 45 -1.15 -14.85 -2.74
C GLY B 45 -1.25 -15.65 -1.46
N ILE B 46 -1.45 -15.01 -0.33
CA ILE B 46 -1.57 -15.78 0.93
C ILE B 46 -3.06 -15.98 1.27
N PRO B 47 -3.34 -17.03 2.02
CA PRO B 47 -4.73 -17.41 2.37
C PRO B 47 -5.67 -16.20 2.50
N ASP B 48 -6.93 -16.41 2.23
CA ASP B 48 -7.92 -15.31 2.36
C ASP B 48 -7.45 -14.06 1.61
N TYR B 49 -6.59 -14.22 0.63
CA TYR B 49 -6.13 -13.02 -0.14
C TYR B 49 -7.33 -12.28 -0.72
N PHE B 50 -7.10 -11.14 -1.33
CA PHE B 50 -8.21 -10.29 -1.90
C PHE B 50 -8.95 -9.52 -0.79
N ASP B 51 -9.15 -10.10 0.37
CA ASP B 51 -9.79 -9.35 1.47
C ASP B 51 -8.70 -8.55 2.19
N ILE B 52 -7.50 -9.08 2.19
CA ILE B 52 -6.36 -8.35 2.79
C ILE B 52 -5.61 -7.58 1.68
N VAL B 53 -6.17 -7.54 0.48
CA VAL B 53 -5.51 -6.82 -0.64
C VAL B 53 -6.36 -6.98 -1.91
N LYS B 54 -7.32 -6.14 -2.11
CA LYS B 54 -8.20 -6.25 -3.30
C LYS B 54 -7.38 -6.22 -4.60
N ASN B 55 -6.82 -5.09 -4.94
CA ASN B 55 -6.02 -4.99 -6.20
C ASN B 55 -4.59 -4.56 -5.89
N PRO B 56 -3.74 -5.52 -5.61
CA PRO B 56 -2.33 -5.21 -5.29
C PRO B 56 -1.57 -4.77 -6.52
N MET B 57 -0.53 -4.00 -6.33
CA MET B 57 0.32 -3.59 -7.48
C MET B 57 1.79 -3.57 -7.04
N ASP B 58 2.56 -2.66 -7.55
CA ASP B 58 3.98 -2.58 -7.12
C ASP B 58 4.36 -1.12 -6.90
N LEU B 59 5.07 -0.82 -5.84
CA LEU B 59 5.45 0.60 -5.59
C LEU B 59 6.08 1.22 -6.84
N SER B 60 6.62 0.42 -7.71
CA SER B 60 7.20 0.99 -8.96
C SER B 60 6.08 1.28 -9.95
N THR B 61 5.00 0.55 -9.88
CA THR B 61 3.86 0.79 -10.80
C THR B 61 3.17 2.12 -10.48
N ILE B 62 2.55 2.23 -9.34
CA ILE B 62 1.85 3.49 -8.98
C ILE B 62 2.78 4.69 -9.09
N LYS B 63 4.03 4.52 -8.77
CA LYS B 63 4.97 5.66 -8.85
C LYS B 63 5.40 5.89 -10.30
N ARG B 64 5.30 4.87 -11.12
CA ARG B 64 5.66 5.05 -12.56
C ARG B 64 4.59 5.88 -13.26
N LYS B 65 3.36 5.77 -12.82
CA LYS B 65 2.28 6.58 -13.45
C LYS B 65 2.10 7.90 -12.70
N LEU B 66 2.57 7.97 -11.49
CA LEU B 66 2.44 9.22 -10.69
C LEU B 66 3.12 10.39 -11.42
N ASP B 67 3.97 10.11 -12.36
CA ASP B 67 4.66 11.21 -13.10
C ASP B 67 4.23 11.23 -14.56
N THR B 68 2.99 10.88 -14.83
CA THR B 68 2.51 10.89 -16.24
C THR B 68 1.09 11.45 -16.33
N GLY B 69 0.61 12.07 -15.27
CA GLY B 69 -0.77 12.63 -15.31
C GLY B 69 -1.78 11.49 -15.33
N GLN B 70 -1.40 10.33 -14.89
CA GLN B 70 -2.34 9.18 -14.89
C GLN B 70 -3.06 9.08 -13.54
N TYR B 71 -2.33 9.18 -12.47
CA TYR B 71 -2.96 9.09 -11.12
C TYR B 71 -2.62 10.33 -10.28
N GLN B 72 -2.86 11.50 -10.82
CA GLN B 72 -2.53 12.74 -10.05
C GLN B 72 -3.57 12.97 -8.96
N GLU B 73 -4.79 12.57 -9.19
CA GLU B 73 -5.86 12.77 -8.17
C GLU B 73 -5.58 11.89 -6.95
N PRO B 74 -5.76 12.45 -5.79
CA PRO B 74 -5.52 11.66 -4.55
C PRO B 74 -6.45 10.46 -4.52
N TRP B 75 -7.64 10.59 -5.03
CA TRP B 75 -8.58 9.43 -5.06
C TRP B 75 -7.87 8.21 -5.68
N GLN B 76 -7.37 8.35 -6.88
CA GLN B 76 -6.66 7.22 -7.53
C GLN B 76 -5.31 6.97 -6.84
N TYR B 77 -4.50 7.98 -6.73
CA TYR B 77 -3.18 7.81 -6.05
C TYR B 77 -3.37 7.21 -4.66
N VAL B 78 -4.14 7.86 -3.81
CA VAL B 78 -4.36 7.30 -2.44
C VAL B 78 -4.91 5.87 -2.56
N ASP B 79 -5.67 5.60 -3.57
CA ASP B 79 -6.20 4.22 -3.74
C ASP B 79 -5.04 3.24 -3.86
N ASP B 80 -4.31 3.33 -4.93
CA ASP B 80 -3.12 2.43 -5.10
C ASP B 80 -2.24 2.47 -3.85
N VAL B 81 -1.77 3.65 -3.47
CA VAL B 81 -0.91 3.75 -2.25
C VAL B 81 -1.56 3.01 -1.07
N TRP B 82 -2.63 3.56 -0.56
CA TRP B 82 -3.32 2.94 0.59
C TRP B 82 -3.61 1.46 0.34
N LEU B 83 -3.77 1.10 -0.90
CA LEU B 83 -4.03 -0.33 -1.21
C LEU B 83 -2.71 -1.06 -1.09
N MET B 84 -1.74 -0.60 -1.81
CA MET B 84 -0.37 -1.16 -1.66
C MET B 84 0.01 -1.13 -0.18
N PHE B 85 -0.59 -0.22 0.55
CA PHE B 85 -0.34 -0.12 2.01
C PHE B 85 -1.25 -1.10 2.76
N ASN B 86 -2.49 -1.19 2.37
CA ASN B 86 -3.41 -2.16 3.04
C ASN B 86 -2.89 -3.58 2.86
N ASN B 87 -2.48 -3.90 1.66
CA ASN B 87 -1.92 -5.26 1.41
C ASN B 87 -0.66 -5.49 2.23
N ALA B 88 -0.09 -4.44 2.79
CA ALA B 88 1.09 -4.60 3.68
C ALA B 88 0.72 -4.18 5.09
N TRP B 89 -0.54 -4.30 5.42
CA TRP B 89 -1.01 -3.93 6.79
C TRP B 89 -2.17 -4.84 7.17
N LEU B 90 -3.08 -5.06 6.26
CA LEU B 90 -4.24 -5.95 6.56
C LEU B 90 -3.75 -7.41 6.63
N TYR B 91 -2.65 -7.73 6.01
CA TYR B 91 -2.16 -9.13 6.07
C TYR B 91 -0.85 -9.21 6.84
N ASN B 92 -0.56 -8.28 7.71
CA ASN B 92 0.70 -8.36 8.47
C ASN B 92 0.44 -8.82 9.91
N ARG B 93 1.47 -9.05 10.67
CA ARG B 93 1.29 -9.51 12.08
C ARG B 93 1.41 -8.33 13.04
N LYS B 94 1.82 -8.58 14.26
CA LYS B 94 1.95 -7.47 15.24
C LYS B 94 3.39 -7.35 15.75
N THR B 95 4.30 -8.08 15.18
CA THR B 95 5.72 -8.01 15.65
C THR B 95 6.62 -8.86 14.77
N SER B 96 6.69 -8.57 13.50
CA SER B 96 7.57 -9.35 12.60
C SER B 96 8.04 -8.49 11.43
N ARG B 97 9.00 -8.96 10.66
CA ARG B 97 9.48 -8.17 9.50
C ARG B 97 8.31 -7.77 8.61
N VAL B 98 7.38 -8.65 8.42
CA VAL B 98 6.19 -8.33 7.59
C VAL B 98 5.49 -7.10 8.15
N TYR B 99 5.27 -7.08 9.42
CA TYR B 99 4.62 -5.90 10.05
C TYR B 99 5.70 -4.94 10.57
N LYS B 100 6.48 -4.35 9.70
CA LYS B 100 7.54 -3.43 10.18
C LYS B 100 8.06 -2.54 9.04
N PHE B 101 8.59 -3.12 8.00
CA PHE B 101 9.13 -2.27 6.89
C PHE B 101 8.05 -1.35 6.34
N CYS B 102 6.80 -1.65 6.59
CA CYS B 102 5.72 -0.77 6.09
C CYS B 102 5.45 0.34 7.09
N SER B 103 5.61 0.07 8.36
CA SER B 103 5.36 1.13 9.38
C SER B 103 6.11 2.41 9.00
N LYS B 104 7.25 2.28 8.37
CA LYS B 104 8.02 3.48 7.97
C LYS B 104 7.31 4.23 6.85
N LEU B 105 7.05 3.58 5.74
CA LEU B 105 6.36 4.26 4.62
C LEU B 105 4.94 4.67 5.03
N ALA B 106 4.25 3.80 5.72
CA ALA B 106 2.87 4.15 6.17
C ALA B 106 2.90 5.49 6.93
N GLU B 107 3.84 5.66 7.82
CA GLU B 107 3.92 6.94 8.58
C GLU B 107 4.23 8.11 7.65
N VAL B 108 5.41 8.15 7.07
CA VAL B 108 5.77 9.30 6.18
C VAL B 108 4.66 9.60 5.18
N PHE B 109 4.38 8.69 4.30
CA PHE B 109 3.34 8.96 3.26
C PHE B 109 2.05 9.53 3.90
N GLU B 110 1.49 8.82 4.84
CA GLU B 110 0.23 9.31 5.48
C GLU B 110 0.41 10.73 5.98
N GLN B 111 1.58 11.09 6.42
CA GLN B 111 1.83 12.47 6.89
C GLN B 111 1.94 13.41 5.68
N GLU B 112 2.44 12.91 4.58
CA GLU B 112 2.61 13.78 3.39
C GLU B 112 1.37 13.78 2.51
N ILE B 113 0.31 13.14 2.92
CA ILE B 113 -0.94 13.22 2.11
C ILE B 113 -1.90 14.21 2.74
N ASP B 114 -1.93 14.30 4.04
CA ASP B 114 -2.80 15.35 4.67
C ASP B 114 -2.46 16.70 4.03
N PRO B 115 -1.18 16.99 3.94
CA PRO B 115 -0.74 18.19 3.20
C PRO B 115 -1.32 18.17 1.80
N VAL B 116 -1.36 17.02 1.18
CA VAL B 116 -1.93 16.93 -0.19
C VAL B 116 -3.45 17.20 -0.15
N MET B 117 -4.03 17.30 1.03
CA MET B 117 -5.50 17.56 1.18
C MET B 117 -6.30 16.29 0.90
N GLN B 118 -5.64 15.20 0.58
CA GLN B 118 -6.39 13.92 0.39
C GLN B 118 -7.06 13.57 1.72
N SER B 119 -6.34 13.71 2.79
CA SER B 119 -6.94 13.46 4.14
C SER B 119 -7.45 14.79 4.70
N LEU B 120 -6.68 15.82 4.51
CA LEU B 120 -7.06 17.18 5.00
C LEU B 120 -7.25 17.19 6.52
N GLY B 121 -8.31 16.62 7.01
CA GLY B 121 -8.54 16.64 8.48
C GLY B 121 -10.00 16.96 8.77
N SER A 1 -14.52 -34.65 -11.38
CA SER A 1 -15.60 -33.62 -11.36
C SER A 1 -15.62 -32.90 -10.01
N HIS A 2 -15.81 -33.64 -8.94
CA HIS A 2 -15.84 -33.00 -7.60
C HIS A 2 -16.86 -31.86 -7.57
N LEU A 3 -18.13 -32.18 -7.58
CA LEU A 3 -19.16 -31.11 -7.55
C LEU A 3 -19.47 -30.71 -6.11
N LYS A 4 -19.36 -31.62 -5.19
CA LYS A 4 -19.65 -31.28 -3.76
C LYS A 4 -18.77 -30.12 -3.30
N SER A 5 -19.25 -29.31 -2.40
CA SER A 5 -18.44 -28.16 -1.92
C SER A 5 -17.86 -28.47 -0.53
N LYS A 6 -17.51 -29.69 -0.29
CA LYS A 6 -16.94 -30.06 1.04
C LYS A 6 -17.87 -29.60 2.17
N LYS A 7 -17.52 -29.87 3.39
CA LYS A 7 -18.38 -29.44 4.53
C LYS A 7 -17.65 -28.41 5.38
N GLY A 8 -16.42 -28.66 5.72
CA GLY A 8 -15.66 -27.69 6.56
C GLY A 8 -14.17 -27.90 6.35
N GLN A 9 -13.37 -27.61 7.36
CA GLN A 9 -11.90 -27.80 7.21
C GLN A 9 -11.24 -27.85 8.58
N SER A 10 -10.13 -28.54 8.69
CA SER A 10 -9.43 -28.63 10.00
C SER A 10 -8.02 -28.04 9.90
N THR A 11 -7.82 -27.11 9.02
CA THR A 11 -6.47 -26.49 8.86
C THR A 11 -6.50 -25.02 9.29
N SER A 12 -6.15 -24.75 10.51
CA SER A 12 -6.15 -23.33 10.99
C SER A 12 -4.73 -22.78 11.02
N ARG A 13 -3.88 -23.24 10.14
CA ARG A 13 -2.48 -22.73 10.12
C ARG A 13 -2.28 -21.74 8.97
N HIS A 14 -1.34 -20.85 9.09
CA HIS A 14 -1.11 -19.87 8.00
C HIS A 14 0.11 -20.28 7.16
N LYS A 15 0.12 -19.91 5.90
CA LYS A 15 1.26 -20.29 5.03
C LYS A 15 1.75 -19.10 4.20
N LEU A 17 3.45 -15.27 3.31
CA LEU A 17 4.88 -14.87 3.37
C LEU A 17 5.36 -14.90 4.83
N MET A 18 6.08 -13.91 5.28
CA MET A 18 6.58 -13.92 6.69
C MET A 18 7.50 -15.12 6.91
N PHE A 19 7.97 -15.74 5.86
CA PHE A 19 8.87 -16.92 6.03
C PHE A 19 8.24 -17.95 6.97
N LYS A 20 7.59 -18.94 6.44
CA LYS A 20 6.96 -19.98 7.30
C LYS A 20 6.41 -21.13 6.45
N GLY B 1 -19.24 26.15 -4.06
CA GLY B 1 -19.97 25.26 -5.00
C GLY B 1 -20.08 23.86 -4.40
N SER B 2 -18.98 23.17 -4.26
CA SER B 2 -19.02 21.80 -3.68
C SER B 2 -17.92 21.62 -2.65
N HIS B 3 -18.22 20.95 -1.56
CA HIS B 3 -17.19 20.73 -0.52
C HIS B 3 -17.31 19.32 0.07
N MET B 4 -16.61 18.37 -0.49
CA MET B 4 -16.69 16.98 0.04
C MET B 4 -15.37 16.57 0.69
N ARG B 5 -14.40 16.19 -0.10
CA ARG B 5 -13.09 15.76 0.48
C ARG B 5 -12.09 15.45 -0.63
N LYS B 6 -10.89 15.11 -0.26
CA LYS B 6 -9.85 14.75 -1.25
C LYS B 6 -9.83 15.73 -2.43
N LYS B 7 -10.25 16.95 -2.22
CA LYS B 7 -10.21 17.95 -3.32
C LYS B 7 -9.06 18.92 -3.09
N ILE B 8 -8.18 19.06 -4.04
CA ILE B 8 -7.02 19.98 -3.83
C ILE B 8 -7.11 21.18 -4.77
N PHE B 9 -7.05 20.95 -6.06
CA PHE B 9 -7.14 22.08 -7.03
C PHE B 9 -7.09 21.58 -8.47
N LYS B 10 -5.92 21.36 -9.01
CA LYS B 10 -5.83 20.91 -10.42
C LYS B 10 -4.79 19.78 -10.57
N PRO B 11 -4.94 18.99 -11.61
CA PRO B 11 -4.01 17.85 -11.84
C PRO B 11 -2.55 18.30 -11.75
N GLU B 12 -2.23 19.46 -12.25
CA GLU B 12 -0.82 19.93 -12.18
C GLU B 12 -0.45 20.23 -10.72
N GLU B 13 -1.17 21.10 -10.08
CA GLU B 13 -0.87 21.40 -8.65
C GLU B 13 -0.78 20.11 -7.86
N LEU B 14 -1.47 19.10 -8.32
CA LEU B 14 -1.40 17.79 -7.62
C LEU B 14 -0.05 17.14 -7.90
N ARG B 15 0.48 17.29 -9.08
CA ARG B 15 1.83 16.73 -9.34
C ARG B 15 2.82 17.36 -8.35
N GLN B 16 2.63 18.63 -8.08
CA GLN B 16 3.53 19.34 -7.13
C GLN B 16 3.45 18.72 -5.74
N ALA B 17 2.27 18.61 -5.18
CA ALA B 17 2.13 18.05 -3.80
C ALA B 17 2.39 16.54 -3.80
N LEU B 18 1.91 15.85 -4.80
CA LEU B 18 2.17 14.39 -4.89
C LEU B 18 3.68 14.15 -4.98
N MET B 19 4.43 15.16 -5.37
CA MET B 19 5.91 15.01 -5.49
C MET B 19 6.58 14.83 -4.10
N PRO B 20 6.45 15.83 -3.26
CA PRO B 20 7.06 15.72 -1.91
C PRO B 20 6.57 14.45 -1.22
N THR B 21 5.29 14.20 -1.23
CA THR B 21 4.81 12.94 -0.59
C THR B 21 5.39 11.74 -1.33
N LEU B 22 5.75 11.91 -2.58
CA LEU B 22 6.39 10.80 -3.34
C LEU B 22 7.69 10.42 -2.64
N GLU B 23 8.52 11.38 -2.36
CA GLU B 23 9.80 11.09 -1.66
C GLU B 23 9.50 10.49 -0.28
N ALA B 24 8.42 10.90 0.33
CA ALA B 24 8.07 10.35 1.67
C ALA B 24 7.64 8.88 1.54
N LEU B 25 6.97 8.54 0.47
CA LEU B 25 6.53 7.12 0.30
C LEU B 25 7.43 6.40 -0.69
N TYR B 26 7.40 6.78 -1.94
CA TYR B 26 8.26 6.09 -2.94
C TYR B 26 9.53 6.92 -3.21
N ARG B 27 10.65 6.45 -2.73
CA ARG B 27 11.91 7.21 -2.95
C ARG B 27 13.09 6.25 -3.13
N GLN B 28 13.69 5.80 -2.06
CA GLN B 28 14.84 4.87 -2.17
C GLN B 28 15.33 4.47 -0.77
N ASP B 29 14.43 4.25 0.14
CA ASP B 29 14.84 3.88 1.52
C ASP B 29 14.47 2.42 1.82
N PRO B 30 14.74 2.01 3.03
CA PRO B 30 14.42 0.61 3.43
C PRO B 30 12.91 0.38 3.44
N GLU B 31 12.18 1.22 4.10
CA GLU B 31 10.70 1.03 4.16
C GLU B 31 10.12 0.92 2.75
N SER B 32 10.74 1.56 1.78
CA SER B 32 10.21 1.50 0.39
C SER B 32 10.28 0.06 -0.15
N LEU B 33 11.00 -0.80 0.51
CA LEU B 33 11.08 -2.21 0.04
C LEU B 33 11.23 -3.16 1.24
N PRO B 34 10.57 -4.30 1.22
CA PRO B 34 9.71 -4.72 0.08
C PRO B 34 8.39 -3.92 0.04
N PHE B 35 7.78 -3.85 -1.10
CA PHE B 35 6.49 -3.11 -1.22
C PHE B 35 5.92 -3.27 -2.63
N ARG B 36 6.75 -3.11 -3.63
CA ARG B 36 6.27 -3.27 -5.03
C ARG B 36 6.22 -4.78 -5.38
N GLN B 37 6.88 -5.61 -4.60
CA GLN B 37 6.84 -7.07 -4.90
C GLN B 37 6.97 -7.89 -3.61
N PRO B 38 6.10 -7.63 -2.67
CA PRO B 38 6.14 -8.37 -1.39
C PRO B 38 5.51 -9.76 -1.57
N VAL B 39 4.23 -9.82 -1.79
CA VAL B 39 3.55 -11.13 -2.00
C VAL B 39 2.24 -10.92 -2.76
N ASP B 40 1.91 -11.83 -3.64
CA ASP B 40 0.65 -11.68 -4.42
C ASP B 40 0.20 -13.03 -4.96
N PRO B 41 -0.99 -13.06 -5.54
CA PRO B 41 -1.52 -14.33 -6.10
C PRO B 41 -0.63 -14.84 -7.25
N GLN B 42 0.26 -14.03 -7.73
CA GLN B 42 1.14 -14.49 -8.84
C GLN B 42 2.13 -15.54 -8.35
N LEU B 43 3.22 -15.13 -7.76
CA LEU B 43 4.20 -16.12 -7.24
C LEU B 43 3.63 -16.85 -6.02
N LEU B 44 2.70 -17.73 -6.23
CA LEU B 44 2.10 -18.46 -5.09
C LEU B 44 1.60 -17.47 -4.02
N GLY B 45 0.39 -17.02 -4.15
CA GLY B 45 -0.16 -16.06 -3.15
C GLY B 45 -0.24 -16.73 -1.78
N ILE B 46 -0.98 -16.17 -0.87
CA ILE B 46 -1.10 -16.78 0.49
C ILE B 46 -2.55 -17.17 0.76
N PRO B 47 -2.75 -17.94 1.80
CA PRO B 47 -4.11 -18.46 2.13
C PRO B 47 -5.07 -17.33 2.52
N ASP B 48 -6.29 -17.40 2.05
CA ASP B 48 -7.27 -16.34 2.39
C ASP B 48 -6.73 -14.96 2.06
N TYR B 49 -5.95 -14.86 1.01
CA TYR B 49 -5.39 -13.53 0.64
C TYR B 49 -6.50 -12.60 0.17
N PHE B 50 -7.56 -13.16 -0.38
CA PHE B 50 -8.69 -12.30 -0.83
C PHE B 50 -9.41 -11.67 0.36
N ASP B 51 -9.12 -12.12 1.55
CA ASP B 51 -9.75 -11.52 2.76
C ASP B 51 -8.81 -10.48 3.37
N ILE B 52 -7.59 -10.41 2.90
CA ILE B 52 -6.63 -9.42 3.46
C ILE B 52 -6.10 -8.50 2.36
N VAL B 53 -6.38 -8.80 1.11
CA VAL B 53 -5.88 -7.93 0.01
C VAL B 53 -6.81 -8.01 -1.20
N LYS B 54 -7.71 -7.08 -1.34
CA LYS B 54 -8.65 -7.11 -2.49
C LYS B 54 -7.89 -6.85 -3.81
N ASN B 55 -7.30 -5.70 -3.94
CA ASN B 55 -6.55 -5.39 -5.19
C ASN B 55 -5.11 -4.95 -4.89
N PRO B 56 -4.21 -5.89 -4.89
CA PRO B 56 -2.81 -5.56 -4.57
C PRO B 56 -2.04 -5.08 -5.80
N MET B 57 -1.46 -3.92 -5.73
CA MET B 57 -0.65 -3.41 -6.86
C MET B 57 0.83 -3.39 -6.44
N ASP B 58 1.56 -2.38 -6.82
CA ASP B 58 2.99 -2.30 -6.40
C ASP B 58 3.39 -0.84 -6.20
N LEU B 59 4.15 -0.54 -5.18
CA LEU B 59 4.55 0.87 -4.96
C LEU B 59 5.27 1.43 -6.19
N SER B 60 5.72 0.57 -7.07
CA SER B 60 6.42 1.07 -8.28
C SER B 60 5.42 1.35 -9.42
N THR B 61 4.32 0.66 -9.46
CA THR B 61 3.34 0.90 -10.57
C THR B 61 2.61 2.24 -10.36
N ILE B 62 2.10 2.50 -9.19
CA ILE B 62 1.40 3.78 -8.96
C ILE B 62 2.38 4.95 -9.05
N LYS B 63 3.62 4.73 -8.72
CA LYS B 63 4.60 5.84 -8.75
C LYS B 63 5.22 5.92 -10.15
N ARG B 64 5.20 4.85 -10.89
CA ARG B 64 5.71 4.91 -12.28
C ARG B 64 4.69 5.63 -13.16
N LYS B 65 3.45 5.63 -12.76
CA LYS B 65 2.41 6.35 -13.57
C LYS B 65 2.17 7.75 -12.99
N LEU B 66 2.69 8.03 -11.83
CA LEU B 66 2.50 9.38 -11.23
C LEU B 66 3.29 10.44 -11.99
N ASP B 67 4.46 10.08 -12.46
CA ASP B 67 5.30 11.06 -13.21
C ASP B 67 4.76 11.23 -14.64
N THR B 68 4.48 10.16 -15.31
CA THR B 68 3.97 10.25 -16.71
C THR B 68 2.76 11.18 -16.76
N GLY B 69 2.04 11.31 -15.67
CA GLY B 69 0.85 12.21 -15.67
C GLY B 69 -0.43 11.36 -15.69
N GLN B 70 -0.39 10.20 -15.10
CA GLN B 70 -1.59 9.33 -15.10
C GLN B 70 -2.38 9.53 -13.80
N TYR B 71 -1.73 9.47 -12.67
CA TYR B 71 -2.43 9.66 -11.39
C TYR B 71 -2.50 11.15 -11.03
N GLN B 72 -1.39 11.72 -10.58
CA GLN B 72 -1.34 13.18 -10.19
C GLN B 72 -2.65 13.66 -9.57
N GLU B 73 -3.32 12.80 -8.88
CA GLU B 73 -4.60 13.19 -8.20
C GLU B 73 -4.81 12.30 -6.97
N PRO B 74 -4.83 12.92 -5.81
CA PRO B 74 -5.01 12.15 -4.55
C PRO B 74 -6.14 11.13 -4.69
N TRP B 75 -7.17 11.44 -5.43
CA TRP B 75 -8.29 10.47 -5.61
C TRP B 75 -7.73 9.11 -6.03
N GLN B 76 -7.23 9.02 -7.23
CA GLN B 76 -6.64 7.72 -7.69
C GLN B 76 -5.38 7.43 -6.88
N TYR B 77 -4.51 8.39 -6.74
CA TYR B 77 -3.27 8.17 -5.95
C TYR B 77 -3.60 7.60 -4.57
N VAL B 78 -4.25 8.37 -3.73
CA VAL B 78 -4.60 7.85 -2.37
C VAL B 78 -5.32 6.51 -2.47
N ASP B 79 -6.07 6.29 -3.52
CA ASP B 79 -6.76 4.98 -3.67
C ASP B 79 -5.70 3.87 -3.74
N ASP B 80 -4.85 3.92 -4.74
CA ASP B 80 -3.77 2.90 -4.85
C ASP B 80 -2.89 2.94 -3.60
N VAL B 81 -2.33 4.07 -3.27
CA VAL B 81 -1.46 4.15 -2.05
C VAL B 81 -2.15 3.49 -0.85
N TRP B 82 -3.32 3.95 -0.50
CA TRP B 82 -4.05 3.36 0.64
C TRP B 82 -4.27 1.87 0.40
N LEU B 83 -4.80 1.53 -0.74
CA LEU B 83 -5.02 0.09 -1.05
C LEU B 83 -3.68 -0.64 -0.95
N MET B 84 -2.71 -0.16 -1.69
CA MET B 84 -1.34 -0.75 -1.62
C MET B 84 -0.90 -0.86 -0.16
N PHE B 85 -1.33 0.05 0.67
CA PHE B 85 -0.97 -0.02 2.11
C PHE B 85 -1.78 -1.13 2.78
N ASN B 86 -3.08 -1.06 2.68
CA ASN B 86 -3.93 -2.12 3.28
C ASN B 86 -3.53 -3.47 2.69
N ASN B 87 -3.18 -3.48 1.43
CA ASN B 87 -2.71 -4.74 0.79
C ASN B 87 -1.51 -5.26 1.58
N ALA B 88 -0.76 -4.38 2.17
CA ALA B 88 0.42 -4.81 2.98
C ALA B 88 0.22 -4.43 4.45
N TRP B 89 -0.99 -4.55 4.95
CA TRP B 89 -1.23 -4.22 6.38
C TRP B 89 -2.20 -5.23 6.99
N LEU B 90 -3.42 -5.23 6.53
CA LEU B 90 -4.42 -6.22 7.06
C LEU B 90 -4.05 -7.62 6.59
N TYR B 91 -2.90 -8.09 6.96
CA TYR B 91 -2.46 -9.44 6.49
C TYR B 91 -1.14 -9.87 7.18
N ASN B 92 -0.34 -8.94 7.63
CA ASN B 92 0.96 -9.31 8.25
C ASN B 92 0.77 -9.73 9.71
N ARG B 93 1.85 -9.89 10.42
CA ARG B 93 1.75 -10.31 11.85
C ARG B 93 2.34 -9.23 12.76
N LYS B 94 2.63 -9.57 13.99
CA LYS B 94 3.22 -8.57 14.92
C LYS B 94 4.64 -8.21 14.46
N THR B 95 5.50 -7.86 15.37
CA THR B 95 6.90 -7.51 14.98
C THR B 95 7.57 -8.71 14.28
N SER B 96 7.41 -8.81 12.99
CA SER B 96 8.03 -9.95 12.26
C SER B 96 8.78 -9.44 11.02
N ARG B 97 8.85 -10.24 9.99
CA ARG B 97 9.56 -9.78 8.76
C ARG B 97 8.55 -9.38 7.69
N VAL B 98 7.34 -9.08 8.08
CA VAL B 98 6.32 -8.63 7.08
C VAL B 98 5.71 -7.30 7.55
N TYR B 99 5.33 -7.24 8.80
CA TYR B 99 4.74 -5.98 9.34
C TYR B 99 5.85 -5.02 9.77
N LYS B 100 6.41 -4.29 8.86
CA LYS B 100 7.50 -3.35 9.24
C LYS B 100 7.93 -2.49 8.04
N PHE B 101 8.32 -3.11 6.96
CA PHE B 101 8.76 -2.31 5.77
C PHE B 101 7.61 -1.47 5.20
N CYS B 102 6.41 -1.69 5.66
CA CYS B 102 5.27 -0.88 5.12
C CYS B 102 4.63 -0.04 6.23
N SER B 103 4.62 -0.54 7.44
CA SER B 103 4.01 0.26 8.54
C SER B 103 4.74 1.60 8.65
N LYS B 104 6.02 1.60 8.38
CA LYS B 104 6.81 2.86 8.47
C LYS B 104 6.36 3.84 7.38
N LEU B 105 6.24 3.40 6.16
CA LEU B 105 5.81 4.33 5.08
C LEU B 105 4.33 4.69 5.25
N ALA B 106 3.59 3.86 5.95
CA ALA B 106 2.16 4.19 6.19
C ALA B 106 2.09 5.43 7.08
N GLU B 107 2.85 5.44 8.14
CA GLU B 107 2.86 6.63 9.04
C GLU B 107 3.65 7.78 8.40
N VAL B 108 4.50 7.47 7.44
CA VAL B 108 5.29 8.55 6.78
C VAL B 108 4.47 9.23 5.69
N PHE B 109 3.84 8.46 4.85
CA PHE B 109 3.08 9.07 3.73
C PHE B 109 1.82 9.72 4.28
N GLU B 110 1.19 9.11 5.24
CA GLU B 110 -0.02 9.72 5.86
C GLU B 110 0.32 11.14 6.33
N GLN B 111 1.58 11.41 6.54
CA GLN B 111 2.00 12.76 6.96
C GLN B 111 2.10 13.67 5.72
N GLU B 112 2.62 13.15 4.64
CA GLU B 112 2.79 13.99 3.42
C GLU B 112 1.55 13.95 2.54
N ILE B 113 0.42 13.57 3.08
CA ILE B 113 -0.84 13.61 2.27
C ILE B 113 -1.81 14.61 2.88
N ASP B 114 -1.85 14.69 4.18
CA ASP B 114 -2.71 15.73 4.81
C ASP B 114 -2.34 17.10 4.22
N PRO B 115 -1.06 17.37 4.15
CA PRO B 115 -0.61 18.60 3.47
C PRO B 115 -1.12 18.60 2.03
N VAL B 116 -1.16 17.43 1.42
CA VAL B 116 -1.70 17.33 0.03
C VAL B 116 -3.24 17.49 0.04
N MET B 117 -3.84 17.59 1.21
CA MET B 117 -5.32 17.78 1.32
C MET B 117 -6.10 16.50 0.99
N GLN B 118 -5.46 15.43 0.55
CA GLN B 118 -6.24 14.18 0.29
C GLN B 118 -6.94 13.80 1.59
N SER B 119 -6.27 13.97 2.69
CA SER B 119 -6.91 13.77 4.00
C SER B 119 -7.53 15.10 4.42
N LEU B 120 -6.92 16.17 3.99
CA LEU B 120 -7.44 17.54 4.28
C LEU B 120 -7.46 17.79 5.78
N GLY B 121 -8.34 17.16 6.50
CA GLY B 121 -8.41 17.44 7.94
C GLY B 121 -9.83 17.17 8.46
N SER A 1 17.89 -40.30 14.62
CA SER A 1 16.81 -39.74 13.75
C SER A 1 15.76 -39.00 14.59
N HIS A 2 16.12 -37.88 15.12
CA HIS A 2 15.14 -37.10 15.95
C HIS A 2 14.49 -36.00 15.12
N LEU A 3 13.71 -35.16 15.74
CA LEU A 3 13.03 -34.07 14.98
C LEU A 3 12.69 -32.92 15.93
N LYS A 4 13.68 -32.28 16.50
CA LYS A 4 13.41 -31.15 17.43
C LYS A 4 12.45 -31.59 18.54
N SER A 5 12.20 -30.74 19.49
CA SER A 5 11.28 -31.12 20.61
C SER A 5 10.93 -29.88 21.45
N LYS A 6 10.08 -29.03 20.95
CA LYS A 6 9.70 -27.82 21.73
C LYS A 6 8.18 -27.62 21.71
N LYS A 7 7.72 -26.45 22.05
CA LYS A 7 6.25 -26.19 22.05
C LYS A 7 5.95 -24.87 21.33
N GLY A 8 4.94 -24.85 20.51
CA GLY A 8 4.58 -23.60 19.78
C GLY A 8 3.60 -23.91 18.65
N GLN A 9 2.59 -24.69 18.93
CA GLN A 9 1.60 -25.01 17.85
C GLN A 9 0.84 -23.75 17.43
N SER A 10 0.53 -22.89 18.37
CA SER A 10 -0.20 -21.63 18.03
C SER A 10 -1.44 -21.94 17.19
N THR A 11 -1.96 -23.14 17.28
CA THR A 11 -3.18 -23.49 16.49
C THR A 11 -2.97 -23.21 15.00
N SER A 12 -3.27 -22.01 14.55
CA SER A 12 -3.08 -21.71 13.10
C SER A 12 -2.71 -20.23 12.91
N ARG A 13 -3.47 -19.34 13.51
CA ARG A 13 -3.17 -17.88 13.38
C ARG A 13 -3.17 -17.46 11.90
N HIS A 14 -2.07 -17.62 11.21
CA HIS A 14 -2.02 -17.21 9.78
C HIS A 14 -0.93 -17.97 9.04
N LYS A 15 -0.91 -17.89 7.73
CA LYS A 15 0.14 -18.63 6.96
C LYS A 15 0.87 -17.69 5.99
N LEU A 17 2.99 -14.42 4.25
CA LEU A 17 4.43 -14.09 4.35
C LEU A 17 4.86 -13.85 5.80
N MET A 18 3.93 -13.56 6.67
CA MET A 18 4.31 -13.30 8.08
C MET A 18 4.79 -14.59 8.75
N PHE A 19 5.91 -15.11 8.29
CA PHE A 19 6.47 -16.36 8.88
C PHE A 19 5.48 -17.52 8.76
N LYS A 20 5.85 -18.56 8.06
CA LYS A 20 4.93 -19.72 7.91
C LYS A 20 5.74 -21.01 7.80
N GLY B 1 -21.86 10.30 -6.96
CA GLY B 1 -22.30 11.50 -6.20
C GLY B 1 -22.12 11.25 -4.70
N SER B 2 -21.16 11.88 -4.09
CA SER B 2 -20.94 11.68 -2.64
C SER B 2 -20.16 12.87 -2.04
N HIS B 3 -19.44 12.64 -0.98
CA HIS B 3 -18.67 13.76 -0.36
C HIS B 3 -17.23 13.32 -0.10
N MET B 4 -16.56 12.81 -1.09
CA MET B 4 -15.15 12.36 -0.90
C MET B 4 -14.28 13.52 -0.39
N ARG B 5 -13.44 13.26 0.57
CA ARG B 5 -12.57 14.34 1.12
C ARG B 5 -11.26 14.43 0.33
N LYS B 6 -10.93 13.42 -0.43
CA LYS B 6 -9.65 13.45 -1.20
C LYS B 6 -9.70 14.52 -2.28
N LYS B 7 -10.84 15.11 -2.53
CA LYS B 7 -10.89 16.19 -3.56
C LYS B 7 -10.07 17.40 -3.09
N ILE B 8 -9.07 17.76 -3.85
CA ILE B 8 -8.19 18.88 -3.41
C ILE B 8 -8.49 20.14 -4.24
N PHE B 9 -8.25 20.10 -5.52
CA PHE B 9 -8.54 21.30 -6.37
C PHE B 9 -8.22 21.04 -7.85
N LYS B 10 -6.99 21.19 -8.24
CA LYS B 10 -6.63 20.98 -9.67
C LYS B 10 -5.58 19.87 -9.82
N PRO B 11 -5.64 19.17 -10.91
CA PRO B 11 -4.68 18.05 -11.15
C PRO B 11 -3.23 18.56 -11.07
N GLU B 12 -2.98 19.76 -11.52
CA GLU B 12 -1.58 20.28 -11.46
C GLU B 12 -1.18 20.57 -10.02
N GLU B 13 -1.93 21.40 -9.33
CA GLU B 13 -1.60 21.69 -7.90
C GLU B 13 -1.46 20.37 -7.14
N LEU B 14 -2.11 19.35 -7.64
CA LEU B 14 -1.99 18.03 -6.99
C LEU B 14 -0.63 17.40 -7.32
N ARG B 15 -0.15 17.56 -8.53
CA ARG B 15 1.19 17.01 -8.83
C ARG B 15 2.20 17.62 -7.86
N GLN B 16 2.03 18.87 -7.57
CA GLN B 16 2.93 19.55 -6.61
C GLN B 16 2.86 18.83 -5.25
N ALA B 17 1.70 18.83 -4.62
CA ALA B 17 1.56 18.15 -3.28
C ALA B 17 1.90 16.67 -3.40
N LEU B 18 1.59 16.08 -4.50
CA LEU B 18 1.94 14.66 -4.72
C LEU B 18 3.46 14.50 -4.73
N MET B 19 4.17 15.57 -5.01
CA MET B 19 5.67 15.48 -5.05
C MET B 19 6.25 15.25 -3.65
N PRO B 20 5.97 16.13 -2.71
CA PRO B 20 6.51 15.92 -1.34
C PRO B 20 6.06 14.56 -0.83
N THR B 21 4.79 14.24 -0.93
CA THR B 21 4.35 12.90 -0.44
C THR B 21 5.03 11.80 -1.27
N LEU B 22 5.49 12.13 -2.45
CA LEU B 22 6.22 11.13 -3.26
C LEU B 22 7.57 10.86 -2.60
N GLU B 23 8.25 11.90 -2.24
CA GLU B 23 9.55 11.75 -1.55
C GLU B 23 9.35 10.94 -0.27
N ALA B 24 8.20 11.05 0.34
CA ALA B 24 7.94 10.27 1.59
C ALA B 24 7.70 8.80 1.25
N LEU B 25 6.99 8.53 0.18
CA LEU B 25 6.71 7.12 -0.19
C LEU B 25 7.86 6.54 -1.02
N TYR B 26 8.24 7.20 -2.07
CA TYR B 26 9.35 6.66 -2.92
C TYR B 26 10.71 7.11 -2.36
N ARG B 27 11.37 6.25 -1.64
CA ARG B 27 12.70 6.61 -1.08
C ARG B 27 13.77 5.62 -1.53
N GLN B 28 13.43 4.68 -2.39
CA GLN B 28 14.44 3.69 -2.87
C GLN B 28 15.13 3.03 -1.68
N ASP B 29 14.38 2.57 -0.72
CA ASP B 29 15.00 1.91 0.47
C ASP B 29 14.35 0.55 0.72
N PRO B 30 14.89 -0.19 1.65
CA PRO B 30 14.33 -1.52 1.99
C PRO B 30 12.83 -1.41 2.27
N GLU B 31 12.39 -0.27 2.74
CA GLU B 31 10.94 -0.10 3.03
C GLU B 31 10.13 -0.14 1.74
N SER B 32 10.76 0.11 0.62
CA SER B 32 10.02 0.09 -0.67
C SER B 32 10.50 -1.08 -1.55
N LEU B 33 11.24 -2.00 -0.99
CA LEU B 33 11.73 -3.15 -1.80
C LEU B 33 10.60 -4.17 -2.03
N PRO B 34 10.00 -4.62 -0.96
CA PRO B 34 8.91 -5.63 -1.08
C PRO B 34 7.62 -4.97 -1.57
N PHE B 35 7.53 -3.67 -1.52
CA PHE B 35 6.29 -2.99 -1.97
C PHE B 35 5.94 -3.41 -3.40
N ARG B 36 6.80 -3.12 -4.33
CA ARG B 36 6.51 -3.50 -5.75
C ARG B 36 6.71 -4.99 -5.98
N GLN B 37 7.20 -5.70 -4.99
CA GLN B 37 7.38 -7.17 -5.15
C GLN B 37 6.98 -7.90 -3.85
N PRO B 38 5.73 -7.76 -3.50
CA PRO B 38 5.23 -8.38 -2.25
C PRO B 38 4.80 -9.83 -2.48
N VAL B 39 4.34 -10.49 -1.44
CA VAL B 39 3.90 -11.90 -1.58
C VAL B 39 2.98 -12.08 -2.81
N ASP B 40 1.71 -11.72 -2.70
CA ASP B 40 0.77 -11.89 -3.85
C ASP B 40 0.71 -13.36 -4.29
N PRO B 41 -0.37 -13.70 -4.96
CA PRO B 41 -0.55 -15.10 -5.43
C PRO B 41 0.46 -15.44 -6.53
N GLN B 42 1.07 -14.45 -7.13
CA GLN B 42 2.06 -14.71 -8.21
C GLN B 42 3.10 -15.73 -7.74
N LEU B 43 3.31 -15.82 -6.46
CA LEU B 43 4.31 -16.81 -5.93
C LEU B 43 3.83 -17.35 -4.59
N LEU B 44 3.06 -18.41 -4.61
CA LEU B 44 2.54 -18.97 -3.32
C LEU B 44 1.83 -17.87 -2.52
N GLY B 45 0.63 -17.54 -2.90
CA GLY B 45 -0.12 -16.48 -2.17
C GLY B 45 -0.28 -16.87 -0.70
N ILE B 46 -1.20 -16.25 -0.01
CA ILE B 46 -1.42 -16.58 1.43
C ILE B 46 -2.89 -16.91 1.69
N PRO B 47 -3.15 -17.54 2.81
CA PRO B 47 -4.52 -17.99 3.14
C PRO B 47 -5.60 -16.96 2.75
N ASP B 48 -5.64 -15.83 3.40
CA ASP B 48 -6.70 -14.84 3.06
C ASP B 48 -6.10 -13.56 2.48
N TYR B 49 -5.87 -13.53 1.20
CA TYR B 49 -5.31 -12.29 0.57
C TYR B 49 -6.40 -11.55 -0.21
N PHE B 50 -7.43 -12.24 -0.60
CA PHE B 50 -8.54 -11.57 -1.34
C PHE B 50 -9.33 -10.64 -0.42
N ASP B 51 -9.04 -10.67 0.86
CA ASP B 51 -9.78 -9.78 1.80
C ASP B 51 -8.85 -8.72 2.39
N ILE B 52 -7.57 -8.81 2.14
CA ILE B 52 -6.63 -7.79 2.68
C ILE B 52 -5.85 -7.11 1.55
N VAL B 53 -6.21 -7.35 0.31
CA VAL B 53 -5.48 -6.69 -0.81
C VAL B 53 -6.43 -6.33 -1.95
N LYS B 54 -7.38 -7.18 -2.26
CA LYS B 54 -8.32 -6.90 -3.40
C LYS B 54 -7.55 -6.88 -4.73
N ASN B 55 -6.77 -5.87 -4.96
CA ASN B 55 -5.97 -5.81 -6.22
C ASN B 55 -4.62 -5.14 -5.95
N PRO B 56 -3.62 -5.94 -5.71
CA PRO B 56 -2.28 -5.41 -5.40
C PRO B 56 -1.51 -5.05 -6.67
N MET B 57 -0.91 -3.90 -6.68
CA MET B 57 -0.08 -3.51 -7.86
C MET B 57 1.39 -3.41 -7.42
N ASP B 58 2.12 -2.47 -7.94
CA ASP B 58 3.53 -2.31 -7.51
C ASP B 58 3.83 -0.82 -7.25
N LEU B 59 4.62 -0.52 -6.25
CA LEU B 59 4.93 0.91 -5.99
C LEU B 59 5.62 1.50 -7.21
N SER B 60 6.50 0.76 -7.82
CA SER B 60 7.16 1.27 -9.06
C SER B 60 6.11 1.49 -10.16
N THR B 61 5.02 0.75 -10.11
CA THR B 61 3.95 0.92 -11.13
C THR B 61 3.24 2.28 -10.93
N ILE B 62 2.68 2.51 -9.78
CA ILE B 62 1.99 3.81 -9.57
C ILE B 62 2.99 4.95 -9.78
N LYS B 63 4.17 4.82 -9.25
CA LYS B 63 5.18 5.90 -9.45
C LYS B 63 5.53 6.00 -10.94
N ARG B 64 5.33 4.94 -11.68
CA ARG B 64 5.63 4.99 -13.13
C ARG B 64 4.58 5.85 -13.86
N LYS B 65 3.36 5.81 -13.40
CA LYS B 65 2.31 6.65 -14.05
C LYS B 65 1.84 7.74 -13.07
N LEU B 66 2.69 8.11 -12.17
CA LEU B 66 2.34 9.15 -11.16
C LEU B 66 3.21 10.39 -11.38
N ASP B 67 4.41 10.19 -11.86
CA ASP B 67 5.30 11.35 -12.15
C ASP B 67 5.26 11.67 -13.64
N THR B 68 4.20 11.29 -14.30
CA THR B 68 4.10 11.54 -15.77
C THR B 68 2.85 12.37 -16.08
N GLY B 69 2.00 12.61 -15.11
CA GLY B 69 0.77 13.40 -15.37
C GLY B 69 -0.44 12.47 -15.39
N GLN B 70 -0.22 11.21 -15.63
CA GLN B 70 -1.37 10.25 -15.66
C GLN B 70 -2.11 10.25 -14.33
N TYR B 71 -1.39 10.15 -13.24
CA TYR B 71 -2.07 10.15 -11.91
C TYR B 71 -1.65 11.37 -11.09
N GLN B 72 -2.52 12.34 -10.97
CA GLN B 72 -2.17 13.55 -10.18
C GLN B 72 -3.33 13.92 -9.25
N GLU B 73 -3.90 12.96 -8.63
CA GLU B 73 -5.03 13.22 -7.70
C GLU B 73 -4.99 12.21 -6.55
N PRO B 74 -5.22 12.67 -5.35
CA PRO B 74 -5.20 11.76 -4.19
C PRO B 74 -6.20 10.61 -4.41
N TRP B 75 -7.27 10.85 -5.10
CA TRP B 75 -8.25 9.75 -5.35
C TRP B 75 -7.53 8.57 -6.02
N GLN B 76 -7.17 8.71 -7.26
CA GLN B 76 -6.45 7.60 -7.96
C GLN B 76 -5.14 7.28 -7.23
N TYR B 77 -4.43 8.30 -6.82
CA TYR B 77 -3.15 8.07 -6.10
C TYR B 77 -3.39 7.27 -4.81
N VAL B 78 -4.12 7.84 -3.88
CA VAL B 78 -4.39 7.11 -2.60
C VAL B 78 -4.97 5.73 -2.90
N ASP B 79 -5.76 5.62 -3.93
CA ASP B 79 -6.36 4.30 -4.28
C ASP B 79 -5.24 3.27 -4.46
N ASP B 80 -4.36 3.50 -5.38
CA ASP B 80 -3.23 2.54 -5.60
C ASP B 80 -2.31 2.53 -4.38
N VAL B 81 -1.84 3.68 -3.96
CA VAL B 81 -0.95 3.74 -2.76
C VAL B 81 -1.56 2.93 -1.62
N TRP B 82 -2.62 3.44 -1.04
CA TRP B 82 -3.30 2.72 0.07
C TRP B 82 -3.50 1.25 -0.29
N LEU B 83 -4.04 1.00 -1.45
CA LEU B 83 -4.25 -0.41 -1.85
C LEU B 83 -2.90 -1.13 -1.86
N MET B 84 -1.86 -0.40 -2.11
CA MET B 84 -0.50 -1.00 -2.08
C MET B 84 0.01 -1.00 -0.64
N PHE B 85 -0.47 -0.09 0.15
CA PHE B 85 -0.05 -0.02 1.58
C PHE B 85 -0.84 -1.05 2.39
N ASN B 86 -2.16 -1.01 2.31
CA ASN B 86 -2.99 -2.00 3.05
C ASN B 86 -2.64 -3.41 2.60
N ASN B 87 -2.31 -3.59 1.35
CA ASN B 87 -1.93 -4.93 0.84
C ASN B 87 -0.86 -5.54 1.76
N ALA B 88 -0.12 -4.71 2.44
CA ALA B 88 0.93 -5.22 3.37
C ALA B 88 0.75 -4.62 4.75
N TRP B 89 -0.47 -4.41 5.16
CA TRP B 89 -0.69 -3.77 6.49
C TRP B 89 -1.89 -4.42 7.20
N LEU B 90 -2.98 -4.62 6.50
CA LEU B 90 -4.17 -5.25 7.13
C LEU B 90 -3.77 -6.56 7.83
N TYR B 91 -3.02 -7.39 7.16
CA TYR B 91 -2.58 -8.67 7.78
C TYR B 91 -1.07 -8.69 7.92
N ASN B 92 -0.47 -7.54 8.06
CA ASN B 92 1.01 -7.47 8.16
C ASN B 92 1.45 -6.86 9.49
N ARG B 93 1.03 -7.42 10.60
CA ARG B 93 1.45 -6.85 11.91
C ARG B 93 0.93 -7.69 13.08
N LYS B 94 1.81 -8.06 13.96
CA LYS B 94 1.42 -8.87 15.16
C LYS B 94 2.69 -9.20 15.96
N THR B 95 3.61 -9.89 15.36
CA THR B 95 4.88 -10.24 16.06
C THR B 95 5.77 -11.06 15.12
N SER B 96 6.18 -10.49 14.01
CA SER B 96 6.99 -11.27 13.05
C SER B 96 7.81 -10.37 12.12
N ARG B 97 7.97 -10.74 10.87
CA ARG B 97 8.80 -9.95 9.93
C ARG B 97 7.97 -9.33 8.81
N VAL B 98 7.04 -8.47 9.12
CA VAL B 98 6.22 -7.89 8.04
C VAL B 98 5.89 -6.42 8.35
N TYR B 99 5.42 -6.14 9.54
CA TYR B 99 5.13 -4.73 9.90
C TYR B 99 6.44 -3.95 10.07
N LYS B 100 7.19 -3.79 9.03
CA LYS B 100 8.47 -3.05 9.14
C LYS B 100 8.83 -2.37 7.82
N PHE B 101 8.95 -3.12 6.76
CA PHE B 101 9.29 -2.49 5.45
C PHE B 101 8.14 -1.60 4.98
N CYS B 102 6.99 -1.70 5.59
CA CYS B 102 5.86 -0.83 5.16
C CYS B 102 5.51 0.17 6.26
N SER B 103 5.78 -0.16 7.49
CA SER B 103 5.47 0.79 8.60
C SER B 103 6.13 2.14 8.34
N LYS B 104 7.31 2.14 7.77
CA LYS B 104 8.01 3.42 7.50
C LYS B 104 7.33 4.18 6.36
N LEU B 105 7.26 3.59 5.20
CA LEU B 105 6.63 4.29 4.04
C LEU B 105 5.18 4.66 4.37
N ALA B 106 4.48 3.79 5.04
CA ALA B 106 3.05 4.09 5.38
C ALA B 106 2.96 5.28 6.34
N GLU B 107 3.85 5.36 7.29
CA GLU B 107 3.79 6.48 8.28
C GLU B 107 4.30 7.78 7.66
N VAL B 108 5.36 7.74 6.90
CA VAL B 108 5.93 8.98 6.30
C VAL B 108 4.97 9.57 5.27
N PHE B 109 4.35 8.75 4.46
CA PHE B 109 3.43 9.31 3.42
C PHE B 109 2.08 9.70 4.05
N GLU B 110 1.57 8.90 4.95
CA GLU B 110 0.28 9.28 5.61
C GLU B 110 0.43 10.67 6.21
N GLN B 111 1.63 11.06 6.52
CA GLN B 111 1.88 12.42 7.04
C GLN B 111 1.90 13.40 5.88
N GLU B 112 2.31 12.95 4.72
CA GLU B 112 2.43 13.90 3.58
C GLU B 112 1.11 14.02 2.82
N ILE B 113 0.16 13.17 3.09
CA ILE B 113 -1.12 13.26 2.35
C ILE B 113 -2.07 14.23 3.04
N ASP B 114 -2.09 14.27 4.35
CA ASP B 114 -2.93 15.28 5.02
C ASP B 114 -2.53 16.67 4.49
N PRO B 115 -1.23 16.93 4.49
CA PRO B 115 -0.71 18.16 3.87
C PRO B 115 -1.19 18.25 2.42
N VAL B 116 -1.32 17.14 1.75
CA VAL B 116 -1.85 17.15 0.35
C VAL B 116 -3.35 17.47 0.35
N MET B 117 -3.95 17.59 1.52
CA MET B 117 -5.41 17.93 1.63
C MET B 117 -6.28 16.72 1.28
N GLN B 118 -5.68 15.58 1.02
CA GLN B 118 -6.49 14.37 0.74
C GLN B 118 -7.33 14.06 2.00
N SER B 119 -6.70 13.98 3.13
CA SER B 119 -7.44 13.69 4.38
C SER B 119 -8.13 14.95 4.90
N LEU B 120 -7.56 16.10 4.63
CA LEU B 120 -8.14 17.39 5.11
C LEU B 120 -8.14 17.45 6.64
N GLY B 121 -8.93 16.65 7.28
CA GLY B 121 -8.97 16.66 8.78
C GLY B 121 -9.88 15.55 9.28
N SER A 1 -18.43 -43.25 9.26
CA SER A 1 -18.89 -41.84 9.43
C SER A 1 -17.92 -40.88 8.72
N HIS A 2 -18.28 -40.42 7.56
CA HIS A 2 -17.38 -39.48 6.82
C HIS A 2 -15.97 -40.08 6.69
N LEU A 3 -15.04 -39.32 6.16
CA LEU A 3 -13.66 -39.84 6.01
C LEU A 3 -12.80 -39.43 7.21
N LYS A 4 -11.78 -40.19 7.52
CA LYS A 4 -10.91 -39.84 8.67
C LYS A 4 -10.28 -38.46 8.46
N SER A 5 -10.90 -37.44 8.99
CA SER A 5 -10.33 -36.07 8.82
C SER A 5 -9.91 -35.50 10.18
N LYS A 6 -9.35 -36.32 11.03
CA LYS A 6 -8.92 -35.83 12.37
C LYS A 6 -7.92 -36.82 13.00
N LYS A 7 -6.75 -36.95 12.43
CA LYS A 7 -5.75 -37.88 12.99
C LYS A 7 -4.33 -37.35 12.74
N GLY A 8 -3.50 -37.35 13.75
CA GLY A 8 -2.12 -36.85 13.58
C GLY A 8 -2.13 -35.32 13.58
N GLN A 9 -1.52 -34.69 12.61
CA GLN A 9 -1.50 -33.21 12.56
C GLN A 9 -1.46 -32.72 11.11
N SER A 10 -2.59 -32.34 10.58
CA SER A 10 -2.63 -31.84 9.18
C SER A 10 -3.87 -30.99 8.94
N THR A 11 -3.78 -29.72 9.26
CA THR A 11 -4.96 -28.83 9.06
C THR A 11 -4.76 -27.95 7.82
N SER A 12 -3.79 -27.06 7.86
CA SER A 12 -3.55 -26.17 6.69
C SER A 12 -2.17 -25.51 6.80
N ARG A 13 -1.89 -24.90 7.92
CA ARG A 13 -0.57 -24.23 8.09
C ARG A 13 -0.30 -23.27 6.92
N HIS A 14 -1.11 -22.25 6.79
CA HIS A 14 -0.91 -21.29 5.67
C HIS A 14 -1.12 -19.85 6.17
N LYS A 15 -0.07 -19.20 6.56
CA LYS A 15 -0.20 -17.79 7.04
C LYS A 15 0.61 -16.85 6.14
N LEU A 17 2.89 -14.47 3.78
CA LEU A 17 4.37 -14.36 3.86
C LEU A 17 4.83 -14.31 5.31
N MET A 18 3.95 -13.95 6.21
CA MET A 18 4.35 -13.87 7.64
C MET A 18 4.64 -15.28 8.17
N PHE A 19 5.68 -15.90 7.68
CA PHE A 19 6.03 -17.28 8.14
C PHE A 19 4.89 -18.25 7.85
N LYS A 20 4.86 -18.83 6.68
CA LYS A 20 3.76 -19.78 6.34
C LYS A 20 4.11 -21.19 6.82
N GLY B 1 -17.82 17.58 -5.72
CA GLY B 1 -18.76 18.69 -6.06
C GLY B 1 -18.88 19.64 -4.88
N SER B 2 -20.05 19.74 -4.30
CA SER B 2 -20.23 20.64 -3.14
C SER B 2 -19.42 20.14 -1.94
N HIS B 3 -19.44 18.85 -1.70
CA HIS B 3 -18.66 18.30 -0.56
C HIS B 3 -17.16 18.44 -0.82
N MET B 4 -16.43 19.03 0.08
CA MET B 4 -14.98 19.19 -0.13
C MET B 4 -14.19 18.32 0.85
N ARG B 5 -13.88 17.11 0.47
CA ARG B 5 -13.10 16.23 1.38
C ARG B 5 -11.80 15.76 0.72
N LYS B 6 -11.89 14.84 -0.20
CA LYS B 6 -10.66 14.34 -0.87
C LYS B 6 -10.39 15.10 -2.17
N LYS B 7 -11.15 16.12 -2.46
CA LYS B 7 -10.87 16.92 -3.68
C LYS B 7 -9.84 18.00 -3.34
N ILE B 8 -8.77 18.05 -4.07
CA ILE B 8 -7.68 19.01 -3.73
C ILE B 8 -7.82 20.29 -4.56
N PHE B 9 -7.76 20.17 -5.86
CA PHE B 9 -7.90 21.39 -6.72
C PHE B 9 -7.83 21.02 -8.21
N LYS B 10 -6.65 20.88 -8.73
CA LYS B 10 -6.53 20.52 -10.18
C LYS B 10 -5.54 19.36 -10.37
N PRO B 11 -5.72 18.63 -11.45
CA PRO B 11 -4.83 17.47 -11.73
C PRO B 11 -3.36 17.90 -11.69
N GLU B 12 -3.05 19.06 -12.19
CA GLU B 12 -1.63 19.51 -12.14
C GLU B 12 -1.22 19.80 -10.69
N GLU B 13 -1.98 20.63 -10.02
CA GLU B 13 -1.66 20.91 -8.59
C GLU B 13 -1.50 19.61 -7.82
N LEU B 14 -2.15 18.57 -8.29
CA LEU B 14 -2.01 17.26 -7.63
C LEU B 14 -0.67 16.63 -7.98
N ARG B 15 -0.23 16.79 -9.21
CA ARG B 15 1.13 16.26 -9.56
C ARG B 15 2.14 16.86 -8.59
N GLN B 16 1.91 18.09 -8.21
CA GLN B 16 2.82 18.74 -7.24
C GLN B 16 2.71 18.05 -5.87
N ALA B 17 1.62 18.25 -5.16
CA ALA B 17 1.45 17.60 -3.82
C ALA B 17 1.83 16.12 -3.89
N LEU B 18 1.48 15.46 -4.96
CA LEU B 18 1.82 14.03 -5.10
C LEU B 18 3.34 13.85 -5.21
N MET B 19 4.04 14.85 -5.68
CA MET B 19 5.53 14.70 -5.80
C MET B 19 6.18 14.55 -4.41
N PRO B 20 6.00 15.50 -3.53
CA PRO B 20 6.63 15.37 -2.18
C PRO B 20 6.10 14.16 -1.42
N THR B 21 4.80 13.96 -1.39
CA THR B 21 4.25 12.81 -0.61
C THR B 21 4.83 11.48 -1.09
N LEU B 22 4.90 11.25 -2.38
CA LEU B 22 5.50 9.98 -2.87
C LEU B 22 7.03 10.09 -2.80
N GLU B 23 7.55 11.28 -2.75
CA GLU B 23 9.02 11.45 -2.62
C GLU B 23 9.45 11.04 -1.21
N ALA B 24 8.56 11.19 -0.26
CA ALA B 24 8.89 10.78 1.13
C ALA B 24 8.50 9.32 1.33
N LEU B 25 7.55 8.85 0.56
CA LEU B 25 7.10 7.44 0.68
C LEU B 25 7.94 6.56 -0.26
N TYR B 26 8.20 7.03 -1.45
CA TYR B 26 8.96 6.20 -2.42
C TYR B 26 10.32 6.84 -2.73
N ARG B 27 11.37 6.29 -2.17
CA ARG B 27 12.72 6.85 -2.40
C ARG B 27 13.71 5.73 -2.73
N GLN B 28 14.28 5.10 -1.74
CA GLN B 28 15.26 4.00 -2.01
C GLN B 28 15.77 3.42 -0.69
N ASP B 29 14.91 3.22 0.26
CA ASP B 29 15.35 2.67 1.57
C ASP B 29 14.82 1.25 1.76
N PRO B 30 15.22 0.62 2.84
CA PRO B 30 14.77 -0.76 3.13
C PRO B 30 13.25 -0.79 3.28
N GLU B 31 12.67 0.28 3.76
CA GLU B 31 11.19 0.32 3.93
C GLU B 31 10.50 0.32 2.57
N SER B 32 11.16 0.80 1.55
CA SER B 32 10.53 0.83 0.20
C SER B 32 11.10 -0.28 -0.69
N LEU B 33 11.87 -1.19 -0.15
CA LEU B 33 12.44 -2.28 -0.98
C LEU B 33 11.36 -3.32 -1.31
N PRO B 34 10.76 -3.87 -0.27
CA PRO B 34 9.69 -4.89 -0.49
C PRO B 34 8.39 -4.22 -0.95
N PHE B 35 8.33 -2.92 -0.98
CA PHE B 35 7.09 -2.23 -1.40
C PHE B 35 6.85 -2.42 -2.90
N ARG B 36 7.86 -2.29 -3.71
CA ARG B 36 7.68 -2.49 -5.17
C ARG B 36 7.95 -3.95 -5.54
N GLN B 37 7.91 -4.84 -4.58
CA GLN B 37 8.13 -6.28 -4.87
C GLN B 37 7.38 -7.13 -3.82
N PRO B 38 6.13 -6.83 -3.61
CA PRO B 38 5.34 -7.56 -2.59
C PRO B 38 4.94 -8.95 -3.10
N VAL B 39 4.36 -9.75 -2.25
CA VAL B 39 3.96 -11.13 -2.68
C VAL B 39 3.05 -11.07 -3.91
N ASP B 40 1.91 -10.43 -3.84
CA ASP B 40 0.98 -10.37 -5.01
C ASP B 40 0.58 -11.78 -5.45
N PRO B 41 -0.53 -11.87 -6.14
CA PRO B 41 -1.01 -13.19 -6.62
C PRO B 41 -0.07 -13.75 -7.70
N GLN B 42 0.70 -12.89 -8.32
CA GLN B 42 1.63 -13.36 -9.38
C GLN B 42 2.54 -14.46 -8.84
N LEU B 43 2.96 -14.36 -7.60
CA LEU B 43 3.84 -15.41 -7.03
C LEU B 43 3.02 -16.58 -6.52
N LEU B 44 2.51 -16.50 -5.31
CA LEU B 44 1.71 -17.62 -4.75
C LEU B 44 0.36 -17.13 -4.22
N GLY B 45 0.16 -15.83 -4.16
CA GLY B 45 -1.13 -15.31 -3.63
C GLY B 45 -1.40 -15.92 -2.25
N ILE B 46 -0.96 -15.27 -1.21
CA ILE B 46 -1.17 -15.83 0.15
C ILE B 46 -2.66 -16.17 0.37
N PRO B 47 -2.97 -16.74 1.52
CA PRO B 47 -4.35 -17.18 1.80
C PRO B 47 -5.33 -16.00 1.83
N ASP B 48 -6.49 -16.16 1.24
CA ASP B 48 -7.50 -15.08 1.24
C ASP B 48 -6.87 -13.75 0.81
N TYR B 49 -6.43 -13.65 -0.42
CA TYR B 49 -5.83 -12.37 -0.88
C TYR B 49 -6.87 -11.57 -1.67
N PHE B 50 -7.72 -10.87 -0.99
CA PHE B 50 -8.76 -10.05 -1.67
C PHE B 50 -9.53 -9.24 -0.62
N ASP B 51 -9.76 -9.82 0.53
CA ASP B 51 -10.41 -9.05 1.62
C ASP B 51 -9.32 -8.23 2.32
N ILE B 52 -8.10 -8.72 2.25
CA ILE B 52 -6.95 -7.96 2.82
C ILE B 52 -6.26 -7.17 1.72
N VAL B 53 -6.55 -7.47 0.48
CA VAL B 53 -5.91 -6.73 -0.66
C VAL B 53 -6.71 -6.94 -1.94
N LYS B 54 -7.64 -6.08 -2.21
CA LYS B 54 -8.47 -6.22 -3.43
C LYS B 54 -7.61 -6.08 -4.69
N ASN B 55 -6.63 -5.23 -4.65
CA ASN B 55 -5.75 -5.04 -5.85
C ASN B 55 -4.35 -4.57 -5.43
N PRO B 56 -3.44 -5.51 -5.35
CA PRO B 56 -2.06 -5.17 -4.93
C PRO B 56 -1.25 -4.60 -6.11
N MET B 57 -0.19 -3.91 -5.82
CA MET B 57 0.66 -3.34 -6.90
C MET B 57 2.10 -3.17 -6.41
N ASP B 58 2.90 -2.43 -7.13
CA ASP B 58 4.30 -2.20 -6.68
C ASP B 58 4.57 -0.69 -6.59
N LEU B 59 5.20 -0.25 -5.53
CA LEU B 59 5.48 1.22 -5.41
C LEU B 59 6.16 1.73 -6.67
N SER B 60 6.80 0.86 -7.42
CA SER B 60 7.44 1.29 -8.68
C SER B 60 6.36 1.45 -9.77
N THR B 61 5.31 0.67 -9.67
CA THR B 61 4.20 0.78 -10.66
C THR B 61 3.46 2.10 -10.43
N ILE B 62 2.88 2.28 -9.28
CA ILE B 62 2.16 3.56 -9.00
C ILE B 62 3.08 4.75 -9.27
N LYS B 63 4.36 4.53 -9.22
CA LYS B 63 5.32 5.65 -9.50
C LYS B 63 5.51 5.78 -11.01
N ARG B 64 5.59 4.68 -11.70
CA ARG B 64 5.72 4.75 -13.17
C ARG B 64 4.49 5.43 -13.76
N LYS B 65 3.41 5.50 -13.02
CA LYS B 65 2.19 6.17 -13.54
C LYS B 65 1.93 7.48 -12.81
N LEU B 66 2.49 7.63 -11.62
CA LEU B 66 2.27 8.89 -10.86
C LEU B 66 2.81 10.09 -11.63
N ASP B 67 3.94 9.95 -12.26
CA ASP B 67 4.53 11.08 -13.03
C ASP B 67 3.74 11.32 -14.32
N THR B 68 3.55 10.29 -15.11
CA THR B 68 2.80 10.44 -16.38
C THR B 68 1.51 11.24 -16.19
N GLY B 69 0.85 11.04 -15.08
CA GLY B 69 -0.43 11.76 -14.84
C GLY B 69 -1.58 10.75 -14.83
N GLN B 70 -1.29 9.49 -14.64
CA GLN B 70 -2.38 8.48 -14.59
C GLN B 70 -2.96 8.43 -13.17
N TYR B 71 -2.18 8.85 -12.19
CA TYR B 71 -2.67 8.86 -10.80
C TYR B 71 -2.44 10.23 -10.16
N GLN B 72 -2.37 11.26 -10.98
CA GLN B 72 -2.15 12.63 -10.42
C GLN B 72 -3.40 13.10 -9.67
N GLU B 73 -3.69 12.44 -8.59
CA GLU B 73 -4.87 12.80 -7.75
C GLU B 73 -4.92 11.84 -6.56
N PRO B 74 -5.11 12.36 -5.38
CA PRO B 74 -5.15 11.49 -4.18
C PRO B 74 -6.10 10.31 -4.41
N TRP B 75 -7.21 10.54 -5.05
CA TRP B 75 -8.15 9.41 -5.32
C TRP B 75 -7.40 8.22 -5.94
N GLN B 76 -6.88 8.39 -7.12
CA GLN B 76 -6.12 7.28 -7.76
C GLN B 76 -4.84 7.00 -6.97
N TYR B 77 -4.02 8.00 -6.79
CA TYR B 77 -2.75 7.81 -6.01
C TYR B 77 -3.05 7.08 -4.70
N VAL B 78 -3.79 7.69 -3.81
CA VAL B 78 -4.07 7.02 -2.52
C VAL B 78 -4.73 5.65 -2.77
N ASP B 79 -5.56 5.55 -3.77
CA ASP B 79 -6.22 4.23 -4.05
C ASP B 79 -5.14 3.16 -4.26
N ASP B 80 -3.97 3.56 -4.67
CA ASP B 80 -2.88 2.57 -4.86
C ASP B 80 -1.90 2.64 -3.68
N VAL B 81 -1.77 3.78 -3.07
CA VAL B 81 -0.85 3.91 -1.90
C VAL B 81 -1.48 3.26 -0.67
N TRP B 82 -2.59 3.78 -0.24
CA TRP B 82 -3.28 3.21 0.96
C TRP B 82 -3.56 1.73 0.75
N LEU B 83 -3.69 1.31 -0.47
CA LEU B 83 -3.95 -0.11 -0.73
C LEU B 83 -2.67 -0.89 -0.43
N MET B 84 -1.57 -0.41 -0.91
CA MET B 84 -0.28 -1.03 -0.58
C MET B 84 -0.08 -0.94 0.92
N PHE B 85 -0.64 0.06 1.54
CA PHE B 85 -0.53 0.18 3.02
C PHE B 85 -1.59 -0.69 3.71
N ASN B 86 -2.48 -1.27 2.95
CA ASN B 86 -3.50 -2.17 3.56
C ASN B 86 -3.18 -3.62 3.20
N ASN B 87 -2.89 -3.89 1.96
CA ASN B 87 -2.52 -5.27 1.55
C ASN B 87 -1.40 -5.78 2.44
N ALA B 88 -0.24 -5.16 2.35
CA ALA B 88 0.89 -5.58 3.21
C ALA B 88 0.74 -4.94 4.59
N TRP B 89 -0.37 -5.17 5.25
CA TRP B 89 -0.59 -4.56 6.59
C TRP B 89 -1.72 -5.28 7.33
N LEU B 90 -2.75 -5.67 6.63
CA LEU B 90 -3.90 -6.36 7.31
C LEU B 90 -3.50 -7.74 7.82
N TYR B 91 -3.07 -8.61 6.93
CA TYR B 91 -2.69 -9.99 7.36
C TYR B 91 -1.26 -10.02 7.91
N ASN B 92 -0.65 -8.89 8.11
CA ASN B 92 0.74 -8.88 8.65
C ASN B 92 0.72 -9.26 10.13
N ARG B 93 1.80 -9.03 10.84
CA ARG B 93 1.83 -9.40 12.28
C ARG B 93 2.09 -8.18 13.15
N LYS B 94 2.05 -8.33 14.45
CA LYS B 94 2.30 -7.18 15.36
C LYS B 94 3.76 -6.73 15.24
N THR B 95 4.66 -7.64 14.98
CA THR B 95 6.09 -7.25 14.83
C THR B 95 6.91 -8.43 14.32
N SER B 96 6.89 -8.66 13.04
CA SER B 96 7.66 -9.80 12.47
C SER B 96 8.39 -9.38 11.18
N ARG B 97 8.53 -10.26 10.24
CA ARG B 97 9.22 -9.89 8.97
C ARG B 97 8.21 -9.40 7.93
N VAL B 98 7.09 -8.91 8.37
CA VAL B 98 6.06 -8.42 7.41
C VAL B 98 5.53 -7.06 7.86
N TYR B 99 5.30 -6.90 9.14
CA TYR B 99 4.80 -5.60 9.64
C TYR B 99 5.97 -4.70 10.06
N LYS B 100 6.78 -4.29 9.11
CA LYS B 100 7.95 -3.43 9.45
C LYS B 100 8.32 -2.56 8.26
N PHE B 101 8.69 -3.16 7.15
CA PHE B 101 9.05 -2.35 5.95
C PHE B 101 7.89 -1.43 5.56
N CYS B 102 6.70 -1.72 6.01
CA CYS B 102 5.54 -0.84 5.68
C CYS B 102 5.14 0.00 6.90
N SER B 103 5.56 -0.41 8.07
CA SER B 103 5.21 0.39 9.28
C SER B 103 5.81 1.79 9.18
N LYS B 104 7.00 1.90 8.64
CA LYS B 104 7.64 3.23 8.51
C LYS B 104 7.04 4.00 7.33
N LEU B 105 7.07 3.44 6.16
CA LEU B 105 6.52 4.16 4.98
C LEU B 105 5.05 4.49 5.21
N ALA B 106 4.33 3.67 5.91
CA ALA B 106 2.89 3.97 6.18
C ALA B 106 2.78 5.12 7.18
N GLU B 107 3.52 5.06 8.25
CA GLU B 107 3.45 6.14 9.27
C GLU B 107 3.99 7.46 8.72
N VAL B 108 4.71 7.43 7.63
CA VAL B 108 5.26 8.70 7.08
C VAL B 108 4.45 9.20 5.89
N PHE B 109 3.91 8.31 5.08
CA PHE B 109 3.09 8.78 3.93
C PHE B 109 1.79 9.40 4.46
N GLU B 110 1.18 8.75 5.42
CA GLU B 110 -0.07 9.32 6.01
C GLU B 110 0.21 10.75 6.49
N GLN B 111 1.46 11.08 6.72
CA GLN B 111 1.80 12.47 7.10
C GLN B 111 1.94 13.30 5.83
N GLU B 112 2.37 12.69 4.74
CA GLU B 112 2.57 13.49 3.50
C GLU B 112 1.33 13.40 2.60
N ILE B 113 0.21 13.00 3.15
CA ILE B 113 -1.05 13.04 2.34
C ILE B 113 -1.95 14.13 2.88
N ASP B 114 -1.92 14.35 4.17
CA ASP B 114 -2.72 15.50 4.71
C ASP B 114 -2.31 16.78 3.97
N PRO B 115 -1.02 16.96 3.79
CA PRO B 115 -0.55 18.10 2.97
C PRO B 115 -1.12 17.95 1.55
N VAL B 116 -1.22 16.74 1.06
CA VAL B 116 -1.85 16.53 -0.28
C VAL B 116 -3.34 16.85 -0.20
N MET B 117 -3.85 16.97 1.00
CA MET B 117 -5.29 17.32 1.23
C MET B 117 -6.23 16.14 1.01
N GLN B 118 -5.75 14.94 0.75
CA GLN B 118 -6.71 13.78 0.68
C GLN B 118 -7.39 13.74 2.04
N SER B 119 -6.58 13.89 3.05
CA SER B 119 -7.08 13.93 4.44
C SER B 119 -7.40 15.38 4.77
N LEU B 120 -6.52 16.27 4.37
CA LEU B 120 -6.74 17.72 4.58
C LEU B 120 -7.20 18.02 6.01
N GLY B 121 -8.47 17.91 6.26
CA GLY B 121 -8.96 18.19 7.62
C GLY B 121 -10.13 19.18 7.57
N SER A 1 -12.54 -21.97 10.06
CA SER A 1 -13.55 -23.00 10.43
C SER A 1 -14.70 -22.36 11.21
N HIS A 2 -15.92 -22.65 10.84
CA HIS A 2 -17.08 -22.05 11.55
C HIS A 2 -17.22 -22.67 12.94
N LEU A 3 -17.84 -21.96 13.86
CA LEU A 3 -18.01 -22.51 15.23
C LEU A 3 -16.66 -22.96 15.80
N LYS A 4 -15.62 -22.19 15.58
CA LYS A 4 -14.29 -22.58 16.11
C LYS A 4 -14.30 -22.55 17.64
N SER A 5 -13.58 -23.45 18.25
CA SER A 5 -13.54 -23.48 19.74
C SER A 5 -12.49 -24.46 20.23
N LYS A 6 -12.51 -25.67 19.74
CA LYS A 6 -11.51 -26.68 20.17
C LYS A 6 -10.09 -26.14 19.98
N LYS A 7 -9.28 -26.23 21.00
CA LYS A 7 -7.88 -25.71 20.88
C LYS A 7 -6.92 -26.86 20.55
N GLY A 8 -5.87 -26.58 19.84
CA GLY A 8 -4.90 -27.65 19.49
C GLY A 8 -3.76 -27.06 18.66
N GLN A 9 -3.71 -27.38 17.38
CA GLN A 9 -2.63 -26.84 16.53
C GLN A 9 -3.02 -25.45 16.00
N SER A 10 -4.30 -25.18 15.94
CA SER A 10 -4.76 -23.85 15.44
C SER A 10 -4.24 -23.59 14.02
N THR A 11 -5.11 -23.64 13.05
CA THR A 11 -4.65 -23.40 11.64
C THR A 11 -4.82 -21.92 11.28
N SER A 12 -3.78 -21.14 11.47
CA SER A 12 -3.88 -19.70 11.14
C SER A 12 -3.67 -19.49 9.64
N ARG A 13 -4.44 -20.15 8.82
CA ARG A 13 -4.29 -19.98 7.34
C ARG A 13 -2.84 -20.23 6.94
N HIS A 14 -2.40 -19.60 5.87
CA HIS A 14 -0.99 -19.81 5.42
C HIS A 14 -0.06 -18.80 6.13
N LYS A 15 1.22 -19.02 6.06
CA LYS A 15 2.17 -18.10 6.75
C LYS A 15 2.51 -16.89 5.87
N LEU A 17 3.85 -14.06 3.21
CA LEU A 17 5.29 -13.67 3.01
C LEU A 17 6.05 -13.67 4.33
N MET A 18 5.40 -13.27 5.40
CA MET A 18 6.10 -13.23 6.73
C MET A 18 6.83 -14.56 7.00
N PHE A 19 6.40 -15.62 6.39
CA PHE A 19 7.10 -16.93 6.60
C PHE A 19 6.62 -17.96 5.57
N LYS A 20 6.99 -17.79 4.34
CA LYS A 20 6.55 -18.76 3.29
C LYS A 20 7.01 -20.17 3.65
N GLY B 1 -18.56 15.38 -2.33
CA GLY B 1 -19.90 16.02 -2.24
C GLY B 1 -19.79 17.49 -2.66
N SER B 2 -20.10 18.40 -1.77
CA SER B 2 -20.02 19.84 -2.12
C SER B 2 -18.79 20.47 -1.49
N HIS B 3 -18.52 20.15 -0.25
CA HIS B 3 -17.32 20.73 0.42
C HIS B 3 -16.02 20.17 -0.20
N MET B 4 -16.12 19.19 -1.06
CA MET B 4 -14.90 18.60 -1.69
C MET B 4 -13.96 18.05 -0.62
N ARG B 5 -13.12 17.11 -0.98
CA ARG B 5 -12.17 16.54 0.01
C ARG B 5 -10.94 15.96 -0.69
N LYS B 6 -11.07 14.82 -1.30
CA LYS B 6 -9.89 14.21 -1.99
C LYS B 6 -9.65 14.87 -3.35
N LYS B 7 -10.40 15.89 -3.69
CA LYS B 7 -10.17 16.56 -5.00
C LYS B 7 -9.18 17.71 -4.82
N ILE B 8 -9.05 18.18 -3.63
CA ILE B 8 -8.06 19.27 -3.31
C ILE B 8 -8.39 20.54 -4.11
N PHE B 9 -8.10 20.58 -5.39
CA PHE B 9 -8.40 21.81 -6.17
C PHE B 9 -8.09 21.61 -7.66
N LYS B 10 -6.83 21.51 -8.02
CA LYS B 10 -6.49 21.36 -9.47
C LYS B 10 -5.53 20.19 -9.70
N PRO B 11 -5.65 19.54 -10.83
CA PRO B 11 -4.79 18.38 -11.14
C PRO B 11 -3.31 18.76 -11.08
N GLU B 12 -2.95 19.91 -11.56
CA GLU B 12 -1.51 20.32 -11.50
C GLU B 12 -1.11 20.54 -10.05
N GLU B 13 -1.87 21.33 -9.33
CA GLU B 13 -1.55 21.57 -7.89
C GLU B 13 -1.38 20.23 -7.18
N LEU B 14 -2.02 19.21 -7.69
CA LEU B 14 -1.87 17.86 -7.09
C LEU B 14 -0.53 17.26 -7.49
N ARG B 15 -0.11 17.44 -8.71
CA ARG B 15 1.24 16.91 -9.10
C ARG B 15 2.27 17.45 -8.11
N GLN B 16 2.07 18.66 -7.66
CA GLN B 16 2.98 19.24 -6.65
C GLN B 16 2.83 18.50 -5.32
N ALA B 17 1.72 18.69 -4.63
CA ALA B 17 1.53 17.99 -3.31
C ALA B 17 1.88 16.50 -3.42
N LEU B 18 1.63 15.92 -4.55
CA LEU B 18 1.97 14.50 -4.74
C LEU B 18 3.48 14.32 -4.72
N MET B 19 4.21 15.32 -5.16
CA MET B 19 5.69 15.20 -5.15
C MET B 19 6.22 15.01 -3.73
N PRO B 20 5.97 15.94 -2.82
CA PRO B 20 6.46 15.77 -1.44
C PRO B 20 6.00 14.44 -0.86
N THR B 21 4.72 14.15 -0.89
CA THR B 21 4.27 12.84 -0.33
C THR B 21 4.98 11.71 -1.06
N LEU B 22 5.49 11.96 -2.23
CA LEU B 22 6.27 10.90 -2.95
C LEU B 22 7.58 10.66 -2.20
N GLU B 23 8.30 11.70 -1.91
CA GLU B 23 9.57 11.54 -1.16
C GLU B 23 9.31 10.79 0.14
N ALA B 24 8.17 11.02 0.75
CA ALA B 24 7.83 10.29 2.00
C ALA B 24 7.70 8.80 1.72
N LEU B 25 6.86 8.44 0.78
CA LEU B 25 6.70 7.00 0.43
C LEU B 25 7.93 6.52 -0.36
N TYR B 26 8.10 7.01 -1.56
CA TYR B 26 9.29 6.58 -2.37
C TYR B 26 10.51 7.42 -1.98
N ARG B 27 11.17 7.06 -0.91
CA ARG B 27 12.36 7.84 -0.48
C ARG B 27 13.65 7.04 -0.69
N GLN B 28 13.58 5.91 -1.35
CA GLN B 28 14.81 5.10 -1.56
C GLN B 28 15.44 4.77 -0.21
N ASP B 29 14.63 4.68 0.82
CA ASP B 29 15.17 4.35 2.16
C ASP B 29 14.85 2.89 2.49
N PRO B 30 15.74 2.26 3.23
CA PRO B 30 15.53 0.84 3.59
C PRO B 30 14.10 0.59 4.07
N GLU B 31 13.46 1.58 4.60
CA GLU B 31 12.05 1.41 5.06
C GLU B 31 11.15 1.12 3.86
N SER B 32 11.51 1.58 2.70
CA SER B 32 10.63 1.36 1.51
C SER B 32 11.35 0.53 0.44
N LEU B 33 12.32 -0.26 0.84
CA LEU B 33 13.03 -1.10 -0.17
C LEU B 33 12.17 -2.32 -0.50
N PRO B 34 11.79 -3.07 0.51
CA PRO B 34 10.96 -4.28 0.29
C PRO B 34 9.47 -3.89 0.23
N PHE B 35 9.12 -2.94 -0.59
CA PHE B 35 7.69 -2.51 -0.67
C PHE B 35 6.98 -3.21 -1.80
N ARG B 36 7.57 -3.23 -2.97
CA ARG B 36 6.89 -3.85 -4.14
C ARG B 36 7.25 -5.35 -4.25
N GLN B 37 7.37 -6.02 -3.12
CA GLN B 37 7.70 -7.47 -3.15
C GLN B 37 6.78 -8.21 -4.13
N PRO B 38 7.24 -9.33 -4.63
CA PRO B 38 6.45 -10.12 -5.60
C PRO B 38 5.48 -11.06 -4.88
N VAL B 39 4.44 -10.55 -4.28
CA VAL B 39 3.46 -11.43 -3.60
C VAL B 39 2.13 -11.44 -4.38
N ASP B 40 2.03 -10.71 -5.46
CA ASP B 40 0.76 -10.69 -6.23
C ASP B 40 0.21 -12.10 -6.44
N PRO B 41 -1.06 -12.18 -6.78
CA PRO B 41 -1.73 -13.50 -7.00
C PRO B 41 -1.08 -14.27 -8.16
N GLN B 42 0.17 -14.59 -8.06
CA GLN B 42 0.85 -15.37 -9.13
C GLN B 42 1.62 -16.54 -8.50
N LEU B 43 1.30 -16.88 -7.28
CA LEU B 43 2.01 -18.01 -6.59
C LEU B 43 1.20 -18.46 -5.38
N LEU B 44 0.00 -18.93 -5.60
CA LEU B 44 -0.86 -19.38 -4.47
C LEU B 44 -1.07 -18.25 -3.46
N GLY B 45 -0.84 -17.03 -3.87
CA GLY B 45 -1.03 -15.88 -2.94
C GLY B 45 -0.24 -16.13 -1.65
N ILE B 46 -0.73 -15.64 -0.55
CA ILE B 46 0.02 -15.85 0.73
C ILE B 46 -0.94 -16.00 1.94
N PRO B 47 -2.06 -16.63 1.77
CA PRO B 47 -2.33 -17.51 0.61
C PRO B 47 -3.40 -16.97 -0.34
N ASP B 48 -4.44 -16.36 0.17
CA ASP B 48 -5.52 -15.86 -0.74
C ASP B 48 -5.50 -14.34 -0.80
N TYR B 49 -4.80 -13.77 -1.75
CA TYR B 49 -4.79 -12.29 -1.88
C TYR B 49 -6.17 -11.79 -2.34
N PHE B 50 -6.98 -12.66 -2.85
CA PHE B 50 -8.35 -12.25 -3.29
C PHE B 50 -9.21 -11.91 -2.07
N ASP B 51 -8.75 -12.20 -0.89
CA ASP B 51 -9.55 -11.89 0.34
C ASP B 51 -8.89 -10.77 1.13
N ILE B 52 -7.62 -10.55 0.93
CA ILE B 52 -6.92 -9.46 1.67
C ILE B 52 -6.46 -8.37 0.68
N VAL B 53 -6.38 -8.70 -0.58
CA VAL B 53 -5.97 -7.68 -1.59
C VAL B 53 -6.61 -7.98 -2.94
N LYS B 54 -7.71 -7.34 -3.25
CA LYS B 54 -8.37 -7.59 -4.56
C LYS B 54 -7.45 -7.22 -5.72
N ASN B 55 -6.49 -6.38 -5.49
CA ASN B 55 -5.57 -5.97 -6.59
C ASN B 55 -4.43 -5.12 -6.04
N PRO B 56 -3.32 -5.75 -5.76
CA PRO B 56 -2.17 -5.02 -5.17
C PRO B 56 -1.30 -4.40 -6.26
N MET B 57 -0.34 -3.61 -5.87
CA MET B 57 0.57 -2.98 -6.87
C MET B 57 2.01 -3.00 -6.39
N ASP B 58 2.92 -2.72 -7.26
CA ASP B 58 4.33 -2.61 -6.83
C ASP B 58 4.61 -1.12 -6.57
N LEU B 59 5.26 -0.78 -5.49
CA LEU B 59 5.47 0.66 -5.22
C LEU B 59 6.12 1.35 -6.41
N SER B 60 6.76 0.59 -7.26
CA SER B 60 7.38 1.20 -8.45
C SER B 60 6.33 1.46 -9.53
N THR B 61 5.19 0.81 -9.44
CA THR B 61 4.12 1.02 -10.46
C THR B 61 3.40 2.34 -10.19
N ILE B 62 2.73 2.45 -9.07
CA ILE B 62 2.00 3.72 -8.77
C ILE B 62 2.92 4.93 -8.92
N LYS B 63 4.14 4.81 -8.46
CA LYS B 63 5.08 5.96 -8.58
C LYS B 63 5.47 6.15 -10.05
N ARG B 64 5.61 5.08 -10.79
CA ARG B 64 5.96 5.21 -12.23
C ARG B 64 4.89 6.03 -12.95
N LYS B 65 3.67 5.95 -12.49
CA LYS B 65 2.58 6.73 -13.16
C LYS B 65 2.33 8.05 -12.42
N LEU B 66 2.90 8.22 -11.26
CA LEU B 66 2.70 9.49 -10.50
C LEU B 66 3.40 10.66 -11.19
N ASP B 67 4.57 10.43 -11.72
CA ASP B 67 5.31 11.54 -12.40
C ASP B 67 4.86 11.68 -13.85
N THR B 68 4.12 10.73 -14.36
CA THR B 68 3.67 10.83 -15.78
C THR B 68 2.37 11.62 -15.88
N GLY B 69 1.53 11.54 -14.89
CA GLY B 69 0.23 12.30 -14.95
C GLY B 69 -0.93 11.31 -14.84
N GLN B 70 -0.71 10.05 -15.11
CA GLN B 70 -1.81 9.06 -15.02
C GLN B 70 -2.43 9.12 -13.62
N TYR B 71 -1.68 9.52 -12.63
CA TYR B 71 -2.23 9.59 -11.25
C TYR B 71 -1.82 10.91 -10.58
N GLN B 72 -2.47 11.99 -10.91
CA GLN B 72 -2.13 13.29 -10.24
C GLN B 72 -3.30 13.74 -9.36
N GLU B 73 -4.04 12.80 -8.86
CA GLU B 73 -5.17 13.14 -7.96
C GLU B 73 -5.17 12.18 -6.76
N PRO B 74 -5.25 12.73 -5.58
CA PRO B 74 -5.22 11.88 -4.37
C PRO B 74 -6.28 10.79 -4.45
N TRP B 75 -7.40 11.06 -5.04
CA TRP B 75 -8.47 10.02 -5.15
C TRP B 75 -7.87 8.73 -5.72
N GLN B 76 -7.36 8.80 -6.93
CA GLN B 76 -6.73 7.59 -7.53
C GLN B 76 -5.43 7.26 -6.81
N TYR B 77 -4.57 8.24 -6.66
CA TYR B 77 -3.28 7.98 -5.93
C TYR B 77 -3.55 7.31 -4.59
N VAL B 78 -4.25 7.96 -3.70
CA VAL B 78 -4.55 7.34 -2.38
C VAL B 78 -5.17 5.95 -2.58
N ASP B 79 -5.97 5.80 -3.61
CA ASP B 79 -6.58 4.47 -3.88
C ASP B 79 -5.48 3.42 -4.10
N ASP B 80 -4.43 3.80 -4.77
CA ASP B 80 -3.31 2.84 -5.02
C ASP B 80 -2.39 2.77 -3.81
N VAL B 81 -1.99 3.90 -3.29
CA VAL B 81 -1.10 3.86 -2.08
C VAL B 81 -1.77 3.08 -0.96
N TRP B 82 -3.00 3.41 -0.65
CA TRP B 82 -3.72 2.68 0.41
C TRP B 82 -3.76 1.20 0.08
N LEU B 83 -4.15 0.88 -1.13
CA LEU B 83 -4.19 -0.55 -1.53
C LEU B 83 -2.77 -1.10 -1.49
N MET B 84 -1.81 -0.29 -1.82
CA MET B 84 -0.39 -0.74 -1.73
C MET B 84 -0.05 -0.98 -0.26
N PHE B 85 -0.69 -0.26 0.62
CA PHE B 85 -0.47 -0.47 2.08
C PHE B 85 -1.28 -1.67 2.56
N ASN B 86 -2.56 -1.67 2.30
CA ASN B 86 -3.40 -2.83 2.69
C ASN B 86 -2.83 -4.09 2.04
N ASN B 87 -2.21 -3.93 0.90
CA ASN B 87 -1.56 -5.10 0.23
C ASN B 87 -0.61 -5.79 1.20
N ALA B 88 -0.15 -5.07 2.19
CA ALA B 88 0.78 -5.67 3.18
C ALA B 88 0.35 -5.29 4.60
N TRP B 89 -0.93 -5.19 4.83
CA TRP B 89 -1.42 -4.79 6.19
C TRP B 89 -2.59 -5.67 6.63
N LEU B 90 -3.51 -5.94 5.74
CA LEU B 90 -4.69 -6.76 6.11
C LEU B 90 -4.26 -8.13 6.65
N TYR B 91 -3.14 -8.63 6.22
CA TYR B 91 -2.70 -9.98 6.72
C TYR B 91 -1.27 -9.92 7.26
N ASN B 92 -0.71 -8.75 7.40
CA ASN B 92 0.68 -8.65 7.93
C ASN B 92 0.75 -9.22 9.35
N ARG B 93 1.91 -9.18 9.96
CA ARG B 93 2.05 -9.72 11.33
C ARG B 93 2.61 -8.64 12.27
N LYS B 94 3.03 -9.02 13.44
CA LYS B 94 3.59 -8.03 14.40
C LYS B 94 4.87 -7.41 13.83
N THR B 95 5.46 -6.49 14.53
CA THR B 95 6.71 -5.84 14.03
C THR B 95 7.73 -6.90 13.59
N SER B 96 7.82 -7.15 12.31
CA SER B 96 8.77 -8.20 11.83
C SER B 96 8.88 -8.16 10.30
N ARG B 97 9.77 -7.37 9.77
CA ARG B 97 9.94 -7.30 8.28
C ARG B 97 8.61 -6.93 7.60
N VAL B 98 7.76 -7.89 7.37
CA VAL B 98 6.44 -7.62 6.70
C VAL B 98 5.78 -6.39 7.32
N TYR B 99 5.59 -6.40 8.60
CA TYR B 99 4.96 -5.22 9.26
C TYR B 99 6.04 -4.27 9.75
N LYS B 100 6.92 -3.83 8.87
CA LYS B 100 8.00 -2.90 9.30
C LYS B 100 8.31 -1.92 8.18
N PHE B 101 8.72 -2.40 7.03
CA PHE B 101 9.02 -1.48 5.90
C PHE B 101 7.75 -0.75 5.44
N CYS B 102 6.61 -1.20 5.88
CA CYS B 102 5.35 -0.52 5.46
C CYS B 102 4.81 0.34 6.61
N SER B 103 5.21 0.05 7.82
CA SER B 103 4.72 0.84 8.97
C SER B 103 5.36 2.24 8.97
N LYS B 104 6.55 2.36 8.47
CA LYS B 104 7.20 3.70 8.44
C LYS B 104 6.74 4.44 7.18
N LEU B 105 6.31 3.71 6.19
CA LEU B 105 5.86 4.36 4.94
C LEU B 105 4.38 4.72 5.08
N ALA B 106 3.66 3.96 5.85
CA ALA B 106 2.23 4.29 6.10
C ALA B 106 2.15 5.47 7.08
N GLU B 107 2.98 5.47 8.08
CA GLU B 107 2.96 6.59 9.06
C GLU B 107 3.62 7.84 8.47
N VAL B 108 4.55 7.68 7.56
CA VAL B 108 5.22 8.89 7.00
C VAL B 108 4.42 9.46 5.82
N PHE B 109 3.88 8.64 4.97
CA PHE B 109 3.09 9.19 3.83
C PHE B 109 1.78 9.77 4.35
N GLU B 110 1.19 9.13 5.33
CA GLU B 110 -0.08 9.67 5.90
C GLU B 110 0.15 11.11 6.40
N GLN B 111 1.38 11.47 6.64
CA GLN B 111 1.68 12.85 7.08
C GLN B 111 1.71 13.78 5.87
N GLU B 112 2.21 13.29 4.78
CA GLU B 112 2.36 14.17 3.57
C GLU B 112 1.11 14.13 2.70
N ILE B 113 0.06 13.47 3.12
CA ILE B 113 -1.18 13.49 2.31
C ILE B 113 -2.20 14.44 2.91
N ASP B 114 -2.25 14.53 4.21
CA ASP B 114 -3.18 15.51 4.83
C ASP B 114 -2.89 16.89 4.26
N PRO B 115 -1.63 17.25 4.19
CA PRO B 115 -1.24 18.51 3.52
C PRO B 115 -1.72 18.47 2.07
N VAL B 116 -1.72 17.30 1.47
CA VAL B 116 -2.26 17.16 0.09
C VAL B 116 -3.80 17.22 0.11
N MET B 117 -4.38 17.35 1.28
CA MET B 117 -5.86 17.46 1.42
C MET B 117 -6.59 16.21 0.92
N GLN B 118 -5.89 15.11 0.70
CA GLN B 118 -6.63 13.87 0.36
C GLN B 118 -7.37 13.45 1.63
N SER B 119 -6.73 13.63 2.75
CA SER B 119 -7.39 13.39 4.05
C SER B 119 -8.02 14.70 4.50
N LEU B 120 -7.28 15.77 4.37
CA LEU B 120 -7.78 17.13 4.73
C LEU B 120 -8.14 17.20 6.22
N GLY B 121 -9.18 16.53 6.62
CA GLY B 121 -9.57 16.60 8.06
C GLY B 121 -11.09 16.52 8.17
N SER A 1 -14.05 -9.35 11.17
CA SER A 1 -13.43 -9.12 12.50
C SER A 1 -12.89 -10.42 13.07
N HIS A 2 -12.52 -10.42 14.32
CA HIS A 2 -12.00 -11.68 14.95
C HIS A 2 -13.15 -12.54 15.44
N LEU A 3 -14.02 -11.98 16.25
CA LEU A 3 -15.17 -12.77 16.78
C LEU A 3 -14.68 -14.06 17.42
N LYS A 4 -15.57 -14.90 17.87
CA LYS A 4 -15.16 -16.17 18.53
C LYS A 4 -14.18 -15.89 19.67
N SER A 5 -13.56 -16.91 20.19
CA SER A 5 -12.59 -16.71 21.30
C SER A 5 -11.57 -17.83 21.34
N LYS A 6 -12.02 -19.06 21.46
CA LYS A 6 -11.07 -20.21 21.50
C LYS A 6 -10.90 -20.79 20.09
N LYS A 7 -9.82 -21.47 19.86
CA LYS A 7 -9.59 -22.06 18.51
C LYS A 7 -9.17 -23.53 18.64
N GLY A 8 -10.00 -24.44 18.20
CA GLY A 8 -9.64 -25.88 18.28
C GLY A 8 -9.37 -26.43 16.89
N GLN A 9 -8.13 -26.50 16.50
CA GLN A 9 -7.79 -27.02 15.15
C GLN A 9 -8.59 -26.28 14.07
N SER A 10 -8.06 -25.19 13.59
CA SER A 10 -8.78 -24.41 12.53
C SER A 10 -7.94 -24.35 11.26
N THR A 11 -7.00 -25.25 11.10
CA THR A 11 -6.15 -25.25 9.88
C THR A 11 -5.47 -23.88 9.71
N SER A 12 -5.38 -23.11 10.75
CA SER A 12 -4.73 -21.78 10.63
C SER A 12 -3.22 -21.94 10.43
N ARG A 13 -2.82 -22.57 9.35
CA ARG A 13 -1.36 -22.77 9.10
C ARG A 13 -1.03 -22.49 7.64
N HIS A 14 -0.62 -21.29 7.32
CA HIS A 14 -0.25 -20.97 5.92
C HIS A 14 1.27 -20.90 5.77
N LYS A 15 1.77 -20.57 4.61
CA LYS A 15 3.23 -20.48 4.42
C LYS A 15 3.62 -19.17 3.71
N LEU A 17 4.66 -15.18 2.88
CA LEU A 17 5.93 -14.50 3.25
C LEU A 17 6.07 -14.35 4.78
N MET A 18 4.99 -14.45 5.50
CA MET A 18 5.07 -14.29 6.98
C MET A 18 5.51 -15.59 7.66
N PHE A 19 5.34 -16.70 7.01
CA PHE A 19 5.75 -18.00 7.63
C PHE A 19 7.20 -18.30 7.32
N LYS A 20 7.61 -18.15 6.09
CA LYS A 20 9.02 -18.44 5.71
C LYS A 20 9.90 -17.20 5.94
N GLY B 1 -25.01 14.66 1.82
CA GLY B 1 -24.45 16.03 2.01
C GLY B 1 -22.94 15.93 2.21
N SER B 2 -22.17 16.67 1.45
CA SER B 2 -20.69 16.63 1.61
C SER B 2 -20.19 15.18 1.54
N HIS B 3 -20.12 14.62 0.36
CA HIS B 3 -19.64 13.22 0.22
C HIS B 3 -18.62 13.11 -0.92
N MET B 4 -17.58 13.90 -0.87
CA MET B 4 -16.56 13.84 -1.95
C MET B 4 -15.15 13.77 -1.34
N ARG B 5 -14.77 14.78 -0.61
CA ARG B 5 -13.42 14.78 0.02
C ARG B 5 -12.33 14.54 -1.04
N LYS B 6 -11.09 14.50 -0.64
CA LYS B 6 -9.98 14.28 -1.61
C LYS B 6 -9.98 15.38 -2.67
N LYS B 7 -10.66 16.46 -2.42
CA LYS B 7 -10.66 17.58 -3.41
C LYS B 7 -9.65 18.63 -2.98
N ILE B 8 -8.58 18.78 -3.70
CA ILE B 8 -7.52 19.75 -3.29
C ILE B 8 -7.67 21.05 -4.07
N PHE B 9 -7.47 21.03 -5.37
CA PHE B 9 -7.61 22.28 -6.16
C PHE B 9 -7.38 22.00 -7.66
N LYS B 10 -6.15 22.00 -8.09
CA LYS B 10 -5.87 21.77 -9.55
C LYS B 10 -5.01 20.51 -9.73
N PRO B 11 -5.17 19.87 -10.86
CA PRO B 11 -4.40 18.63 -11.14
C PRO B 11 -2.90 18.90 -11.09
N GLU B 12 -2.46 20.04 -11.55
CA GLU B 12 -1.00 20.33 -11.49
C GLU B 12 -0.61 20.69 -10.05
N GLU B 13 -1.40 21.50 -9.40
CA GLU B 13 -1.11 21.82 -7.98
C GLU B 13 -1.02 20.51 -7.19
N LEU B 14 -1.71 19.51 -7.65
CA LEU B 14 -1.64 18.19 -6.98
C LEU B 14 -0.29 17.55 -7.29
N ARG B 15 0.15 17.62 -8.52
CA ARG B 15 1.50 17.05 -8.85
C ARG B 15 2.53 17.61 -7.85
N GLN B 16 2.35 18.84 -7.46
CA GLN B 16 3.26 19.44 -6.46
C GLN B 16 3.08 18.75 -5.10
N ALA B 17 1.95 18.93 -4.46
CA ALA B 17 1.73 18.26 -3.14
C ALA B 17 2.09 16.77 -3.22
N LEU B 18 1.84 16.18 -4.35
CA LEU B 18 2.19 14.76 -4.55
C LEU B 18 3.71 14.58 -4.46
N MET B 19 4.47 15.58 -4.85
CA MET B 19 5.95 15.45 -4.79
C MET B 19 6.44 15.28 -3.34
N PRO B 20 6.18 16.23 -2.47
CA PRO B 20 6.63 16.06 -1.07
C PRO B 20 6.13 14.72 -0.50
N THR B 21 4.86 14.44 -0.62
CA THR B 21 4.37 13.14 -0.09
C THR B 21 5.02 11.98 -0.85
N LEU B 22 5.56 12.25 -2.02
CA LEU B 22 6.25 11.16 -2.78
C LEU B 22 7.57 10.85 -2.09
N GLU B 23 8.35 11.85 -1.80
CA GLU B 23 9.64 11.62 -1.09
C GLU B 23 9.37 10.86 0.20
N ALA B 24 8.31 11.17 0.88
CA ALA B 24 7.98 10.45 2.14
C ALA B 24 7.63 8.99 1.84
N LEU B 25 6.98 8.75 0.74
CA LEU B 25 6.60 7.35 0.38
C LEU B 25 7.69 6.71 -0.49
N TYR B 26 7.85 7.19 -1.69
CA TYR B 26 8.89 6.60 -2.59
C TYR B 26 10.27 7.17 -2.24
N ARG B 27 11.08 6.41 -1.54
CA ARG B 27 12.43 6.92 -1.16
C ARG B 27 13.50 5.86 -1.44
N GLN B 28 13.17 4.81 -2.12
CA GLN B 28 14.18 3.75 -2.43
C GLN B 28 14.89 3.32 -1.14
N ASP B 29 14.15 2.95 -0.13
CA ASP B 29 14.79 2.52 1.14
C ASP B 29 14.26 1.15 1.58
N PRO B 30 14.79 0.65 2.67
CA PRO B 30 14.36 -0.67 3.19
C PRO B 30 12.85 -0.70 3.41
N GLU B 31 12.28 0.42 3.80
CA GLU B 31 10.80 0.43 4.04
C GLU B 31 10.04 0.35 2.72
N SER B 32 10.62 0.85 1.67
CA SER B 32 9.93 0.82 0.34
C SER B 32 10.49 -0.30 -0.53
N LEU B 33 11.59 -0.89 -0.15
CA LEU B 33 12.15 -1.99 -0.99
C LEU B 33 11.12 -3.10 -1.18
N PRO B 34 10.51 -3.53 -0.10
CA PRO B 34 9.50 -4.60 -0.17
C PRO B 34 8.10 -4.04 -0.46
N PHE B 35 8.00 -2.94 -1.16
CA PHE B 35 6.66 -2.36 -1.44
C PHE B 35 6.31 -2.51 -2.93
N ARG B 36 7.28 -2.73 -3.76
CA ARG B 36 7.00 -2.88 -5.22
C ARG B 36 7.17 -4.35 -5.63
N GLN B 37 6.09 -5.02 -5.93
CA GLN B 37 6.16 -6.45 -6.34
C GLN B 37 6.80 -7.33 -5.24
N PRO B 38 6.41 -7.12 -4.01
CA PRO B 38 6.94 -7.97 -2.91
C PRO B 38 6.31 -9.36 -2.99
N VAL B 39 5.01 -9.43 -2.82
CA VAL B 39 4.31 -10.73 -2.95
C VAL B 39 2.95 -10.49 -3.64
N ASP B 40 2.93 -10.55 -4.94
CA ASP B 40 1.66 -10.27 -5.68
C ASP B 40 0.50 -11.20 -5.29
N PRO B 41 0.71 -12.50 -5.16
CA PRO B 41 2.05 -13.17 -5.25
C PRO B 41 2.56 -13.23 -6.69
N GLN B 42 1.74 -13.72 -7.60
CA GLN B 42 2.16 -13.87 -9.03
C GLN B 42 3.33 -14.85 -9.16
N LEU B 43 4.47 -14.49 -8.67
CA LEU B 43 5.65 -15.41 -8.75
C LEU B 43 5.58 -16.50 -7.69
N LEU B 44 4.48 -17.19 -7.59
CA LEU B 44 4.36 -18.28 -6.56
C LEU B 44 4.82 -17.76 -5.20
N GLY B 45 4.08 -16.86 -4.61
CA GLY B 45 4.49 -16.28 -3.30
C GLY B 45 3.76 -16.99 -2.16
N ILE B 46 2.47 -16.85 -2.08
CA ILE B 46 1.73 -17.49 -0.94
C ILE B 46 0.38 -18.05 -1.40
N PRO B 47 -0.25 -18.81 -0.54
CA PRO B 47 -1.51 -19.49 -0.89
C PRO B 47 -2.73 -18.86 -0.22
N ASP B 48 -2.89 -17.57 -0.31
CA ASP B 48 -4.07 -16.91 0.34
C ASP B 48 -4.02 -15.40 0.14
N TYR B 49 -4.11 -14.93 -1.08
CA TYR B 49 -4.07 -13.47 -1.32
C TYR B 49 -5.43 -12.98 -1.83
N PHE B 50 -6.48 -13.71 -1.54
CA PHE B 50 -7.82 -13.26 -1.98
C PHE B 50 -8.59 -12.67 -0.80
N ASP B 51 -8.13 -12.91 0.41
CA ASP B 51 -8.83 -12.35 1.60
C ASP B 51 -7.95 -11.31 2.31
N ILE B 52 -6.70 -11.21 1.93
CA ILE B 52 -5.81 -10.20 2.58
C ILE B 52 -5.30 -9.18 1.56
N VAL B 53 -5.45 -9.46 0.29
CA VAL B 53 -4.96 -8.49 -0.73
C VAL B 53 -5.74 -8.61 -2.04
N LYS B 54 -6.69 -7.75 -2.24
CA LYS B 54 -7.47 -7.80 -3.52
C LYS B 54 -6.55 -7.47 -4.71
N ASN B 55 -6.20 -6.23 -4.90
CA ASN B 55 -5.32 -5.86 -6.04
C ASN B 55 -4.07 -5.12 -5.52
N PRO B 56 -2.97 -5.83 -5.43
CA PRO B 56 -1.73 -5.24 -4.89
C PRO B 56 -0.81 -4.73 -6.00
N MET B 57 -1.06 -3.55 -6.53
CA MET B 57 -0.13 -3.02 -7.55
C MET B 57 1.29 -2.92 -6.95
N ASP B 58 2.20 -2.26 -7.60
CA ASP B 58 3.57 -2.14 -7.03
C ASP B 58 3.89 -0.67 -6.74
N LEU B 59 4.52 -0.38 -5.63
CA LEU B 59 4.86 1.04 -5.33
C LEU B 59 5.65 1.64 -6.49
N SER B 60 6.30 0.81 -7.27
CA SER B 60 7.04 1.33 -8.46
C SER B 60 6.05 1.53 -9.61
N THR B 61 5.00 0.77 -9.63
CA THR B 61 3.97 0.92 -10.69
C THR B 61 3.25 2.27 -10.53
N ILE B 62 2.64 2.49 -9.40
CA ILE B 62 1.94 3.79 -9.18
C ILE B 62 2.92 4.96 -9.30
N LYS B 63 4.17 4.72 -9.01
CA LYS B 63 5.18 5.81 -9.11
C LYS B 63 5.51 6.08 -10.58
N ARG B 64 5.73 5.06 -11.35
CA ARG B 64 6.03 5.25 -12.79
C ARG B 64 4.88 5.98 -13.48
N LYS B 65 3.68 5.76 -13.03
CA LYS B 65 2.52 6.47 -13.65
C LYS B 65 2.32 7.82 -12.97
N LEU B 66 2.73 7.93 -11.73
CA LEU B 66 2.60 9.22 -11.02
C LEU B 66 3.36 10.33 -11.76
N ASP B 67 4.46 9.97 -12.37
CA ASP B 67 5.26 10.97 -13.12
C ASP B 67 4.95 10.87 -14.61
N THR B 68 3.69 10.75 -14.97
CA THR B 68 3.34 10.60 -16.41
C THR B 68 1.96 11.24 -16.69
N GLY B 69 1.61 12.24 -15.94
CA GLY B 69 0.29 12.90 -16.18
C GLY B 69 -0.83 11.86 -16.21
N GLN B 70 -0.81 10.92 -15.30
CA GLN B 70 -1.87 9.88 -15.29
C GLN B 70 -2.57 9.85 -13.93
N TYR B 71 -1.83 9.86 -12.86
CA TYR B 71 -2.45 9.83 -11.51
C TYR B 71 -1.95 11.01 -10.67
N GLN B 72 -2.59 12.14 -10.76
CA GLN B 72 -2.16 13.30 -9.94
C GLN B 72 -3.24 13.64 -8.90
N GLU B 73 -4.44 13.17 -9.09
CA GLU B 73 -5.50 13.43 -8.08
C GLU B 73 -5.33 12.48 -6.89
N PRO B 74 -5.47 12.99 -5.70
CA PRO B 74 -5.29 12.15 -4.50
C PRO B 74 -6.23 10.95 -4.54
N TRP B 75 -7.37 11.09 -5.15
CA TRP B 75 -8.30 9.93 -5.24
C TRP B 75 -7.57 8.75 -5.88
N GLN B 76 -6.98 8.95 -7.03
CA GLN B 76 -6.22 7.85 -7.69
C GLN B 76 -4.94 7.55 -6.92
N TYR B 77 -4.22 8.58 -6.55
CA TYR B 77 -2.97 8.36 -5.78
C TYR B 77 -3.28 7.63 -4.48
N VAL B 78 -4.08 8.24 -3.66
CA VAL B 78 -4.43 7.63 -2.36
C VAL B 78 -5.10 6.28 -2.57
N ASP B 79 -5.69 6.07 -3.72
CA ASP B 79 -6.33 4.76 -4.00
C ASP B 79 -5.28 3.65 -4.07
N ASP B 80 -4.34 3.77 -4.98
CA ASP B 80 -3.28 2.72 -5.09
C ASP B 80 -2.34 2.79 -3.87
N VAL B 81 -1.84 3.95 -3.54
CA VAL B 81 -0.93 4.07 -2.36
C VAL B 81 -1.57 3.37 -1.16
N TRP B 82 -2.71 3.87 -0.72
CA TRP B 82 -3.42 3.21 0.41
C TRP B 82 -3.57 1.72 0.12
N LEU B 83 -3.66 1.38 -1.13
CA LEU B 83 -3.74 -0.06 -1.49
C LEU B 83 -2.40 -0.67 -1.16
N MET B 84 -1.36 -0.06 -1.66
CA MET B 84 0.01 -0.49 -1.31
C MET B 84 0.13 -0.54 0.21
N PHE B 85 -0.69 0.22 0.88
CA PHE B 85 -0.66 0.27 2.35
C PHE B 85 -1.68 -0.69 2.95
N ASN B 86 -2.65 -1.09 2.19
CA ASN B 86 -3.66 -2.06 2.71
C ASN B 86 -3.31 -3.46 2.22
N ASN B 87 -3.05 -3.60 0.96
CA ASN B 87 -2.63 -4.93 0.41
C ASN B 87 -1.42 -5.43 1.22
N ALA B 88 -0.70 -4.53 1.83
CA ALA B 88 0.48 -4.95 2.65
C ALA B 88 0.23 -4.67 4.13
N TRP B 89 -1.00 -4.78 4.57
CA TRP B 89 -1.30 -4.52 6.01
C TRP B 89 -2.15 -5.66 6.58
N LEU B 90 -3.28 -5.90 5.99
CA LEU B 90 -4.15 -7.01 6.47
C LEU B 90 -3.52 -8.36 6.16
N TYR B 91 -2.53 -8.38 5.30
CA TYR B 91 -1.91 -9.68 4.91
C TYR B 91 -0.77 -10.07 5.87
N ASN B 92 -0.40 -9.22 6.79
CA ASN B 92 0.72 -9.57 7.71
C ASN B 92 0.20 -9.90 9.10
N ARG B 93 1.09 -9.99 10.06
CA ARG B 93 0.65 -10.34 11.43
C ARG B 93 1.06 -9.25 12.43
N LYS B 94 2.31 -9.18 12.76
CA LYS B 94 2.77 -8.14 13.74
C LYS B 94 4.29 -8.00 13.67
N THR B 95 4.92 -7.65 14.76
CA THR B 95 6.41 -7.49 14.74
C THR B 95 7.07 -8.73 14.14
N SER B 96 7.36 -8.69 12.87
CA SER B 96 8.00 -9.86 12.21
C SER B 96 8.65 -9.45 10.88
N ARG B 97 8.68 -10.33 9.92
CA ARG B 97 9.30 -9.98 8.61
C ARG B 97 8.23 -9.55 7.60
N VAL B 98 7.09 -9.13 8.07
CA VAL B 98 6.01 -8.70 7.13
C VAL B 98 5.40 -7.39 7.62
N TYR B 99 4.77 -7.41 8.76
CA TYR B 99 4.17 -6.15 9.28
C TYR B 99 5.25 -5.25 9.87
N LYS B 100 5.92 -4.49 9.04
CA LYS B 100 7.00 -3.59 9.58
C LYS B 100 7.45 -2.59 8.50
N PHE B 101 8.09 -3.06 7.46
CA PHE B 101 8.59 -2.12 6.41
C PHE B 101 7.49 -1.17 5.95
N CYS B 102 6.24 -1.53 6.14
CA CYS B 102 5.14 -0.61 5.71
C CYS B 102 4.83 0.40 6.82
N SER B 103 5.08 0.05 8.05
CA SER B 103 4.82 1.01 9.16
C SER B 103 5.59 2.32 8.91
N LYS B 104 6.75 2.22 8.35
CA LYS B 104 7.56 3.46 8.09
C LYS B 104 6.87 4.33 7.03
N LEU B 105 6.73 3.83 5.83
CA LEU B 105 6.07 4.64 4.76
C LEU B 105 4.65 5.02 5.18
N ALA B 106 3.91 4.10 5.72
CA ALA B 106 2.52 4.40 6.16
C ALA B 106 2.50 5.65 7.03
N GLU B 107 3.39 5.73 7.98
CA GLU B 107 3.42 6.91 8.87
C GLU B 107 3.76 8.18 8.07
N VAL B 108 4.94 8.23 7.51
CA VAL B 108 5.34 9.48 6.75
C VAL B 108 4.34 9.80 5.64
N PHE B 109 4.17 8.92 4.69
CA PHE B 109 3.25 9.23 3.56
C PHE B 109 1.90 9.74 4.11
N GLU B 110 1.39 9.08 5.11
CA GLU B 110 0.08 9.53 5.69
C GLU B 110 0.23 10.94 6.26
N GLN B 111 1.38 11.27 6.77
CA GLN B 111 1.59 12.65 7.28
C GLN B 111 1.66 13.60 6.10
N GLU B 112 2.20 13.16 5.01
CA GLU B 112 2.38 14.09 3.88
C GLU B 112 1.17 14.09 2.95
N ILE B 113 0.08 13.48 3.34
CA ILE B 113 -1.13 13.54 2.47
C ILE B 113 -2.20 14.42 3.11
N ASP B 114 -2.37 14.36 4.41
CA ASP B 114 -3.35 15.27 5.05
C ASP B 114 -3.02 16.70 4.61
N PRO B 115 -1.75 17.05 4.75
CA PRO B 115 -1.28 18.34 4.22
C PRO B 115 -1.68 18.48 2.76
N VAL B 116 -1.60 17.40 2.03
CA VAL B 116 -1.98 17.47 0.59
C VAL B 116 -3.51 17.57 0.45
N MET B 117 -4.23 17.48 1.55
CA MET B 117 -5.73 17.63 1.52
C MET B 117 -6.45 16.38 0.98
N GLN B 118 -5.76 15.29 0.76
CA GLN B 118 -6.49 14.06 0.32
C GLN B 118 -7.32 13.55 1.51
N SER B 119 -6.81 13.70 2.68
CA SER B 119 -7.55 13.28 3.89
C SER B 119 -8.39 14.45 4.41
N LEU B 120 -7.80 15.62 4.47
CA LEU B 120 -8.52 16.83 4.94
C LEU B 120 -9.19 16.59 6.29
N GLY B 121 -10.37 16.02 6.31
CA GLY B 121 -11.07 15.79 7.60
C GLY B 121 -11.71 14.40 7.59
N SER A 1 -9.33 -47.45 14.01
CA SER A 1 -9.65 -46.87 15.34
C SER A 1 -8.52 -45.94 15.80
N HIS A 2 -8.15 -44.98 15.00
CA HIS A 2 -7.07 -44.05 15.40
C HIS A 2 -7.65 -42.76 15.97
N LEU A 3 -7.24 -42.38 17.15
CA LEU A 3 -7.77 -41.12 17.76
C LEU A 3 -7.04 -39.90 17.20
N LYS A 4 -7.09 -39.71 15.91
CA LYS A 4 -6.39 -38.54 15.30
C LYS A 4 -4.93 -38.51 15.74
N SER A 5 -4.07 -39.20 15.05
CA SER A 5 -2.63 -39.21 15.42
C SER A 5 -1.90 -38.02 14.79
N LYS A 6 -2.47 -37.45 13.76
CA LYS A 6 -1.81 -36.29 13.10
C LYS A 6 -2.20 -34.99 13.82
N LYS A 7 -3.47 -34.79 14.06
CA LYS A 7 -3.91 -33.55 14.75
C LYS A 7 -3.37 -32.31 14.02
N GLY A 8 -3.70 -31.13 14.49
CA GLY A 8 -3.20 -29.90 13.82
C GLY A 8 -3.71 -29.86 12.38
N GLN A 9 -4.81 -29.21 12.14
CA GLN A 9 -5.36 -29.15 10.76
C GLN A 9 -4.65 -28.05 9.97
N SER A 10 -4.32 -26.96 10.61
CA SER A 10 -3.63 -25.85 9.89
C SER A 10 -4.41 -25.45 8.64
N THR A 11 -5.60 -24.93 8.81
CA THR A 11 -6.41 -24.51 7.63
C THR A 11 -5.85 -23.22 7.04
N SER A 12 -5.25 -22.39 7.84
CA SER A 12 -4.69 -21.11 7.32
C SER A 12 -3.64 -20.56 8.28
N ARG A 13 -4.05 -20.19 9.46
CA ARG A 13 -3.09 -19.64 10.46
C ARG A 13 -2.33 -18.44 9.87
N HIS A 14 -1.24 -18.67 9.19
CA HIS A 14 -0.48 -17.54 8.59
C HIS A 14 0.66 -18.06 7.74
N LYS A 15 0.56 -17.92 6.45
CA LYS A 15 1.65 -18.41 5.55
C LYS A 15 2.02 -17.34 4.52
N LEU A 17 3.56 -13.53 3.22
CA LEU A 17 5.00 -13.13 3.09
C LEU A 17 5.68 -12.87 4.45
N MET A 18 5.07 -13.28 5.54
CA MET A 18 5.72 -13.05 6.87
C MET A 18 6.84 -14.06 7.11
N PHE A 19 6.84 -15.15 6.38
CA PHE A 19 7.91 -16.18 6.57
C PHE A 19 7.85 -17.21 5.44
N LYS A 20 7.49 -16.78 4.26
CA LYS A 20 7.41 -17.75 3.12
C LYS A 20 7.85 -17.06 1.82
N GLY B 1 -22.83 15.98 -0.39
CA GLY B 1 -22.03 16.23 -1.61
C GLY B 1 -20.55 16.36 -1.25
N SER B 2 -19.69 16.45 -2.22
CA SER B 2 -18.24 16.59 -1.92
C SER B 2 -17.88 18.06 -1.74
N HIS B 3 -17.66 18.48 -0.52
CA HIS B 3 -17.31 19.91 -0.27
C HIS B 3 -15.79 20.08 -0.31
N MET B 4 -15.25 20.38 -1.46
CA MET B 4 -13.77 20.58 -1.57
C MET B 4 -13.03 19.37 -0.97
N ARG B 5 -13.58 18.20 -1.11
CA ARG B 5 -12.91 17.00 -0.55
C ARG B 5 -11.79 16.53 -1.50
N LYS B 6 -10.57 16.54 -1.04
CA LYS B 6 -9.45 16.10 -1.91
C LYS B 6 -9.47 16.85 -3.24
N LYS B 7 -10.09 18.00 -3.27
CA LYS B 7 -10.10 18.79 -4.53
C LYS B 7 -8.96 19.82 -4.52
N ILE B 8 -8.00 19.61 -3.65
CA ILE B 8 -6.78 20.51 -3.49
C ILE B 8 -6.88 21.82 -4.29
N PHE B 9 -6.68 21.79 -5.59
CA PHE B 9 -6.76 23.05 -6.38
C PHE B 9 -6.49 22.77 -7.87
N LYS B 10 -5.26 22.50 -8.23
CA LYS B 10 -4.94 22.25 -9.67
C LYS B 10 -4.15 20.94 -9.82
N PRO B 11 -4.33 20.30 -10.95
CA PRO B 11 -3.63 19.02 -11.22
C PRO B 11 -2.10 19.22 -11.21
N GLU B 12 -1.64 20.33 -11.71
CA GLU B 12 -0.16 20.57 -11.71
C GLU B 12 0.30 20.92 -10.29
N GLU B 13 -0.43 21.78 -9.62
CA GLU B 13 -0.06 22.10 -8.21
C GLU B 13 0.02 20.80 -7.42
N LEU B 14 -0.71 19.82 -7.84
CA LEU B 14 -0.67 18.51 -7.17
C LEU B 14 0.61 17.78 -7.55
N ARG B 15 1.00 17.84 -8.79
CA ARG B 15 2.29 17.19 -9.18
C ARG B 15 3.38 17.68 -8.24
N GLN B 16 3.29 18.93 -7.83
CA GLN B 16 4.26 19.47 -6.87
C GLN B 16 4.09 18.79 -5.50
N ALA B 17 3.03 19.09 -4.78
CA ALA B 17 2.84 18.46 -3.43
C ALA B 17 3.06 16.94 -3.50
N LEU B 18 2.64 16.34 -4.57
CA LEU B 18 2.81 14.88 -4.73
C LEU B 18 4.29 14.55 -4.84
N MET B 19 5.10 15.47 -5.31
CA MET B 19 6.57 15.17 -5.43
C MET B 19 7.20 14.95 -4.04
N PRO B 20 7.14 15.95 -3.17
CA PRO B 20 7.73 15.75 -1.81
C PRO B 20 7.14 14.52 -1.14
N THR B 21 5.83 14.39 -1.11
CA THR B 21 5.25 13.18 -0.48
C THR B 21 5.69 11.93 -1.25
N LEU B 22 6.13 12.09 -2.47
CA LEU B 22 6.67 10.93 -3.22
C LEU B 22 7.93 10.44 -2.52
N GLU B 23 8.85 11.34 -2.30
CA GLU B 23 10.09 10.96 -1.56
C GLU B 23 9.72 10.33 -0.22
N ALA B 24 8.64 10.78 0.36
CA ALA B 24 8.20 10.18 1.65
C ALA B 24 7.78 8.73 1.45
N LEU B 25 6.97 8.46 0.45
CA LEU B 25 6.55 7.05 0.21
C LEU B 25 7.57 6.34 -0.69
N TYR B 26 7.47 6.51 -1.98
CA TYR B 26 8.43 5.83 -2.88
C TYR B 26 9.78 6.57 -2.89
N ARG B 27 10.74 6.05 -2.17
CA ARG B 27 12.07 6.71 -2.11
C ARG B 27 13.18 5.69 -2.36
N GLN B 28 12.86 4.55 -2.90
CA GLN B 28 13.89 3.52 -3.15
C GLN B 28 14.71 3.24 -1.88
N ASP B 29 14.06 2.78 -0.85
CA ASP B 29 14.79 2.49 0.42
C ASP B 29 14.38 1.12 0.97
N PRO B 30 15.08 0.69 2.00
CA PRO B 30 14.77 -0.63 2.61
C PRO B 30 13.30 -0.73 3.01
N GLU B 31 12.64 0.39 3.16
CA GLU B 31 11.21 0.36 3.56
C GLU B 31 10.32 0.23 2.31
N SER B 32 10.70 0.86 1.22
CA SER B 32 9.87 0.78 -0.01
C SER B 32 10.28 -0.42 -0.87
N LEU B 33 11.06 -1.32 -0.33
CA LEU B 33 11.48 -2.51 -1.14
C LEU B 33 10.29 -3.45 -1.31
N PRO B 34 9.72 -3.89 -0.21
CA PRO B 34 8.55 -4.80 -0.28
C PRO B 34 7.28 -4.01 -0.59
N PHE B 35 7.26 -3.29 -1.68
CA PHE B 35 6.04 -2.49 -2.00
C PHE B 35 5.61 -2.72 -3.46
N ARG B 36 6.48 -2.50 -4.40
CA ARG B 36 6.10 -2.71 -5.83
C ARG B 36 6.08 -4.21 -6.17
N GLN B 37 6.70 -5.02 -5.35
CA GLN B 37 6.68 -6.49 -5.61
C GLN B 37 6.85 -7.27 -4.31
N PRO B 38 5.96 -7.06 -3.37
CA PRO B 38 6.04 -7.76 -2.08
C PRO B 38 5.31 -9.10 -2.13
N VAL B 39 4.03 -9.07 -2.43
CA VAL B 39 3.25 -10.34 -2.48
C VAL B 39 1.81 -10.07 -2.92
N ASP B 40 1.49 -10.33 -4.15
CA ASP B 40 0.09 -10.09 -4.61
C ASP B 40 -0.37 -11.16 -5.62
N PRO B 41 -0.15 -12.43 -5.33
CA PRO B 41 0.54 -12.87 -4.09
C PRO B 41 2.03 -13.06 -4.33
N GLN B 42 2.46 -13.06 -5.57
CA GLN B 42 3.91 -13.26 -5.88
C GLN B 42 4.41 -14.58 -5.29
N LEU B 43 3.53 -15.48 -4.97
CA LEU B 43 3.96 -16.79 -4.40
C LEU B 43 2.94 -17.88 -4.74
N LEU B 44 1.86 -17.94 -4.02
CA LEU B 44 0.83 -18.98 -4.29
C LEU B 44 -0.49 -18.60 -3.62
N GLY B 45 -0.72 -17.33 -3.43
CA GLY B 45 -1.99 -16.90 -2.79
C GLY B 45 -1.88 -17.07 -1.27
N ILE B 46 -1.50 -16.04 -0.56
CA ILE B 46 -1.38 -16.15 0.92
C ILE B 46 -2.78 -16.25 1.53
N PRO B 47 -2.84 -16.54 2.82
CA PRO B 47 -4.16 -16.72 3.49
C PRO B 47 -5.18 -15.67 3.04
N ASP B 48 -6.08 -16.07 2.17
CA ASP B 48 -7.16 -15.17 1.66
C ASP B 48 -6.66 -13.73 1.46
N TYR B 49 -5.86 -13.50 0.45
CA TYR B 49 -5.37 -12.12 0.22
C TYR B 49 -6.49 -11.26 -0.37
N PHE B 50 -7.50 -11.89 -0.92
CA PHE B 50 -8.65 -11.11 -1.47
C PHE B 50 -9.51 -10.57 -0.31
N ASP B 51 -9.24 -10.97 0.90
CA ASP B 51 -10.02 -10.46 2.06
C ASP B 51 -9.23 -9.37 2.77
N ILE B 52 -7.93 -9.36 2.61
CA ILE B 52 -7.10 -8.30 3.23
C ILE B 52 -6.59 -7.33 2.17
N VAL B 53 -6.73 -7.67 0.91
CA VAL B 53 -6.27 -6.76 -0.18
C VAL B 53 -7.16 -6.93 -1.42
N LYS B 54 -8.13 -6.07 -1.60
CA LYS B 54 -9.04 -6.22 -2.77
C LYS B 54 -8.24 -6.19 -4.08
N ASN B 55 -7.52 -5.12 -4.34
CA ASN B 55 -6.75 -5.04 -5.61
C ASN B 55 -5.42 -4.30 -5.38
N PRO B 56 -4.40 -5.04 -5.04
CA PRO B 56 -3.09 -4.42 -4.77
C PRO B 56 -2.36 -4.12 -6.07
N MET B 57 -1.50 -3.14 -6.04
CA MET B 57 -0.72 -2.79 -7.25
C MET B 57 0.78 -2.82 -6.91
N ASP B 58 1.55 -1.95 -7.50
CA ASP B 58 3.01 -1.91 -7.16
C ASP B 58 3.47 -0.46 -7.09
N LEU B 59 4.11 -0.07 -6.02
CA LEU B 59 4.56 1.35 -5.90
C LEU B 59 5.30 1.79 -7.16
N SER B 60 5.85 0.86 -7.90
CA SER B 60 6.54 1.25 -9.16
C SER B 60 5.52 1.73 -10.19
N THR B 61 4.29 1.31 -10.06
CA THR B 61 3.24 1.74 -11.05
C THR B 61 2.63 3.09 -10.63
N ILE B 62 2.24 3.24 -9.40
CA ILE B 62 1.62 4.53 -8.98
C ILE B 62 2.61 5.69 -9.20
N LYS B 63 3.87 5.44 -9.00
CA LYS B 63 4.87 6.53 -9.19
C LYS B 63 5.23 6.65 -10.67
N ARG B 64 5.45 5.54 -11.34
CA ARG B 64 5.77 5.61 -12.78
C ARG B 64 4.66 6.36 -13.53
N LYS B 65 3.49 6.41 -12.95
CA LYS B 65 2.37 7.14 -13.62
C LYS B 65 2.23 8.53 -13.01
N LEU B 66 2.61 8.68 -11.77
CA LEU B 66 2.51 10.02 -11.11
C LEU B 66 3.18 11.10 -11.97
N ASP B 67 4.12 10.71 -12.79
CA ASP B 67 4.82 11.70 -13.65
C ASP B 67 4.07 11.89 -14.96
N THR B 68 3.62 10.82 -15.56
CA THR B 68 2.88 10.94 -16.85
C THR B 68 1.71 11.91 -16.70
N GLY B 69 1.13 11.97 -15.53
CA GLY B 69 -0.02 12.89 -15.32
C GLY B 69 -1.29 12.08 -15.05
N GLN B 70 -1.17 11.00 -14.32
CA GLN B 70 -2.38 10.17 -14.02
C GLN B 70 -2.67 10.19 -12.52
N TYR B 71 -1.67 10.04 -11.70
CA TYR B 71 -1.90 10.05 -10.23
C TYR B 71 -1.64 11.45 -9.66
N GLN B 72 -2.00 12.48 -10.39
CA GLN B 72 -1.80 13.87 -9.87
C GLN B 72 -3.01 14.30 -9.04
N GLU B 73 -4.05 13.50 -8.98
CA GLU B 73 -5.22 13.85 -8.13
C GLU B 73 -5.27 12.90 -6.94
N PRO B 74 -4.87 13.40 -5.79
CA PRO B 74 -4.83 12.58 -4.55
C PRO B 74 -5.98 11.57 -4.48
N TRP B 75 -7.12 11.91 -5.02
CA TRP B 75 -8.25 10.94 -5.03
C TRP B 75 -7.80 9.62 -5.66
N GLN B 76 -7.37 9.67 -6.90
CA GLN B 76 -6.88 8.43 -7.56
C GLN B 76 -5.52 8.04 -6.99
N TYR B 77 -4.63 8.99 -6.83
CA TYR B 77 -3.31 8.67 -6.24
C TYR B 77 -3.48 7.96 -4.90
N VAL B 78 -4.08 8.62 -3.97
CA VAL B 78 -4.26 8.02 -2.62
C VAL B 78 -5.09 6.74 -2.71
N ASP B 79 -5.95 6.64 -3.69
CA ASP B 79 -6.75 5.39 -3.84
C ASP B 79 -5.81 4.21 -4.08
N ASP B 80 -4.81 4.40 -4.90
CA ASP B 80 -3.82 3.31 -5.15
C ASP B 80 -2.78 3.28 -4.03
N VAL B 81 -2.21 4.42 -3.70
CA VAL B 81 -1.22 4.44 -2.59
C VAL B 81 -1.80 3.74 -1.36
N TRP B 82 -2.91 4.21 -0.88
CA TRP B 82 -3.55 3.58 0.32
C TRP B 82 -3.77 2.10 0.07
N LEU B 83 -4.40 1.76 -1.02
CA LEU B 83 -4.61 0.33 -1.33
C LEU B 83 -3.25 -0.37 -1.36
N MET B 84 -2.37 0.14 -2.19
CA MET B 84 -0.98 -0.40 -2.23
C MET B 84 -0.42 -0.43 -0.81
N PHE B 85 -0.92 0.43 0.04
CA PHE B 85 -0.48 0.46 1.45
C PHE B 85 -1.20 -0.63 2.25
N ASN B 86 -2.51 -0.60 2.26
CA ASN B 86 -3.28 -1.65 2.97
C ASN B 86 -2.86 -3.02 2.44
N ASN B 87 -2.45 -3.07 1.20
CA ASN B 87 -1.96 -4.37 0.62
C ASN B 87 -0.87 -4.94 1.55
N ALA B 88 -0.24 -4.09 2.31
CA ALA B 88 0.80 -4.56 3.25
C ALA B 88 0.58 -3.93 4.63
N TRP B 89 -0.62 -4.00 5.14
CA TRP B 89 -0.90 -3.37 6.46
C TRP B 89 -2.02 -4.13 7.19
N LEU B 90 -3.03 -4.54 6.48
CA LEU B 90 -4.16 -5.25 7.12
C LEU B 90 -3.75 -6.61 7.69
N TYR B 91 -2.92 -7.34 6.97
CA TYR B 91 -2.52 -8.69 7.46
C TYR B 91 -0.99 -8.79 7.58
N ASN B 92 -0.33 -7.72 7.89
CA ASN B 92 1.15 -7.77 7.99
C ASN B 92 1.60 -7.68 9.45
N ARG B 93 0.73 -7.30 10.34
CA ARG B 93 1.14 -7.18 11.76
C ARG B 93 0.80 -8.47 12.53
N LYS B 94 -0.29 -8.51 13.26
CA LYS B 94 -0.63 -9.74 14.03
C LYS B 94 0.54 -10.17 14.91
N THR B 95 1.44 -10.98 14.41
CA THR B 95 2.61 -11.40 15.22
C THR B 95 3.80 -11.70 14.31
N SER B 96 4.10 -10.83 13.38
CA SER B 96 5.23 -11.08 12.45
C SER B 96 5.83 -9.76 11.94
N ARG B 97 6.98 -9.83 11.34
CA ARG B 97 7.62 -8.58 10.81
C ARG B 97 6.66 -7.85 9.85
N VAL B 98 6.71 -8.21 8.59
CA VAL B 98 5.85 -7.59 7.51
C VAL B 98 5.37 -6.18 7.85
N TYR B 99 4.39 -6.02 8.71
CA TYR B 99 3.93 -4.66 9.08
C TYR B 99 5.05 -3.91 9.81
N LYS B 100 6.13 -3.64 9.14
CA LYS B 100 7.27 -2.91 9.76
C LYS B 100 7.91 -1.99 8.72
N PHE B 101 8.48 -2.56 7.69
CA PHE B 101 9.06 -1.71 6.60
C PHE B 101 7.97 -0.78 6.06
N CYS B 102 6.73 -1.12 6.26
CA CYS B 102 5.62 -0.25 5.77
C CYS B 102 5.41 0.90 6.76
N SER B 103 5.53 0.63 8.02
CA SER B 103 5.33 1.70 9.04
C SER B 103 6.12 2.96 8.66
N LYS B 104 7.27 2.79 8.06
CA LYS B 104 8.07 3.97 7.66
C LYS B 104 7.41 4.69 6.49
N LEU B 105 6.86 3.97 5.56
CA LEU B 105 6.19 4.62 4.39
C LEU B 105 4.81 5.12 4.79
N ALA B 106 3.97 4.26 5.30
CA ALA B 106 2.61 4.69 5.69
C ALA B 106 2.69 5.89 6.65
N GLU B 107 3.62 5.87 7.56
CA GLU B 107 3.73 6.97 8.54
C GLU B 107 4.32 8.24 7.89
N VAL B 108 5.26 8.10 7.01
CA VAL B 108 5.87 9.32 6.41
C VAL B 108 5.00 9.88 5.29
N PHE B 109 4.46 9.05 4.43
CA PHE B 109 3.60 9.59 3.34
C PHE B 109 2.30 10.15 3.95
N GLU B 110 1.77 9.49 4.93
CA GLU B 110 0.53 10.01 5.58
C GLU B 110 0.79 11.44 6.08
N GLN B 111 2.03 11.80 6.27
CA GLN B 111 2.35 13.17 6.71
C GLN B 111 2.40 14.09 5.50
N GLU B 112 2.91 13.62 4.40
CA GLU B 112 3.03 14.49 3.21
C GLU B 112 1.77 14.40 2.34
N ILE B 113 0.67 13.99 2.91
CA ILE B 113 -0.60 13.96 2.12
C ILE B 113 -1.66 14.80 2.82
N ASP B 114 -1.70 14.78 4.14
CA ASP B 114 -2.68 15.65 4.83
C ASP B 114 -2.46 17.08 4.35
N PRO B 115 -1.21 17.51 4.38
CA PRO B 115 -0.87 18.84 3.83
C PRO B 115 -1.33 18.91 2.37
N VAL B 116 -1.26 17.80 1.66
CA VAL B 116 -1.74 17.82 0.24
C VAL B 116 -3.27 17.92 0.17
N MET B 117 -3.93 17.90 1.31
CA MET B 117 -5.43 18.04 1.37
C MET B 117 -6.13 16.76 0.95
N GLN B 118 -5.42 15.72 0.58
CA GLN B 118 -6.12 14.45 0.25
C GLN B 118 -6.76 13.92 1.53
N SER B 119 -6.17 14.23 2.66
CA SER B 119 -6.75 13.78 3.95
C SER B 119 -7.33 14.98 4.70
N LEU B 120 -7.59 16.07 4.01
CA LEU B 120 -8.16 17.28 4.68
C LEU B 120 -9.24 16.92 5.70
N GLY B 121 -10.30 16.29 5.27
CA GLY B 121 -11.38 15.91 6.21
C GLY B 121 -11.92 14.52 5.85
N SER A 1 22.59 -41.09 10.34
CA SER A 1 21.15 -40.90 10.04
C SER A 1 20.91 -39.51 9.44
N HIS A 2 19.68 -39.07 9.41
CA HIS A 2 19.39 -37.72 8.84
C HIS A 2 18.65 -36.85 9.84
N LEU A 3 19.07 -36.86 11.08
CA LEU A 3 18.38 -36.03 12.11
C LEU A 3 16.88 -36.31 12.11
N LYS A 4 16.15 -35.68 12.98
CA LYS A 4 14.68 -35.92 13.04
C LYS A 4 13.93 -34.80 12.31
N SER A 5 14.42 -33.59 12.40
CA SER A 5 13.74 -32.46 11.71
C SER A 5 12.26 -32.41 12.10
N LYS A 6 11.95 -32.79 13.31
CA LYS A 6 10.52 -32.76 13.76
C LYS A 6 9.64 -33.51 12.76
N LYS A 7 8.35 -33.29 12.80
CA LYS A 7 7.44 -33.99 11.86
C LYS A 7 6.09 -33.26 11.78
N GLY A 8 6.10 -31.96 11.82
CA GLY A 8 4.83 -31.19 11.75
C GLY A 8 4.33 -31.20 10.30
N GLN A 9 3.16 -31.75 10.07
CA GLN A 9 2.61 -31.79 8.68
C GLN A 9 1.13 -31.42 8.69
N SER A 10 0.42 -31.76 7.64
CA SER A 10 -1.03 -31.42 7.60
C SER A 10 -1.24 -29.93 7.86
N THR A 11 -0.94 -29.10 6.89
CA THR A 11 -1.13 -27.63 7.09
C THR A 11 -2.61 -27.28 7.12
N SER A 12 -3.24 -27.40 8.25
CA SER A 12 -4.70 -27.07 8.35
C SER A 12 -4.89 -25.59 8.70
N ARG A 13 -3.84 -24.85 8.90
CA ARG A 13 -3.99 -23.41 9.23
C ARG A 13 -2.95 -22.57 8.46
N HIS A 14 -3.40 -21.76 7.54
CA HIS A 14 -2.44 -20.93 6.76
C HIS A 14 -2.51 -19.47 7.20
N LYS A 15 -1.49 -18.71 6.94
CA LYS A 15 -1.49 -17.28 7.35
C LYS A 15 -0.63 -16.45 6.38
N LEU A 17 1.76 -14.31 3.98
CA LEU A 17 3.25 -14.27 4.06
C LEU A 17 3.74 -14.09 5.49
N MET A 18 2.91 -13.55 6.35
CA MET A 18 3.36 -13.34 7.76
C MET A 18 3.87 -14.65 8.39
N PHE A 19 3.49 -15.77 7.83
CA PHE A 19 3.96 -17.07 8.39
C PHE A 19 4.80 -17.82 7.35
N LYS A 20 4.37 -17.84 6.13
CA LYS A 20 5.14 -18.56 5.07
C LYS A 20 6.42 -17.79 4.74
N GLY B 1 -21.36 21.04 0.91
CA GLY B 1 -21.63 19.61 1.23
C GLY B 1 -20.29 18.88 1.41
N SER B 2 -19.57 18.69 0.35
CA SER B 2 -18.27 17.99 0.45
C SER B 2 -17.36 18.69 1.46
N HIS B 3 -16.27 18.08 1.84
CA HIS B 3 -15.36 18.71 2.82
C HIS B 3 -14.24 19.49 2.11
N MET B 4 -14.26 19.55 0.81
CA MET B 4 -13.20 20.31 0.07
C MET B 4 -11.82 19.83 0.52
N ARG B 5 -11.26 18.87 -0.16
CA ARG B 5 -9.91 18.36 0.23
C ARG B 5 -9.32 17.50 -0.89
N LYS B 6 -8.09 17.09 -0.75
CA LYS B 6 -7.46 16.23 -1.79
C LYS B 6 -7.52 16.90 -3.16
N LYS B 7 -7.75 18.18 -3.22
CA LYS B 7 -7.80 18.86 -4.54
C LYS B 7 -6.56 19.70 -4.74
N ILE B 8 -6.08 20.24 -3.67
CA ILE B 8 -4.81 21.03 -3.69
C ILE B 8 -4.95 22.25 -4.61
N PHE B 9 -4.91 22.08 -5.91
CA PHE B 9 -5.04 23.26 -6.82
C PHE B 9 -4.97 22.84 -8.30
N LYS B 10 -3.79 22.58 -8.80
CA LYS B 10 -3.66 22.22 -10.24
C LYS B 10 -3.09 20.80 -10.41
N PRO B 11 -3.58 20.09 -11.41
CA PRO B 11 -3.10 18.71 -11.67
C PRO B 11 -1.57 18.70 -11.86
N GLU B 12 -1.03 19.69 -12.51
CA GLU B 12 0.44 19.73 -12.70
C GLU B 12 1.13 20.04 -11.37
N GLU B 13 0.70 21.08 -10.70
CA GLU B 13 1.30 21.41 -9.38
C GLU B 13 1.26 20.18 -8.49
N LEU B 14 0.33 19.31 -8.75
CA LEU B 14 0.24 18.06 -7.97
C LEU B 14 1.32 17.10 -8.42
N ARG B 15 1.55 16.98 -9.71
CA ARG B 15 2.66 16.09 -10.16
C ARG B 15 3.94 16.46 -9.42
N GLN B 16 4.09 17.73 -9.13
CA GLN B 16 5.27 18.17 -8.35
C GLN B 16 5.18 17.66 -6.91
N ALA B 17 4.27 18.18 -6.12
CA ALA B 17 4.14 17.71 -4.70
C ALA B 17 4.11 16.18 -4.65
N LEU B 18 3.55 15.57 -5.64
CA LEU B 18 3.51 14.09 -5.69
C LEU B 18 4.93 13.55 -5.81
N MET B 19 5.79 14.27 -6.50
CA MET B 19 7.17 13.77 -6.67
C MET B 19 7.87 13.57 -5.31
N PRO B 20 8.00 14.63 -4.51
CA PRO B 20 8.66 14.46 -3.19
C PRO B 20 7.96 13.37 -2.37
N THR B 21 6.65 13.44 -2.22
CA THR B 21 5.96 12.40 -1.41
C THR B 21 6.14 11.03 -2.06
N LEU B 22 6.38 10.98 -3.35
CA LEU B 22 6.62 9.67 -4.02
C LEU B 22 7.92 9.08 -3.48
N GLU B 23 8.92 9.90 -3.33
CA GLU B 23 10.20 9.39 -2.77
C GLU B 23 9.98 8.92 -1.34
N ALA B 24 9.11 9.57 -0.62
CA ALA B 24 8.82 9.14 0.78
C ALA B 24 8.33 7.70 0.79
N LEU B 25 7.27 7.41 0.09
CA LEU B 25 6.72 6.02 0.07
C LEU B 25 7.46 5.18 -0.99
N TYR B 26 8.24 5.80 -1.83
CA TYR B 26 8.97 5.03 -2.88
C TYR B 26 10.36 5.62 -3.11
N ARG B 27 11.33 5.19 -2.36
CA ARG B 27 12.71 5.72 -2.55
C ARG B 27 13.68 4.57 -2.84
N GLN B 28 14.08 3.84 -1.82
CA GLN B 28 15.02 2.70 -2.04
C GLN B 28 15.35 2.03 -0.71
N ASP B 29 14.40 1.94 0.18
CA ASP B 29 14.67 1.30 1.50
C ASP B 29 13.78 0.07 1.67
N PRO B 30 14.13 -0.75 2.64
CA PRO B 30 13.35 -1.99 2.91
C PRO B 30 11.92 -1.66 3.32
N GLU B 31 11.64 -0.43 3.65
CA GLU B 31 10.26 -0.06 4.06
C GLU B 31 9.34 -0.06 2.84
N SER B 32 9.89 0.01 1.66
CA SER B 32 9.04 0.04 0.44
C SER B 32 9.24 -1.23 -0.40
N LEU B 33 10.36 -1.88 -0.24
CA LEU B 33 10.62 -3.12 -1.03
C LEU B 33 9.43 -4.09 -0.93
N PRO B 34 9.10 -4.47 0.29
CA PRO B 34 7.97 -5.40 0.49
C PRO B 34 6.63 -4.67 0.36
N PHE B 35 6.38 -4.07 -0.78
CA PHE B 35 5.10 -3.32 -0.95
C PHE B 35 4.60 -3.42 -2.39
N ARG B 36 5.47 -3.31 -3.35
CA ARG B 36 5.03 -3.37 -4.76
C ARG B 36 4.86 -4.82 -5.24
N GLN B 37 4.96 -5.76 -4.35
CA GLN B 37 4.76 -7.19 -4.75
C GLN B 37 4.80 -8.09 -3.50
N PRO B 38 3.92 -7.82 -2.58
CA PRO B 38 3.87 -8.62 -1.33
C PRO B 38 3.13 -9.95 -1.55
N VAL B 39 1.91 -9.90 -1.99
CA VAL B 39 1.14 -11.16 -2.21
C VAL B 39 0.22 -11.00 -3.44
N ASP B 40 -0.90 -10.34 -3.30
CA ASP B 40 -1.84 -10.18 -4.45
C ASP B 40 -2.29 -11.55 -4.98
N PRO B 41 -3.39 -11.57 -5.67
CA PRO B 41 -3.94 -12.84 -6.21
C PRO B 41 -3.29 -13.20 -7.55
N GLN B 42 -2.23 -12.53 -7.91
CA GLN B 42 -1.56 -12.85 -9.21
C GLN B 42 -0.37 -13.81 -9.00
N LEU B 43 -0.01 -14.08 -7.77
CA LEU B 43 1.14 -14.99 -7.54
C LEU B 43 1.04 -15.67 -6.17
N LEU B 44 -0.13 -15.69 -5.58
CA LEU B 44 -0.27 -16.35 -4.25
C LEU B 44 -1.72 -16.36 -3.79
N GLY B 45 -2.30 -15.21 -3.58
CA GLY B 45 -3.71 -15.17 -3.09
C GLY B 45 -3.79 -15.88 -1.74
N ILE B 46 -3.28 -15.27 -0.71
CA ILE B 46 -3.30 -15.92 0.63
C ILE B 46 -4.73 -16.05 1.15
N PRO B 47 -4.90 -16.78 2.22
CA PRO B 47 -6.24 -17.02 2.78
C PRO B 47 -7.02 -15.74 3.04
N ASP B 48 -8.33 -15.80 2.97
CA ASP B 48 -9.20 -14.61 3.25
C ASP B 48 -9.04 -13.52 2.19
N TYR B 49 -8.27 -13.74 1.16
CA TYR B 49 -8.14 -12.68 0.12
C TYR B 49 -9.53 -12.38 -0.46
N PHE B 50 -9.60 -11.62 -1.51
CA PHE B 50 -10.94 -11.26 -2.06
C PHE B 50 -11.80 -10.62 -0.97
N ASP B 51 -11.18 -10.13 0.07
CA ASP B 51 -11.93 -9.48 1.18
C ASP B 51 -10.99 -8.54 1.93
N ILE B 52 -9.91 -9.06 2.45
CA ILE B 52 -8.92 -8.18 3.14
C ILE B 52 -8.39 -7.14 2.14
N VAL B 53 -8.57 -7.37 0.87
CA VAL B 53 -8.09 -6.39 -0.14
C VAL B 53 -9.04 -6.35 -1.33
N LYS B 54 -9.90 -5.37 -1.39
CA LYS B 54 -10.85 -5.27 -2.53
C LYS B 54 -10.10 -5.10 -3.85
N ASN B 55 -9.00 -4.37 -3.83
CA ASN B 55 -8.24 -4.16 -5.10
C ASN B 55 -6.89 -3.47 -4.80
N PRO B 56 -5.85 -4.27 -4.69
CA PRO B 56 -4.51 -3.72 -4.38
C PRO B 56 -3.88 -3.10 -5.63
N MET B 57 -2.91 -2.24 -5.44
CA MET B 57 -2.24 -1.59 -6.60
C MET B 57 -0.76 -1.94 -6.65
N ASP B 58 -0.20 -2.31 -5.53
CA ASP B 58 1.27 -2.58 -5.47
C ASP B 58 2.01 -1.28 -5.80
N LEU B 59 2.93 -0.87 -4.96
CA LEU B 59 3.64 0.41 -5.20
C LEU B 59 4.26 0.46 -6.61
N SER B 60 4.34 -0.64 -7.30
CA SER B 60 4.93 -0.62 -8.66
C SER B 60 3.95 -0.02 -9.69
N THR B 61 2.68 -0.35 -9.58
CA THR B 61 1.70 0.19 -10.57
C THR B 61 1.38 1.66 -10.27
N ILE B 62 0.94 1.97 -9.08
CA ILE B 62 0.63 3.39 -8.76
C ILE B 62 1.80 4.30 -9.13
N LYS B 63 3.00 3.85 -8.92
CA LYS B 63 4.18 4.67 -9.31
C LYS B 63 4.22 4.82 -10.83
N ARG B 64 4.12 3.74 -11.54
CA ARG B 64 4.13 3.81 -13.03
C ARG B 64 3.16 4.88 -13.54
N LYS B 65 2.07 5.06 -12.85
CA LYS B 65 1.08 6.10 -13.30
C LYS B 65 1.26 7.40 -12.50
N LEU B 66 2.10 7.40 -11.50
CA LEU B 66 2.30 8.65 -10.70
C LEU B 66 3.10 9.67 -11.51
N ASP B 67 3.95 9.22 -12.39
CA ASP B 67 4.74 10.18 -13.21
C ASP B 67 4.11 10.33 -14.60
N THR B 68 2.84 10.63 -14.66
CA THR B 68 2.16 10.78 -15.97
C THR B 68 0.96 11.72 -15.85
N GLY B 69 0.20 11.58 -14.79
CA GLY B 69 -0.99 12.45 -14.61
C GLY B 69 -2.22 11.58 -14.33
N GLN B 70 -2.18 10.34 -14.71
CA GLN B 70 -3.33 9.43 -14.46
C GLN B 70 -3.74 9.50 -12.98
N TYR B 71 -2.82 9.88 -12.13
CA TYR B 71 -3.15 9.96 -10.68
C TYR B 71 -2.53 11.21 -10.05
N GLN B 72 -2.39 12.27 -10.81
CA GLN B 72 -1.78 13.50 -10.24
C GLN B 72 -2.65 14.03 -9.10
N GLU B 73 -3.94 13.89 -9.20
CA GLU B 73 -4.83 14.37 -8.11
C GLU B 73 -4.68 13.44 -6.89
N PRO B 74 -4.54 14.03 -5.74
CA PRO B 74 -4.39 13.21 -4.51
C PRO B 74 -5.59 12.27 -4.37
N TRP B 75 -6.73 12.67 -4.85
CA TRP B 75 -7.92 11.78 -4.76
C TRP B 75 -7.59 10.40 -5.33
N GLN B 76 -7.15 10.36 -6.56
CA GLN B 76 -6.78 9.04 -7.17
C GLN B 76 -5.48 8.54 -6.55
N TYR B 77 -4.46 9.34 -6.53
CA TYR B 77 -3.18 8.92 -5.91
C TYR B 77 -3.42 8.40 -4.49
N VAL B 78 -3.88 9.24 -3.60
CA VAL B 78 -4.13 8.78 -2.20
C VAL B 78 -5.07 7.57 -2.21
N ASP B 79 -5.97 7.51 -3.16
CA ASP B 79 -6.90 6.35 -3.21
C ASP B 79 -6.11 5.06 -3.40
N ASP B 80 -5.13 5.07 -4.27
CA ASP B 80 -4.31 3.86 -4.49
C ASP B 80 -3.31 3.69 -3.34
N VAL B 81 -2.65 4.74 -2.95
CA VAL B 81 -1.68 4.63 -1.82
C VAL B 81 -2.40 4.08 -0.59
N TRP B 82 -3.40 4.79 -0.14
CA TRP B 82 -4.15 4.33 1.05
C TRP B 82 -4.70 2.93 0.85
N LEU B 83 -5.28 2.67 -0.29
CA LEU B 83 -5.81 1.30 -0.53
C LEU B 83 -4.64 0.32 -0.58
N MET B 84 -3.56 0.74 -1.18
CA MET B 84 -2.35 -0.11 -1.20
C MET B 84 -1.91 -0.34 0.25
N PHE B 85 -1.97 0.68 1.06
CA PHE B 85 -1.63 0.50 2.50
C PHE B 85 -2.67 -0.40 3.14
N ASN B 86 -3.89 -0.31 2.67
CA ASN B 86 -4.95 -1.22 3.19
C ASN B 86 -4.64 -2.65 2.74
N ASN B 87 -3.91 -2.78 1.65
CA ASN B 87 -3.54 -4.15 1.18
C ASN B 87 -2.38 -4.66 2.05
N ALA B 88 -2.62 -4.75 3.32
CA ALA B 88 -1.60 -5.25 4.28
C ALA B 88 -2.11 -5.03 5.69
N TRP B 89 -2.59 -3.86 5.97
CA TRP B 89 -3.11 -3.57 7.34
C TRP B 89 -4.31 -4.45 7.67
N LEU B 90 -5.18 -4.65 6.71
CA LEU B 90 -6.38 -5.49 6.95
C LEU B 90 -6.01 -6.95 7.19
N TYR B 91 -4.76 -7.31 7.01
CA TYR B 91 -4.40 -8.74 7.20
C TYR B 91 -2.88 -8.96 7.36
N ASN B 92 -2.16 -7.99 7.87
CA ASN B 92 -0.69 -8.22 8.10
C ASN B 92 -0.43 -8.63 9.54
N ARG B 93 -1.33 -9.37 10.14
CA ARG B 93 -1.15 -9.79 11.56
C ARG B 93 -0.99 -8.56 12.46
N LYS B 94 -1.20 -8.72 13.74
CA LYS B 94 -1.05 -7.56 14.66
C LYS B 94 0.39 -7.44 15.16
N THR B 95 1.29 -8.21 14.63
CA THR B 95 2.71 -8.12 15.07
C THR B 95 3.60 -9.04 14.23
N SER B 96 4.24 -8.50 13.23
CA SER B 96 5.13 -9.34 12.36
C SER B 96 5.85 -8.46 11.34
N ARG B 97 6.87 -8.98 10.71
CA ARG B 97 7.60 -8.19 9.70
C ARG B 97 6.64 -7.61 8.66
N VAL B 98 5.52 -8.26 8.48
CA VAL B 98 4.53 -7.78 7.47
C VAL B 98 3.91 -6.47 7.96
N TYR B 99 3.48 -6.44 9.19
CA TYR B 99 2.91 -5.19 9.74
C TYR B 99 4.03 -4.35 10.35
N LYS B 100 4.99 -3.95 9.56
CA LYS B 100 6.13 -3.17 10.12
C LYS B 100 6.80 -2.32 9.04
N PHE B 101 7.28 -2.94 7.98
CA PHE B 101 7.97 -2.13 6.93
C PHE B 101 6.98 -1.16 6.26
N CYS B 102 5.70 -1.37 6.44
CA CYS B 102 4.72 -0.44 5.81
C CYS B 102 4.44 0.75 6.73
N SER B 103 4.39 0.52 8.01
CA SER B 103 4.13 1.67 8.93
C SER B 103 5.16 2.77 8.69
N LYS B 104 6.33 2.40 8.25
CA LYS B 104 7.38 3.43 8.00
C LYS B 104 6.97 4.35 6.85
N LEU B 105 6.57 3.82 5.72
CA LEU B 105 6.17 4.72 4.61
C LEU B 105 4.73 5.19 4.78
N ALA B 106 3.91 4.41 5.44
CA ALA B 106 2.53 4.89 5.71
C ALA B 106 2.63 6.25 6.43
N GLU B 107 3.59 6.38 7.30
CA GLU B 107 3.79 7.67 8.01
C GLU B 107 4.67 8.62 7.19
N VAL B 108 5.65 8.11 6.48
CA VAL B 108 6.53 9.02 5.69
C VAL B 108 5.74 9.65 4.54
N PHE B 109 4.90 8.89 3.89
CA PHE B 109 4.07 9.45 2.81
C PHE B 109 3.01 10.37 3.43
N GLU B 110 2.34 9.90 4.46
CA GLU B 110 1.33 10.76 5.15
C GLU B 110 1.97 12.10 5.53
N GLN B 111 3.26 12.12 5.68
CA GLN B 111 3.95 13.39 6.01
C GLN B 111 4.14 14.22 4.76
N GLU B 112 4.33 13.59 3.64
CA GLU B 112 4.58 14.35 2.40
C GLU B 112 3.27 14.66 1.66
N ILE B 113 2.15 14.30 2.23
CA ILE B 113 0.86 14.66 1.57
C ILE B 113 0.19 15.80 2.31
N ASP B 114 0.37 15.89 3.61
CA ASP B 114 -0.22 17.05 4.34
C ASP B 114 0.32 18.32 3.67
N PRO B 115 1.62 18.38 3.52
CA PRO B 115 2.24 19.50 2.77
C PRO B 115 1.58 19.62 1.39
N VAL B 116 1.24 18.51 0.78
CA VAL B 116 0.57 18.56 -0.55
C VAL B 116 -0.86 19.13 -0.40
N MET B 117 -1.31 19.34 0.81
CA MET B 117 -2.69 19.89 1.06
C MET B 117 -3.75 18.82 0.83
N GLN B 118 -3.36 17.62 0.47
CA GLN B 118 -4.37 16.55 0.30
C GLN B 118 -5.01 16.29 1.66
N SER B 119 -4.23 16.23 2.69
CA SER B 119 -4.79 16.07 4.05
C SER B 119 -5.12 17.44 4.60
N LEU B 120 -4.22 18.37 4.43
CA LEU B 120 -4.44 19.78 4.89
C LEU B 120 -4.94 19.80 6.33
N GLY B 121 -6.22 19.67 6.53
CA GLY B 121 -6.74 19.72 7.92
C GLY B 121 -7.21 18.32 8.34
N SER A 1 -20.44 -27.04 18.72
CA SER A 1 -19.96 -26.94 17.31
C SER A 1 -18.71 -27.80 17.12
N HIS A 2 -18.55 -28.37 15.95
CA HIS A 2 -17.36 -29.23 15.70
C HIS A 2 -16.91 -29.09 14.25
N LEU A 3 -15.73 -29.57 13.94
CA LEU A 3 -15.23 -29.48 12.54
C LEU A 3 -14.24 -30.60 12.25
N LYS A 4 -14.73 -31.77 11.96
CA LYS A 4 -13.81 -32.91 11.68
C LYS A 4 -12.88 -32.59 10.50
N SER A 5 -11.72 -33.18 10.47
CA SER A 5 -10.77 -32.90 9.35
C SER A 5 -10.72 -34.09 8.39
N LYS A 6 -11.71 -34.25 7.57
CA LYS A 6 -11.71 -35.40 6.62
C LYS A 6 -11.03 -35.03 5.31
N LYS A 7 -10.70 -33.77 5.12
CA LYS A 7 -10.03 -33.37 3.85
C LYS A 7 -8.52 -33.39 4.01
N GLY A 8 -8.01 -34.23 4.87
CA GLY A 8 -6.53 -34.30 5.07
C GLY A 8 -6.01 -32.91 5.46
N GLN A 9 -4.85 -32.55 4.98
CA GLN A 9 -4.29 -31.22 5.32
C GLN A 9 -4.91 -30.14 4.44
N SER A 10 -4.57 -28.90 4.67
CA SER A 10 -5.16 -27.80 3.85
C SER A 10 -4.48 -27.76 2.47
N THR A 11 -4.69 -26.69 1.74
CA THR A 11 -4.06 -26.59 0.39
C THR A 11 -3.73 -25.13 0.07
N SER A 12 -4.73 -24.29 -0.03
CA SER A 12 -4.46 -22.86 -0.34
C SER A 12 -4.79 -21.98 0.86
N ARG A 13 -4.87 -22.56 2.03
CA ARG A 13 -5.18 -21.75 3.25
C ARG A 13 -3.94 -21.64 4.13
N HIS A 14 -3.95 -20.72 5.07
CA HIS A 14 -2.77 -20.56 5.96
C HIS A 14 -1.50 -20.36 5.13
N LYS A 15 -1.19 -19.14 4.78
CA LYS A 15 0.03 -18.87 3.98
C LYS A 15 0.68 -17.57 4.44
N LEU A 17 2.30 -13.64 3.75
CA LEU A 17 3.65 -13.30 3.20
C LEU A 17 4.65 -13.05 4.33
N MET A 18 4.43 -13.61 5.49
CA MET A 18 5.39 -13.40 6.61
C MET A 18 6.47 -14.48 6.62
N PHE A 19 6.26 -15.56 5.90
CA PHE A 19 7.28 -16.64 5.88
C PHE A 19 7.43 -17.20 4.46
N LYS A 20 6.35 -17.41 3.77
CA LYS A 20 6.42 -17.95 2.39
C LYS A 20 6.76 -16.84 1.40
N GLY B 1 -18.20 19.01 2.35
CA GLY B 1 -18.53 17.92 3.31
C GLY B 1 -18.49 16.57 2.60
N SER B 2 -19.44 16.31 1.74
CA SER B 2 -19.46 15.01 1.02
C SER B 2 -18.91 15.19 -0.40
N HIS B 3 -18.01 14.35 -0.81
CA HIS B 3 -17.43 14.47 -2.18
C HIS B 3 -16.91 15.88 -2.42
N MET B 4 -16.21 16.43 -1.47
CA MET B 4 -15.65 17.81 -1.63
C MET B 4 -14.44 18.00 -0.73
N ARG B 5 -13.51 17.07 -0.75
CA ARG B 5 -12.30 17.20 0.11
C ARG B 5 -11.06 16.71 -0.65
N LYS B 6 -11.01 15.44 -0.96
CA LYS B 6 -9.82 14.90 -1.67
C LYS B 6 -9.49 15.75 -2.91
N LYS B 7 -10.46 16.47 -3.43
CA LYS B 7 -10.16 17.35 -4.59
C LYS B 7 -9.24 18.49 -4.13
N ILE B 8 -8.04 18.54 -4.65
CA ILE B 8 -7.09 19.60 -4.19
C ILE B 8 -7.25 20.87 -5.03
N PHE B 9 -6.99 20.79 -6.32
CA PHE B 9 -7.14 22.00 -7.17
C PHE B 9 -6.91 21.68 -8.65
N LYS B 10 -5.68 21.49 -9.04
CA LYS B 10 -5.39 21.19 -10.48
C LYS B 10 -4.50 19.95 -10.61
N PRO B 11 -4.72 19.19 -11.66
CA PRO B 11 -3.92 17.97 -11.88
C PRO B 11 -2.42 18.28 -11.88
N GLU B 12 -2.03 19.40 -12.43
CA GLU B 12 -0.58 19.75 -12.42
C GLU B 12 -0.15 20.11 -11.00
N GLU B 13 -0.85 21.01 -10.37
CA GLU B 13 -0.50 21.38 -8.96
C GLU B 13 -0.37 20.12 -8.12
N LEU B 14 -1.06 19.08 -8.53
CA LEU B 14 -0.97 17.81 -7.79
C LEU B 14 0.34 17.11 -8.14
N ARG B 15 0.74 17.13 -9.39
CA ARG B 15 2.05 16.52 -9.73
C ARG B 15 3.13 17.13 -8.83
N GLN B 16 2.97 18.39 -8.49
CA GLN B 16 3.92 19.05 -7.57
C GLN B 16 3.80 18.43 -6.17
N ALA B 17 2.71 18.67 -5.48
CA ALA B 17 2.56 18.09 -4.10
C ALA B 17 2.90 16.60 -4.11
N LEU B 18 2.56 15.94 -5.17
CA LEU B 18 2.89 14.50 -5.29
C LEU B 18 4.40 14.31 -5.31
N MET B 19 5.14 15.26 -5.83
CA MET B 19 6.62 15.11 -5.87
C MET B 19 7.22 14.99 -4.46
N PRO B 20 7.03 15.99 -3.61
CA PRO B 20 7.58 15.89 -2.24
C PRO B 20 7.08 14.61 -1.55
N THR B 21 5.80 14.36 -1.56
CA THR B 21 5.30 13.12 -0.89
C THR B 21 5.90 11.89 -1.58
N LEU B 22 6.28 12.01 -2.82
CA LEU B 22 6.91 10.86 -3.53
C LEU B 22 8.23 10.52 -2.85
N GLU B 23 9.08 11.50 -2.67
CA GLU B 23 10.37 11.25 -1.97
C GLU B 23 10.09 10.62 -0.60
N ALA B 24 9.04 11.04 0.04
CA ALA B 24 8.71 10.46 1.38
C ALA B 24 8.31 8.99 1.24
N LEU B 25 7.25 8.71 0.53
CA LEU B 25 6.81 7.30 0.36
C LEU B 25 7.84 6.52 -0.46
N TYR B 26 7.97 6.84 -1.72
CA TYR B 26 8.96 6.11 -2.56
C TYR B 26 10.34 6.78 -2.45
N ARG B 27 11.28 6.11 -1.85
CA ARG B 27 12.64 6.70 -1.71
C ARG B 27 13.71 5.68 -2.13
N GLN B 28 14.23 4.91 -1.20
CA GLN B 28 15.28 3.91 -1.57
C GLN B 28 15.76 3.17 -0.31
N ASP B 29 14.87 2.92 0.62
CA ASP B 29 15.29 2.20 1.86
C ASP B 29 14.59 0.84 1.96
N PRO B 30 14.97 0.07 2.95
CA PRO B 30 14.37 -1.27 3.13
C PRO B 30 12.86 -1.17 3.37
N GLU B 31 12.38 0.01 3.68
CA GLU B 31 10.92 0.17 3.93
C GLU B 31 10.14 0.21 2.61
N SER B 32 10.83 0.31 1.50
CA SER B 32 10.11 0.37 0.19
C SER B 32 10.46 -0.85 -0.66
N LEU B 33 11.59 -1.44 -0.42
CA LEU B 33 11.99 -2.63 -1.22
C LEU B 33 10.90 -3.72 -1.18
N PRO B 34 10.56 -4.15 0.02
CA PRO B 34 9.53 -5.21 0.17
C PRO B 34 8.13 -4.68 -0.15
N PHE B 35 7.97 -3.39 -0.27
CA PHE B 35 6.62 -2.83 -0.56
C PHE B 35 6.19 -3.21 -1.98
N ARG B 36 7.09 -3.21 -2.91
CA ARG B 36 6.72 -3.55 -4.31
C ARG B 36 6.77 -5.07 -4.53
N GLN B 37 5.81 -5.58 -5.25
CA GLN B 37 5.74 -7.05 -5.51
C GLN B 37 5.63 -7.87 -4.22
N PRO B 38 4.83 -7.42 -3.28
CA PRO B 38 4.65 -8.18 -2.03
C PRO B 38 3.59 -9.27 -2.23
N VAL B 39 2.53 -8.94 -2.92
CA VAL B 39 1.44 -9.92 -3.17
C VAL B 39 0.38 -9.28 -4.08
N ASP B 40 0.11 -9.90 -5.20
CA ASP B 40 -0.88 -9.29 -6.15
C ASP B 40 -2.33 -9.37 -5.66
N PRO B 41 -2.80 -10.49 -5.14
CA PRO B 41 -2.07 -11.77 -5.00
C PRO B 41 -2.29 -12.67 -6.21
N GLN B 42 -1.23 -13.06 -6.87
CA GLN B 42 -1.37 -13.94 -8.07
C GLN B 42 -0.58 -15.24 -7.85
N LEU B 43 -0.16 -15.51 -6.65
CA LEU B 43 0.62 -16.75 -6.38
C LEU B 43 0.45 -17.16 -4.92
N LEU B 44 -0.63 -17.82 -4.60
CA LEU B 44 -0.86 -18.25 -3.19
C LEU B 44 -0.76 -17.05 -2.25
N GLY B 45 -1.71 -16.16 -2.30
CA GLY B 45 -1.67 -14.96 -1.40
C GLY B 45 -1.73 -15.41 0.06
N ILE B 46 -2.73 -14.97 0.78
CA ILE B 46 -2.84 -15.39 2.21
C ILE B 46 -4.33 -15.54 2.59
N PRO B 47 -4.59 -16.26 3.65
CA PRO B 47 -5.97 -16.54 4.08
C PRO B 47 -6.90 -15.33 3.94
N ASP B 48 -7.90 -15.45 3.12
CA ASP B 48 -8.87 -14.33 2.95
C ASP B 48 -8.16 -13.01 2.66
N TYR B 49 -7.92 -12.72 1.40
CA TYR B 49 -7.26 -11.43 1.06
C TYR B 49 -8.31 -10.34 0.82
N PHE B 50 -9.48 -10.74 0.41
CA PHE B 50 -10.56 -9.75 0.15
C PHE B 50 -11.02 -9.08 1.45
N ASP B 51 -10.59 -9.57 2.58
CA ASP B 51 -10.98 -8.94 3.87
C ASP B 51 -9.81 -8.14 4.44
N ILE B 52 -8.64 -8.25 3.86
CA ILE B 52 -7.48 -7.49 4.39
C ILE B 52 -6.86 -6.61 3.30
N VAL B 53 -7.22 -6.82 2.06
CA VAL B 53 -6.59 -6.01 0.97
C VAL B 53 -7.51 -5.86 -0.24
N LYS B 54 -8.14 -6.93 -0.67
CA LYS B 54 -9.04 -6.87 -1.87
C LYS B 54 -8.23 -6.69 -3.16
N ASN B 55 -7.44 -5.65 -3.26
CA ASN B 55 -6.66 -5.42 -4.51
C ASN B 55 -5.37 -4.66 -4.23
N PRO B 56 -4.34 -5.38 -3.85
CA PRO B 56 -3.05 -4.72 -3.52
C PRO B 56 -2.24 -4.41 -4.77
N MET B 57 -1.38 -3.43 -4.69
CA MET B 57 -0.52 -3.08 -5.86
C MET B 57 0.95 -3.22 -5.48
N ASP B 58 1.82 -2.69 -6.29
CA ASP B 58 3.26 -2.70 -5.95
C ASP B 58 3.75 -1.26 -5.93
N LEU B 59 4.55 -0.87 -4.98
CA LEU B 59 5.02 0.54 -4.95
C LEU B 59 5.63 0.90 -6.30
N SER B 60 6.05 -0.07 -7.06
CA SER B 60 6.60 0.22 -8.40
C SER B 60 5.47 0.40 -9.42
N THR B 61 4.30 -0.15 -9.13
CA THR B 61 3.16 -0.01 -10.06
C THR B 61 2.67 1.44 -10.07
N ILE B 62 2.03 1.86 -9.00
CA ILE B 62 1.54 3.27 -8.95
C ILE B 62 2.66 4.23 -9.31
N LYS B 63 3.81 4.08 -8.73
CA LYS B 63 4.94 4.99 -9.07
C LYS B 63 5.19 4.98 -10.59
N ARG B 64 5.04 3.86 -11.22
CA ARG B 64 5.24 3.81 -12.70
C ARG B 64 4.21 4.69 -13.40
N LYS B 65 3.00 4.71 -12.91
CA LYS B 65 1.96 5.58 -13.55
C LYS B 65 1.63 6.77 -12.63
N LEU B 66 2.50 7.07 -11.72
CA LEU B 66 2.24 8.22 -10.79
C LEU B 66 3.05 9.44 -11.24
N ASP B 67 4.23 9.23 -11.73
CA ASP B 67 5.05 10.37 -12.22
C ASP B 67 4.44 10.91 -13.52
N THR B 68 3.71 10.09 -14.23
CA THR B 68 3.08 10.55 -15.49
C THR B 68 1.76 11.28 -15.20
N GLY B 69 1.01 11.58 -16.21
CA GLY B 69 -0.29 12.28 -16.00
C GLY B 69 -1.41 11.25 -15.90
N GLN B 70 -1.19 10.20 -15.16
CA GLN B 70 -2.23 9.14 -15.04
C GLN B 70 -2.82 9.12 -13.63
N TYR B 71 -2.02 9.39 -12.64
CA TYR B 71 -2.53 9.38 -11.23
C TYR B 71 -2.06 10.62 -10.48
N GLN B 72 -2.20 11.78 -11.06
CA GLN B 72 -1.77 13.02 -10.34
C GLN B 72 -2.83 13.39 -9.29
N GLU B 73 -4.08 13.19 -9.59
CA GLU B 73 -5.14 13.49 -8.61
C GLU B 73 -5.03 12.53 -7.43
N PRO B 74 -4.93 13.06 -6.23
CA PRO B 74 -4.81 12.19 -5.06
C PRO B 74 -5.97 11.19 -5.02
N TRP B 75 -7.05 11.46 -5.70
CA TRP B 75 -8.17 10.48 -5.71
C TRP B 75 -7.64 9.09 -6.10
N GLN B 76 -7.29 8.91 -7.35
CA GLN B 76 -6.72 7.60 -7.77
C GLN B 76 -5.40 7.35 -7.05
N TYR B 77 -4.51 8.30 -7.06
CA TYR B 77 -3.20 8.10 -6.36
C TYR B 77 -3.44 7.65 -4.92
N VAL B 78 -4.09 8.44 -4.10
CA VAL B 78 -4.34 8.01 -2.68
C VAL B 78 -4.93 6.60 -2.66
N ASP B 79 -5.68 6.25 -3.67
CA ASP B 79 -6.25 4.87 -3.72
C ASP B 79 -5.12 3.83 -3.77
N ASP B 80 -4.41 3.76 -4.86
CA ASP B 80 -3.28 2.79 -4.97
C ASP B 80 -2.37 2.88 -3.73
N VAL B 81 -2.00 4.07 -3.35
CA VAL B 81 -1.14 4.22 -2.14
C VAL B 81 -1.84 3.59 -0.94
N TRP B 82 -2.93 4.16 -0.53
CA TRP B 82 -3.68 3.61 0.64
C TRP B 82 -3.90 2.10 0.48
N LEU B 83 -4.18 1.66 -0.72
CA LEU B 83 -4.37 0.20 -0.92
C LEU B 83 -3.02 -0.48 -0.71
N MET B 84 -2.03 -0.01 -1.39
CA MET B 84 -0.66 -0.55 -1.19
C MET B 84 -0.29 -0.38 0.29
N PHE B 85 -0.95 0.54 0.96
CA PHE B 85 -0.67 0.76 2.39
C PHE B 85 -1.50 -0.20 3.23
N ASN B 86 -2.80 -0.20 3.07
CA ASN B 86 -3.64 -1.19 3.80
C ASN B 86 -3.18 -2.59 3.39
N ASN B 87 -2.70 -2.72 2.19
CA ASN B 87 -2.17 -4.02 1.72
C ASN B 87 -1.11 -4.54 2.69
N ALA B 88 -0.50 -3.65 3.42
CA ALA B 88 0.54 -4.07 4.41
C ALA B 88 0.07 -3.74 5.83
N TRP B 89 -1.02 -3.02 5.98
CA TRP B 89 -1.50 -2.66 7.34
C TRP B 89 -2.65 -3.58 7.75
N LEU B 90 -3.65 -3.71 6.92
CA LEU B 90 -4.81 -4.59 7.26
C LEU B 90 -4.47 -6.06 7.02
N TYR B 91 -3.26 -6.35 6.58
CA TYR B 91 -2.90 -7.77 6.33
C TYR B 91 -1.65 -8.15 7.15
N ASN B 92 -1.21 -7.31 8.04
CA ASN B 92 0.02 -7.62 8.82
C ASN B 92 -0.33 -8.14 10.22
N ARG B 93 0.60 -8.77 10.88
CA ARG B 93 0.32 -9.29 12.24
C ARG B 93 0.41 -8.15 13.28
N LYS B 94 1.59 -7.79 13.67
CA LYS B 94 1.75 -6.69 14.67
C LYS B 94 3.09 -5.99 14.50
N THR B 95 4.17 -6.72 14.59
CA THR B 95 5.51 -6.10 14.44
C THR B 95 6.54 -7.14 13.97
N SER B 96 6.56 -7.44 12.71
CA SER B 96 7.53 -8.44 12.19
C SER B 96 8.06 -8.00 10.82
N ARG B 97 8.64 -8.90 10.08
CA ARG B 97 9.17 -8.53 8.74
C ARG B 97 8.04 -8.00 7.85
N VAL B 98 6.82 -8.27 8.19
CA VAL B 98 5.67 -7.78 7.37
C VAL B 98 5.15 -6.47 7.96
N TYR B 99 4.91 -6.45 9.24
CA TYR B 99 4.44 -5.18 9.88
C TYR B 99 5.66 -4.33 10.25
N LYS B 100 6.34 -3.78 9.28
CA LYS B 100 7.55 -2.96 9.60
C LYS B 100 7.98 -2.11 8.41
N PHE B 101 8.26 -2.72 7.29
CA PHE B 101 8.71 -1.91 6.11
C PHE B 101 7.63 -0.90 5.72
N CYS B 102 6.43 -1.08 6.17
CA CYS B 102 5.35 -0.12 5.81
C CYS B 102 5.16 0.91 6.94
N SER B 103 5.39 0.53 8.16
CA SER B 103 5.23 1.50 9.28
C SER B 103 6.00 2.78 8.97
N LYS B 104 7.13 2.66 8.33
CA LYS B 104 7.94 3.86 7.99
C LYS B 104 7.28 4.64 6.85
N LEU B 105 7.01 3.98 5.75
CA LEU B 105 6.39 4.71 4.60
C LEU B 105 5.05 5.29 5.03
N ALA B 106 4.29 4.56 5.79
CA ALA B 106 2.98 5.09 6.26
C ALA B 106 3.19 6.35 7.10
N GLU B 107 4.19 6.34 7.94
CA GLU B 107 4.45 7.53 8.80
C GLU B 107 4.82 8.76 7.96
N VAL B 108 5.49 8.57 6.85
CA VAL B 108 5.87 9.77 6.02
C VAL B 108 4.77 10.10 5.02
N PHE B 109 4.34 9.14 4.26
CA PHE B 109 3.28 9.43 3.25
C PHE B 109 2.09 10.12 3.94
N GLU B 110 1.58 9.54 4.99
CA GLU B 110 0.43 10.16 5.70
C GLU B 110 0.82 11.54 6.20
N GLN B 111 2.10 11.77 6.38
CA GLN B 111 2.55 13.12 6.80
C GLN B 111 2.71 13.98 5.56
N GLU B 112 2.97 13.38 4.44
CA GLU B 112 3.22 14.17 3.21
C GLU B 112 1.93 14.31 2.40
N ILE B 113 1.00 13.40 2.54
CA ILE B 113 -0.27 13.57 1.79
C ILE B 113 -1.20 14.53 2.52
N ASP B 114 -1.08 14.66 3.81
CA ASP B 114 -1.92 15.65 4.51
C ASP B 114 -1.62 17.02 3.91
N PRO B 115 -0.36 17.39 3.87
CA PRO B 115 0.00 18.66 3.23
C PRO B 115 -0.51 18.69 1.79
N VAL B 116 -0.53 17.53 1.15
CA VAL B 116 -1.07 17.48 -0.24
C VAL B 116 -2.59 17.72 -0.21
N MET B 117 -3.17 17.80 0.96
CA MET B 117 -4.63 18.06 1.12
C MET B 117 -5.46 16.89 0.60
N GLN B 118 -4.82 15.79 0.30
CA GLN B 118 -5.60 14.58 -0.03
C GLN B 118 -6.30 14.14 1.27
N SER B 119 -5.65 14.39 2.38
CA SER B 119 -6.25 14.07 3.70
C SER B 119 -6.48 15.36 4.50
N LEU B 120 -6.69 16.45 3.80
CA LEU B 120 -6.93 17.76 4.48
C LEU B 120 -7.87 17.59 5.68
N GLY B 121 -9.13 17.38 5.41
CA GLY B 121 -10.09 17.23 6.53
C GLY B 121 -10.19 15.75 6.93
N SER A 1 7.64 -39.93 16.04
CA SER A 1 8.74 -40.37 15.14
C SER A 1 9.47 -39.16 14.55
N HIS A 2 10.23 -39.36 13.51
CA HIS A 2 10.96 -38.22 12.88
C HIS A 2 10.19 -37.69 11.69
N LEU A 3 10.68 -36.65 11.07
CA LEU A 3 9.97 -36.08 9.89
C LEU A 3 10.86 -35.07 9.17
N LYS A 4 10.95 -35.17 7.87
CA LYS A 4 11.81 -34.21 7.11
C LYS A 4 10.96 -33.41 6.11
N SER A 5 10.63 -32.20 6.45
CA SER A 5 9.81 -31.36 5.52
C SER A 5 10.59 -31.10 4.23
N LYS A 6 10.36 -31.88 3.22
CA LYS A 6 11.10 -31.68 1.93
C LYS A 6 10.23 -30.91 0.94
N LYS A 7 9.79 -29.75 1.30
CA LYS A 7 8.94 -28.94 0.38
C LYS A 7 7.74 -29.77 -0.11
N GLY A 8 6.95 -30.26 0.81
CA GLY A 8 5.77 -31.08 0.41
C GLY A 8 4.84 -31.26 1.61
N GLN A 9 3.79 -30.48 1.69
CA GLN A 9 2.85 -30.60 2.84
C GLN A 9 1.42 -30.30 2.40
N SER A 10 0.48 -30.39 3.29
CA SER A 10 -0.94 -30.11 2.93
C SER A 10 -1.47 -28.93 3.74
N THR A 11 -2.73 -28.62 3.60
CA THR A 11 -3.31 -27.49 4.37
C THR A 11 -2.48 -26.22 4.17
N SER A 12 -2.85 -25.39 3.25
CA SER A 12 -2.08 -24.14 3.01
C SER A 12 -2.66 -22.99 3.83
N ARG A 13 -3.38 -23.29 4.87
CA ARG A 13 -3.96 -22.21 5.72
C ARG A 13 -2.91 -21.68 6.70
N HIS A 14 -2.26 -20.60 6.35
CA HIS A 14 -1.21 -20.04 7.27
C HIS A 14 -1.44 -18.54 7.47
N LYS A 15 -0.85 -17.98 8.49
CA LYS A 15 -1.02 -16.52 8.74
C LYS A 15 -0.33 -15.71 7.65
N LEU A 17 1.58 -13.52 4.89
CA LEU A 17 3.05 -13.24 4.89
C LEU A 17 3.51 -12.80 6.28
N MET A 18 2.62 -12.38 7.13
CA MET A 18 3.04 -11.95 8.50
C MET A 18 3.49 -13.15 9.32
N PHE A 19 4.53 -13.81 8.89
CA PHE A 19 5.04 -14.99 9.66
C PHE A 19 6.37 -15.46 9.08
N LYS A 20 6.50 -15.46 7.78
CA LYS A 20 7.77 -15.91 7.16
C LYS A 20 8.90 -14.93 7.48
N GLY B 1 -24.76 19.71 -0.13
CA GLY B 1 -23.32 19.83 0.24
C GLY B 1 -22.57 18.58 -0.23
N SER B 2 -21.26 18.66 -0.30
CA SER B 2 -20.48 17.48 -0.76
C SER B 2 -19.05 17.54 -0.20
N HIS B 3 -18.54 16.43 0.26
CA HIS B 3 -17.16 16.42 0.83
C HIS B 3 -16.48 15.08 0.58
N MET B 4 -15.50 15.04 -0.27
CA MET B 4 -14.80 13.76 -0.54
C MET B 4 -13.28 13.89 -0.35
N ARG B 5 -12.80 15.07 -0.04
CA ARG B 5 -11.34 15.25 0.16
C ARG B 5 -10.56 14.70 -1.04
N LYS B 6 -9.29 14.46 -0.87
CA LYS B 6 -8.42 13.91 -1.95
C LYS B 6 -8.33 14.90 -3.12
N LYS B 7 -9.42 15.25 -3.75
CA LYS B 7 -9.35 16.24 -4.85
C LYS B 7 -8.89 17.58 -4.28
N ILE B 8 -7.79 18.10 -4.75
CA ILE B 8 -7.26 19.37 -4.16
C ILE B 8 -7.63 20.56 -5.05
N PHE B 9 -7.20 20.57 -6.28
CA PHE B 9 -7.55 21.72 -7.17
C PHE B 9 -7.02 21.50 -8.59
N LYS B 10 -5.73 21.64 -8.80
CA LYS B 10 -5.19 21.47 -10.18
C LYS B 10 -4.32 20.21 -10.27
N PRO B 11 -4.49 19.48 -11.35
CA PRO B 11 -3.71 18.23 -11.53
C PRO B 11 -2.21 18.53 -11.54
N GLU B 12 -1.81 19.66 -12.06
CA GLU B 12 -0.36 19.99 -12.09
C GLU B 12 0.11 20.36 -10.68
N GLU B 13 -0.58 21.26 -10.02
CA GLU B 13 -0.20 21.62 -8.63
C GLU B 13 -0.07 20.34 -7.81
N LEU B 14 -0.80 19.34 -8.18
CA LEU B 14 -0.68 18.04 -7.48
C LEU B 14 0.61 17.35 -7.88
N ARG B 15 0.96 17.37 -9.15
CA ARG B 15 2.26 16.77 -9.58
C ARG B 15 3.38 17.26 -8.66
N GLN B 16 3.27 18.50 -8.27
CA GLN B 16 4.28 19.08 -7.34
C GLN B 16 4.13 18.47 -5.93
N ALA B 17 3.04 18.76 -5.26
CA ALA B 17 2.86 18.23 -3.87
C ALA B 17 3.06 16.72 -3.83
N LEU B 18 2.65 16.03 -4.86
CA LEU B 18 2.84 14.56 -4.90
C LEU B 18 4.31 14.22 -5.13
N MET B 19 5.05 15.09 -5.77
CA MET B 19 6.48 14.78 -6.03
C MET B 19 7.21 14.44 -4.74
N PRO B 20 7.19 15.33 -3.77
CA PRO B 20 7.86 15.04 -2.50
C PRO B 20 7.05 14.02 -1.69
N THR B 21 5.75 14.08 -1.77
CA THR B 21 4.92 13.10 -1.03
C THR B 21 5.34 11.68 -1.41
N LEU B 22 5.20 11.31 -2.65
CA LEU B 22 5.60 9.95 -3.06
C LEU B 22 7.11 9.79 -2.91
N GLU B 23 7.86 10.85 -3.06
CA GLU B 23 9.33 10.77 -2.85
C GLU B 23 9.59 10.21 -1.46
N ALA B 24 8.70 10.48 -0.55
CA ALA B 24 8.83 9.92 0.82
C ALA B 24 8.36 8.47 0.82
N LEU B 25 7.27 8.22 0.14
CA LEU B 25 6.75 6.82 0.02
C LEU B 25 7.68 6.01 -0.88
N TYR B 26 7.64 6.25 -2.16
CA TYR B 26 8.54 5.52 -3.09
C TYR B 26 9.90 6.22 -3.18
N ARG B 27 10.85 5.80 -2.40
CA ARG B 27 12.18 6.47 -2.43
C ARG B 27 13.28 5.47 -2.85
N GLN B 28 13.91 4.80 -1.92
CA GLN B 28 14.98 3.84 -2.28
C GLN B 28 15.53 3.15 -1.03
N ASP B 29 14.66 2.65 -0.19
CA ASP B 29 15.14 1.97 1.05
C ASP B 29 14.43 0.62 1.20
N PRO B 30 14.99 -0.21 2.05
CA PRO B 30 14.38 -1.56 2.28
C PRO B 30 12.91 -1.42 2.64
N GLU B 31 12.54 -0.32 3.26
CA GLU B 31 11.11 -0.13 3.63
C GLU B 31 10.23 -0.11 2.39
N SER B 32 10.79 0.23 1.25
CA SER B 32 9.99 0.26 0.00
C SER B 32 10.33 -0.94 -0.90
N LEU B 33 11.15 -1.84 -0.43
CA LEU B 33 11.51 -3.02 -1.26
C LEU B 33 10.31 -3.98 -1.37
N PRO B 34 9.82 -4.44 -0.24
CA PRO B 34 8.68 -5.38 -0.25
C PRO B 34 7.41 -4.68 -0.74
N PHE B 35 7.36 -3.38 -0.63
CA PHE B 35 6.15 -2.64 -1.11
C PHE B 35 5.83 -3.04 -2.55
N ARG B 36 6.77 -2.87 -3.44
CA ARG B 36 6.53 -3.24 -4.85
C ARG B 36 6.54 -4.78 -5.02
N GLN B 37 6.86 -5.49 -3.98
CA GLN B 37 6.85 -6.98 -4.07
C GLN B 37 6.22 -7.59 -2.81
N PRO B 38 4.96 -7.31 -2.61
CA PRO B 38 4.25 -7.81 -1.41
C PRO B 38 3.69 -9.21 -1.66
N VAL B 39 3.18 -9.83 -0.63
CA VAL B 39 2.61 -11.21 -0.79
C VAL B 39 1.66 -11.28 -2.00
N ASP B 40 0.37 -11.08 -1.82
CA ASP B 40 -0.57 -11.16 -2.97
C ASP B 40 -0.50 -12.55 -3.61
N PRO B 41 -1.53 -12.89 -4.36
CA PRO B 41 -1.58 -14.22 -5.03
C PRO B 41 -0.31 -14.44 -5.87
N GLN B 42 0.36 -13.38 -6.24
CA GLN B 42 1.60 -13.55 -7.06
C GLN B 42 2.58 -14.49 -6.36
N LEU B 43 2.50 -14.58 -5.06
CA LEU B 43 3.44 -15.48 -4.31
C LEU B 43 2.68 -16.62 -3.64
N LEU B 44 1.58 -16.33 -3.00
CA LEU B 44 0.80 -17.41 -2.32
C LEU B 44 -0.69 -17.08 -2.32
N GLY B 45 -1.05 -15.84 -2.08
CA GLY B 45 -2.49 -15.47 -2.05
C GLY B 45 -3.02 -15.53 -0.61
N ILE B 46 -2.28 -16.15 0.28
CA ILE B 46 -2.66 -16.29 1.74
C ILE B 46 -4.19 -16.53 1.96
N PRO B 47 -4.55 -16.78 3.19
CA PRO B 47 -5.96 -17.10 3.52
C PRO B 47 -6.85 -15.85 3.51
N ASP B 48 -7.96 -15.92 2.83
CA ASP B 48 -8.90 -14.77 2.80
C ASP B 48 -8.16 -13.46 2.50
N TYR B 49 -7.51 -13.38 1.37
CA TYR B 49 -6.80 -12.11 1.01
C TYR B 49 -7.75 -11.20 0.24
N PHE B 50 -8.76 -11.76 -0.38
CA PHE B 50 -9.74 -10.93 -1.12
C PHE B 50 -10.61 -10.12 -0.14
N ASP B 51 -10.50 -10.39 1.13
CA ASP B 51 -11.31 -9.61 2.12
C ASP B 51 -10.42 -8.55 2.78
N ILE B 52 -9.13 -8.71 2.69
CA ILE B 52 -8.21 -7.70 3.28
C ILE B 52 -7.48 -6.95 2.17
N VAL B 53 -7.42 -7.51 1.00
CA VAL B 53 -6.74 -6.83 -0.14
C VAL B 53 -7.44 -7.15 -1.45
N LYS B 54 -8.30 -6.28 -1.91
CA LYS B 54 -9.04 -6.54 -3.18
C LYS B 54 -8.10 -6.35 -4.39
N ASN B 55 -7.72 -5.13 -4.67
CA ASN B 55 -6.84 -4.88 -5.83
C ASN B 55 -5.42 -4.53 -5.38
N PRO B 56 -4.63 -5.54 -5.10
CA PRO B 56 -3.24 -5.32 -4.63
C PRO B 56 -2.36 -4.82 -5.77
N MET B 57 -1.46 -3.92 -5.49
CA MET B 57 -0.55 -3.40 -6.56
C MET B 57 0.89 -3.30 -6.01
N ASP B 58 1.79 -2.74 -6.78
CA ASP B 58 3.18 -2.60 -6.30
C ASP B 58 3.60 -1.12 -6.32
N LEU B 59 4.39 -0.69 -5.36
CA LEU B 59 4.80 0.74 -5.34
C LEU B 59 5.35 1.16 -6.72
N SER B 60 5.80 0.23 -7.51
CA SER B 60 6.30 0.59 -8.87
C SER B 60 5.13 0.83 -9.82
N THR B 61 4.02 0.21 -9.54
CA THR B 61 2.81 0.39 -10.40
C THR B 61 2.28 1.83 -10.25
N ILE B 62 1.79 2.15 -9.08
CA ILE B 62 1.26 3.53 -8.87
C ILE B 62 2.36 4.57 -9.15
N LYS B 63 3.60 4.22 -8.95
CA LYS B 63 4.68 5.20 -9.23
C LYS B 63 4.94 5.27 -10.73
N ARG B 64 4.68 4.20 -11.44
CA ARG B 64 4.88 4.21 -12.91
C ARG B 64 3.79 5.05 -13.57
N LYS B 65 2.65 5.14 -12.95
CA LYS B 65 1.55 5.98 -13.52
C LYS B 65 1.54 7.37 -12.87
N LEU B 66 2.31 7.56 -11.83
CA LEU B 66 2.33 8.89 -11.16
C LEU B 66 2.99 9.94 -12.05
N ASP B 67 3.91 9.53 -12.88
CA ASP B 67 4.61 10.51 -13.76
C ASP B 67 3.98 10.51 -15.16
N THR B 68 2.70 10.25 -15.24
CA THR B 68 2.03 10.24 -16.57
C THR B 68 0.71 11.00 -16.50
N GLY B 69 0.59 11.92 -15.58
CA GLY B 69 -0.68 12.69 -15.46
C GLY B 69 -1.86 11.73 -15.32
N GLN B 70 -1.70 10.69 -14.55
CA GLN B 70 -2.81 9.71 -14.39
C GLN B 70 -3.28 9.67 -12.93
N TYR B 71 -2.37 9.77 -12.00
CA TYR B 71 -2.77 9.74 -10.57
C TYR B 71 -2.46 11.07 -9.89
N GLN B 72 -2.19 12.10 -10.65
CA GLN B 72 -1.89 13.43 -10.01
C GLN B 72 -3.01 13.79 -9.03
N GLU B 73 -4.22 13.41 -9.34
CA GLU B 73 -5.33 13.69 -8.38
C GLU B 73 -5.20 12.74 -7.19
N PRO B 74 -4.92 13.28 -6.04
CA PRO B 74 -4.74 12.41 -4.86
C PRO B 74 -5.89 11.42 -4.73
N TRP B 75 -7.03 11.70 -5.30
CA TRP B 75 -8.14 10.70 -5.25
C TRP B 75 -7.63 9.35 -5.77
N GLN B 76 -7.09 9.34 -6.96
CA GLN B 76 -6.52 8.07 -7.50
C GLN B 76 -5.22 7.73 -6.77
N TYR B 77 -4.29 8.64 -6.71
CA TYR B 77 -3.01 8.34 -6.00
C TYR B 77 -3.28 7.90 -4.56
N VAL B 78 -3.93 8.72 -3.76
CA VAL B 78 -4.24 8.31 -2.35
C VAL B 78 -4.87 6.91 -2.35
N ASP B 79 -5.68 6.63 -3.34
CA ASP B 79 -6.31 5.28 -3.39
C ASP B 79 -5.23 4.21 -3.51
N ASP B 80 -4.54 4.17 -4.61
CA ASP B 80 -3.45 3.16 -4.78
C ASP B 80 -2.52 3.16 -3.57
N VAL B 81 -1.99 4.30 -3.21
CA VAL B 81 -1.09 4.37 -2.02
C VAL B 81 -1.76 3.72 -0.81
N TRP B 82 -2.81 4.32 -0.35
CA TRP B 82 -3.54 3.76 0.82
C TRP B 82 -3.89 2.30 0.56
N LEU B 83 -4.40 2.02 -0.61
CA LEU B 83 -4.71 0.61 -0.94
C LEU B 83 -3.42 -0.21 -0.84
N MET B 84 -2.31 0.42 -1.12
CA MET B 84 -1.00 -0.28 -1.01
C MET B 84 -0.62 -0.43 0.45
N PHE B 85 -0.80 0.61 1.22
CA PHE B 85 -0.48 0.55 2.66
C PHE B 85 -1.43 -0.42 3.35
N ASN B 86 -2.68 -0.43 2.95
CA ASN B 86 -3.66 -1.38 3.57
C ASN B 86 -3.35 -2.81 3.12
N ASN B 87 -2.93 -2.97 1.89
CA ASN B 87 -2.59 -4.34 1.39
C ASN B 87 -1.63 -5.02 2.36
N ALA B 88 -0.91 -4.26 3.13
CA ALA B 88 0.06 -4.86 4.08
C ALA B 88 -0.23 -4.40 5.51
N TRP B 89 -1.46 -4.10 5.80
CA TRP B 89 -1.78 -3.59 7.16
C TRP B 89 -3.03 -4.26 7.75
N LEU B 90 -3.94 -4.70 6.93
CA LEU B 90 -5.19 -5.32 7.45
C LEU B 90 -4.90 -6.63 8.18
N TYR B 91 -3.86 -7.34 7.80
CA TYR B 91 -3.59 -8.65 8.46
C TYR B 91 -2.17 -8.71 9.04
N ASN B 92 -1.43 -7.64 8.96
CA ASN B 92 -0.03 -7.70 9.48
C ASN B 92 0.06 -7.27 10.95
N ARG B 93 1.22 -6.89 11.38
CA ARG B 93 1.42 -6.38 12.77
C ARG B 93 1.01 -7.41 13.83
N LYS B 94 1.98 -7.94 14.52
CA LYS B 94 1.72 -8.93 15.61
C LYS B 94 3.05 -9.55 16.03
N THR B 95 3.81 -9.99 15.06
CA THR B 95 5.14 -10.61 15.34
C THR B 95 5.75 -11.07 14.01
N SER B 96 5.71 -10.24 13.01
CA SER B 96 6.24 -10.66 11.69
C SER B 96 7.12 -9.57 11.05
N ARG B 97 7.43 -9.74 9.80
CA ARG B 97 8.27 -8.75 9.07
C ARG B 97 7.41 -7.88 8.18
N VAL B 98 6.14 -7.79 8.47
CA VAL B 98 5.22 -7.04 7.58
C VAL B 98 4.94 -5.65 8.17
N TYR B 99 4.48 -5.59 9.39
CA TYR B 99 4.24 -4.26 10.01
C TYR B 99 5.56 -3.61 10.40
N LYS B 100 6.43 -3.38 9.45
CA LYS B 100 7.74 -2.77 9.79
C LYS B 100 8.31 -2.01 8.60
N PHE B 101 8.51 -2.66 7.48
CA PHE B 101 9.08 -1.94 6.31
C PHE B 101 8.05 -0.96 5.73
N CYS B 102 6.80 -1.15 6.05
CA CYS B 102 5.76 -0.21 5.52
C CYS B 102 5.32 0.76 6.61
N SER B 103 5.66 0.50 7.85
CA SER B 103 5.26 1.43 8.94
C SER B 103 6.02 2.76 8.80
N LYS B 104 7.27 2.70 8.45
CA LYS B 104 8.04 3.96 8.28
C LYS B 104 7.53 4.69 7.04
N LEU B 105 7.09 3.94 6.07
CA LEU B 105 6.55 4.56 4.83
C LEU B 105 5.15 5.10 5.10
N ALA B 106 4.46 4.52 6.05
CA ALA B 106 3.13 5.04 6.43
C ALA B 106 3.30 6.43 7.05
N GLU B 107 4.32 6.58 7.86
CA GLU B 107 4.58 7.90 8.49
C GLU B 107 4.94 8.94 7.42
N VAL B 108 6.04 8.76 6.74
CA VAL B 108 6.46 9.77 5.70
C VAL B 108 5.28 10.13 4.79
N PHE B 109 4.77 9.18 4.06
CA PHE B 109 3.64 9.50 3.12
C PHE B 109 2.50 10.22 3.88
N GLU B 110 1.91 9.55 4.84
CA GLU B 110 0.79 10.20 5.60
C GLU B 110 1.20 11.59 6.08
N GLN B 111 2.47 11.84 6.23
CA GLN B 111 2.91 13.17 6.68
C GLN B 111 3.09 14.10 5.48
N GLU B 112 3.37 13.56 4.33
CA GLU B 112 3.58 14.44 3.15
C GLU B 112 2.29 14.59 2.35
N ILE B 113 1.38 13.67 2.52
CA ILE B 113 0.08 13.81 1.79
C ILE B 113 -0.88 14.69 2.57
N ASP B 114 -0.78 14.69 3.87
CA ASP B 114 -1.66 15.59 4.66
C ASP B 114 -1.41 17.02 4.19
N PRO B 115 -0.14 17.42 4.17
CA PRO B 115 0.19 18.75 3.66
C PRO B 115 -0.37 18.93 2.25
N VAL B 116 -0.38 17.88 1.47
CA VAL B 116 -0.95 17.97 0.10
C VAL B 116 -2.46 18.22 0.17
N MET B 117 -3.04 18.11 1.34
CA MET B 117 -4.51 18.30 1.52
C MET B 117 -5.27 17.09 0.94
N GLN B 118 -4.57 16.11 0.41
CA GLN B 118 -5.28 14.91 -0.09
C GLN B 118 -5.77 14.13 1.11
N SER B 119 -5.04 14.18 2.18
CA SER B 119 -5.52 13.58 3.44
C SER B 119 -6.20 14.69 4.24
N LEU B 120 -5.67 15.89 4.11
CA LEU B 120 -6.25 17.08 4.79
C LEU B 120 -6.28 16.91 6.32
N GLY B 121 -7.14 16.07 6.82
CA GLY B 121 -7.21 15.89 8.30
C GLY B 121 -7.79 14.50 8.61
N SER A 1 22.05 -22.72 17.86
CA SER A 1 20.98 -22.23 16.94
C SER A 1 21.50 -22.17 15.50
N HIS A 2 21.59 -23.29 14.84
CA HIS A 2 22.08 -23.31 13.43
C HIS A 2 21.03 -23.91 12.50
N LEU A 3 20.85 -23.34 11.34
CA LEU A 3 19.85 -23.89 10.38
C LEU A 3 20.27 -23.61 8.94
N LYS A 4 21.55 -23.67 8.66
CA LYS A 4 22.02 -23.41 7.28
C LYS A 4 21.56 -24.52 6.34
N SER A 5 21.24 -25.67 6.87
CA SER A 5 20.78 -26.80 6.00
C SER A 5 19.42 -26.47 5.38
N LYS A 6 18.72 -25.50 5.91
CA LYS A 6 17.39 -25.14 5.34
C LYS A 6 16.51 -26.39 5.23
N LYS A 7 15.95 -26.83 6.33
CA LYS A 7 15.08 -28.04 6.29
C LYS A 7 13.61 -27.64 6.48
N GLY A 8 13.22 -26.50 5.99
CA GLY A 8 11.80 -26.06 6.15
C GLY A 8 11.14 -25.98 4.76
N GLN A 9 11.03 -27.07 4.07
CA GLN A 9 10.40 -27.05 2.73
C GLN A 9 8.91 -26.74 2.85
N SER A 10 8.29 -26.30 1.79
CA SER A 10 6.84 -25.97 1.85
C SER A 10 6.04 -27.19 2.32
N THR A 11 4.78 -27.01 2.61
CA THR A 11 3.94 -28.16 3.08
C THR A 11 2.60 -28.16 2.37
N SER A 12 1.69 -27.31 2.77
CA SER A 12 0.36 -27.27 2.11
C SER A 12 -0.33 -25.94 2.38
N ARG A 13 -0.32 -25.48 3.60
CA ARG A 13 -0.97 -24.19 3.92
C ARG A 13 0.05 -23.16 4.41
N HIS A 14 -0.38 -22.03 4.86
CA HIS A 14 0.57 -21.00 5.35
C HIS A 14 -0.19 -19.84 6.02
N LYS A 15 0.49 -19.04 6.79
CA LYS A 15 -0.18 -17.90 7.47
C LYS A 15 0.32 -16.58 6.90
N LEU A 17 2.44 -13.96 4.24
CA LEU A 17 3.92 -13.73 4.20
C LEU A 17 4.51 -13.66 5.62
N MET A 18 3.76 -13.19 6.56
CA MET A 18 4.32 -13.06 7.94
C MET A 18 4.81 -14.42 8.46
N PHE A 19 4.37 -15.49 7.86
CA PHE A 19 4.83 -16.83 8.33
C PHE A 19 5.97 -17.34 7.44
N LYS A 20 5.93 -17.00 6.17
CA LYS A 20 7.01 -17.48 5.26
C LYS A 20 8.34 -16.79 5.60
N GLY B 1 -24.03 17.06 3.88
CA GLY B 1 -23.93 18.53 4.09
C GLY B 1 -22.72 19.08 3.33
N SER B 2 -22.67 18.85 2.04
CA SER B 2 -21.52 19.35 1.23
C SER B 2 -20.20 18.90 1.85
N HIS B 3 -19.62 17.86 1.32
CA HIS B 3 -18.32 17.37 1.87
C HIS B 3 -17.38 16.97 0.73
N MET B 4 -16.86 17.92 0.02
CA MET B 4 -15.94 17.60 -1.10
C MET B 4 -14.49 17.90 -0.70
N ARG B 5 -13.72 16.89 -0.38
CA ARG B 5 -12.31 17.13 0.02
C ARG B 5 -11.35 16.45 -0.96
N LYS B 6 -10.10 16.35 -0.61
CA LYS B 6 -9.09 15.71 -1.52
C LYS B 6 -9.05 16.46 -2.86
N LYS B 7 -9.57 17.65 -2.91
CA LYS B 7 -9.52 18.43 -4.18
C LYS B 7 -8.38 19.45 -4.10
N ILE B 8 -7.33 19.25 -4.83
CA ILE B 8 -6.17 20.18 -4.73
C ILE B 8 -6.28 21.27 -5.81
N PHE B 9 -6.23 20.91 -7.06
CA PHE B 9 -6.33 21.94 -8.14
C PHE B 9 -6.35 21.29 -9.52
N LYS B 10 -5.21 20.97 -10.07
CA LYS B 10 -5.18 20.36 -11.43
C LYS B 10 -4.49 18.99 -11.40
N PRO B 11 -4.90 18.13 -12.29
CA PRO B 11 -4.31 16.76 -12.34
C PRO B 11 -2.79 16.84 -12.54
N GLU B 12 -2.32 17.81 -13.27
CA GLU B 12 -0.85 17.93 -13.48
C GLU B 12 -0.20 18.49 -12.20
N GLU B 13 -0.72 19.57 -11.68
CA GLU B 13 -0.16 20.11 -10.41
C GLU B 13 -0.13 18.99 -9.37
N LEU B 14 -1.00 18.04 -9.51
CA LEU B 14 -1.00 16.88 -8.59
C LEU B 14 0.19 15.98 -8.90
N ARG B 15 0.45 15.74 -10.17
CA ARG B 15 1.64 14.90 -10.51
C ARG B 15 2.87 15.47 -9.79
N GLN B 16 2.91 16.77 -9.65
CA GLN B 16 4.02 17.40 -8.91
C GLN B 16 3.94 17.03 -7.43
N ALA B 17 2.96 17.53 -6.71
CA ALA B 17 2.83 17.20 -5.26
C ALA B 17 3.01 15.70 -5.02
N LEU B 18 2.48 14.90 -5.91
CA LEU B 18 2.65 13.44 -5.77
C LEU B 18 4.13 13.07 -5.82
N MET B 19 4.90 13.77 -6.61
CA MET B 19 6.35 13.42 -6.72
C MET B 19 7.05 13.50 -5.35
N PRO B 20 7.05 14.65 -4.71
CA PRO B 20 7.74 14.75 -3.39
C PRO B 20 7.14 13.78 -2.37
N THR B 21 5.83 13.68 -2.30
CA THR B 21 5.23 12.79 -1.26
C THR B 21 5.51 11.31 -1.56
N LEU B 22 5.31 10.86 -2.78
CA LEU B 22 5.61 9.44 -3.09
C LEU B 22 7.12 9.23 -3.04
N GLU B 23 7.88 10.24 -3.36
CA GLU B 23 9.36 10.11 -3.23
C GLU B 23 9.68 9.86 -1.77
N ALA B 24 8.88 10.41 -0.89
CA ALA B 24 9.06 10.15 0.56
C ALA B 24 8.82 8.66 0.83
N LEU B 25 7.76 8.12 0.30
CA LEU B 25 7.51 6.66 0.50
C LEU B 25 8.12 5.86 -0.67
N TYR B 26 8.98 6.47 -1.44
CA TYR B 26 9.61 5.76 -2.59
C TYR B 26 10.95 6.43 -2.93
N ARG B 27 11.97 6.15 -2.17
CA ARG B 27 13.29 6.78 -2.44
C ARG B 27 14.40 5.73 -2.53
N GLN B 28 14.78 5.17 -1.41
CA GLN B 28 15.87 4.15 -1.42
C GLN B 28 16.08 3.65 0.00
N ASP B 29 15.02 3.55 0.76
CA ASP B 29 15.15 3.11 2.17
C ASP B 29 14.84 1.62 2.29
N PRO B 30 15.37 1.00 3.31
CA PRO B 30 15.16 -0.45 3.51
C PRO B 30 13.68 -0.77 3.78
N GLU B 31 12.87 0.23 4.00
CA GLU B 31 11.43 -0.05 4.27
C GLU B 31 10.65 -0.04 2.95
N SER B 32 11.15 0.63 1.94
CA SER B 32 10.42 0.67 0.64
C SER B 32 10.89 -0.44 -0.30
N LEU B 33 11.81 -1.26 0.13
CA LEU B 33 12.32 -2.35 -0.76
C LEU B 33 11.39 -3.57 -0.70
N PRO B 34 11.07 -4.01 0.49
CA PRO B 34 10.21 -5.20 0.65
C PRO B 34 8.73 -4.86 0.55
N PHE B 35 8.40 -3.68 0.08
CA PHE B 35 6.96 -3.31 -0.04
C PHE B 35 6.34 -3.96 -1.28
N ARG B 36 6.87 -3.66 -2.44
CA ARG B 36 6.34 -4.27 -3.68
C ARG B 36 6.67 -5.76 -3.73
N GLN B 37 6.12 -6.52 -2.81
CA GLN B 37 6.43 -7.98 -2.79
C GLN B 37 5.32 -8.78 -3.49
N PRO B 38 5.56 -10.05 -3.69
CA PRO B 38 4.60 -10.92 -4.38
C PRO B 38 3.59 -11.55 -3.40
N VAL B 39 3.35 -10.90 -2.28
CA VAL B 39 2.38 -11.45 -1.28
C VAL B 39 1.09 -11.92 -1.97
N ASP B 40 0.75 -11.31 -3.07
CA ASP B 40 -0.49 -11.69 -3.80
C ASP B 40 -0.47 -13.20 -4.12
N PRO B 41 -1.37 -13.64 -4.97
CA PRO B 41 -1.43 -15.08 -5.31
C PRO B 41 -0.05 -15.65 -5.65
N GLN B 42 0.89 -14.81 -6.02
CA GLN B 42 2.26 -15.31 -6.34
C GLN B 42 2.76 -16.24 -5.23
N LEU B 43 2.29 -16.04 -4.02
CA LEU B 43 2.71 -16.93 -2.90
C LEU B 43 1.51 -17.25 -2.00
N LEU B 44 0.54 -17.96 -2.53
CA LEU B 44 -0.69 -18.32 -1.73
C LEU B 44 -1.55 -17.08 -1.43
N GLY B 45 -1.17 -15.93 -1.93
CA GLY B 45 -1.99 -14.70 -1.69
C GLY B 45 -2.40 -14.58 -0.23
N ILE B 46 -1.61 -15.14 0.68
CA ILE B 46 -1.95 -15.08 2.16
C ILE B 46 -3.46 -15.36 2.38
N PRO B 47 -3.87 -15.49 3.62
CA PRO B 47 -5.28 -15.87 3.92
C PRO B 47 -6.29 -15.08 3.08
N ASP B 48 -6.64 -15.59 1.93
CA ASP B 48 -7.64 -14.90 1.07
C ASP B 48 -7.34 -13.39 0.97
N TYR B 49 -6.37 -13.03 0.19
CA TYR B 49 -6.04 -11.57 0.06
C TYR B 49 -7.30 -10.80 -0.35
N PHE B 50 -8.02 -11.30 -1.31
CA PHE B 50 -9.27 -10.61 -1.72
C PHE B 50 -10.22 -10.50 -0.52
N ASP B 51 -10.03 -11.31 0.48
CA ASP B 51 -10.92 -11.25 1.67
C ASP B 51 -10.38 -10.25 2.70
N ILE B 52 -9.09 -10.24 2.92
CA ILE B 52 -8.53 -9.24 3.89
C ILE B 52 -8.30 -7.92 3.16
N VAL B 53 -7.77 -7.98 1.96
CA VAL B 53 -7.51 -6.74 1.18
C VAL B 53 -8.18 -6.84 -0.19
N LYS B 54 -9.28 -6.17 -0.39
CA LYS B 54 -9.98 -6.23 -1.70
C LYS B 54 -9.01 -6.01 -2.86
N ASN B 55 -8.42 -4.85 -2.95
CA ASN B 55 -7.49 -4.58 -4.08
C ASN B 55 -6.08 -4.25 -3.56
N PRO B 56 -5.24 -5.25 -3.51
CA PRO B 56 -3.86 -5.06 -3.02
C PRO B 56 -2.90 -4.73 -4.17
N MET B 57 -2.04 -3.76 -3.99
CA MET B 57 -1.09 -3.42 -5.09
C MET B 57 0.36 -3.57 -4.62
N ASP B 58 1.28 -3.53 -5.54
CA ASP B 58 2.71 -3.56 -5.17
C ASP B 58 3.24 -2.14 -5.27
N LEU B 59 4.06 -1.71 -4.34
CA LEU B 59 4.54 -0.30 -4.39
C LEU B 59 5.11 0.03 -5.78
N SER B 60 5.50 -0.96 -6.53
CA SER B 60 6.03 -0.68 -7.90
C SER B 60 4.88 -0.45 -8.88
N THR B 61 3.71 -0.95 -8.56
CA THR B 61 2.54 -0.76 -9.46
C THR B 61 2.04 0.68 -9.37
N ILE B 62 1.54 1.07 -8.24
CA ILE B 62 1.01 2.45 -8.08
C ILE B 62 2.06 3.47 -8.53
N LYS B 63 3.30 3.23 -8.21
CA LYS B 63 4.37 4.18 -8.65
C LYS B 63 4.43 4.20 -10.17
N ARG B 64 4.37 3.04 -10.78
CA ARG B 64 4.39 2.99 -12.27
C ARG B 64 3.26 3.86 -12.83
N LYS B 65 2.17 3.97 -12.11
CA LYS B 65 1.04 4.81 -12.60
C LYS B 65 1.22 6.26 -12.11
N LEU B 66 2.01 6.46 -11.09
CA LEU B 66 2.23 7.83 -10.56
C LEU B 66 2.92 8.71 -11.61
N ASP B 67 3.92 8.18 -12.27
CA ASP B 67 4.64 8.98 -13.31
C ASP B 67 4.05 8.72 -14.69
N THR B 68 2.76 8.89 -14.84
CA THR B 68 2.13 8.66 -16.17
C THR B 68 0.83 9.44 -16.28
N GLY B 69 -0.02 9.34 -15.30
CA GLY B 69 -1.31 10.09 -15.36
C GLY B 69 -2.45 9.18 -14.88
N GLN B 70 -2.26 7.89 -14.96
CA GLN B 70 -3.33 6.95 -14.49
C GLN B 70 -3.77 7.31 -13.08
N TYR B 71 -2.84 7.59 -12.21
CA TYR B 71 -3.21 7.96 -10.82
C TYR B 71 -2.51 9.26 -10.39
N GLN B 72 -3.09 10.38 -10.70
CA GLN B 72 -2.48 11.68 -10.30
C GLN B 72 -3.37 12.38 -9.27
N GLU B 73 -4.65 12.14 -9.31
CA GLU B 73 -5.55 12.76 -8.31
C GLU B 73 -5.36 12.07 -6.94
N PRO B 74 -5.16 12.84 -5.92
CA PRO B 74 -4.94 12.26 -4.57
C PRO B 74 -6.08 11.30 -4.22
N TRP B 75 -7.29 11.60 -4.63
CA TRP B 75 -8.42 10.68 -4.33
C TRP B 75 -8.06 9.24 -4.73
N GLN B 76 -7.77 9.03 -5.99
CA GLN B 76 -7.39 7.67 -6.44
C GLN B 76 -6.01 7.28 -5.92
N TYR B 77 -5.06 8.18 -6.00
CA TYR B 77 -3.69 7.87 -5.49
C TYR B 77 -3.75 7.53 -4.00
N VAL B 78 -4.23 8.43 -3.19
CA VAL B 78 -4.32 8.13 -1.73
C VAL B 78 -5.10 6.83 -1.51
N ASP B 79 -6.07 6.58 -2.35
CA ASP B 79 -6.87 5.32 -2.20
C ASP B 79 -5.97 4.11 -2.47
N ASP B 80 -5.26 4.11 -3.56
CA ASP B 80 -4.37 2.95 -3.87
C ASP B 80 -3.19 2.91 -2.89
N VAL B 81 -2.52 4.01 -2.70
CA VAL B 81 -1.39 4.02 -1.73
C VAL B 81 -1.86 3.52 -0.37
N TRP B 82 -2.77 4.24 0.23
CA TRP B 82 -3.30 3.82 1.55
C TRP B 82 -3.79 2.38 1.47
N LEU B 83 -4.46 2.03 0.42
CA LEU B 83 -4.94 0.63 0.28
C LEU B 83 -3.73 -0.29 0.23
N MET B 84 -2.76 0.05 -0.59
CA MET B 84 -1.53 -0.76 -0.65
C MET B 84 -0.90 -0.80 0.76
N PHE B 85 -0.99 0.30 1.47
CA PHE B 85 -0.47 0.33 2.86
C PHE B 85 -1.34 -0.55 3.74
N ASN B 86 -2.63 -0.34 3.70
CA ASN B 86 -3.55 -1.16 4.54
C ASN B 86 -3.52 -2.62 4.08
N ASN B 87 -3.17 -2.85 2.83
CA ASN B 87 -3.11 -4.25 2.34
C ASN B 87 -2.17 -5.08 3.21
N ALA B 88 -1.25 -4.43 3.87
CA ALA B 88 -0.31 -5.16 4.76
C ALA B 88 -0.78 -5.04 6.19
N TRP B 89 -1.44 -3.96 6.52
CA TRP B 89 -1.94 -3.78 7.90
C TRP B 89 -3.19 -4.64 8.08
N LEU B 90 -3.90 -4.87 7.01
CA LEU B 90 -5.15 -5.66 7.07
C LEU B 90 -4.97 -6.96 7.88
N TYR B 91 -3.77 -7.45 8.02
CA TYR B 91 -3.58 -8.71 8.80
C TYR B 91 -2.12 -8.94 9.17
N ASN B 92 -1.37 -7.90 9.42
CA ASN B 92 0.05 -8.11 9.80
C ASN B 92 0.17 -8.58 11.26
N ARG B 93 1.35 -8.52 11.82
CA ARG B 93 1.52 -8.96 13.24
C ARG B 93 2.12 -7.83 14.06
N LYS B 94 1.90 -7.83 15.35
CA LYS B 94 2.45 -6.75 16.21
C LYS B 94 3.97 -6.65 16.04
N THR B 95 4.65 -7.76 15.95
CA THR B 95 6.13 -7.72 15.78
C THR B 95 6.58 -8.87 14.87
N SER B 96 6.66 -8.64 13.59
CA SER B 96 7.09 -9.72 12.66
C SER B 96 7.81 -9.13 11.45
N ARG B 97 7.98 -9.90 10.41
CA ARG B 97 8.67 -9.39 9.20
C ARG B 97 7.67 -8.85 8.19
N VAL B 98 6.67 -8.14 8.65
CA VAL B 98 5.65 -7.58 7.72
C VAL B 98 5.22 -6.18 8.19
N TYR B 99 5.04 -6.00 9.47
CA TYR B 99 4.63 -4.66 9.98
C TYR B 99 5.87 -3.85 10.41
N LYS B 100 6.60 -3.32 9.46
CA LYS B 100 7.81 -2.52 9.82
C LYS B 100 8.30 -1.74 8.60
N PHE B 101 8.67 -2.43 7.55
CA PHE B 101 9.17 -1.73 6.32
C PHE B 101 8.08 -0.86 5.71
N CYS B 102 6.85 -1.01 6.13
CA CYS B 102 5.76 -0.17 5.56
C CYS B 102 5.34 0.90 6.56
N SER B 103 5.67 0.74 7.81
CA SER B 103 5.30 1.76 8.81
C SER B 103 6.10 3.04 8.56
N LYS B 104 7.35 2.91 8.17
CA LYS B 104 8.16 4.12 7.90
C LYS B 104 7.62 4.82 6.66
N LEU B 105 7.14 4.08 5.70
CA LEU B 105 6.62 4.73 4.46
C LEU B 105 5.20 5.22 4.72
N ALA B 106 4.52 4.63 5.66
CA ALA B 106 3.17 5.14 6.03
C ALA B 106 3.34 6.54 6.61
N GLU B 107 4.42 6.76 7.31
CA GLU B 107 4.67 8.11 7.91
C GLU B 107 5.11 9.10 6.82
N VAL B 108 6.27 8.91 6.25
CA VAL B 108 6.77 9.89 5.19
C VAL B 108 5.66 10.24 4.20
N PHE B 109 4.99 9.27 3.66
CA PHE B 109 3.94 9.58 2.65
C PHE B 109 2.77 10.32 3.33
N GLU B 110 2.25 9.79 4.39
CA GLU B 110 1.11 10.46 5.09
C GLU B 110 1.49 11.88 5.48
N GLN B 111 2.75 12.13 5.68
CA GLN B 111 3.18 13.50 6.04
C GLN B 111 3.19 14.38 4.79
N GLU B 112 3.52 13.82 3.66
CA GLU B 112 3.61 14.66 2.44
C GLU B 112 2.34 14.62 1.62
N ILE B 113 1.26 14.14 2.18
CA ILE B 113 -0.03 14.22 1.46
C ILE B 113 -0.87 15.33 2.09
N ASP B 114 -0.72 15.53 3.36
CA ASP B 114 -1.42 16.67 4.00
C ASP B 114 -1.06 17.96 3.25
N PRO B 115 0.24 18.15 3.03
CA PRO B 115 0.69 19.29 2.21
C PRO B 115 0.03 19.20 0.82
N VAL B 116 -0.19 18.00 0.33
CA VAL B 116 -0.85 17.84 -0.98
C VAL B 116 -2.34 18.19 -0.88
N MET B 117 -2.83 18.43 0.31
CA MET B 117 -4.28 18.80 0.53
C MET B 117 -5.17 17.57 0.37
N GLN B 118 -4.61 16.41 0.10
CA GLN B 118 -5.45 15.20 0.04
C GLN B 118 -6.05 14.97 1.43
N SER B 119 -5.34 15.39 2.45
CA SER B 119 -5.86 15.24 3.83
C SER B 119 -6.36 16.58 4.37
N LEU B 120 -6.50 17.56 3.52
CA LEU B 120 -6.97 18.92 3.97
C LEU B 120 -8.16 18.79 4.93
N GLY B 121 -9.02 17.84 4.70
CA GLY B 121 -10.20 17.67 5.59
C GLY B 121 -10.64 16.21 5.59
N SER A 1 -24.50 -35.04 -4.13
CA SER A 1 -24.06 -34.24 -5.32
C SER A 1 -23.91 -32.77 -4.94
N HIS A 2 -22.80 -32.17 -5.26
CA HIS A 2 -22.60 -30.74 -4.92
C HIS A 2 -22.14 -29.96 -6.16
N LEU A 3 -22.95 -29.08 -6.66
CA LEU A 3 -22.56 -28.30 -7.86
C LEU A 3 -22.60 -26.79 -7.56
N LYS A 4 -21.47 -26.14 -7.60
CA LYS A 4 -21.43 -24.68 -7.30
C LYS A 4 -22.11 -24.40 -5.96
N SER A 5 -22.53 -23.18 -5.74
CA SER A 5 -23.19 -22.84 -4.45
C SER A 5 -22.32 -23.27 -3.27
N LYS A 6 -21.03 -23.20 -3.43
CA LYS A 6 -20.12 -23.60 -2.32
C LYS A 6 -19.45 -22.37 -1.71
N LYS A 7 -19.67 -22.11 -0.46
CA LYS A 7 -19.05 -20.92 0.19
C LYS A 7 -18.39 -21.32 1.51
N GLY A 8 -17.16 -21.77 1.47
CA GLY A 8 -16.48 -22.16 2.73
C GLY A 8 -15.17 -22.89 2.39
N GLN A 9 -14.22 -22.20 1.83
CA GLN A 9 -12.93 -22.85 1.48
C GLN A 9 -11.85 -22.49 2.50
N SER A 10 -11.76 -21.23 2.86
CA SER A 10 -10.74 -20.81 3.86
C SER A 10 -11.38 -20.62 5.23
N THR A 11 -10.70 -21.00 6.27
CA THR A 11 -11.29 -20.85 7.63
C THR A 11 -10.44 -19.87 8.47
N SER A 12 -9.29 -20.30 8.92
CA SER A 12 -8.42 -19.40 9.73
C SER A 12 -7.03 -20.01 9.89
N ARG A 13 -6.36 -20.27 8.80
CA ARG A 13 -4.99 -20.86 8.87
C ARG A 13 -4.02 -19.87 9.53
N HIS A 14 -4.24 -18.60 9.33
CA HIS A 14 -3.33 -17.59 9.93
C HIS A 14 -1.87 -17.90 9.60
N LYS A 15 -1.52 -17.93 8.35
CA LYS A 15 -0.11 -18.23 7.98
C LYS A 15 0.26 -17.46 6.70
N LEU A 17 2.07 -14.22 4.51
CA LEU A 17 3.52 -14.05 4.14
C LEU A 17 4.37 -13.56 5.32
N MET A 18 3.92 -13.73 6.53
CA MET A 18 4.74 -13.28 7.69
C MET A 18 5.58 -14.44 8.24
N PHE A 19 5.74 -15.49 7.47
CA PHE A 19 6.54 -16.64 7.95
C PHE A 19 6.01 -17.13 9.30
N LYS A 20 4.71 -17.21 9.44
CA LYS A 20 4.13 -17.67 10.73
C LYS A 20 4.39 -19.16 10.94
N GLY B 1 -21.95 11.87 -3.11
CA GLY B 1 -22.04 13.35 -3.23
C GLY B 1 -21.19 14.00 -2.14
N SER B 2 -19.97 14.33 -2.43
CA SER B 2 -19.09 14.96 -1.41
C SER B 2 -19.08 16.48 -1.59
N HIS B 3 -18.72 17.21 -0.57
CA HIS B 3 -18.68 18.69 -0.69
C HIS B 3 -17.32 19.16 -1.18
N MET B 4 -16.28 18.91 -0.42
CA MET B 4 -14.92 19.33 -0.86
C MET B 4 -13.87 18.81 0.14
N ARG B 5 -13.26 17.71 -0.13
CA ARG B 5 -12.24 17.15 0.81
C ARG B 5 -11.06 16.56 0.04
N LYS B 6 -11.31 15.60 -0.81
CA LYS B 6 -10.20 14.96 -1.56
C LYS B 6 -9.92 15.74 -2.86
N LYS B 7 -10.81 16.61 -3.26
CA LYS B 7 -10.55 17.41 -4.50
C LYS B 7 -9.47 18.46 -4.21
N ILE B 8 -8.31 18.31 -4.79
CA ILE B 8 -7.23 19.28 -4.51
C ILE B 8 -7.40 20.53 -5.39
N PHE B 9 -7.25 20.39 -6.68
CA PHE B 9 -7.41 21.58 -7.58
C PHE B 9 -7.21 21.20 -9.05
N LYS B 10 -6.00 20.95 -9.46
CA LYS B 10 -5.75 20.61 -10.89
C LYS B 10 -5.03 19.26 -11.01
N PRO B 11 -5.30 18.55 -12.09
CA PRO B 11 -4.67 17.22 -12.29
C PRO B 11 -3.15 17.35 -12.41
N GLU B 12 -2.67 18.36 -13.06
CA GLU B 12 -1.19 18.52 -13.16
C GLU B 12 -0.65 19.06 -11.84
N GLU B 13 -1.34 19.98 -11.23
CA GLU B 13 -0.90 20.48 -9.91
C GLU B 13 -0.77 19.29 -8.95
N LEU B 14 -1.51 18.26 -9.22
CA LEU B 14 -1.41 17.03 -8.39
C LEU B 14 -0.14 16.28 -8.73
N ARG B 15 0.10 16.00 -10.00
CA ARG B 15 1.36 15.29 -10.38
C ARG B 15 2.55 15.97 -9.67
N GLN B 16 2.43 17.25 -9.46
CA GLN B 16 3.49 17.99 -8.74
C GLN B 16 3.49 17.58 -7.26
N ALA B 17 2.49 17.98 -6.50
CA ALA B 17 2.45 17.61 -5.05
C ALA B 17 2.76 16.12 -4.86
N LEU B 18 2.26 15.30 -5.73
CA LEU B 18 2.53 13.86 -5.63
C LEU B 18 4.03 13.61 -5.79
N MET B 19 4.72 14.41 -6.56
CA MET B 19 6.19 14.18 -6.74
C MET B 19 6.93 14.27 -5.39
N PRO B 20 6.89 15.41 -4.72
CA PRO B 20 7.59 15.51 -3.42
C PRO B 20 7.16 14.38 -2.48
N THR B 21 5.88 14.21 -2.25
CA THR B 21 5.45 13.11 -1.34
C THR B 21 5.99 11.78 -1.87
N LEU B 22 6.30 11.72 -3.15
CA LEU B 22 6.91 10.48 -3.70
C LEU B 22 8.32 10.34 -3.16
N GLU B 23 9.06 11.42 -3.12
CA GLU B 23 10.44 11.36 -2.57
C GLU B 23 10.39 10.92 -1.10
N ALA B 24 9.33 11.25 -0.42
CA ALA B 24 9.22 10.82 1.01
C ALA B 24 8.84 9.35 1.10
N LEU B 25 8.10 8.86 0.15
CA LEU B 25 7.67 7.43 0.18
C LEU B 25 8.64 6.57 -0.63
N TYR B 26 8.85 6.90 -1.88
CA TYR B 26 9.77 6.08 -2.72
C TYR B 26 11.19 6.66 -2.67
N ARG B 27 12.10 5.95 -2.05
CA ARG B 27 13.50 6.46 -1.97
C ARG B 27 14.50 5.33 -2.30
N GLN B 28 15.04 4.65 -1.32
CA GLN B 28 16.01 3.55 -1.60
C GLN B 28 16.53 2.97 -0.27
N ASP B 29 15.65 2.54 0.58
CA ASP B 29 16.10 1.98 1.89
C ASP B 29 15.33 0.69 2.22
N PRO B 30 15.59 0.16 3.40
CA PRO B 30 14.91 -1.08 3.83
C PRO B 30 13.40 -0.85 3.98
N GLU B 31 12.96 0.38 3.95
CA GLU B 31 11.50 0.65 4.10
C GLU B 31 10.83 0.48 2.73
N SER B 32 11.48 0.90 1.68
CA SER B 32 10.89 0.74 0.32
C SER B 32 10.79 -0.74 -0.06
N LEU B 33 11.52 -1.58 0.63
CA LEU B 33 11.46 -3.03 0.32
C LEU B 33 11.79 -3.84 1.59
N PRO B 34 11.13 -4.98 1.77
CA PRO B 34 10.14 -5.52 0.79
C PRO B 34 8.80 -4.80 0.90
N PHE B 35 8.32 -4.25 -0.19
CA PHE B 35 6.97 -3.61 -0.17
C PHE B 35 6.12 -4.15 -1.31
N ARG B 36 6.61 -4.05 -2.52
CA ARG B 36 5.84 -4.57 -3.67
C ARG B 36 5.82 -6.11 -3.65
N GLN B 37 5.28 -6.68 -2.61
CA GLN B 37 5.23 -8.17 -2.53
C GLN B 37 4.25 -8.72 -3.55
N PRO B 38 4.50 -9.93 -4.00
CA PRO B 38 3.63 -10.56 -5.01
C PRO B 38 2.45 -11.29 -4.37
N VAL B 39 2.07 -10.91 -3.17
CA VAL B 39 0.94 -11.60 -2.50
C VAL B 39 -0.40 -10.95 -2.88
N ASP B 40 -0.46 -10.26 -3.99
CA ASP B 40 -1.74 -9.62 -4.41
C ASP B 40 -2.90 -10.64 -4.31
N PRO B 41 -2.93 -11.65 -5.18
CA PRO B 41 -3.94 -12.72 -5.01
C PRO B 41 -3.96 -13.19 -3.58
N GLN B 42 -2.78 -13.56 -3.13
CA GLN B 42 -2.57 -14.19 -1.79
C GLN B 42 -1.27 -15.00 -1.79
N LEU B 43 -0.75 -15.30 -2.97
CA LEU B 43 0.50 -16.12 -3.09
C LEU B 43 0.22 -17.53 -2.61
N LEU B 44 -0.04 -17.70 -1.35
CA LEU B 44 -0.39 -19.04 -0.84
C LEU B 44 -1.81 -19.03 -0.29
N GLY B 45 -2.64 -18.18 -0.83
CA GLY B 45 -4.04 -18.11 -0.31
C GLY B 45 -4.00 -17.74 1.18
N ILE B 46 -3.22 -16.77 1.56
CA ILE B 46 -3.17 -16.39 3.01
C ILE B 46 -4.59 -16.10 3.51
N PRO B 47 -4.76 -16.06 4.81
CA PRO B 47 -6.10 -15.84 5.42
C PRO B 47 -6.96 -14.84 4.63
N ASP B 48 -7.69 -15.32 3.66
CA ASP B 48 -8.58 -14.44 2.84
C ASP B 48 -7.93 -13.09 2.54
N TYR B 49 -6.97 -13.06 1.64
CA TYR B 49 -6.32 -11.76 1.32
C TYR B 49 -7.31 -10.86 0.56
N PHE B 50 -8.32 -11.45 -0.04
CA PHE B 50 -9.34 -10.64 -0.75
C PHE B 50 -10.33 -10.05 0.26
N ASP B 51 -10.38 -10.59 1.45
CA ASP B 51 -11.31 -10.04 2.49
C ASP B 51 -10.60 -8.94 3.27
N ILE B 52 -9.30 -8.98 3.32
CA ILE B 52 -8.54 -7.90 4.03
C ILE B 52 -7.96 -6.94 2.98
N VAL B 53 -7.85 -7.37 1.76
CA VAL B 53 -7.31 -6.48 0.68
C VAL B 53 -7.99 -6.82 -0.64
N LYS B 54 -8.99 -6.06 -1.02
CA LYS B 54 -9.73 -6.38 -2.28
C LYS B 54 -8.90 -6.07 -3.52
N ASN B 55 -8.21 -4.96 -3.56
CA ASN B 55 -7.41 -4.62 -4.77
C ASN B 55 -5.96 -4.27 -4.40
N PRO B 56 -5.19 -5.28 -4.09
CA PRO B 56 -3.77 -5.06 -3.71
C PRO B 56 -2.90 -4.80 -4.93
N MET B 57 -1.82 -4.09 -4.75
CA MET B 57 -0.89 -3.84 -5.89
C MET B 57 0.56 -3.88 -5.37
N ASP B 58 1.45 -3.14 -5.99
CA ASP B 58 2.86 -3.15 -5.52
C ASP B 58 3.41 -1.71 -5.48
N LEU B 59 4.28 -1.42 -4.54
CA LEU B 59 4.82 -0.03 -4.47
C LEU B 59 5.53 0.31 -5.79
N SER B 60 6.03 -0.69 -6.47
CA SER B 60 6.69 -0.44 -7.78
C SER B 60 5.61 -0.28 -8.85
N THR B 61 4.51 -0.97 -8.68
CA THR B 61 3.39 -0.85 -9.64
C THR B 61 2.81 0.57 -9.58
N ILE B 62 2.32 0.97 -8.44
CA ILE B 62 1.76 2.35 -8.32
C ILE B 62 2.79 3.37 -8.79
N LYS B 63 4.04 3.02 -8.71
CA LYS B 63 5.11 3.95 -9.20
C LYS B 63 5.21 3.87 -10.71
N ARG B 64 4.98 2.72 -11.27
CA ARG B 64 5.01 2.57 -12.75
C ARG B 64 3.85 3.35 -13.36
N LYS B 65 2.81 3.58 -12.60
CA LYS B 65 1.66 4.35 -13.14
C LYS B 65 1.52 5.70 -12.43
N LEU B 66 2.39 6.00 -11.50
CA LEU B 66 2.33 7.31 -10.80
C LEU B 66 2.92 8.39 -11.71
N ASP B 67 3.86 8.01 -12.55
CA ASP B 67 4.47 9.00 -13.47
C ASP B 67 3.87 8.85 -14.87
N THR B 68 2.58 8.68 -14.95
CA THR B 68 1.93 8.50 -16.28
C THR B 68 0.62 9.27 -16.34
N GLY B 69 0.43 10.22 -15.46
CA GLY B 69 -0.83 11.02 -15.49
C GLY B 69 -2.01 10.09 -15.20
N GLN B 70 -1.77 9.01 -14.50
CA GLN B 70 -2.88 8.06 -14.21
C GLN B 70 -3.39 8.26 -12.78
N TYR B 71 -2.58 7.95 -11.80
CA TYR B 71 -3.03 8.12 -10.39
C TYR B 71 -2.70 9.52 -9.87
N GLN B 72 -2.51 10.47 -10.75
CA GLN B 72 -2.19 11.84 -10.27
C GLN B 72 -3.30 12.32 -9.32
N GLU B 73 -4.50 11.82 -9.48
CA GLU B 73 -5.59 12.20 -8.56
C GLU B 73 -5.42 11.45 -7.23
N PRO B 74 -5.12 12.19 -6.18
CA PRO B 74 -4.92 11.57 -4.84
C PRO B 74 -5.94 10.46 -4.57
N TRP B 75 -7.11 10.57 -5.14
CA TRP B 75 -8.12 9.49 -4.95
C TRP B 75 -7.52 8.15 -5.37
N GLN B 76 -6.89 8.10 -6.52
CA GLN B 76 -6.24 6.84 -6.97
C GLN B 76 -4.90 6.66 -6.25
N TYR B 77 -4.05 7.66 -6.27
CA TYR B 77 -2.75 7.54 -5.56
C TYR B 77 -2.96 7.09 -4.13
N VAL B 78 -3.74 7.84 -3.40
CA VAL B 78 -3.95 7.53 -1.96
C VAL B 78 -4.68 6.19 -1.82
N ASP B 79 -5.61 5.90 -2.68
CA ASP B 79 -6.31 4.59 -2.60
C ASP B 79 -5.34 3.45 -2.92
N ASP B 80 -4.27 3.75 -3.62
CA ASP B 80 -3.27 2.70 -3.95
C ASP B 80 -2.21 2.64 -2.85
N VAL B 81 -1.60 3.76 -2.54
CA VAL B 81 -0.57 3.78 -1.46
C VAL B 81 -1.20 3.30 -0.16
N TRP B 82 -2.25 3.97 0.26
CA TRP B 82 -2.94 3.57 1.51
C TRP B 82 -3.32 2.09 1.44
N LEU B 83 -3.91 1.68 0.36
CA LEU B 83 -4.26 0.25 0.23
C LEU B 83 -2.97 -0.56 0.27
N MET B 84 -1.97 -0.12 -0.46
CA MET B 84 -0.67 -0.85 -0.46
C MET B 84 -0.21 -1.02 0.98
N PHE B 85 -0.38 -0.02 1.79
CA PHE B 85 -0.03 -0.16 3.23
C PHE B 85 -1.00 -1.16 3.85
N ASN B 86 -2.27 -0.91 3.72
CA ASN B 86 -3.30 -1.82 4.27
C ASN B 86 -3.05 -3.25 3.82
N ASN B 87 -2.71 -3.45 2.58
CA ASN B 87 -2.44 -4.84 2.09
C ASN B 87 -1.38 -5.50 2.99
N ALA B 88 -0.59 -4.70 3.66
CA ALA B 88 0.45 -5.27 4.58
C ALA B 88 0.22 -4.77 6.02
N TRP B 89 -0.88 -4.10 6.26
CA TRP B 89 -1.15 -3.57 7.64
C TRP B 89 -2.45 -4.15 8.20
N LEU B 90 -3.37 -4.50 7.34
CA LEU B 90 -4.68 -5.01 7.81
C LEU B 90 -4.58 -6.43 8.38
N TYR B 91 -3.43 -7.06 8.29
CA TYR B 91 -3.33 -8.46 8.82
C TYR B 91 -1.88 -8.89 9.07
N ASN B 92 -0.94 -7.98 9.11
CA ASN B 92 0.48 -8.42 9.37
C ASN B 92 0.63 -8.99 10.79
N ARG B 93 1.16 -8.23 11.72
CA ARG B 93 1.39 -8.79 13.07
C ARG B 93 1.61 -7.67 14.09
N LYS B 94 2.25 -7.95 15.18
CA LYS B 94 2.50 -6.90 16.21
C LYS B 94 3.84 -6.20 15.94
N THR B 95 4.76 -6.90 15.32
CA THR B 95 6.09 -6.28 15.04
C THR B 95 6.95 -7.22 14.19
N SER B 96 6.42 -7.70 13.10
CA SER B 96 7.21 -8.62 12.23
C SER B 96 7.67 -7.89 10.97
N ARG B 97 8.48 -8.52 10.16
CA ARG B 97 8.97 -7.85 8.93
C ARG B 97 7.79 -7.32 8.10
N VAL B 98 6.73 -8.09 8.01
CA VAL B 98 5.54 -7.62 7.24
C VAL B 98 5.04 -6.31 7.84
N TYR B 99 5.11 -6.21 9.15
CA TYR B 99 4.67 -4.96 9.82
C TYR B 99 5.91 -4.15 10.22
N LYS B 100 6.78 -3.86 9.30
CA LYS B 100 8.01 -3.09 9.64
C LYS B 100 8.46 -2.24 8.46
N PHE B 101 8.60 -2.84 7.29
CA PHE B 101 9.03 -2.03 6.12
C PHE B 101 7.87 -1.16 5.60
N CYS B 102 6.71 -1.26 6.20
CA CYS B 102 5.57 -0.41 5.76
C CYS B 102 5.29 0.67 6.81
N SER B 103 5.62 0.40 8.05
CA SER B 103 5.36 1.40 9.12
C SER B 103 6.18 2.67 8.88
N LYS B 104 7.39 2.53 8.38
CA LYS B 104 8.23 3.72 8.13
C LYS B 104 7.64 4.55 7.00
N LEU B 105 7.34 3.94 5.88
CA LEU B 105 6.76 4.70 4.74
C LEU B 105 5.33 5.15 5.07
N ALA B 106 4.57 4.32 5.71
CA ALA B 106 3.18 4.73 6.07
C ALA B 106 3.19 6.05 6.85
N GLU B 107 4.06 6.15 7.82
CA GLU B 107 4.12 7.39 8.65
C GLU B 107 4.67 8.58 7.87
N VAL B 108 5.72 8.38 7.11
CA VAL B 108 6.32 9.54 6.38
C VAL B 108 5.48 9.94 5.16
N PHE B 109 5.00 8.99 4.39
CA PHE B 109 4.18 9.37 3.21
C PHE B 109 2.92 10.09 3.68
N GLU B 110 2.27 9.57 4.69
CA GLU B 110 1.03 10.23 5.19
C GLU B 110 1.29 11.70 5.51
N GLN B 111 2.52 12.07 5.72
CA GLN B 111 2.83 13.48 6.02
C GLN B 111 2.87 14.30 4.74
N GLU B 112 3.33 13.72 3.68
CA GLU B 112 3.44 14.51 2.42
C GLU B 112 2.16 14.42 1.59
N ILE B 113 1.10 13.92 2.16
CA ILE B 113 -0.20 13.89 1.40
C ILE B 113 -1.18 14.88 2.02
N ASP B 114 -1.15 15.04 3.32
CA ASP B 114 -2.05 16.06 3.94
C ASP B 114 -1.77 17.41 3.26
N PRO B 115 -0.50 17.75 3.19
CA PRO B 115 -0.11 18.97 2.44
C PRO B 115 -0.64 18.87 1.01
N VAL B 116 -0.69 17.67 0.46
CA VAL B 116 -1.27 17.51 -0.91
C VAL B 116 -2.81 17.60 -0.88
N MET B 117 -3.38 17.81 0.28
CA MET B 117 -4.85 17.98 0.43
C MET B 117 -5.64 16.68 0.18
N GLN B 118 -4.99 15.58 -0.16
CA GLN B 118 -5.78 14.31 -0.30
C GLN B 118 -6.46 14.05 1.04
N SER B 119 -5.76 14.35 2.11
CA SER B 119 -6.35 14.26 3.46
C SER B 119 -6.83 15.64 3.87
N LEU B 120 -6.12 16.65 3.42
CA LEU B 120 -6.48 18.06 3.72
C LEU B 120 -6.46 18.33 5.22
N GLY B 121 -7.37 17.78 5.95
CA GLY B 121 -7.40 18.05 7.40
C GLY B 121 -6.62 16.96 8.15
N SER A 1 -10.20 -46.92 -9.45
CA SER A 1 -10.70 -45.53 -9.62
C SER A 1 -9.55 -44.60 -10.02
N HIS A 2 -8.42 -44.74 -9.38
CA HIS A 2 -7.26 -43.86 -9.72
C HIS A 2 -5.99 -44.36 -9.04
N LEU A 3 -4.88 -44.30 -9.71
CA LEU A 3 -3.60 -44.77 -9.09
C LEU A 3 -3.26 -43.95 -7.86
N LYS A 4 -2.04 -44.04 -7.39
CA LYS A 4 -1.66 -43.25 -6.18
C LYS A 4 -1.18 -41.86 -6.59
N SER A 5 -1.96 -41.15 -7.35
CA SER A 5 -1.54 -39.78 -7.78
C SER A 5 -1.44 -38.85 -6.57
N LYS A 6 -2.29 -39.04 -5.59
CA LYS A 6 -2.24 -38.16 -4.39
C LYS A 6 -1.73 -38.95 -3.18
N LYS A 7 -0.69 -38.48 -2.54
CA LYS A 7 -0.14 -39.20 -1.37
C LYS A 7 0.48 -38.21 -0.38
N GLY A 8 0.02 -38.20 0.85
CA GLY A 8 0.59 -37.27 1.85
C GLY A 8 -0.54 -36.68 2.69
N GLN A 9 -0.26 -35.64 3.44
CA GLN A 9 -1.32 -35.02 4.29
C GLN A 9 -0.98 -33.56 4.58
N SER A 10 -1.67 -32.65 3.97
CA SER A 10 -1.39 -31.20 4.22
C SER A 10 -2.64 -30.49 4.72
N THR A 11 -2.57 -29.20 4.88
CA THR A 11 -3.76 -28.44 5.36
C THR A 11 -3.80 -27.05 4.74
N SER A 12 -2.69 -26.37 4.71
CA SER A 12 -2.65 -25.01 4.10
C SER A 12 -3.74 -24.13 4.72
N ARG A 13 -3.62 -23.81 5.98
CA ARG A 13 -4.66 -22.96 6.63
C ARG A 13 -4.50 -21.50 6.17
N HIS A 14 -5.27 -20.62 6.74
CA HIS A 14 -5.19 -19.18 6.33
C HIS A 14 -3.80 -18.62 6.64
N LYS A 15 -3.19 -17.96 5.68
CA LYS A 15 -1.83 -17.40 5.91
C LYS A 15 -1.49 -16.36 4.83
N LEU A 17 0.44 -12.94 3.01
CA LEU A 17 1.77 -12.85 2.35
C LEU A 17 2.91 -12.64 3.37
N MET A 18 2.76 -13.12 4.57
CA MET A 18 3.85 -12.99 5.58
C MET A 18 4.57 -14.34 5.74
N PHE A 19 4.32 -15.27 4.87
CA PHE A 19 4.99 -16.61 4.98
C PHE A 19 4.66 -17.24 6.34
N LYS A 20 3.42 -17.27 6.71
CA LYS A 20 3.03 -17.86 8.01
C LYS A 20 3.02 -19.39 7.92
N GLY B 1 -20.24 10.95 2.85
CA GLY B 1 -18.84 11.21 3.29
C GLY B 1 -18.66 12.70 3.61
N SER B 2 -18.44 13.01 4.87
CA SER B 2 -18.26 14.44 5.25
C SER B 2 -16.87 14.94 4.85
N HIS B 3 -15.86 14.16 5.11
CA HIS B 3 -14.48 14.59 4.74
C HIS B 3 -14.19 14.25 3.27
N MET B 4 -13.92 15.25 2.48
CA MET B 4 -13.63 15.00 1.04
C MET B 4 -13.05 16.24 0.37
N ARG B 5 -11.89 16.67 0.78
CA ARG B 5 -11.27 17.88 0.16
C ARG B 5 -9.95 17.52 -0.51
N LYS B 6 -9.99 16.69 -1.52
CA LYS B 6 -8.74 16.33 -2.23
C LYS B 6 -8.74 16.98 -3.62
N LYS B 7 -9.11 18.24 -3.69
CA LYS B 7 -9.12 18.91 -5.02
C LYS B 7 -7.94 19.88 -5.15
N ILE B 8 -7.02 19.82 -4.21
CA ILE B 8 -5.76 20.66 -4.21
C ILE B 8 -5.83 21.89 -5.14
N PHE B 9 -5.66 21.72 -6.43
CA PHE B 9 -5.71 22.89 -7.35
C PHE B 9 -5.60 22.47 -8.82
N LYS B 10 -4.40 22.27 -9.30
CA LYS B 10 -4.23 21.89 -10.75
C LYS B 10 -3.43 20.58 -10.88
N PRO B 11 -3.68 19.86 -11.96
CA PRO B 11 -2.99 18.57 -12.18
C PRO B 11 -1.47 18.74 -12.14
N GLU B 12 -0.95 19.81 -12.67
CA GLU B 12 0.52 19.99 -12.64
C GLU B 12 0.98 20.34 -11.22
N GLU B 13 0.35 21.30 -10.60
CA GLU B 13 0.72 21.64 -9.20
C GLU B 13 0.67 20.37 -8.35
N LEU B 14 -0.09 19.41 -8.77
CA LEU B 14 -0.15 18.13 -8.04
C LEU B 14 1.10 17.31 -8.33
N ARG B 15 1.53 17.25 -9.57
CA ARG B 15 2.79 16.49 -9.85
C ARG B 15 3.89 17.02 -8.94
N GLN B 16 3.83 18.29 -8.62
CA GLN B 16 4.82 18.86 -7.68
C GLN B 16 4.61 18.26 -6.29
N ALA B 17 3.53 18.60 -5.62
CA ALA B 17 3.29 18.04 -4.25
C ALA B 17 3.48 16.51 -4.27
N LEU B 18 3.09 15.88 -5.34
CA LEU B 18 3.27 14.43 -5.47
C LEU B 18 4.77 14.08 -5.42
N MET B 19 5.62 14.97 -5.89
CA MET B 19 7.07 14.66 -5.89
C MET B 19 7.61 14.51 -4.45
N PRO B 20 7.50 15.53 -3.63
CA PRO B 20 8.01 15.40 -2.24
C PRO B 20 7.40 14.16 -1.58
N THR B 21 6.10 13.99 -1.66
CA THR B 21 5.51 12.76 -1.05
C THR B 21 6.05 11.53 -1.78
N LEU B 22 6.56 11.70 -2.97
CA LEU B 22 7.17 10.55 -3.70
C LEU B 22 8.47 10.16 -3.01
N GLU B 23 9.23 11.14 -2.59
CA GLU B 23 10.50 10.83 -1.88
C GLU B 23 10.19 10.12 -0.56
N ALA B 24 9.12 10.51 0.09
CA ALA B 24 8.76 9.84 1.37
C ALA B 24 8.26 8.42 1.10
N LEU B 25 7.15 8.29 0.43
CA LEU B 25 6.61 6.94 0.11
C LEU B 25 7.58 6.19 -0.80
N TYR B 26 8.38 6.90 -1.54
CA TYR B 26 9.33 6.24 -2.48
C TYR B 26 10.73 6.85 -2.32
N ARG B 27 11.44 6.47 -1.31
CA ARG B 27 12.80 7.04 -1.11
C ARG B 27 13.88 5.99 -1.43
N GLN B 28 13.52 4.95 -2.14
CA GLN B 28 14.52 3.90 -2.48
C GLN B 28 15.23 3.41 -1.23
N ASP B 29 14.52 3.27 -0.15
CA ASP B 29 15.16 2.79 1.12
C ASP B 29 14.64 1.40 1.47
N PRO B 30 15.11 0.88 2.59
CA PRO B 30 14.67 -0.46 3.04
C PRO B 30 13.15 -0.50 3.24
N GLU B 31 12.54 0.64 3.40
CA GLU B 31 11.06 0.68 3.60
C GLU B 31 10.35 0.53 2.25
N SER B 32 10.80 1.24 1.25
CA SER B 32 10.15 1.13 -0.10
C SER B 32 10.25 -0.30 -0.62
N LEU B 33 11.11 -1.10 -0.05
CA LEU B 33 11.25 -2.51 -0.51
C LEU B 33 11.63 -3.42 0.68
N PRO B 34 10.90 -4.51 0.88
CA PRO B 34 9.77 -4.91 -0.01
C PRO B 34 8.54 -4.03 0.23
N PHE B 35 7.61 -4.02 -0.69
CA PHE B 35 6.38 -3.21 -0.50
C PHE B 35 5.30 -3.70 -1.47
N ARG B 36 5.53 -3.55 -2.75
CA ARG B 36 4.52 -4.02 -3.74
C ARG B 36 4.14 -5.47 -3.47
N GLN B 37 3.09 -5.69 -2.71
CA GLN B 37 2.68 -7.09 -2.40
C GLN B 37 1.96 -7.72 -3.60
N PRO B 38 2.51 -8.80 -4.11
CA PRO B 38 1.89 -9.48 -5.27
C PRO B 38 0.61 -10.22 -4.87
N VAL B 39 0.31 -10.28 -3.59
CA VAL B 39 -0.92 -11.00 -3.16
C VAL B 39 -2.14 -10.48 -3.91
N ASP B 40 -3.11 -11.32 -4.14
CA ASP B 40 -4.33 -10.89 -4.85
C ASP B 40 -5.40 -11.99 -4.77
N PRO B 41 -6.62 -11.64 -5.08
CA PRO B 41 -7.72 -12.64 -5.02
C PRO B 41 -7.48 -13.78 -6.03
N GLN B 42 -6.52 -13.63 -6.91
CA GLN B 42 -6.25 -14.71 -7.90
C GLN B 42 -5.63 -15.92 -7.21
N LEU B 43 -4.35 -15.90 -6.95
CA LEU B 43 -3.70 -17.06 -6.29
C LEU B 43 -4.12 -17.12 -4.82
N LEU B 44 -5.39 -17.29 -4.56
CA LEU B 44 -5.87 -17.37 -3.15
C LEU B 44 -5.38 -16.17 -2.35
N GLY B 45 -6.21 -15.18 -2.17
CA GLY B 45 -5.81 -13.99 -1.38
C GLY B 45 -5.46 -14.42 0.04
N ILE B 46 -5.48 -13.52 0.99
CA ILE B 46 -5.16 -13.92 2.39
C ILE B 46 -6.44 -13.98 3.21
N PRO B 47 -6.33 -14.43 4.45
CA PRO B 47 -7.53 -14.59 5.32
C PRO B 47 -8.60 -13.51 5.06
N ASP B 48 -9.82 -13.94 4.86
CA ASP B 48 -10.95 -12.98 4.59
C ASP B 48 -10.76 -12.28 3.25
N TYR B 49 -9.77 -11.44 3.14
CA TYR B 49 -9.56 -10.67 1.88
C TYR B 49 -10.87 -10.03 1.41
N PHE B 50 -10.89 -9.51 0.21
CA PHE B 50 -12.12 -8.81 -0.27
C PHE B 50 -12.53 -7.74 0.76
N ASP B 51 -11.59 -7.30 1.55
CA ASP B 51 -11.88 -6.27 2.58
C ASP B 51 -10.57 -5.59 3.01
N ILE B 52 -9.54 -6.37 3.18
CA ILE B 52 -8.22 -5.78 3.55
C ILE B 52 -7.48 -5.32 2.30
N VAL B 53 -7.76 -5.93 1.18
CA VAL B 53 -7.08 -5.55 -0.08
C VAL B 53 -8.07 -5.53 -1.24
N LYS B 54 -8.70 -4.42 -1.48
CA LYS B 54 -9.66 -4.34 -2.62
C LYS B 54 -8.92 -4.55 -3.94
N ASN B 55 -8.14 -3.60 -4.36
CA ASN B 55 -7.35 -3.75 -5.62
C ASN B 55 -5.85 -3.61 -5.33
N PRO B 56 -5.23 -4.71 -4.96
CA PRO B 56 -3.78 -4.67 -4.62
C PRO B 56 -2.94 -4.28 -5.84
N MET B 57 -1.95 -3.45 -5.63
CA MET B 57 -1.06 -3.06 -6.75
C MET B 57 0.41 -3.23 -6.31
N ASP B 58 1.27 -2.39 -6.80
CA ASP B 58 2.71 -2.47 -6.40
C ASP B 58 3.24 -1.05 -6.22
N LEU B 59 4.03 -0.79 -5.20
CA LEU B 59 4.54 0.59 -5.02
C LEU B 59 5.26 1.04 -6.30
N SER B 60 5.69 0.12 -7.11
CA SER B 60 6.35 0.51 -8.39
C SER B 60 5.28 0.75 -9.47
N THR B 61 4.13 0.13 -9.31
CA THR B 61 3.03 0.34 -10.30
C THR B 61 2.49 1.78 -10.17
N ILE B 62 1.97 2.12 -9.02
CA ILE B 62 1.44 3.49 -8.84
C ILE B 62 2.53 4.51 -9.14
N LYS B 63 3.78 4.10 -9.10
CA LYS B 63 4.87 5.05 -9.43
C LYS B 63 5.13 5.05 -10.94
N ARG B 64 4.89 3.94 -11.58
CA ARG B 64 5.08 3.89 -13.05
C ARG B 64 3.99 4.72 -13.73
N LYS B 65 2.89 4.96 -13.05
CA LYS B 65 1.82 5.81 -13.64
C LYS B 65 1.92 7.22 -13.07
N LEU B 66 2.39 7.31 -11.84
CA LEU B 66 2.56 8.65 -11.20
C LEU B 66 3.39 9.56 -12.12
N ASP B 67 4.52 9.09 -12.57
CA ASP B 67 5.35 9.90 -13.50
C ASP B 67 4.55 10.23 -14.75
N THR B 68 4.24 9.22 -15.50
CA THR B 68 3.46 9.37 -16.77
C THR B 68 2.36 10.45 -16.65
N GLY B 69 1.73 10.55 -15.51
CA GLY B 69 0.64 11.57 -15.37
C GLY B 69 -0.70 10.85 -15.20
N GLN B 70 -0.75 9.58 -15.45
CA GLN B 70 -2.03 8.84 -15.29
C GLN B 70 -2.57 9.05 -13.87
N TYR B 71 -1.72 9.41 -12.95
CA TYR B 71 -2.19 9.65 -11.55
C TYR B 71 -1.48 10.85 -10.95
N GLN B 72 -1.90 12.05 -11.30
CA GLN B 72 -1.27 13.27 -10.70
C GLN B 72 -2.29 13.99 -9.83
N GLU B 73 -3.13 13.24 -9.20
CA GLU B 73 -4.16 13.82 -8.29
C GLU B 73 -4.30 12.93 -7.05
N PRO B 74 -4.16 13.51 -5.89
CA PRO B 74 -4.25 12.72 -4.64
C PRO B 74 -5.50 11.84 -4.64
N TRP B 75 -6.56 12.28 -5.26
CA TRP B 75 -7.79 11.44 -5.30
C TRP B 75 -7.45 10.03 -5.79
N GLN B 76 -7.01 9.91 -7.02
CA GLN B 76 -6.63 8.57 -7.54
C GLN B 76 -5.31 8.12 -6.93
N TYR B 77 -4.34 9.00 -6.87
CA TYR B 77 -3.03 8.64 -6.25
C TYR B 77 -3.25 8.04 -4.86
N VAL B 78 -3.84 8.80 -3.96
CA VAL B 78 -4.11 8.24 -2.60
C VAL B 78 -4.98 6.99 -2.73
N ASP B 79 -5.84 6.94 -3.71
CA ASP B 79 -6.69 5.73 -3.90
C ASP B 79 -5.80 4.50 -4.02
N ASP B 80 -4.68 4.63 -4.66
CA ASP B 80 -3.75 3.46 -4.79
C ASP B 80 -2.79 3.44 -3.60
N VAL B 81 -2.20 4.56 -3.26
CA VAL B 81 -1.26 4.59 -2.09
C VAL B 81 -1.92 3.97 -0.86
N TRP B 82 -2.99 4.58 -0.41
CA TRP B 82 -3.68 4.05 0.80
C TRP B 82 -4.01 2.58 0.61
N LEU B 83 -4.48 2.23 -0.55
CA LEU B 83 -4.79 0.80 -0.81
C LEU B 83 -3.51 0.00 -0.75
N MET B 84 -2.47 0.49 -1.38
CA MET B 84 -1.16 -0.18 -1.31
C MET B 84 -0.75 -0.32 0.16
N PHE B 85 -0.97 0.71 0.93
CA PHE B 85 -0.65 0.64 2.38
C PHE B 85 -1.60 -0.33 3.07
N ASN B 86 -2.88 -0.14 2.90
CA ASN B 86 -3.87 -1.05 3.54
C ASN B 86 -3.52 -2.51 3.24
N ASN B 87 -3.11 -2.80 2.03
CA ASN B 87 -2.74 -4.19 1.68
C ASN B 87 -1.74 -4.74 2.70
N ALA B 88 -1.01 -3.86 3.35
CA ALA B 88 -0.03 -4.31 4.36
C ALA B 88 -0.31 -3.62 5.70
N TRP B 89 -1.53 -3.21 5.91
CA TRP B 89 -1.87 -2.50 7.17
C TRP B 89 -3.25 -2.94 7.66
N LEU B 90 -4.23 -2.83 6.80
CA LEU B 90 -5.61 -3.26 7.17
C LEU B 90 -5.56 -4.69 7.71
N TYR B 91 -4.56 -5.43 7.36
CA TYR B 91 -4.46 -6.83 7.86
C TYR B 91 -3.01 -7.29 7.93
N ASN B 92 -2.14 -6.50 8.51
CA ASN B 92 -0.73 -6.97 8.63
C ASN B 92 -0.55 -7.72 9.96
N ARG B 93 0.67 -7.90 10.38
CA ARG B 93 0.91 -8.62 11.66
C ARG B 93 1.84 -7.80 12.56
N LYS B 94 2.48 -8.43 13.51
CA LYS B 94 3.39 -7.69 14.43
C LYS B 94 4.82 -8.21 14.29
N THR B 95 5.78 -7.31 14.32
CA THR B 95 7.23 -7.71 14.21
C THR B 95 7.45 -8.86 13.23
N SER B 96 7.02 -8.70 12.01
CA SER B 96 7.21 -9.79 11.00
C SER B 96 7.79 -9.23 9.70
N ARG B 97 7.70 -9.99 8.64
CA ARG B 97 8.25 -9.50 7.34
C ARG B 97 7.15 -8.83 6.51
N VAL B 98 6.18 -8.24 7.17
CA VAL B 98 5.08 -7.57 6.43
C VAL B 98 4.69 -6.27 7.13
N TYR B 99 4.64 -6.28 8.43
CA TYR B 99 4.27 -5.04 9.17
C TYR B 99 5.54 -4.30 9.62
N LYS B 100 6.37 -3.89 8.70
CA LYS B 100 7.62 -3.17 9.08
C LYS B 100 7.97 -2.13 8.02
N PHE B 101 8.45 -2.56 6.89
CA PHE B 101 8.81 -1.59 5.80
C PHE B 101 7.65 -0.61 5.56
N CYS B 102 6.45 -1.03 5.84
CA CYS B 102 5.29 -0.13 5.65
C CYS B 102 5.08 0.76 6.88
N SER B 103 5.74 0.46 7.96
CA SER B 103 5.57 1.30 9.18
C SER B 103 6.28 2.64 8.98
N LYS B 104 7.53 2.61 8.58
CA LYS B 104 8.26 3.88 8.35
C LYS B 104 7.64 4.64 7.18
N LEU B 105 7.25 3.94 6.16
CA LEU B 105 6.63 4.63 4.98
C LEU B 105 5.23 5.13 5.35
N ALA B 106 4.43 4.30 5.96
CA ALA B 106 3.07 4.76 6.38
C ALA B 106 3.17 6.08 7.14
N GLU B 107 4.17 6.22 7.96
CA GLU B 107 4.35 7.49 8.72
C GLU B 107 4.68 8.64 7.77
N VAL B 108 5.81 8.60 7.12
CA VAL B 108 6.18 9.72 6.20
C VAL B 108 5.12 9.96 5.14
N PHE B 109 4.73 8.97 4.40
CA PHE B 109 3.72 9.20 3.34
C PHE B 109 2.50 9.92 3.93
N GLU B 110 1.98 9.43 5.02
CA GLU B 110 0.81 10.11 5.65
C GLU B 110 1.19 11.54 6.03
N GLN B 111 2.44 11.80 6.28
CA GLN B 111 2.86 13.19 6.58
C GLN B 111 2.96 13.97 5.28
N GLU B 112 3.39 13.32 4.23
CA GLU B 112 3.61 14.06 2.97
C GLU B 112 2.34 14.04 2.09
N ILE B 113 1.20 13.81 2.69
CA ILE B 113 -0.08 13.86 1.89
C ILE B 113 -0.98 14.95 2.45
N ASP B 114 -1.07 15.08 3.75
CA ASP B 114 -1.84 16.20 4.32
C ASP B 114 -1.37 17.51 3.66
N PRO B 115 -0.06 17.67 3.61
CA PRO B 115 0.53 18.80 2.86
C PRO B 115 -0.01 18.81 1.45
N VAL B 116 -0.13 17.65 0.85
CA VAL B 116 -0.64 17.59 -0.54
C VAL B 116 -2.14 17.92 -0.56
N MET B 117 -2.76 18.06 0.60
CA MET B 117 -4.22 18.41 0.69
C MET B 117 -5.12 17.21 0.38
N GLN B 118 -4.56 16.04 0.22
CA GLN B 118 -5.43 14.85 0.01
C GLN B 118 -6.19 14.58 1.32
N SER B 119 -5.59 14.94 2.42
CA SER B 119 -6.26 14.76 3.73
C SER B 119 -6.77 16.12 4.24
N LEU B 120 -6.76 17.14 3.42
CA LEU B 120 -7.23 18.49 3.85
C LEU B 120 -8.57 18.37 4.59
N GLY B 121 -9.46 17.57 4.10
CA GLY B 121 -10.77 17.44 4.77
C GLY B 121 -11.74 16.70 3.86
N SER A 1 15.15 -42.60 20.54
CA SER A 1 15.23 -41.68 19.36
C SER A 1 15.65 -40.28 19.80
N HIS A 2 15.80 -39.37 18.87
CA HIS A 2 16.20 -37.99 19.24
C HIS A 2 15.58 -36.98 18.27
N LEU A 3 14.35 -37.18 17.89
CA LEU A 3 13.70 -36.23 16.96
C LEU A 3 12.44 -35.63 17.59
N LYS A 4 12.60 -34.76 18.56
CA LYS A 4 11.42 -34.14 19.21
C LYS A 4 10.87 -33.01 18.34
N SER A 5 10.16 -32.08 18.92
CA SER A 5 9.60 -30.96 18.13
C SER A 5 8.79 -31.49 16.95
N LYS A 6 8.10 -32.58 17.15
CA LYS A 6 7.28 -33.16 16.04
C LYS A 6 5.86 -33.48 16.52
N LYS A 7 5.75 -34.04 17.70
CA LYS A 7 4.40 -34.38 18.24
C LYS A 7 3.67 -33.11 18.68
N GLY A 8 4.32 -32.27 19.44
CA GLY A 8 3.66 -31.02 19.91
C GLY A 8 3.30 -30.16 18.70
N GLN A 9 4.19 -30.05 17.75
CA GLN A 9 3.88 -29.22 16.55
C GLN A 9 3.27 -30.09 15.45
N SER A 10 1.97 -30.27 15.48
CA SER A 10 1.32 -31.11 14.43
C SER A 10 0.51 -30.22 13.46
N THR A 11 0.02 -29.11 13.93
CA THR A 11 -0.76 -28.22 13.05
C THR A 11 -0.03 -26.89 12.84
N SER A 12 0.88 -26.84 11.91
CA SER A 12 1.63 -25.58 11.67
C SER A 12 0.81 -24.62 10.80
N ARG A 13 -0.21 -24.04 11.36
CA ARG A 13 -1.06 -23.10 10.57
C ARG A 13 -0.21 -22.03 9.91
N HIS A 14 -0.53 -21.67 8.69
CA HIS A 14 0.27 -20.63 7.98
C HIS A 14 -0.36 -20.31 6.63
N LYS A 15 -0.78 -19.10 6.42
CA LYS A 15 -1.41 -18.75 5.11
C LYS A 15 -0.88 -17.39 4.61
N LEU A 17 1.20 -13.92 4.16
CA LEU A 17 2.65 -13.67 4.39
C LEU A 17 2.96 -13.42 5.87
N MET A 18 1.96 -13.09 6.66
CA MET A 18 2.23 -12.81 8.12
C MET A 18 2.33 -14.12 8.93
N PHE A 19 2.62 -15.23 8.31
CA PHE A 19 2.71 -16.50 9.08
C PHE A 19 1.42 -16.78 9.84
N LYS A 20 0.33 -16.91 9.14
CA LYS A 20 -0.96 -17.18 9.82
C LYS A 20 -0.94 -18.56 10.48
N GLY B 1 -13.98 10.89 -0.16
CA GLY B 1 -15.42 10.99 0.22
C GLY B 1 -16.17 11.79 -0.85
N SER B 2 -17.45 11.96 -0.69
CA SER B 2 -18.23 12.73 -1.70
C SER B 2 -17.93 14.23 -1.58
N HIS B 3 -18.01 14.77 -0.41
CA HIS B 3 -17.71 16.22 -0.23
C HIS B 3 -16.36 16.58 -0.84
N MET B 4 -16.17 17.81 -1.24
CA MET B 4 -14.87 18.21 -1.85
C MET B 4 -13.82 18.43 -0.77
N ARG B 5 -12.58 18.10 -1.06
CA ARG B 5 -11.50 18.30 -0.06
C ARG B 5 -10.14 17.95 -0.68
N LYS B 6 -10.11 16.96 -1.53
CA LYS B 6 -8.82 16.58 -2.18
C LYS B 6 -8.52 17.48 -3.38
N LYS B 7 -9.32 18.48 -3.61
CA LYS B 7 -9.05 19.39 -4.75
C LYS B 7 -7.90 20.32 -4.39
N ILE B 8 -6.74 20.10 -4.95
CA ILE B 8 -5.57 20.96 -4.60
C ILE B 8 -5.56 22.23 -5.47
N PHE B 9 -5.39 22.09 -6.77
CA PHE B 9 -5.39 23.30 -7.64
C PHE B 9 -5.25 22.91 -9.13
N LYS B 10 -4.07 22.55 -9.56
CA LYS B 10 -3.88 22.19 -10.99
C LYS B 10 -3.24 20.80 -11.12
N PRO B 11 -3.57 20.10 -12.17
CA PRO B 11 -3.04 18.73 -12.38
C PRO B 11 -1.51 18.74 -12.43
N GLU B 12 -0.92 19.71 -13.08
CA GLU B 12 0.57 19.75 -13.13
C GLU B 12 1.11 20.16 -11.77
N GLU B 13 0.53 21.16 -11.15
CA GLU B 13 0.98 21.57 -9.79
C GLU B 13 0.98 20.35 -8.89
N LEU B 14 0.01 19.50 -9.08
CA LEU B 14 -0.06 18.25 -8.30
C LEU B 14 1.16 17.39 -8.59
N ARG B 15 1.50 17.22 -9.85
CA ARG B 15 2.71 16.40 -10.15
C ARG B 15 3.90 16.89 -9.33
N GLN B 16 4.03 18.19 -9.22
CA GLN B 16 5.15 18.76 -8.43
C GLN B 16 5.07 18.32 -6.97
N ALA B 17 3.90 18.42 -6.36
CA ALA B 17 3.76 18.03 -4.92
C ALA B 17 3.84 16.50 -4.77
N LEU B 18 3.27 15.78 -5.70
CA LEU B 18 3.35 14.30 -5.64
C LEU B 18 4.82 13.86 -5.67
N MET B 19 5.67 14.67 -6.25
CA MET B 19 7.12 14.29 -6.34
C MET B 19 7.79 14.26 -4.94
N PRO B 20 7.78 15.37 -4.23
CA PRO B 20 8.40 15.37 -2.88
C PRO B 20 7.77 14.28 -2.02
N THR B 21 6.47 14.23 -1.95
CA THR B 21 5.83 13.16 -1.12
C THR B 21 6.21 11.79 -1.69
N LEU B 22 6.57 11.73 -2.95
CA LEU B 22 7.02 10.43 -3.52
C LEU B 22 8.31 10.01 -2.81
N GLU B 23 9.25 10.90 -2.72
CA GLU B 23 10.52 10.58 -2.01
C GLU B 23 10.21 10.12 -0.59
N ALA B 24 9.26 10.76 0.05
CA ALA B 24 8.90 10.35 1.43
C ALA B 24 8.35 8.91 1.41
N LEU B 25 7.71 8.53 0.34
CA LEU B 25 7.15 7.15 0.25
C LEU B 25 8.06 6.25 -0.60
N TYR B 26 7.92 6.32 -1.90
CA TYR B 26 8.79 5.48 -2.78
C TYR B 26 10.15 6.16 -2.97
N ARG B 27 11.18 5.60 -2.41
CA ARG B 27 12.52 6.23 -2.53
C ARG B 27 13.59 5.17 -2.82
N GLN B 28 14.17 4.59 -1.81
CA GLN B 28 15.22 3.56 -2.03
C GLN B 28 15.64 2.95 -0.70
N ASP B 29 14.76 2.24 -0.06
CA ASP B 29 15.11 1.62 1.26
C ASP B 29 14.34 0.30 1.42
N PRO B 30 14.69 -0.44 2.45
CA PRO B 30 14.03 -1.75 2.69
C PRO B 30 12.56 -1.57 3.05
N GLU B 31 12.12 -0.36 3.27
CA GLU B 31 10.69 -0.15 3.64
C GLU B 31 9.79 -0.16 2.40
N SER B 32 10.31 0.23 1.27
CA SER B 32 9.46 0.28 0.04
C SER B 32 9.61 -0.98 -0.81
N LEU B 33 10.51 -1.86 -0.46
CA LEU B 33 10.68 -3.10 -1.27
C LEU B 33 9.62 -4.16 -0.94
N PRO B 34 9.30 -4.32 0.33
CA PRO B 34 8.27 -5.32 0.71
C PRO B 34 6.88 -4.88 0.28
N PHE B 35 6.71 -3.61 0.00
CA PHE B 35 5.37 -3.11 -0.42
C PHE B 35 5.01 -3.67 -1.79
N ARG B 36 5.73 -3.27 -2.80
CA ARG B 36 5.43 -3.76 -4.18
C ARG B 36 5.39 -5.29 -4.21
N GLN B 37 6.00 -5.94 -3.26
CA GLN B 37 6.01 -7.42 -3.26
C GLN B 37 6.62 -7.97 -1.96
N PRO B 38 6.46 -9.25 -1.70
CA PRO B 38 5.74 -10.16 -2.64
C PRO B 38 4.24 -10.19 -2.35
N VAL B 39 3.81 -11.01 -1.41
CA VAL B 39 2.35 -11.14 -1.06
C VAL B 39 1.43 -10.96 -2.29
N ASP B 40 0.22 -10.51 -2.10
CA ASP B 40 -0.74 -10.40 -3.24
C ASP B 40 -0.97 -11.78 -3.84
N PRO B 41 -2.02 -11.93 -4.60
CA PRO B 41 -2.34 -13.26 -5.17
C PRO B 41 -1.38 -13.63 -6.31
N GLN B 42 -0.10 -13.63 -6.04
CA GLN B 42 0.88 -14.00 -7.10
C GLN B 42 1.85 -15.08 -6.57
N LEU B 43 1.83 -15.35 -5.29
CA LEU B 43 2.74 -16.39 -4.75
C LEU B 43 1.97 -17.45 -3.97
N LEU B 44 0.74 -17.19 -3.61
CA LEU B 44 -0.05 -18.20 -2.86
C LEU B 44 -1.49 -17.71 -2.64
N GLY B 45 -1.67 -16.42 -2.45
CA GLY B 45 -3.04 -15.89 -2.23
C GLY B 45 -3.37 -15.93 -0.74
N ILE B 46 -2.90 -14.97 0.02
CA ILE B 46 -3.20 -14.94 1.48
C ILE B 46 -4.73 -14.92 1.67
N PRO B 47 -5.16 -15.44 2.79
CA PRO B 47 -6.60 -15.54 3.14
C PRO B 47 -7.45 -14.43 2.49
N ASP B 48 -7.93 -14.68 1.30
CA ASP B 48 -8.80 -13.69 0.61
C ASP B 48 -8.20 -12.29 0.66
N TYR B 49 -7.07 -12.09 0.05
CA TYR B 49 -6.48 -10.72 0.02
C TYR B 49 -7.49 -9.76 -0.64
N PHE B 50 -8.35 -10.28 -1.47
CA PHE B 50 -9.38 -9.43 -2.10
C PHE B 50 -10.46 -9.08 -1.06
N ASP B 51 -10.57 -9.87 -0.02
CA ASP B 51 -11.57 -9.58 1.03
C ASP B 51 -10.97 -8.63 2.08
N ILE B 52 -9.68 -8.68 2.25
CA ILE B 52 -9.02 -7.75 3.22
C ILE B 52 -8.45 -6.54 2.46
N VAL B 53 -8.60 -6.50 1.15
CA VAL B 53 -8.09 -5.33 0.38
C VAL B 53 -8.90 -5.12 -0.91
N LYS B 54 -9.27 -6.20 -1.57
CA LYS B 54 -10.07 -6.10 -2.83
C LYS B 54 -9.22 -5.57 -4.00
N ASN B 55 -8.62 -4.42 -3.86
CA ASN B 55 -7.84 -3.86 -5.02
C ASN B 55 -6.46 -3.38 -4.59
N PRO B 56 -5.55 -4.30 -4.37
CA PRO B 56 -4.18 -3.94 -3.96
C PRO B 56 -3.29 -3.75 -5.20
N MET B 57 -2.26 -2.96 -5.09
CA MET B 57 -1.34 -2.78 -6.24
C MET B 57 0.11 -2.67 -5.75
N ASP B 58 1.05 -2.59 -6.66
CA ASP B 58 2.48 -2.48 -6.24
C ASP B 58 2.88 -1.02 -6.06
N LEU B 59 3.87 -0.75 -5.25
CA LEU B 59 4.31 0.65 -5.07
C LEU B 59 4.94 1.16 -6.36
N SER B 60 5.54 0.29 -7.12
CA SER B 60 6.14 0.71 -8.41
C SER B 60 5.03 0.93 -9.44
N THR B 61 3.95 0.22 -9.30
CA THR B 61 2.81 0.39 -10.23
C THR B 61 2.26 1.81 -10.13
N ILE B 62 1.70 2.17 -8.99
CA ILE B 62 1.16 3.54 -8.83
C ILE B 62 2.24 4.56 -9.24
N LYS B 63 3.43 4.38 -8.75
CA LYS B 63 4.53 5.33 -9.09
C LYS B 63 4.77 5.34 -10.60
N ARG B 64 4.43 4.26 -11.27
CA ARG B 64 4.58 4.25 -12.75
C ARG B 64 3.60 5.23 -13.37
N LYS B 65 2.37 5.23 -12.90
CA LYS B 65 1.37 6.18 -13.42
C LYS B 65 1.24 7.38 -12.46
N LEU B 66 2.25 7.61 -11.68
CA LEU B 66 2.21 8.74 -10.70
C LEU B 66 2.97 9.94 -11.27
N ASP B 67 3.96 9.68 -12.08
CA ASP B 67 4.74 10.80 -12.69
C ASP B 67 4.06 11.28 -13.98
N THR B 68 3.15 10.49 -14.50
CA THR B 68 2.45 10.91 -15.75
C THR B 68 1.14 11.63 -15.41
N GLY B 69 0.30 11.84 -16.39
CA GLY B 69 -0.99 12.53 -16.12
C GLY B 69 -2.09 11.49 -15.89
N GLN B 70 -1.82 10.50 -15.08
CA GLN B 70 -2.85 9.45 -14.81
C GLN B 70 -3.32 9.54 -13.37
N TYR B 71 -2.41 9.64 -12.43
CA TYR B 71 -2.82 9.71 -11.00
C TYR B 71 -2.35 11.02 -10.37
N GLN B 72 -1.94 11.97 -11.16
CA GLN B 72 -1.45 13.26 -10.59
C GLN B 72 -2.45 13.82 -9.58
N GLU B 73 -3.69 13.42 -9.69
CA GLU B 73 -4.70 13.91 -8.71
C GLU B 73 -4.58 13.10 -7.42
N PRO B 74 -4.55 13.79 -6.31
CA PRO B 74 -4.42 13.09 -5.01
C PRO B 74 -5.52 12.05 -4.86
N TRP B 75 -6.67 12.30 -5.41
CA TRP B 75 -7.77 11.29 -5.34
C TRP B 75 -7.26 9.93 -5.85
N GLN B 76 -6.78 9.90 -7.06
CA GLN B 76 -6.23 8.62 -7.61
C GLN B 76 -4.94 8.27 -6.87
N TYR B 77 -3.99 9.17 -6.85
CA TYR B 77 -2.72 8.89 -6.14
C TYR B 77 -3.00 8.40 -4.71
N VAL B 78 -3.54 9.26 -3.88
CA VAL B 78 -3.82 8.84 -2.47
C VAL B 78 -4.60 7.52 -2.44
N ASP B 79 -5.45 7.29 -3.41
CA ASP B 79 -6.23 6.01 -3.42
C ASP B 79 -5.27 4.82 -3.44
N ASP B 80 -4.42 4.75 -4.43
CA ASP B 80 -3.46 3.62 -4.51
C ASP B 80 -2.51 3.63 -3.31
N VAL B 81 -1.89 4.75 -3.04
CA VAL B 81 -0.96 4.80 -1.87
C VAL B 81 -1.67 4.31 -0.62
N TRP B 82 -2.82 4.86 -0.33
CA TRP B 82 -3.59 4.43 0.85
C TRP B 82 -3.90 2.95 0.74
N LEU B 83 -4.32 2.50 -0.42
CA LEU B 83 -4.61 1.06 -0.58
C LEU B 83 -3.32 0.29 -0.28
N MET B 84 -2.26 0.66 -0.94
CA MET B 84 -0.96 -0.01 -0.68
C MET B 84 -0.65 0.00 0.82
N PHE B 85 -1.11 1.00 1.53
CA PHE B 85 -0.86 1.05 2.99
C PHE B 85 -1.89 0.19 3.73
N ASN B 86 -3.08 0.08 3.20
CA ASN B 86 -4.13 -0.74 3.88
C ASN B 86 -4.08 -2.18 3.38
N ASN B 87 -3.51 -2.40 2.23
CA ASN B 87 -3.43 -3.79 1.68
C ASN B 87 -2.52 -4.63 2.57
N ALA B 88 -1.62 -4.00 3.26
CA ALA B 88 -0.70 -4.76 4.15
C ALA B 88 -0.92 -4.35 5.61
N TRP B 89 -2.08 -3.83 5.92
CA TRP B 89 -2.35 -3.37 7.31
C TRP B 89 -3.68 -3.91 7.84
N LEU B 90 -4.43 -4.61 7.03
CA LEU B 90 -5.75 -5.11 7.51
C LEU B 90 -5.58 -6.44 8.25
N TYR B 91 -4.67 -7.26 7.84
CA TYR B 91 -4.48 -8.57 8.54
C TYR B 91 -3.06 -8.71 9.09
N ASN B 92 -2.30 -7.65 9.12
CA ASN B 92 -0.92 -7.74 9.65
C ASN B 92 -0.93 -8.12 11.13
N ARG B 93 0.13 -7.85 11.83
CA ARG B 93 0.18 -8.21 13.28
C ARG B 93 0.82 -7.07 14.09
N LYS B 94 0.56 -7.03 15.37
CA LYS B 94 1.15 -5.96 16.22
C LYS B 94 2.67 -5.91 16.02
N THR B 95 3.29 -7.03 15.85
CA THR B 95 4.78 -7.04 15.66
C THR B 95 5.20 -8.32 14.92
N SER B 96 5.52 -8.20 13.67
CA SER B 96 5.94 -9.41 12.90
C SER B 96 6.66 -8.99 11.61
N ARG B 97 6.66 -9.84 10.61
CA ARG B 97 7.35 -9.50 9.34
C ARG B 97 6.36 -8.88 8.34
N VAL B 98 5.41 -8.14 8.83
CA VAL B 98 4.41 -7.51 7.92
C VAL B 98 4.09 -6.09 8.39
N TYR B 99 3.95 -5.90 9.68
CA TYR B 99 3.63 -4.54 10.20
C TYR B 99 4.90 -3.85 10.71
N LYS B 100 5.75 -3.40 9.83
CA LYS B 100 6.98 -2.71 10.28
C LYS B 100 7.61 -1.92 9.13
N PHE B 101 8.14 -2.59 8.15
CA PHE B 101 8.77 -1.87 7.00
C PHE B 101 7.77 -0.92 6.34
N CYS B 102 6.51 -1.09 6.58
CA CYS B 102 5.50 -0.16 5.98
C CYS B 102 5.24 1.01 6.92
N SER B 103 5.27 0.76 8.20
CA SER B 103 5.01 1.86 9.19
C SER B 103 5.89 3.07 8.88
N LYS B 104 7.09 2.84 8.44
CA LYS B 104 7.99 3.99 8.12
C LYS B 104 7.44 4.77 6.93
N LEU B 105 7.01 4.10 5.91
CA LEU B 105 6.46 4.82 4.72
C LEU B 105 5.10 5.41 5.03
N ALA B 106 4.35 4.76 5.88
CA ALA B 106 2.99 5.29 6.23
C ALA B 106 3.11 6.64 6.92
N GLU B 107 3.99 6.76 7.89
CA GLU B 107 4.13 8.05 8.62
C GLU B 107 4.79 9.12 7.76
N VAL B 108 5.82 8.78 7.04
CA VAL B 108 6.52 9.82 6.22
C VAL B 108 5.64 10.30 5.06
N PHE B 109 4.96 9.41 4.39
CA PHE B 109 4.10 9.86 3.24
C PHE B 109 2.89 10.64 3.77
N GLU B 110 2.21 10.12 4.75
CA GLU B 110 1.02 10.84 5.30
C GLU B 110 1.40 12.28 5.66
N GLN B 111 2.66 12.52 5.90
CA GLN B 111 3.10 13.90 6.21
C GLN B 111 3.25 14.70 4.92
N GLU B 112 3.71 14.09 3.87
CA GLU B 112 3.96 14.88 2.64
C GLU B 112 2.68 15.03 1.81
N ILE B 113 1.55 14.58 2.31
CA ILE B 113 0.30 14.74 1.51
C ILE B 113 -0.61 15.80 2.13
N ASP B 114 -0.73 15.86 3.44
CA ASP B 114 -1.53 16.96 4.05
C ASP B 114 -1.04 18.28 3.46
N PRO B 115 0.26 18.46 3.46
CA PRO B 115 0.86 19.62 2.76
C PRO B 115 0.33 19.69 1.33
N VAL B 116 0.24 18.56 0.69
CA VAL B 116 -0.27 18.54 -0.70
C VAL B 116 -1.78 18.83 -0.73
N MET B 117 -2.41 18.92 0.42
CA MET B 117 -3.87 19.25 0.52
C MET B 117 -4.75 18.04 0.15
N GLN B 118 -4.20 16.89 -0.17
CA GLN B 118 -5.10 15.72 -0.42
C GLN B 118 -5.84 15.43 0.88
N SER B 119 -5.13 15.50 1.97
CA SER B 119 -5.78 15.34 3.30
C SER B 119 -6.19 16.73 3.78
N LEU B 120 -5.51 17.75 3.30
CA LEU B 120 -5.85 19.15 3.68
C LEU B 120 -5.64 19.38 5.17
N GLY B 121 -6.46 18.81 6.00
CA GLY B 121 -6.30 19.05 7.45
C GLY B 121 -7.67 19.02 8.12
N SER A 1 -9.11 -43.15 28.40
CA SER A 1 -9.28 -42.09 29.43
C SER A 1 -8.65 -40.78 28.96
N HIS A 2 -7.34 -40.72 28.88
CA HIS A 2 -6.67 -39.48 28.44
C HIS A 2 -6.83 -39.30 26.92
N LEU A 3 -8.00 -38.91 26.49
CA LEU A 3 -8.23 -38.71 25.02
C LEU A 3 -7.75 -37.33 24.59
N LYS A 4 -8.14 -36.89 23.42
CA LYS A 4 -7.71 -35.56 22.94
C LYS A 4 -6.19 -35.43 23.01
N SER A 5 -5.51 -35.88 21.99
CA SER A 5 -4.02 -35.78 22.00
C SER A 5 -3.54 -34.88 20.85
N LYS A 6 -4.42 -34.12 20.26
CA LYS A 6 -4.00 -33.22 19.15
C LYS A 6 -4.35 -31.78 19.47
N LYS A 7 -4.12 -31.36 20.69
CA LYS A 7 -4.44 -29.96 21.08
C LYS A 7 -3.70 -28.96 20.17
N GLY A 8 -3.67 -27.72 20.55
CA GLY A 8 -2.98 -26.71 19.71
C GLY A 8 -3.08 -25.34 20.37
N GLN A 9 -3.39 -24.32 19.61
CA GLN A 9 -3.51 -22.96 20.20
C GLN A 9 -4.70 -22.22 19.59
N SER A 10 -4.73 -22.08 18.30
CA SER A 10 -5.86 -21.38 17.64
C SER A 10 -6.04 -21.86 16.21
N THR A 11 -6.55 -21.04 15.34
CA THR A 11 -6.74 -21.46 13.93
C THR A 11 -5.61 -20.95 13.05
N SER A 12 -5.33 -19.68 13.11
CA SER A 12 -4.23 -19.11 12.28
C SER A 12 -4.44 -19.48 10.80
N ARG A 13 -5.06 -18.63 10.04
CA ARG A 13 -5.29 -18.94 8.60
C ARG A 13 -3.96 -19.30 7.92
N HIS A 14 -3.20 -18.33 7.50
CA HIS A 14 -1.91 -18.62 6.84
C HIS A 14 -0.85 -17.61 7.24
N LYS A 15 0.38 -17.79 6.82
CA LYS A 15 1.44 -16.81 7.18
C LYS A 15 1.40 -15.60 6.24
N LEU A 17 1.61 -12.68 3.30
CA LEU A 17 2.87 -12.13 2.67
C LEU A 17 4.04 -12.29 3.62
N MET A 18 3.81 -12.18 4.89
CA MET A 18 4.90 -12.38 5.87
C MET A 18 5.62 -13.71 5.61
N PHE A 19 5.02 -14.59 4.84
CA PHE A 19 5.68 -15.90 4.56
C PHE A 19 6.39 -15.83 3.20
N LYS A 20 5.63 -15.73 2.14
CA LYS A 20 6.26 -15.66 0.78
C LYS A 20 7.11 -14.40 0.65
N GLY B 1 -23.88 14.26 3.29
CA GLY B 1 -23.51 15.70 3.21
C GLY B 1 -22.09 15.89 3.76
N SER B 2 -21.22 14.94 3.53
CA SER B 2 -19.83 15.07 4.04
C SER B 2 -19.16 16.31 3.46
N HIS B 3 -17.86 16.36 3.47
CA HIS B 3 -17.14 17.54 2.92
C HIS B 3 -15.65 17.25 2.80
N MET B 4 -15.28 16.12 2.26
CA MET B 4 -13.84 15.79 2.12
C MET B 4 -13.18 16.70 1.07
N ARG B 5 -12.35 17.62 1.51
CA ARG B 5 -11.69 18.53 0.55
C ARG B 5 -10.48 17.84 -0.09
N LYS B 6 -10.72 16.98 -1.04
CA LYS B 6 -9.59 16.28 -1.71
C LYS B 6 -9.14 17.05 -2.96
N LYS B 7 -9.94 17.95 -3.44
CA LYS B 7 -9.53 18.75 -4.64
C LYS B 7 -8.34 19.64 -4.29
N ILE B 8 -7.21 19.43 -4.91
CA ILE B 8 -6.01 20.25 -4.57
C ILE B 8 -5.99 21.51 -5.46
N PHE B 9 -5.86 21.35 -6.74
CA PHE B 9 -5.84 22.54 -7.65
C PHE B 9 -5.78 22.10 -9.12
N LYS B 10 -4.62 21.72 -9.60
CA LYS B 10 -4.52 21.31 -11.03
C LYS B 10 -3.75 19.99 -11.17
N PRO B 11 -4.04 19.24 -12.20
CA PRO B 11 -3.36 17.94 -12.43
C PRO B 11 -1.85 18.12 -12.44
N GLU B 12 -1.36 19.15 -13.07
CA GLU B 12 0.12 19.36 -13.09
C GLU B 12 0.59 19.74 -11.69
N GLU B 13 -0.08 20.68 -11.07
CA GLU B 13 0.30 21.06 -9.68
C GLU B 13 0.27 19.82 -8.79
N LEU B 14 -0.51 18.84 -9.18
CA LEU B 14 -0.55 17.60 -8.38
C LEU B 14 0.67 16.75 -8.68
N ARG B 15 1.13 16.74 -9.90
CA ARG B 15 2.39 15.99 -10.19
C ARG B 15 3.48 16.51 -9.28
N GLN B 16 3.47 17.79 -9.04
CA GLN B 16 4.47 18.39 -8.12
C GLN B 16 4.23 17.87 -6.69
N ALA B 17 3.17 18.30 -6.05
CA ALA B 17 2.89 17.84 -4.66
C ALA B 17 3.05 16.32 -4.54
N LEU B 18 2.65 15.62 -5.56
CA LEU B 18 2.81 14.14 -5.55
C LEU B 18 4.30 13.78 -5.44
N MET B 19 5.16 14.58 -6.02
CA MET B 19 6.62 14.26 -5.96
C MET B 19 7.13 14.24 -4.51
N PRO B 20 7.04 15.34 -3.80
CA PRO B 20 7.54 15.35 -2.39
C PRO B 20 6.88 14.23 -1.59
N THR B 21 5.58 14.06 -1.69
CA THR B 21 4.96 12.95 -0.93
C THR B 21 5.45 11.61 -1.48
N LEU B 22 5.96 11.61 -2.68
CA LEU B 22 6.54 10.36 -3.24
C LEU B 22 7.89 10.12 -2.58
N GLU B 23 8.68 11.16 -2.47
CA GLU B 23 10.00 11.04 -1.80
C GLU B 23 9.80 10.45 -0.40
N ALA B 24 8.72 10.80 0.24
CA ALA B 24 8.45 10.25 1.59
C ALA B 24 8.10 8.76 1.47
N LEU B 25 7.27 8.42 0.53
CA LEU B 25 6.89 6.99 0.33
C LEU B 25 8.04 6.25 -0.36
N TYR B 26 8.30 6.57 -1.60
CA TYR B 26 9.41 5.88 -2.33
C TYR B 26 10.75 6.51 -1.96
N ARG B 27 11.26 6.20 -0.81
CA ARG B 27 12.58 6.78 -0.39
C ARG B 27 13.61 5.68 -0.19
N GLN B 28 13.46 4.58 -0.89
CA GLN B 28 14.44 3.46 -0.72
C GLN B 28 14.53 3.08 0.78
N ASP B 29 15.71 2.90 1.30
CA ASP B 29 15.84 2.53 2.76
C ASP B 29 15.12 1.22 3.04
N PRO B 30 15.58 0.53 4.05
CA PRO B 30 14.96 -0.76 4.44
C PRO B 30 13.47 -0.57 4.75
N GLU B 31 13.06 0.64 5.02
CA GLU B 31 11.63 0.90 5.33
C GLU B 31 10.78 0.71 4.08
N SER B 32 11.16 1.32 2.99
CA SER B 32 10.36 1.18 1.74
C SER B 32 10.34 -0.28 1.28
N LEU B 33 11.47 -0.85 1.03
CA LEU B 33 11.51 -2.27 0.59
C LEU B 33 11.54 -3.19 1.83
N PRO B 34 10.78 -4.27 1.82
CA PRO B 34 9.93 -4.65 0.65
C PRO B 34 8.59 -3.92 0.67
N PHE B 35 7.80 -4.06 -0.38
CA PHE B 35 6.47 -3.40 -0.41
C PHE B 35 5.72 -3.78 -1.69
N ARG B 36 6.39 -3.70 -2.81
CA ARG B 36 5.72 -4.00 -4.10
C ARG B 36 5.83 -5.50 -4.42
N GLN B 37 5.63 -6.35 -3.45
CA GLN B 37 5.71 -7.82 -3.72
C GLN B 37 4.41 -8.30 -4.40
N PRO B 38 4.56 -9.11 -5.42
CA PRO B 38 3.37 -9.60 -6.16
C PRO B 38 2.47 -10.46 -5.26
N VAL B 39 1.67 -9.84 -4.42
CA VAL B 39 0.76 -10.64 -3.56
C VAL B 39 -0.70 -10.42 -3.98
N ASP B 40 -0.94 -10.17 -5.23
CA ASP B 40 -2.35 -9.95 -5.69
C ASP B 40 -3.14 -11.25 -5.55
N PRO B 41 -4.45 -11.15 -5.69
CA PRO B 41 -5.33 -12.34 -5.54
C PRO B 41 -5.07 -13.33 -6.67
N GLN B 42 -3.89 -13.86 -6.75
CA GLN B 42 -3.57 -14.85 -7.82
C GLN B 42 -2.77 -16.02 -7.23
N LEU B 43 -2.88 -16.23 -5.95
CA LEU B 43 -2.13 -17.34 -5.30
C LEU B 43 -2.84 -17.79 -4.02
N LEU B 44 -4.12 -18.02 -4.09
CA LEU B 44 -4.89 -18.45 -2.89
C LEU B 44 -4.87 -17.36 -1.82
N GLY B 45 -4.65 -16.13 -2.21
CA GLY B 45 -4.63 -15.02 -1.22
C GLY B 45 -3.51 -15.25 -0.22
N ILE B 46 -3.62 -14.66 0.95
CA ILE B 46 -2.54 -14.84 1.98
C ILE B 46 -3.12 -15.09 3.39
N PRO B 47 -4.20 -15.81 3.52
CA PRO B 47 -4.74 -16.65 2.44
C PRO B 47 -6.10 -16.16 1.95
N ASP B 48 -6.48 -14.97 2.34
CA ASP B 48 -7.80 -14.44 1.90
C ASP B 48 -7.70 -12.93 1.62
N TYR B 49 -7.37 -12.55 0.43
CA TYR B 49 -7.24 -11.11 0.11
C TYR B 49 -8.60 -10.52 -0.28
N PHE B 50 -9.59 -11.34 -0.48
CA PHE B 50 -10.94 -10.81 -0.81
C PHE B 50 -11.58 -10.16 0.43
N ASP B 51 -10.94 -10.26 1.57
CA ASP B 51 -11.53 -9.66 2.81
C ASP B 51 -10.61 -8.56 3.35
N ILE B 52 -9.36 -8.58 2.99
CA ILE B 52 -8.42 -7.52 3.50
C ILE B 52 -7.82 -6.72 2.33
N VAL B 53 -7.94 -7.21 1.13
CA VAL B 53 -7.38 -6.44 -0.03
C VAL B 53 -8.19 -6.74 -1.29
N LYS B 54 -9.13 -5.88 -1.62
CA LYS B 54 -9.96 -6.12 -2.84
C LYS B 54 -9.16 -5.91 -4.12
N ASN B 55 -8.38 -4.86 -4.19
CA ASN B 55 -7.59 -4.59 -5.43
C ASN B 55 -6.18 -4.13 -5.10
N PRO B 56 -5.27 -5.08 -5.00
CA PRO B 56 -3.87 -4.74 -4.66
C PRO B 56 -3.07 -4.41 -5.93
N MET B 57 -2.17 -3.47 -5.83
CA MET B 57 -1.35 -3.11 -7.03
C MET B 57 0.16 -3.18 -6.71
N ASP B 58 0.52 -3.03 -5.45
CA ASP B 58 1.96 -3.06 -5.02
C ASP B 58 2.61 -1.68 -5.25
N LEU B 59 3.65 -1.39 -4.51
CA LEU B 59 4.29 -0.05 -4.60
C LEU B 59 5.17 0.11 -5.84
N SER B 60 5.18 -0.85 -6.71
CA SER B 60 6.00 -0.73 -7.95
C SER B 60 5.08 -0.37 -9.12
N THR B 61 3.85 -0.75 -9.03
CA THR B 61 2.87 -0.43 -10.12
C THR B 61 2.45 1.04 -10.03
N ILE B 62 1.92 1.46 -8.90
CA ILE B 62 1.47 2.87 -8.77
C ILE B 62 2.65 3.82 -9.03
N LYS B 63 3.82 3.45 -8.60
CA LYS B 63 5.00 4.33 -8.85
C LYS B 63 5.35 4.34 -10.34
N ARG B 64 5.26 3.21 -10.99
CA ARG B 64 5.58 3.17 -12.44
C ARG B 64 4.61 4.06 -13.23
N LYS B 65 3.39 4.17 -12.76
CA LYS B 65 2.40 5.03 -13.49
C LYS B 65 2.44 6.45 -12.91
N LEU B 66 2.87 6.59 -11.69
CA LEU B 66 2.93 7.93 -11.06
C LEU B 66 3.66 8.92 -11.97
N ASP B 67 4.76 8.53 -12.54
CA ASP B 67 5.52 9.45 -13.44
C ASP B 67 4.65 9.89 -14.62
N THR B 68 4.04 8.96 -15.30
CA THR B 68 3.19 9.33 -16.47
C THR B 68 1.98 10.15 -16.00
N GLY B 69 1.11 10.48 -16.91
CA GLY B 69 -0.10 11.27 -16.52
C GLY B 69 -1.25 10.32 -16.22
N GLN B 70 -0.98 9.22 -15.59
CA GLN B 70 -2.06 8.25 -15.26
C GLN B 70 -2.53 8.46 -13.82
N TYR B 71 -1.64 8.85 -12.94
CA TYR B 71 -2.04 9.08 -11.53
C TYR B 71 -1.46 10.41 -11.02
N GLN B 72 -2.04 11.51 -11.41
CA GLN B 72 -1.55 12.83 -10.93
C GLN B 72 -2.62 13.49 -10.08
N GLU B 73 -3.39 12.71 -9.41
CA GLU B 73 -4.47 13.25 -8.53
C GLU B 73 -4.51 12.43 -7.24
N PRO B 74 -4.44 13.10 -6.11
CA PRO B 74 -4.44 12.37 -4.82
C PRO B 74 -5.60 11.37 -4.75
N TRP B 75 -6.71 11.67 -5.37
CA TRP B 75 -7.84 10.71 -5.35
C TRP B 75 -7.36 9.34 -5.84
N GLN B 76 -6.75 9.30 -6.99
CA GLN B 76 -6.22 8.00 -7.50
C GLN B 76 -4.96 7.62 -6.72
N TYR B 77 -4.02 8.52 -6.60
CA TYR B 77 -2.79 8.20 -5.83
C TYR B 77 -3.13 7.67 -4.45
N VAL B 78 -3.90 8.42 -3.71
CA VAL B 78 -4.25 8.01 -2.32
C VAL B 78 -5.13 6.75 -2.36
N ASP B 79 -5.88 6.56 -3.41
CA ASP B 79 -6.71 5.34 -3.51
C ASP B 79 -5.82 4.12 -3.74
N ASP B 80 -4.69 4.32 -4.36
CA ASP B 80 -3.73 3.19 -4.58
C ASP B 80 -2.78 3.09 -3.40
N VAL B 81 -2.04 4.15 -3.13
CA VAL B 81 -1.08 4.14 -1.98
C VAL B 81 -1.76 3.58 -0.73
N TRP B 82 -2.86 4.15 -0.34
CA TRP B 82 -3.57 3.67 0.87
C TRP B 82 -3.95 2.20 0.69
N LEU B 83 -4.49 1.85 -0.44
CA LEU B 83 -4.84 0.43 -0.67
C LEU B 83 -3.54 -0.39 -0.60
N MET B 84 -2.50 0.15 -1.17
CA MET B 84 -1.18 -0.52 -1.10
C MET B 84 -0.74 -0.64 0.37
N PHE B 85 -1.25 0.22 1.21
CA PHE B 85 -0.85 0.18 2.65
C PHE B 85 -1.63 -0.92 3.39
N ASN B 86 -2.92 -0.77 3.56
CA ASN B 86 -3.69 -1.84 4.27
C ASN B 86 -3.44 -3.18 3.58
N ASN B 87 -3.07 -3.15 2.32
CA ASN B 87 -2.71 -4.41 1.61
C ASN B 87 -1.69 -5.19 2.44
N ALA B 88 -0.95 -4.49 3.26
CA ALA B 88 0.07 -5.16 4.11
C ALA B 88 -0.08 -4.69 5.56
N TRP B 89 -1.25 -4.24 5.92
CA TRP B 89 -1.45 -3.71 7.30
C TRP B 89 -2.74 -4.28 7.93
N LEU B 90 -3.76 -4.42 7.13
CA LEU B 90 -5.06 -4.93 7.66
C LEU B 90 -4.92 -6.28 8.35
N TYR B 91 -3.83 -6.97 8.13
CA TYR B 91 -3.69 -8.32 8.75
C TYR B 91 -2.22 -8.70 8.94
N ASN B 92 -1.33 -7.74 8.95
CA ASN B 92 0.13 -8.06 9.09
C ASN B 92 0.38 -9.11 10.18
N ARG B 93 0.58 -8.69 11.41
CA ARG B 93 0.90 -9.66 12.49
C ARG B 93 1.04 -8.93 13.83
N LYS B 94 2.20 -8.38 14.10
CA LYS B 94 2.41 -7.66 15.39
C LYS B 94 3.82 -7.09 15.44
N THR B 95 4.78 -7.81 14.90
CA THR B 95 6.18 -7.31 14.92
C THR B 95 7.03 -8.11 13.93
N SER B 96 6.56 -8.27 12.72
CA SER B 96 7.34 -9.04 11.71
C SER B 96 7.85 -8.11 10.61
N ARG B 97 8.24 -8.65 9.49
CA ARG B 97 8.76 -7.80 8.38
C ARG B 97 7.60 -7.11 7.65
N VAL B 98 6.44 -7.71 7.69
CA VAL B 98 5.27 -7.11 7.00
C VAL B 98 4.82 -5.87 7.77
N TYR B 99 4.87 -5.92 9.07
CA TYR B 99 4.50 -4.73 9.86
C TYR B 99 5.77 -3.91 10.14
N LYS B 100 6.46 -3.51 9.12
CA LYS B 100 7.73 -2.75 9.35
C LYS B 100 8.05 -1.85 8.14
N PHE B 101 8.14 -2.42 6.96
CA PHE B 101 8.46 -1.58 5.77
C PHE B 101 7.25 -0.76 5.34
N CYS B 102 6.13 -0.91 5.99
CA CYS B 102 4.94 -0.10 5.62
C CYS B 102 4.53 0.83 6.77
N SER B 103 5.01 0.56 7.96
CA SER B 103 4.66 1.44 9.11
C SER B 103 5.40 2.77 9.01
N LYS B 104 6.62 2.75 8.53
CA LYS B 104 7.37 4.02 8.41
C LYS B 104 6.96 4.74 7.13
N LEU B 105 6.43 4.00 6.19
CA LEU B 105 6.00 4.62 4.91
C LEU B 105 4.59 5.15 5.07
N ALA B 106 3.76 4.44 5.79
CA ALA B 106 2.38 4.93 6.05
C ALA B 106 2.44 6.19 6.92
N GLU B 107 3.31 6.19 7.90
CA GLU B 107 3.43 7.37 8.80
C GLU B 107 4.18 8.52 8.13
N VAL B 108 5.11 8.22 7.25
CA VAL B 108 5.90 9.31 6.62
C VAL B 108 5.16 9.89 5.39
N PHE B 109 4.35 9.10 4.72
CA PHE B 109 3.63 9.64 3.53
C PHE B 109 2.35 10.36 3.97
N GLU B 110 1.64 9.83 4.94
CA GLU B 110 0.40 10.52 5.40
C GLU B 110 0.73 11.95 5.83
N GLN B 111 1.97 12.21 6.14
CA GLN B 111 2.37 13.58 6.55
C GLN B 111 2.60 14.44 5.29
N GLU B 112 3.05 13.84 4.22
CA GLU B 112 3.32 14.63 2.99
C GLU B 112 2.08 14.76 2.12
N ILE B 113 0.95 14.24 2.55
CA ILE B 113 -0.28 14.43 1.73
C ILE B 113 -1.16 15.51 2.35
N ASP B 114 -1.16 15.63 3.64
CA ASP B 114 -1.95 16.73 4.27
C ASP B 114 -1.53 18.06 3.61
N PRO B 115 -0.23 18.27 3.49
CA PRO B 115 0.27 19.46 2.77
C PRO B 115 -0.25 19.43 1.33
N VAL B 116 -0.31 18.26 0.73
CA VAL B 116 -0.86 18.16 -0.66
C VAL B 116 -2.34 18.55 -0.67
N MET B 117 -2.94 18.68 0.50
CA MET B 117 -4.38 19.05 0.60
C MET B 117 -5.26 17.85 0.27
N GLN B 118 -4.69 16.69 0.03
CA GLN B 118 -5.53 15.48 -0.16
C GLN B 118 -6.27 15.26 1.16
N SER B 119 -5.60 15.54 2.24
CA SER B 119 -6.25 15.48 3.58
C SER B 119 -6.53 16.91 4.04
N LEU B 120 -6.71 17.81 3.10
CA LEU B 120 -6.96 19.24 3.43
C LEU B 120 -7.96 19.38 4.56
N GLY B 121 -9.04 18.64 4.48
CA GLY B 121 -10.08 18.75 5.54
C GLY B 121 -9.64 17.96 6.77
N SER A 1 10.84 -39.61 -13.37
CA SER A 1 9.85 -38.54 -13.65
C SER A 1 9.29 -37.98 -12.35
N HIS A 2 9.33 -36.69 -12.18
CA HIS A 2 8.79 -36.08 -10.93
C HIS A 2 8.50 -34.59 -11.15
N LEU A 3 7.89 -34.25 -12.25
CA LEU A 3 7.58 -32.82 -12.52
C LEU A 3 6.28 -32.69 -13.31
N LYS A 4 5.20 -33.20 -12.78
CA LYS A 4 3.90 -33.09 -13.50
C LYS A 4 3.10 -31.90 -12.98
N SER A 5 3.34 -31.49 -11.76
CA SER A 5 2.60 -30.34 -11.19
C SER A 5 3.14 -29.99 -9.80
N LYS A 6 3.07 -30.92 -8.89
CA LYS A 6 3.58 -30.65 -7.52
C LYS A 6 4.04 -31.96 -6.86
N LYS A 7 4.38 -32.94 -7.64
CA LYS A 7 4.84 -34.23 -7.07
C LYS A 7 6.28 -34.13 -6.60
N GLY A 8 6.52 -34.30 -5.33
CA GLY A 8 7.91 -34.22 -4.81
C GLY A 8 7.90 -33.57 -3.43
N GLN A 9 8.72 -32.58 -3.22
CA GLN A 9 8.77 -31.90 -1.89
C GLN A 9 8.77 -30.38 -2.06
N SER A 10 7.62 -29.78 -2.08
CA SER A 10 7.56 -28.30 -2.25
C SER A 10 6.29 -27.74 -1.60
N THR A 11 6.43 -26.97 -0.56
CA THR A 11 5.23 -26.40 0.10
C THR A 11 5.45 -24.91 0.39
N SER A 12 5.76 -24.14 -0.60
CA SER A 12 5.98 -22.68 -0.38
C SER A 12 4.65 -21.92 -0.50
N ARG A 13 3.63 -22.40 0.13
CA ARG A 13 2.32 -21.69 0.07
C ARG A 13 2.00 -21.03 1.41
N HIS A 14 2.39 -19.80 1.59
CA HIS A 14 2.11 -19.11 2.88
C HIS A 14 0.65 -18.67 2.95
N LYS A 15 0.05 -18.74 4.10
CA LYS A 15 -1.32 -18.17 4.23
C LYS A 15 -1.21 -16.69 3.87
N LEU A 17 1.25 -12.93 4.08
CA LEU A 17 2.69 -12.55 4.00
C LEU A 17 3.38 -12.76 5.36
N MET A 18 4.21 -11.86 5.80
CA MET A 18 4.92 -12.06 7.11
C MET A 18 5.93 -13.22 6.99
N PHE A 19 6.16 -13.70 5.79
CA PHE A 19 7.11 -14.83 5.61
C PHE A 19 6.66 -16.03 6.45
N LYS A 20 5.41 -16.36 6.39
CA LYS A 20 4.89 -17.51 7.19
C LYS A 20 5.63 -18.81 6.78
N GLY B 1 -20.45 13.79 1.99
CA GLY B 1 -20.84 13.37 0.61
C GLY B 1 -21.01 14.60 -0.27
N SER B 2 -20.19 15.60 -0.08
CA SER B 2 -20.30 16.84 -0.91
C SER B 2 -19.07 17.72 -0.72
N HIS B 3 -18.62 17.89 0.49
CA HIS B 3 -17.42 18.73 0.73
C HIS B 3 -16.14 17.92 0.55
N MET B 4 -15.69 17.78 -0.67
CA MET B 4 -14.44 17.00 -0.91
C MET B 4 -13.21 17.85 -0.62
N ARG B 5 -12.25 17.33 0.10
CA ARG B 5 -11.03 18.12 0.42
C ARG B 5 -9.85 17.70 -0.46
N LYS B 6 -10.07 16.81 -1.40
CA LYS B 6 -8.95 16.35 -2.28
C LYS B 6 -9.03 17.03 -3.64
N LYS B 7 -9.43 18.27 -3.68
CA LYS B 7 -9.50 18.96 -5.00
C LYS B 7 -8.28 19.87 -5.22
N ILE B 8 -7.29 19.73 -4.37
CA ILE B 8 -5.99 20.52 -4.45
C ILE B 8 -6.05 21.70 -5.43
N PHE B 9 -5.95 21.46 -6.71
CA PHE B 9 -6.01 22.59 -7.68
C PHE B 9 -5.95 22.10 -9.13
N LYS B 10 -4.78 21.81 -9.64
CA LYS B 10 -4.67 21.38 -11.06
C LYS B 10 -3.93 20.04 -11.18
N PRO B 11 -4.27 19.29 -12.21
CA PRO B 11 -3.62 17.97 -12.44
C PRO B 11 -2.10 18.10 -12.41
N GLU B 12 -1.56 19.12 -13.04
CA GLU B 12 -0.09 19.27 -13.02
C GLU B 12 0.36 19.70 -11.63
N GLU B 13 -0.35 20.62 -11.03
CA GLU B 13 0.01 21.05 -9.65
C GLU B 13 0.06 19.81 -8.74
N LEU B 14 -0.68 18.80 -9.08
CA LEU B 14 -0.64 17.56 -8.29
C LEU B 14 0.65 16.81 -8.59
N ARG B 15 1.04 16.76 -9.84
CA ARG B 15 2.34 16.09 -10.17
C ARG B 15 3.43 16.69 -9.28
N GLN B 16 3.30 17.96 -8.99
CA GLN B 16 4.29 18.61 -8.10
C GLN B 16 4.15 18.06 -6.67
N ALA B 17 3.09 18.39 -5.98
CA ALA B 17 2.90 17.89 -4.57
C ALA B 17 3.18 16.38 -4.51
N LEU B 18 2.75 15.67 -5.51
CA LEU B 18 2.99 14.21 -5.54
C LEU B 18 4.50 13.93 -5.58
N MET B 19 5.26 14.81 -6.16
CA MET B 19 6.74 14.58 -6.24
C MET B 19 7.37 14.52 -4.84
N PRO B 20 7.28 15.60 -4.06
CA PRO B 20 7.89 15.56 -2.70
C PRO B 20 7.35 14.37 -1.92
N THR B 21 6.05 14.20 -1.85
CA THR B 21 5.52 13.03 -1.09
C THR B 21 6.04 11.74 -1.72
N LEU B 22 6.49 11.79 -2.95
CA LEU B 22 7.08 10.57 -3.58
C LEU B 22 8.40 10.25 -2.90
N GLU B 23 9.25 11.25 -2.76
CA GLU B 23 10.56 11.03 -2.10
C GLU B 23 10.35 10.52 -0.67
N ALA B 24 9.33 10.97 0.00
CA ALA B 24 9.10 10.51 1.40
C ALA B 24 8.56 9.08 1.40
N LEU B 25 7.59 8.79 0.58
CA LEU B 25 7.02 7.41 0.56
C LEU B 25 7.91 6.48 -0.28
N TYR B 26 7.66 6.38 -1.57
CA TYR B 26 8.51 5.49 -2.42
C TYR B 26 9.85 6.15 -2.70
N ARG B 27 10.91 5.58 -2.19
CA ARG B 27 12.25 6.18 -2.40
C ARG B 27 13.34 5.10 -2.29
N GLN B 28 13.55 4.57 -1.12
CA GLN B 28 14.59 3.53 -0.94
C GLN B 28 14.45 2.86 0.43
N ASP B 29 15.54 2.51 1.06
CA ASP B 29 15.46 1.85 2.40
C ASP B 29 14.67 0.55 2.31
N PRO B 30 14.82 -0.28 3.31
CA PRO B 30 14.11 -1.58 3.32
C PRO B 30 12.60 -1.38 3.54
N GLU B 31 12.17 -0.17 3.79
CA GLU B 31 10.71 0.06 4.01
C GLU B 31 9.96 0.02 2.67
N SER B 32 10.65 0.22 1.59
CA SER B 32 9.95 0.20 0.26
C SER B 32 10.37 -1.02 -0.55
N LEU B 33 11.46 -1.64 -0.22
CA LEU B 33 11.91 -2.83 -0.99
C LEU B 33 10.81 -3.90 -1.00
N PRO B 34 10.29 -4.21 0.17
CA PRO B 34 9.24 -5.23 0.28
C PRO B 34 7.86 -4.60 0.11
N PHE B 35 7.67 -3.80 -0.90
CA PHE B 35 6.34 -3.15 -1.10
C PHE B 35 5.81 -3.41 -2.51
N ARG B 36 6.66 -3.50 -3.49
CA ARG B 36 6.18 -3.75 -4.87
C ARG B 36 6.17 -5.25 -5.17
N GLN B 37 6.12 -6.05 -4.14
CA GLN B 37 6.05 -7.53 -4.34
C GLN B 37 5.56 -8.21 -3.05
N PRO B 38 4.46 -7.72 -2.54
CA PRO B 38 3.90 -8.27 -1.28
C PRO B 38 3.40 -9.71 -1.48
N VAL B 39 2.24 -9.87 -2.05
CA VAL B 39 1.71 -11.25 -2.25
C VAL B 39 0.70 -11.29 -3.41
N ASP B 40 -0.35 -10.50 -3.34
CA ASP B 40 -1.39 -10.52 -4.41
C ASP B 40 -1.87 -11.97 -4.68
N PRO B 41 -2.90 -12.10 -5.49
CA PRO B 41 -3.50 -13.43 -5.76
C PRO B 41 -2.66 -14.26 -6.76
N GLN B 42 -1.50 -13.81 -7.12
CA GLN B 42 -0.66 -14.58 -8.08
C GLN B 42 -0.27 -15.94 -7.49
N LEU B 43 0.27 -15.95 -6.31
CA LEU B 43 0.69 -17.24 -5.69
C LEU B 43 -0.55 -18.07 -5.29
N LEU B 44 -0.91 -18.10 -4.04
CA LEU B 44 -2.11 -18.90 -3.64
C LEU B 44 -3.06 -18.05 -2.80
N GLY B 45 -2.89 -16.75 -2.78
CA GLY B 45 -3.80 -15.89 -1.98
C GLY B 45 -3.68 -16.26 -0.50
N ILE B 46 -3.96 -15.33 0.37
CA ILE B 46 -3.87 -15.63 1.83
C ILE B 46 -5.29 -15.81 2.41
N PRO B 47 -5.39 -16.50 3.52
CA PRO B 47 -6.71 -16.73 4.15
C PRO B 47 -7.52 -15.44 4.20
N ASP B 48 -8.59 -15.37 3.44
CA ASP B 48 -9.41 -14.12 3.40
C ASP B 48 -8.58 -12.96 2.85
N TYR B 49 -7.93 -13.16 1.74
CA TYR B 49 -7.09 -12.07 1.16
C TYR B 49 -7.98 -10.91 0.71
N PHE B 50 -9.25 -11.17 0.50
CA PHE B 50 -10.17 -10.08 0.09
C PHE B 50 -10.51 -9.17 1.27
N ASP B 51 -10.00 -9.47 2.45
CA ASP B 51 -10.28 -8.60 3.63
C ASP B 51 -9.04 -7.78 3.95
N ILE B 52 -7.89 -8.24 3.55
CA ILE B 52 -6.64 -7.48 3.83
C ILE B 52 -6.11 -6.83 2.55
N VAL B 53 -6.51 -7.33 1.41
CA VAL B 53 -6.01 -6.75 0.14
C VAL B 53 -7.11 -6.73 -0.93
N LYS B 54 -7.73 -5.60 -1.12
CA LYS B 54 -8.80 -5.52 -2.17
C LYS B 54 -8.15 -5.50 -3.56
N ASN B 55 -7.66 -4.37 -3.99
CA ASN B 55 -6.99 -4.29 -5.32
C ASN B 55 -5.48 -4.15 -5.13
N PRO B 56 -4.81 -5.27 -4.99
CA PRO B 56 -3.36 -5.25 -4.74
C PRO B 56 -2.56 -4.70 -5.91
N MET B 57 -1.56 -3.91 -5.62
CA MET B 57 -0.66 -3.39 -6.68
C MET B 57 0.77 -3.36 -6.14
N ASP B 58 1.70 -2.84 -6.89
CA ASP B 58 3.10 -2.76 -6.38
C ASP B 58 3.52 -1.31 -6.26
N LEU B 59 4.25 -0.96 -5.23
CA LEU B 59 4.68 0.46 -5.10
C LEU B 59 5.42 0.91 -6.36
N SER B 60 5.90 -0.01 -7.16
CA SER B 60 6.55 0.39 -8.44
C SER B 60 5.48 0.71 -9.48
N THR B 61 4.29 0.19 -9.31
CA THR B 61 3.19 0.46 -10.28
C THR B 61 2.63 1.87 -10.06
N ILE B 62 2.13 2.15 -8.88
CA ILE B 62 1.55 3.50 -8.63
C ILE B 62 2.59 4.58 -8.90
N LYS B 63 3.85 4.25 -8.77
CA LYS B 63 4.90 5.27 -9.04
C LYS B 63 5.22 5.31 -10.54
N ARG B 64 5.01 4.22 -11.22
CA ARG B 64 5.26 4.21 -12.69
C ARG B 64 4.21 5.09 -13.39
N LYS B 65 3.04 5.19 -12.82
CA LYS B 65 1.98 6.03 -13.45
C LYS B 65 1.88 7.40 -12.73
N LEU B 66 2.57 7.56 -11.64
CA LEU B 66 2.50 8.85 -10.90
C LEU B 66 3.24 9.96 -11.65
N ASP B 67 4.23 9.61 -12.42
CA ASP B 67 4.99 10.65 -13.17
C ASP B 67 4.39 10.86 -14.56
N THR B 68 3.17 10.46 -14.76
CA THR B 68 2.55 10.64 -16.10
C THR B 68 1.25 11.46 -15.99
N GLY B 69 0.54 11.31 -14.91
CA GLY B 69 -0.72 12.08 -14.74
C GLY B 69 -1.89 11.10 -14.55
N GLN B 70 -1.72 9.87 -14.93
CA GLN B 70 -2.83 8.88 -14.78
C GLN B 70 -3.38 8.89 -13.35
N TYR B 71 -2.57 9.26 -12.40
CA TYR B 71 -3.06 9.29 -10.98
C TYR B 71 -2.63 10.58 -10.29
N GLN B 72 -2.52 11.65 -11.03
CA GLN B 72 -2.12 12.94 -10.41
C GLN B 72 -3.13 13.35 -9.33
N GLU B 73 -4.40 13.14 -9.57
CA GLU B 73 -5.42 13.48 -8.54
C GLU B 73 -5.25 12.53 -7.35
N PRO B 74 -5.18 13.10 -6.17
CA PRO B 74 -4.98 12.28 -4.95
C PRO B 74 -6.05 11.20 -4.84
N TRP B 75 -7.22 11.44 -5.39
CA TRP B 75 -8.29 10.41 -5.34
C TRP B 75 -7.75 9.08 -5.89
N GLN B 76 -7.16 9.12 -7.05
CA GLN B 76 -6.56 7.88 -7.62
C GLN B 76 -5.27 7.55 -6.88
N TYR B 77 -4.36 8.48 -6.79
CA TYR B 77 -3.09 8.24 -6.04
C TYR B 77 -3.38 7.61 -4.70
N VAL B 78 -4.15 8.31 -3.90
CA VAL B 78 -4.47 7.79 -2.55
C VAL B 78 -5.24 6.48 -2.65
N ASP B 79 -6.01 6.30 -3.69
CA ASP B 79 -6.73 5.00 -3.87
C ASP B 79 -5.72 3.88 -4.07
N ASP B 80 -4.51 4.21 -4.47
CA ASP B 80 -3.46 3.16 -4.66
C ASP B 80 -2.50 3.16 -3.46
N VAL B 81 -2.08 4.32 -3.02
CA VAL B 81 -1.16 4.39 -1.84
C VAL B 81 -1.84 3.77 -0.63
N TRP B 82 -2.96 4.30 -0.25
CA TRP B 82 -3.69 3.74 0.92
C TRP B 82 -3.94 2.26 0.70
N LEU B 83 -4.41 1.91 -0.46
CA LEU B 83 -4.63 0.47 -0.75
C LEU B 83 -3.30 -0.26 -0.64
N MET B 84 -2.27 0.30 -1.22
CA MET B 84 -0.93 -0.31 -1.12
C MET B 84 -0.56 -0.48 0.35
N PHE B 85 -0.99 0.44 1.17
CA PHE B 85 -0.70 0.32 2.62
C PHE B 85 -1.65 -0.69 3.27
N ASN B 86 -2.93 -0.47 3.17
CA ASN B 86 -3.90 -1.42 3.75
C ASN B 86 -3.64 -2.82 3.22
N ASN B 87 -3.17 -2.93 2.00
CA ASN B 87 -2.86 -4.27 1.42
C ASN B 87 -1.90 -5.02 2.37
N ALA B 88 -1.08 -4.29 3.08
CA ALA B 88 -0.12 -4.94 4.00
C ALA B 88 -0.33 -4.45 5.43
N TRP B 89 -1.54 -4.14 5.78
CA TRP B 89 -1.78 -3.57 7.14
C TRP B 89 -2.99 -4.20 7.82
N LEU B 90 -3.99 -4.60 7.07
CA LEU B 90 -5.21 -5.16 7.70
C LEU B 90 -4.91 -6.47 8.45
N TYR B 91 -3.89 -7.18 8.06
CA TYR B 91 -3.58 -8.47 8.76
C TYR B 91 -2.14 -8.48 9.29
N ASN B 92 -1.34 -7.53 8.90
CA ASN B 92 0.08 -7.52 9.37
C ASN B 92 0.14 -7.38 10.90
N ARG B 93 1.19 -6.77 11.40
CA ARG B 93 1.37 -6.58 12.88
C ARG B 93 0.94 -7.82 13.66
N LYS B 94 0.64 -7.64 14.92
CA LYS B 94 0.24 -8.81 15.77
C LYS B 94 1.29 -9.91 15.68
N THR B 95 2.40 -9.72 16.33
CA THR B 95 3.47 -10.76 16.31
C THR B 95 3.84 -11.12 14.86
N SER B 96 3.92 -10.15 14.00
CA SER B 96 4.25 -10.45 12.57
C SER B 96 5.36 -9.53 12.06
N ARG B 97 6.14 -10.00 11.14
CA ARG B 97 7.24 -9.16 10.55
C ARG B 97 6.70 -8.40 9.35
N VAL B 98 5.54 -7.85 9.46
CA VAL B 98 4.92 -7.18 8.30
C VAL B 98 4.61 -5.73 8.64
N TYR B 99 4.17 -5.49 9.86
CA TYR B 99 3.90 -4.09 10.27
C TYR B 99 5.22 -3.43 10.68
N LYS B 100 6.18 -3.41 9.79
CA LYS B 100 7.49 -2.81 10.15
C LYS B 100 8.13 -2.15 8.92
N PHE B 101 8.28 -2.86 7.85
CA PHE B 101 8.88 -2.24 6.63
C PHE B 101 7.84 -1.36 5.91
N CYS B 102 6.65 -1.28 6.43
CA CYS B 102 5.62 -0.41 5.81
C CYS B 102 5.17 0.68 6.79
N SER B 103 5.12 0.35 8.05
CA SER B 103 4.69 1.35 9.07
C SER B 103 5.51 2.63 8.92
N LYS B 104 6.71 2.51 8.43
CA LYS B 104 7.56 3.71 8.25
C LYS B 104 7.06 4.54 7.07
N LEU B 105 6.72 3.90 5.98
CA LEU B 105 6.21 4.66 4.81
C LEU B 105 4.78 5.15 5.09
N ALA B 106 4.03 4.41 5.86
CA ALA B 106 2.65 4.84 6.17
C ALA B 106 2.67 6.11 7.02
N GLU B 107 3.56 6.17 7.98
CA GLU B 107 3.63 7.36 8.86
C GLU B 107 4.28 8.55 8.15
N VAL B 108 5.17 8.31 7.23
CA VAL B 108 5.84 9.45 6.55
C VAL B 108 5.01 9.95 5.35
N PHE B 109 4.34 9.07 4.65
CA PHE B 109 3.52 9.55 3.49
C PHE B 109 2.26 10.25 4.04
N GLU B 110 1.67 9.71 5.08
CA GLU B 110 0.50 10.39 5.68
C GLU B 110 0.89 11.83 6.06
N GLN B 111 2.16 12.07 6.23
CA GLN B 111 2.63 13.45 6.53
C GLN B 111 2.77 14.23 5.24
N GLU B 112 3.16 13.57 4.19
CA GLU B 112 3.42 14.30 2.92
C GLU B 112 2.13 14.46 2.13
N ILE B 113 1.18 13.59 2.34
CA ILE B 113 -0.09 13.72 1.59
C ILE B 113 -1.04 14.74 2.23
N ASP B 114 -1.09 14.82 3.53
CA ASP B 114 -1.98 15.86 4.15
C ASP B 114 -1.67 17.22 3.53
N PRO B 115 -0.40 17.57 3.52
CA PRO B 115 0.03 18.82 2.85
C PRO B 115 -0.40 18.79 1.39
N VAL B 116 -0.44 17.63 0.78
CA VAL B 116 -0.90 17.53 -0.62
C VAL B 116 -2.42 17.77 -0.72
N MET B 117 -3.08 17.94 0.40
CA MET B 117 -4.56 18.24 0.42
C MET B 117 -5.40 16.99 0.12
N GLN B 118 -4.80 15.84 -0.04
CA GLN B 118 -5.64 14.62 -0.25
C GLN B 118 -6.32 14.27 1.07
N SER B 119 -5.64 14.53 2.16
CA SER B 119 -6.26 14.32 3.49
C SER B 119 -6.71 15.66 4.04
N LEU B 120 -5.90 16.67 3.84
CA LEU B 120 -6.25 18.05 4.30
C LEU B 120 -6.73 18.06 5.73
N GLY B 121 -7.98 17.81 5.96
CA GLY B 121 -8.48 17.81 7.36
C GLY B 121 -8.75 16.37 7.81
N SER A 1 -5.60 -41.47 8.63
CA SER A 1 -6.26 -40.16 8.91
C SER A 1 -5.64 -39.06 8.05
N HIS A 2 -6.34 -37.97 7.88
CA HIS A 2 -5.79 -36.86 7.06
C HIS A 2 -5.64 -35.59 7.90
N LEU A 3 -4.69 -35.58 8.80
CA LEU A 3 -4.50 -34.37 9.66
C LEU A 3 -4.15 -33.16 8.79
N LYS A 4 -4.94 -32.13 8.85
CA LYS A 4 -4.65 -30.92 8.03
C LYS A 4 -4.24 -29.75 8.93
N SER A 5 -4.28 -28.55 8.42
CA SER A 5 -3.90 -27.38 9.25
C SER A 5 -5.12 -26.82 9.98
N LYS A 6 -5.89 -27.67 10.62
CA LYS A 6 -7.09 -27.19 11.35
C LYS A 6 -7.97 -26.34 10.44
N LYS A 7 -9.06 -25.83 10.95
CA LYS A 7 -9.95 -24.99 10.11
C LYS A 7 -10.82 -24.09 10.99
N GLY A 8 -11.48 -23.12 10.40
CA GLY A 8 -12.33 -22.21 11.21
C GLY A 8 -11.65 -20.84 11.31
N GLN A 9 -10.41 -20.80 11.72
CA GLN A 9 -9.71 -19.50 11.84
C GLN A 9 -8.89 -19.22 10.58
N SER A 10 -9.32 -19.72 9.46
CA SER A 10 -8.57 -19.47 8.19
C SER A 10 -7.10 -19.85 8.36
N THR A 11 -6.27 -19.52 7.40
CA THR A 11 -4.83 -19.87 7.51
C THR A 11 -3.99 -18.59 7.62
N SER A 12 -4.43 -17.64 8.39
CA SER A 12 -3.65 -16.38 8.52
C SER A 12 -2.52 -16.57 9.53
N ARG A 13 -1.62 -17.48 9.27
CA ARG A 13 -0.49 -17.71 10.21
C ARG A 13 0.50 -18.71 9.62
N HIS A 14 0.76 -18.61 8.34
CA HIS A 14 1.72 -19.55 7.70
C HIS A 14 3.12 -18.93 7.64
N LYS A 15 3.98 -19.48 6.82
CA LYS A 15 5.36 -18.92 6.72
C LYS A 15 5.36 -17.67 5.83
N LEU A 17 5.58 -14.33 3.64
CA LEU A 17 6.80 -13.47 3.58
C LEU A 17 7.38 -13.30 5.00
N MET A 18 6.62 -13.65 6.01
CA MET A 18 7.13 -13.52 7.40
C MET A 18 8.23 -14.55 7.67
N PHE A 19 8.28 -15.60 6.89
CA PHE A 19 9.32 -16.64 7.10
C PHE A 19 9.85 -17.15 5.77
N LYS A 20 10.43 -16.29 4.98
CA LYS A 20 10.98 -16.72 3.67
C LYS A 20 11.91 -15.66 3.09
N GLY B 1 -21.81 14.98 4.47
CA GLY B 1 -20.41 15.19 4.01
C GLY B 1 -19.76 13.84 3.71
N SER B 2 -20.28 13.12 2.76
CA SER B 2 -19.69 11.79 2.42
C SER B 2 -19.01 11.85 1.05
N HIS B 3 -19.51 12.65 0.16
CA HIS B 3 -18.88 12.76 -1.20
C HIS B 3 -18.16 14.09 -1.35
N MET B 4 -17.40 14.25 -2.41
CA MET B 4 -16.67 15.52 -2.63
C MET B 4 -15.83 15.88 -1.40
N ARG B 5 -14.54 15.62 -1.46
CA ARG B 5 -13.67 15.95 -0.29
C ARG B 5 -12.20 16.00 -0.71
N LYS B 6 -11.78 15.08 -1.55
CA LYS B 6 -10.35 15.07 -1.98
C LYS B 6 -10.10 16.07 -3.09
N LYS B 7 -11.07 16.89 -3.43
CA LYS B 7 -10.84 17.88 -4.51
C LYS B 7 -9.85 18.94 -4.03
N ILE B 8 -8.67 18.97 -4.58
CA ILE B 8 -7.65 19.95 -4.12
C ILE B 8 -7.73 21.23 -4.97
N PHE B 9 -7.45 21.12 -6.24
CA PHE B 9 -7.50 22.33 -7.12
C PHE B 9 -7.33 21.95 -8.59
N LYS B 10 -6.12 21.74 -9.04
CA LYS B 10 -5.90 21.39 -10.46
C LYS B 10 -4.97 20.17 -10.58
N PRO B 11 -5.15 19.41 -11.64
CA PRO B 11 -4.32 18.21 -11.84
C PRO B 11 -2.83 18.55 -11.78
N GLU B 12 -2.43 19.65 -12.35
CA GLU B 12 -0.99 20.02 -12.29
C GLU B 12 -0.60 20.37 -10.86
N GLU B 13 -1.36 21.23 -10.22
CA GLU B 13 -1.06 21.58 -8.80
C GLU B 13 -0.97 20.31 -7.98
N LEU B 14 -1.67 19.30 -8.40
CA LEU B 14 -1.61 18.00 -7.69
C LEU B 14 -0.30 17.30 -8.00
N ARG B 15 0.19 17.39 -9.20
CA ARG B 15 1.51 16.77 -9.50
C ARG B 15 2.53 17.34 -8.52
N GLN B 16 2.40 18.60 -8.21
CA GLN B 16 3.31 19.23 -7.22
C GLN B 16 3.11 18.59 -5.84
N ALA B 17 2.00 18.84 -5.20
CA ALA B 17 1.76 18.25 -3.85
C ALA B 17 2.06 16.75 -3.87
N LEU B 18 1.74 16.10 -4.96
CA LEU B 18 2.03 14.65 -5.07
C LEU B 18 3.53 14.40 -4.99
N MET B 19 4.33 15.35 -5.42
CA MET B 19 5.82 15.15 -5.37
C MET B 19 6.33 15.05 -3.91
N PRO B 20 6.12 16.08 -3.11
CA PRO B 20 6.60 15.99 -1.71
C PRO B 20 6.06 14.72 -1.04
N THR B 21 4.79 14.45 -1.17
CA THR B 21 4.26 13.19 -0.56
C THR B 21 4.86 11.98 -1.28
N LEU B 22 5.39 12.19 -2.47
CA LEU B 22 6.05 11.05 -3.19
C LEU B 22 7.32 10.66 -2.45
N GLU B 23 8.09 11.64 -2.04
CA GLU B 23 9.34 11.34 -1.30
C GLU B 23 8.99 10.72 0.06
N ALA B 24 7.96 11.20 0.69
CA ALA B 24 7.56 10.62 2.01
C ALA B 24 7.29 9.12 1.87
N LEU B 25 6.44 8.74 0.96
CA LEU B 25 6.13 7.29 0.77
C LEU B 25 7.21 6.61 -0.08
N TYR B 26 7.77 7.31 -1.02
CA TYR B 26 8.79 6.67 -1.89
C TYR B 26 10.09 7.47 -1.89
N ARG B 27 11.08 6.99 -1.18
CA ARG B 27 12.38 7.71 -1.13
C ARG B 27 13.51 6.79 -1.61
N GLN B 28 14.07 5.98 -0.75
CA GLN B 28 15.17 5.06 -1.16
C GLN B 28 15.68 4.26 0.04
N ASP B 29 14.79 3.79 0.87
CA ASP B 29 15.23 3.03 2.07
C ASP B 29 14.64 1.61 2.05
N PRO B 30 14.99 0.84 3.06
CA PRO B 30 14.48 -0.55 3.15
C PRO B 30 12.98 -0.56 3.44
N GLU B 31 12.47 0.51 3.99
CA GLU B 31 11.01 0.56 4.30
C GLU B 31 10.19 0.33 3.03
N SER B 32 10.62 0.86 1.92
CA SER B 32 9.86 0.69 0.66
C SER B 32 10.38 -0.52 -0.14
N LEU B 33 11.38 -1.21 0.36
CA LEU B 33 11.92 -2.38 -0.38
C LEU B 33 10.88 -3.51 -0.47
N PRO B 34 10.39 -3.94 0.68
CA PRO B 34 9.40 -5.04 0.70
C PRO B 34 8.10 -4.61 0.02
N PHE B 35 7.79 -3.33 0.04
CA PHE B 35 6.56 -2.85 -0.62
C PHE B 35 6.50 -3.35 -2.07
N ARG B 36 7.59 -3.23 -2.77
CA ARG B 36 7.61 -3.68 -4.18
C ARG B 36 8.43 -4.97 -4.32
N GLN B 37 8.17 -5.95 -3.48
CA GLN B 37 8.94 -7.24 -3.57
C GLN B 37 9.00 -7.73 -5.03
N PRO B 38 7.86 -8.07 -5.62
CA PRO B 38 6.53 -8.00 -4.97
C PRO B 38 6.05 -9.41 -4.61
N VAL B 39 5.39 -9.58 -3.49
CA VAL B 39 4.85 -10.93 -3.17
C VAL B 39 3.46 -11.11 -3.82
N ASP B 40 2.85 -10.04 -4.24
CA ASP B 40 1.52 -10.13 -4.92
C ASP B 40 1.51 -11.22 -6.00
N PRO B 41 2.51 -11.20 -6.86
CA PRO B 41 2.65 -12.22 -7.93
C PRO B 41 2.14 -13.59 -7.55
N GLN B 42 2.19 -13.91 -6.29
CA GLN B 42 1.84 -15.29 -5.87
C GLN B 42 2.80 -16.25 -6.56
N LEU B 43 3.94 -15.75 -7.03
CA LEU B 43 4.95 -16.65 -7.66
C LEU B 43 5.52 -17.55 -6.57
N LEU B 44 4.71 -18.41 -6.02
CA LEU B 44 5.13 -19.18 -4.83
C LEU B 44 5.36 -18.20 -3.66
N GLY B 45 4.95 -16.95 -3.80
CA GLY B 45 5.14 -15.98 -2.68
C GLY B 45 4.60 -16.59 -1.39
N ILE B 46 3.31 -16.47 -1.16
CA ILE B 46 2.74 -17.08 0.08
C ILE B 46 1.32 -17.62 -0.18
N PRO B 47 0.76 -18.24 0.83
CA PRO B 47 -0.58 -18.86 0.67
C PRO B 47 -1.67 -17.83 0.41
N ASP B 48 -2.59 -18.15 -0.46
CA ASP B 48 -3.74 -17.25 -0.73
C ASP B 48 -3.28 -15.85 -1.18
N TYR B 49 -3.07 -14.94 -0.26
CA TYR B 49 -2.70 -13.54 -0.64
C TYR B 49 -3.66 -13.04 -1.71
N PHE B 50 -4.89 -12.80 -1.31
CA PHE B 50 -5.92 -12.33 -2.25
C PHE B 50 -7.18 -11.97 -1.45
N ASP B 51 -7.49 -12.78 -0.47
CA ASP B 51 -8.66 -12.47 0.41
C ASP B 51 -8.29 -11.34 1.37
N ILE B 52 -7.03 -11.17 1.64
CA ILE B 52 -6.59 -10.05 2.52
C ILE B 52 -6.21 -8.85 1.67
N VAL B 53 -6.57 -8.86 0.41
CA VAL B 53 -6.17 -7.74 -0.48
C VAL B 53 -6.77 -7.93 -1.87
N LYS B 54 -7.90 -7.32 -2.12
CA LYS B 54 -8.55 -7.47 -3.46
C LYS B 54 -7.55 -7.24 -4.59
N ASN B 55 -7.18 -6.01 -4.85
CA ASN B 55 -6.22 -5.73 -5.94
C ASN B 55 -5.02 -4.93 -5.41
N PRO B 56 -3.90 -5.60 -5.24
CA PRO B 56 -2.70 -4.94 -4.70
C PRO B 56 -1.80 -4.42 -5.82
N MET B 57 -1.07 -3.36 -5.55
CA MET B 57 -0.14 -2.83 -6.58
C MET B 57 1.30 -2.93 -6.10
N ASP B 58 2.23 -2.72 -6.97
CA ASP B 58 3.65 -2.69 -6.54
C ASP B 58 4.06 -1.23 -6.41
N LEU B 59 4.78 -0.87 -5.37
CA LEU B 59 5.14 0.56 -5.21
C LEU B 59 5.84 1.09 -6.48
N SER B 60 6.34 0.21 -7.31
CA SER B 60 6.95 0.66 -8.58
C SER B 60 5.85 0.90 -9.62
N THR B 61 4.72 0.27 -9.46
CA THR B 61 3.59 0.47 -10.42
C THR B 61 3.00 1.87 -10.24
N ILE B 62 2.48 2.16 -9.08
CA ILE B 62 1.90 3.51 -8.85
C ILE B 62 2.94 4.58 -9.17
N LYS B 63 4.20 4.22 -9.14
CA LYS B 63 5.26 5.21 -9.47
C LYS B 63 5.46 5.27 -10.98
N ARG B 64 5.35 4.16 -11.64
CA ARG B 64 5.42 4.17 -13.12
C ARG B 64 4.20 4.92 -13.67
N LYS B 65 3.20 5.14 -12.85
CA LYS B 65 1.99 5.87 -13.32
C LYS B 65 1.87 7.22 -12.61
N LEU B 66 2.52 7.38 -11.49
CA LEU B 66 2.44 8.68 -10.76
C LEU B 66 3.08 9.80 -11.58
N ASP B 67 4.11 9.49 -12.33
CA ASP B 67 4.78 10.54 -13.15
C ASP B 67 4.44 10.38 -14.63
N THR B 68 3.19 10.19 -14.95
CA THR B 68 2.81 10.04 -16.38
C THR B 68 1.41 10.63 -16.62
N GLY B 69 1.06 11.64 -15.89
CA GLY B 69 -0.29 12.27 -16.08
C GLY B 69 -1.37 11.19 -15.92
N GLN B 70 -1.05 10.11 -15.26
CA GLN B 70 -2.07 9.04 -15.04
C GLN B 70 -2.65 9.16 -13.63
N TYR B 71 -1.81 9.41 -12.66
CA TYR B 71 -2.31 9.55 -11.27
C TYR B 71 -1.87 10.90 -10.69
N GLN B 72 -2.51 11.97 -11.09
CA GLN B 72 -2.15 13.31 -10.52
C GLN B 72 -3.30 13.83 -9.67
N GLU B 73 -4.04 12.94 -9.10
CA GLU B 73 -5.17 13.36 -8.21
C GLU B 73 -5.15 12.50 -6.95
N PRO B 74 -5.18 13.13 -5.81
CA PRO B 74 -5.13 12.38 -4.53
C PRO B 74 -6.22 11.32 -4.51
N TRP B 75 -7.35 11.57 -5.13
CA TRP B 75 -8.42 10.54 -5.16
C TRP B 75 -7.86 9.22 -5.70
N GLN B 76 -7.30 9.26 -6.89
CA GLN B 76 -6.71 8.02 -7.45
C GLN B 76 -5.44 7.67 -6.68
N TYR B 77 -4.54 8.61 -6.52
CA TYR B 77 -3.29 8.33 -5.76
C TYR B 77 -3.63 7.74 -4.38
N VAL B 78 -4.32 8.47 -3.55
CA VAL B 78 -4.69 7.91 -2.21
C VAL B 78 -5.34 6.53 -2.37
N ASP B 79 -6.08 6.33 -3.42
CA ASP B 79 -6.73 5.01 -3.63
C ASP B 79 -5.67 3.93 -3.81
N ASP B 80 -4.84 4.05 -4.82
CA ASP B 80 -3.77 3.03 -5.03
C ASP B 80 -2.84 2.98 -3.82
N VAL B 81 -2.34 4.12 -3.39
CA VAL B 81 -1.44 4.13 -2.20
C VAL B 81 -2.11 3.39 -1.04
N TRP B 82 -3.25 3.84 -0.63
CA TRP B 82 -3.96 3.16 0.49
C TRP B 82 -4.25 1.71 0.13
N LEU B 83 -4.80 1.48 -1.03
CA LEU B 83 -5.07 0.09 -1.45
C LEU B 83 -3.78 -0.72 -1.40
N MET B 84 -2.80 -0.30 -2.15
CA MET B 84 -1.48 -0.97 -2.14
C MET B 84 -0.99 -1.07 -0.70
N PHE B 85 -1.31 -0.11 0.12
CA PHE B 85 -0.89 -0.17 1.55
C PHE B 85 -1.53 -1.39 2.22
N ASN B 86 -2.80 -1.62 1.97
CA ASN B 86 -3.46 -2.81 2.58
C ASN B 86 -2.69 -4.07 2.24
N ASN B 87 -2.33 -4.24 1.00
CA ASN B 87 -1.54 -5.45 0.60
C ASN B 87 -0.32 -5.60 1.50
N ALA B 88 0.23 -4.51 1.96
CA ALA B 88 1.41 -4.59 2.87
C ALA B 88 0.97 -4.37 4.33
N TRP B 89 -0.31 -4.47 4.60
CA TRP B 89 -0.79 -4.23 5.98
C TRP B 89 -1.67 -5.39 6.46
N LEU B 90 -2.81 -5.55 5.86
CA LEU B 90 -3.72 -6.67 6.26
C LEU B 90 -3.02 -8.01 6.12
N TYR B 91 -1.94 -8.06 5.39
CA TYR B 91 -1.25 -9.36 5.18
C TYR B 91 -0.19 -9.63 6.25
N ASN B 92 0.17 -8.66 7.04
CA ASN B 92 1.22 -8.92 8.09
C ASN B 92 0.59 -9.05 9.47
N ARG B 93 1.38 -9.37 10.45
CA ARG B 93 0.84 -9.55 11.83
C ARG B 93 1.09 -8.31 12.67
N LYS B 94 1.07 -8.44 13.97
CA LYS B 94 1.30 -7.27 14.86
C LYS B 94 2.77 -7.20 15.27
N THR B 95 3.39 -8.34 15.45
CA THR B 95 4.83 -8.34 15.86
C THR B 95 5.60 -9.41 15.06
N SER B 96 6.30 -9.01 14.04
CA SER B 96 7.07 -9.99 13.24
C SER B 96 8.00 -9.27 12.26
N ARG B 97 8.54 -9.98 11.30
CA ARG B 97 9.45 -9.33 10.32
C ARG B 97 8.67 -8.89 9.07
N VAL B 98 7.50 -8.36 9.25
CA VAL B 98 6.70 -7.95 8.07
C VAL B 98 5.92 -6.66 8.38
N TYR B 99 5.16 -6.66 9.44
CA TYR B 99 4.41 -5.42 9.79
C TYR B 99 5.36 -4.39 10.41
N LYS B 100 6.15 -3.72 9.60
CA LYS B 100 7.09 -2.72 10.15
C LYS B 100 7.65 -1.81 9.06
N PHE B 101 8.40 -2.37 8.14
CA PHE B 101 9.00 -1.52 7.05
C PHE B 101 7.92 -0.69 6.35
N CYS B 102 6.67 -1.09 6.46
CA CYS B 102 5.59 -0.31 5.79
C CYS B 102 4.99 0.70 6.76
N SER B 103 4.94 0.36 8.03
CA SER B 103 4.38 1.33 9.03
C SER B 103 5.08 2.67 8.89
N LYS B 104 6.31 2.67 8.43
CA LYS B 104 7.04 3.94 8.26
C LYS B 104 6.48 4.72 7.06
N LEU B 105 6.38 4.08 5.92
CA LEU B 105 5.82 4.79 4.74
C LEU B 105 4.38 5.22 5.02
N ALA B 106 3.67 4.44 5.78
CA ALA B 106 2.26 4.80 6.12
C ALA B 106 2.24 6.12 6.91
N GLU B 107 3.08 6.23 7.90
CA GLU B 107 3.11 7.49 8.71
C GLU B 107 3.49 8.68 7.84
N VAL B 108 4.68 8.68 7.29
CA VAL B 108 5.13 9.83 6.46
C VAL B 108 4.07 10.24 5.44
N PHE B 109 3.77 9.39 4.50
CA PHE B 109 2.81 9.78 3.44
C PHE B 109 1.51 10.31 4.07
N GLU B 110 0.95 9.59 5.00
CA GLU B 110 -0.31 10.06 5.66
C GLU B 110 -0.14 11.50 6.16
N GLN B 111 1.08 11.91 6.41
CA GLN B 111 1.31 13.30 6.88
C GLN B 111 1.53 14.21 5.67
N GLU B 112 1.93 13.67 4.57
CA GLU B 112 2.19 14.53 3.39
C GLU B 112 0.96 14.59 2.48
N ILE B 113 -0.10 13.88 2.81
CA ILE B 113 -1.33 13.99 1.97
C ILE B 113 -2.31 14.95 2.61
N ASP B 114 -2.39 14.97 3.92
CA ASP B 114 -3.26 15.98 4.57
C ASP B 114 -2.85 17.36 4.03
N PRO B 115 -1.57 17.61 4.04
CA PRO B 115 -1.05 18.85 3.44
C PRO B 115 -1.55 18.95 1.99
N VAL B 116 -1.62 17.84 1.31
CA VAL B 116 -2.14 17.84 -0.09
C VAL B 116 -3.67 18.01 -0.11
N MET B 117 -4.29 18.06 1.04
CA MET B 117 -5.77 18.26 1.14
C MET B 117 -6.56 17.05 0.62
N GLN B 118 -5.94 15.90 0.48
CA GLN B 118 -6.75 14.71 0.08
C GLN B 118 -7.50 14.20 1.32
N SER B 119 -6.94 14.40 2.47
CA SER B 119 -7.62 13.99 3.73
C SER B 119 -8.53 15.11 4.22
N LEU B 120 -8.19 16.34 3.90
CA LEU B 120 -9.03 17.50 4.34
C LEU B 120 -9.04 17.62 5.86
N GLY B 121 -9.65 16.70 6.55
CA GLY B 121 -9.69 16.79 8.04
C GLY B 121 -11.10 16.47 8.53
N SER A 1 -13.75 -38.79 8.00
CA SER A 1 -14.58 -38.56 9.21
C SER A 1 -15.01 -37.10 9.30
N HIS A 2 -15.87 -36.77 10.23
CA HIS A 2 -16.33 -35.37 10.36
C HIS A 2 -16.57 -35.02 11.84
N LEU A 3 -15.54 -34.69 12.55
CA LEU A 3 -15.71 -34.34 13.99
C LEU A 3 -15.16 -32.94 14.27
N LYS A 4 -15.25 -32.05 13.31
CA LYS A 4 -14.73 -30.67 13.52
C LYS A 4 -15.88 -29.69 13.66
N SER A 5 -16.48 -29.62 14.82
CA SER A 5 -17.61 -28.67 15.02
C SER A 5 -17.17 -27.24 14.73
N LYS A 6 -15.89 -26.99 14.77
CA LYS A 6 -15.39 -25.60 14.49
C LYS A 6 -15.83 -25.16 13.10
N LYS A 7 -15.80 -23.88 12.84
CA LYS A 7 -16.21 -23.38 11.49
C LYS A 7 -15.03 -23.44 10.51
N GLY A 8 -14.00 -22.68 10.77
CA GLY A 8 -12.83 -22.69 9.86
C GLY A 8 -12.18 -21.31 9.83
N GLN A 9 -12.97 -20.28 9.64
CA GLN A 9 -12.41 -18.91 9.60
C GLN A 9 -11.26 -18.83 8.60
N SER A 10 -10.48 -17.78 8.67
CA SER A 10 -9.34 -17.64 7.71
C SER A 10 -8.05 -18.19 8.33
N THR A 11 -6.92 -17.63 7.97
CA THR A 11 -5.64 -18.13 8.55
C THR A 11 -5.49 -19.63 8.33
N SER A 12 -5.66 -20.08 7.11
CA SER A 12 -5.53 -21.54 6.84
C SER A 12 -4.06 -21.96 6.90
N ARG A 13 -3.52 -22.07 8.08
CA ARG A 13 -2.09 -22.48 8.21
C ARG A 13 -1.19 -21.54 7.40
N HIS A 14 0.09 -21.83 7.35
CA HIS A 14 1.03 -20.96 6.58
C HIS A 14 0.92 -19.50 7.07
N LYS A 15 1.82 -18.65 6.65
CA LYS A 15 1.77 -17.23 7.09
C LYS A 15 2.24 -16.30 5.97
N LEU A 17 3.55 -13.75 3.12
CA LEU A 17 4.97 -13.36 2.91
C LEU A 17 5.70 -13.20 4.25
N MET A 18 4.99 -12.92 5.30
CA MET A 18 5.68 -12.73 6.61
C MET A 18 6.20 -14.08 7.13
N PHE A 19 7.08 -14.71 6.39
CA PHE A 19 7.63 -16.02 6.84
C PHE A 19 8.81 -16.43 5.95
N LYS A 20 8.62 -16.44 4.65
CA LYS A 20 9.73 -16.83 3.74
C LYS A 20 10.87 -15.81 3.83
N GLY B 1 -17.58 15.98 10.73
CA GLY B 1 -16.11 16.19 10.67
C GLY B 1 -15.45 14.99 9.97
N SER B 2 -16.05 14.50 8.92
CA SER B 2 -15.46 13.34 8.20
C SER B 2 -16.26 13.04 6.93
N HIS B 3 -15.89 13.65 5.84
CA HIS B 3 -16.63 13.42 4.56
C HIS B 3 -15.68 12.88 3.48
N MET B 4 -14.46 12.57 3.83
CA MET B 4 -13.49 12.06 2.81
C MET B 4 -13.45 12.98 1.59
N ARG B 5 -12.69 14.03 1.67
CA ARG B 5 -12.61 14.97 0.51
C ARG B 5 -11.29 14.76 -0.24
N LYS B 6 -11.33 13.99 -1.30
CA LYS B 6 -10.09 13.74 -2.08
C LYS B 6 -9.97 14.73 -3.24
N LYS B 7 -10.86 15.68 -3.34
CA LYS B 7 -10.76 16.67 -4.45
C LYS B 7 -9.89 17.85 -4.01
N ILE B 8 -8.89 18.17 -4.77
CA ILE B 8 -7.98 19.29 -4.37
C ILE B 8 -8.17 20.49 -5.30
N PHE B 9 -7.91 20.32 -6.57
CA PHE B 9 -8.09 21.46 -7.52
C PHE B 9 -7.91 21.00 -8.97
N LYS B 10 -6.69 20.90 -9.44
CA LYS B 10 -6.46 20.47 -10.84
C LYS B 10 -5.38 19.38 -10.91
N PRO B 11 -5.46 18.56 -11.92
CA PRO B 11 -4.51 17.43 -12.07
C PRO B 11 -3.04 17.91 -11.99
N GLU B 12 -2.74 19.05 -12.54
CA GLU B 12 -1.32 19.53 -12.49
C GLU B 12 -0.96 19.94 -11.06
N GLU B 13 -1.66 20.89 -10.49
CA GLU B 13 -1.35 21.31 -9.10
C GLU B 13 -1.26 20.09 -8.21
N LEU B 14 -1.92 19.04 -8.58
CA LEU B 14 -1.82 17.79 -7.81
C LEU B 14 -0.44 17.17 -8.02
N ARG B 15 0.04 17.14 -9.24
CA ARG B 15 1.41 16.59 -9.46
C ARG B 15 2.40 17.31 -8.53
N GLN B 16 2.19 18.59 -8.33
CA GLN B 16 3.07 19.36 -7.44
C GLN B 16 2.97 18.85 -5.99
N ALA B 17 1.78 18.81 -5.43
CA ALA B 17 1.62 18.33 -4.02
C ALA B 17 1.96 16.84 -3.92
N LEU B 18 1.68 16.09 -4.94
CA LEU B 18 2.05 14.66 -4.93
C LEU B 18 3.58 14.54 -4.84
N MET B 19 4.29 15.53 -5.33
CA MET B 19 5.78 15.49 -5.28
C MET B 19 6.30 15.44 -3.83
N PRO B 20 5.98 16.43 -3.03
CA PRO B 20 6.44 16.42 -1.63
C PRO B 20 6.00 15.12 -0.95
N THR B 21 4.73 14.77 -1.03
CA THR B 21 4.31 13.48 -0.40
C THR B 21 5.05 12.33 -1.08
N LEU B 22 5.64 12.56 -2.24
CA LEU B 22 6.42 11.48 -2.89
C LEU B 22 7.78 11.34 -2.21
N GLU B 23 8.43 12.45 -1.91
CA GLU B 23 9.73 12.35 -1.20
C GLU B 23 9.50 11.73 0.18
N ALA B 24 8.30 11.85 0.69
CA ALA B 24 7.99 11.21 2.00
C ALA B 24 7.72 9.72 1.78
N LEU B 25 6.75 9.40 0.97
CA LEU B 25 6.45 7.97 0.69
C LEU B 25 7.52 7.40 -0.26
N TYR B 26 7.57 7.88 -1.47
CA TYR B 26 8.60 7.40 -2.42
C TYR B 26 9.97 7.95 -2.02
N ARG B 27 10.62 7.33 -1.09
CA ARG B 27 11.95 7.84 -0.63
C ARG B 27 12.96 6.71 -0.52
N GLN B 28 12.55 5.55 -0.06
CA GLN B 28 13.50 4.43 0.11
C GLN B 28 14.66 4.87 1.00
N ASP B 29 14.51 4.75 2.30
CA ASP B 29 15.60 5.24 3.17
C ASP B 29 15.72 4.48 4.52
N PRO B 30 15.64 3.16 4.51
CA PRO B 30 15.36 2.34 3.31
C PRO B 30 13.90 1.85 3.34
N GLU B 31 13.07 2.51 4.11
CA GLU B 31 11.64 2.07 4.30
C GLU B 31 11.03 1.52 3.01
N SER B 32 11.40 2.07 1.88
CA SER B 32 10.87 1.56 0.59
C SER B 32 11.77 0.44 0.09
N LEU B 33 12.03 -0.53 0.93
CA LEU B 33 12.93 -1.65 0.54
C LEU B 33 13.00 -2.69 1.66
N PRO B 34 12.26 -3.78 1.53
CA PRO B 34 11.41 -4.04 0.33
C PRO B 34 10.13 -3.20 0.36
N PHE B 35 9.33 -3.31 -0.67
CA PHE B 35 8.04 -2.56 -0.71
C PHE B 35 7.31 -2.88 -2.01
N ARG B 36 8.04 -2.94 -3.09
CA ARG B 36 7.41 -3.24 -4.39
C ARG B 36 7.44 -4.75 -4.68
N GLN B 37 7.58 -5.55 -3.65
CA GLN B 37 7.60 -7.03 -3.84
C GLN B 37 6.23 -7.53 -4.30
N PRO B 38 6.17 -8.02 -5.52
CA PRO B 38 4.88 -8.50 -6.07
C PRO B 38 4.49 -9.86 -5.47
N VAL B 39 3.69 -9.86 -4.43
CA VAL B 39 3.25 -11.16 -3.84
C VAL B 39 1.88 -11.53 -4.42
N ASP B 40 1.59 -11.08 -5.61
CA ASP B 40 0.27 -11.38 -6.23
C ASP B 40 -0.02 -12.89 -6.18
N PRO B 41 -1.26 -13.25 -6.42
CA PRO B 41 -1.65 -14.68 -6.40
C PRO B 41 -1.13 -15.41 -7.63
N GLN B 42 0.16 -15.40 -7.85
CA GLN B 42 0.73 -16.11 -9.02
C GLN B 42 1.97 -16.91 -8.63
N LEU B 43 3.01 -16.24 -8.23
CA LEU B 43 4.25 -16.97 -7.82
C LEU B 43 4.05 -17.65 -6.47
N LEU B 44 3.16 -17.12 -5.65
CA LEU B 44 2.91 -17.74 -4.32
C LEU B 44 1.80 -16.98 -3.59
N GLY B 45 0.62 -16.98 -4.14
CA GLY B 45 -0.51 -16.25 -3.47
C GLY B 45 -0.66 -16.75 -2.03
N ILE B 46 -0.43 -15.90 -1.07
CA ILE B 46 -0.54 -16.34 0.34
C ILE B 46 -1.95 -16.86 0.63
N PRO B 47 -2.09 -17.56 1.74
CA PRO B 47 -3.41 -18.16 2.11
C PRO B 47 -4.57 -17.20 1.80
N ASP B 48 -5.52 -17.66 1.03
CA ASP B 48 -6.69 -16.80 0.67
C ASP B 48 -6.22 -15.54 -0.06
N TYR B 49 -5.77 -14.56 0.68
CA TYR B 49 -5.28 -13.28 0.07
C TYR B 49 -6.44 -12.45 -0.50
N PHE B 50 -7.29 -13.04 -1.31
CA PHE B 50 -8.42 -12.28 -1.88
C PHE B 50 -9.27 -11.62 -0.78
N ASP B 51 -9.12 -12.06 0.45
CA ASP B 51 -9.90 -11.43 1.55
C ASP B 51 -9.09 -10.30 2.20
N ILE B 52 -7.83 -10.19 1.85
CA ILE B 52 -6.99 -9.12 2.43
C ILE B 52 -6.41 -8.24 1.32
N VAL B 53 -6.15 -8.81 0.17
CA VAL B 53 -5.57 -8.00 -0.95
C VAL B 53 -6.26 -8.34 -2.26
N LYS B 54 -7.22 -7.55 -2.67
CA LYS B 54 -7.92 -7.81 -3.96
C LYS B 54 -7.10 -7.24 -5.12
N ASN B 55 -6.26 -6.29 -4.85
CA ASN B 55 -5.44 -5.68 -5.94
C ASN B 55 -4.15 -5.09 -5.36
N PRO B 56 -3.11 -5.89 -5.30
CA PRO B 56 -1.83 -5.42 -4.73
C PRO B 56 -1.02 -4.64 -5.76
N MET B 57 -0.14 -3.79 -5.30
CA MET B 57 0.71 -3.03 -6.24
C MET B 57 2.17 -3.11 -5.80
N ASP B 58 2.99 -2.26 -6.33
CA ASP B 58 4.42 -2.23 -5.93
C ASP B 58 4.87 -0.77 -5.94
N LEU B 59 5.74 -0.35 -5.05
CA LEU B 59 6.12 1.08 -5.04
C LEU B 59 6.87 1.45 -6.32
N SER B 60 7.20 0.50 -7.15
CA SER B 60 7.81 0.87 -8.45
C SER B 60 6.71 1.15 -9.47
N THR B 61 5.54 0.57 -9.25
CA THR B 61 4.40 0.77 -10.18
C THR B 61 3.73 2.12 -9.96
N ILE B 62 3.00 2.26 -8.88
CA ILE B 62 2.27 3.52 -8.61
C ILE B 62 3.20 4.72 -8.65
N LYS B 63 4.44 4.53 -8.33
CA LYS B 63 5.39 5.67 -8.31
C LYS B 63 5.91 5.94 -9.72
N ARG B 64 6.16 4.91 -10.47
CA ARG B 64 6.62 5.11 -11.88
C ARG B 64 5.50 5.81 -12.67
N LYS B 65 4.28 5.69 -12.24
CA LYS B 65 3.17 6.36 -12.96
C LYS B 65 2.94 7.77 -12.36
N LEU B 66 3.43 8.00 -11.18
CA LEU B 66 3.25 9.34 -10.55
C LEU B 66 3.98 10.42 -11.35
N ASP B 67 4.85 10.03 -12.24
CA ASP B 67 5.60 11.05 -13.04
C ASP B 67 4.88 11.34 -14.36
N THR B 68 4.28 10.34 -14.95
CA THR B 68 3.58 10.56 -16.25
C THR B 68 2.28 11.33 -16.04
N GLY B 69 1.81 11.44 -14.82
CA GLY B 69 0.54 12.18 -14.57
C GLY B 69 -0.63 11.20 -14.68
N GLN B 70 -0.42 9.96 -14.34
CA GLN B 70 -1.52 8.96 -14.42
C GLN B 70 -2.35 8.96 -13.13
N TYR B 71 -1.69 9.10 -12.01
CA TYR B 71 -2.44 9.10 -10.72
C TYR B 71 -2.33 10.49 -10.07
N GLN B 72 -2.24 11.52 -10.85
CA GLN B 72 -2.12 12.89 -10.26
C GLN B 72 -3.27 13.16 -9.29
N GLU B 73 -4.46 12.72 -9.63
CA GLU B 73 -5.61 12.92 -8.69
C GLU B 73 -5.41 12.06 -7.44
N PRO B 74 -5.58 12.65 -6.29
CA PRO B 74 -5.39 11.89 -5.04
C PRO B 74 -6.30 10.67 -5.02
N TRP B 75 -7.46 10.76 -5.59
CA TRP B 75 -8.37 9.56 -5.62
C TRP B 75 -7.61 8.37 -6.22
N GLN B 76 -6.94 8.58 -7.32
CA GLN B 76 -6.15 7.47 -7.92
C GLN B 76 -4.92 7.19 -7.05
N TYR B 77 -4.11 8.20 -6.83
CA TYR B 77 -2.90 8.01 -5.98
C TYR B 77 -3.28 7.38 -4.64
N VAL B 78 -4.10 8.06 -3.90
CA VAL B 78 -4.47 7.57 -2.55
C VAL B 78 -5.10 6.17 -2.64
N ASP B 79 -5.80 5.89 -3.70
CA ASP B 79 -6.39 4.53 -3.82
C ASP B 79 -5.27 3.48 -3.87
N ASP B 80 -4.40 3.57 -4.83
CA ASP B 80 -3.29 2.58 -4.93
C ASP B 80 -2.36 2.70 -3.71
N VAL B 81 -1.98 3.89 -3.34
CA VAL B 81 -1.10 4.05 -2.14
C VAL B 81 -1.75 3.37 -0.93
N TRP B 82 -2.97 3.75 -0.64
CA TRP B 82 -3.67 3.15 0.52
C TRP B 82 -3.84 1.64 0.31
N LEU B 83 -4.30 1.26 -0.85
CA LEU B 83 -4.46 -0.20 -1.12
C LEU B 83 -3.10 -0.86 -0.98
N MET B 84 -2.12 -0.29 -1.62
CA MET B 84 -0.73 -0.82 -1.50
C MET B 84 -0.31 -0.81 -0.03
N PHE B 85 -0.93 0.02 0.77
CA PHE B 85 -0.56 0.07 2.21
C PHE B 85 -1.47 -0.86 3.03
N ASN B 86 -2.65 -1.12 2.53
CA ASN B 86 -3.59 -2.01 3.28
C ASN B 86 -3.44 -3.47 2.83
N ASN B 87 -3.07 -3.68 1.58
CA ASN B 87 -2.93 -5.07 1.10
C ASN B 87 -1.80 -5.79 1.87
N ALA B 88 -0.72 -5.09 2.13
CA ALA B 88 0.39 -5.70 2.90
C ALA B 88 0.21 -5.42 4.39
N TRP B 89 -0.98 -5.14 4.81
CA TRP B 89 -1.21 -4.78 6.23
C TRP B 89 -2.29 -5.65 6.86
N LEU B 90 -3.25 -6.08 6.08
CA LEU B 90 -4.37 -6.89 6.63
C LEU B 90 -3.87 -8.21 7.23
N TYR B 91 -2.66 -8.60 6.95
CA TYR B 91 -2.18 -9.91 7.48
C TYR B 91 -0.78 -9.80 8.09
N ASN B 92 -0.12 -8.68 7.96
CA ASN B 92 1.26 -8.57 8.52
C ASN B 92 1.22 -8.05 9.97
N ARG B 93 2.33 -7.50 10.41
CA ARG B 93 2.42 -6.90 11.78
C ARG B 93 2.16 -7.92 12.89
N LYS B 94 2.72 -9.10 12.75
CA LYS B 94 2.59 -10.10 13.85
C LYS B 94 3.98 -10.62 14.21
N THR B 95 4.85 -9.75 14.65
CA THR B 95 6.24 -10.18 15.00
C THR B 95 6.92 -10.76 13.76
N SER B 96 6.77 -10.12 12.63
CA SER B 96 7.37 -10.67 11.39
C SER B 96 8.23 -9.64 10.64
N ARG B 97 8.52 -9.91 9.41
CA ARG B 97 9.36 -8.98 8.59
C ARG B 97 8.51 -8.36 7.48
N VAL B 98 7.40 -7.78 7.82
CA VAL B 98 6.50 -7.24 6.77
C VAL B 98 5.92 -5.91 7.23
N TYR B 99 5.41 -5.84 8.44
CA TYR B 99 4.89 -4.54 8.95
C TYR B 99 6.07 -3.64 9.34
N LYS B 100 6.89 -3.28 8.41
CA LYS B 100 8.08 -2.43 8.75
C LYS B 100 8.43 -1.52 7.58
N PHE B 101 8.96 -2.07 6.52
CA PHE B 101 9.33 -1.21 5.36
C PHE B 101 8.12 -0.39 4.90
N CYS B 102 6.94 -0.91 5.08
CA CYS B 102 5.73 -0.15 4.65
C CYS B 102 5.05 0.50 5.87
N SER B 103 5.42 0.10 7.06
CA SER B 103 4.78 0.71 8.26
C SER B 103 5.23 2.16 8.42
N LYS B 104 6.51 2.42 8.31
CA LYS B 104 7.00 3.81 8.46
C LYS B 104 6.54 4.65 7.27
N LEU B 105 6.68 4.16 6.07
CA LEU B 105 6.21 4.94 4.89
C LEU B 105 4.69 5.11 4.95
N ALA B 106 3.98 4.08 5.35
CA ALA B 106 2.50 4.22 5.47
C ALA B 106 2.17 5.44 6.32
N GLU B 107 2.80 5.56 7.47
CA GLU B 107 2.54 6.73 8.35
C GLU B 107 3.23 7.99 7.78
N VAL B 108 4.19 7.82 6.90
CA VAL B 108 4.88 9.00 6.33
C VAL B 108 4.01 9.67 5.26
N PHE B 109 3.46 8.89 4.38
CA PHE B 109 2.64 9.50 3.29
C PHE B 109 1.31 9.98 3.88
N GLU B 110 0.73 9.21 4.77
CA GLU B 110 -0.52 9.67 5.44
C GLU B 110 -0.31 11.08 5.99
N GLN B 111 0.92 11.43 6.27
CA GLN B 111 1.22 12.78 6.76
C GLN B 111 1.24 13.76 5.59
N GLU B 112 2.10 13.54 4.64
CA GLU B 112 2.28 14.53 3.56
C GLU B 112 1.04 14.61 2.67
N ILE B 113 0.13 13.69 2.81
CA ILE B 113 -1.10 13.76 1.95
C ILE B 113 -2.16 14.65 2.60
N ASP B 114 -2.32 14.61 3.90
CA ASP B 114 -3.35 15.49 4.53
C ASP B 114 -3.17 16.93 4.01
N PRO B 115 -1.96 17.42 4.04
CA PRO B 115 -1.67 18.74 3.46
C PRO B 115 -2.09 18.74 1.98
N VAL B 116 -1.91 17.63 1.30
CA VAL B 116 -2.34 17.55 -0.13
C VAL B 116 -3.88 17.58 -0.22
N MET B 117 -4.56 17.51 0.91
CA MET B 117 -6.05 17.59 0.94
C MET B 117 -6.71 16.28 0.48
N GLN B 118 -5.97 15.28 0.09
CA GLN B 118 -6.63 14.00 -0.28
C GLN B 118 -7.36 13.50 0.96
N SER B 119 -6.77 13.72 2.11
CA SER B 119 -7.45 13.39 3.38
C SER B 119 -8.27 14.61 3.80
N LEU B 120 -7.78 15.78 3.46
CA LEU B 120 -8.48 17.05 3.79
C LEU B 120 -8.60 17.24 5.30
N GLY B 121 -9.39 16.43 5.96
CA GLY B 121 -9.53 16.58 7.43
C GLY B 121 -10.97 16.31 7.84
#